data_1H5Q
#
_entry.id   1H5Q
#
_cell.length_a   227.250
_cell.length_b   124.850
_cell.length_c   132.690
_cell.angle_alpha   90.00
_cell.angle_beta   118.54
_cell.angle_gamma   90.00
#
_symmetry.space_group_name_H-M   'C 1 2 1'
#
loop_
_entity.id
_entity.type
_entity.pdbx_description
1 polymer 'NADP-DEPENDENT MANNITOL DEHYDROGENASE'
2 non-polymer 'NADP NICOTINAMIDE-ADENINE-DINUCLEOTIDE PHOSPHATE'
3 non-polymer 'NICKEL (II) ION'
4 water water
#
_entity_poly.entity_id   1
_entity_poly.type   'polypeptide(L)'
_entity_poly.pdbx_seq_one_letter_code
;GSHMAPGFTISFVNKTIIVTGGNRGIGLAFTRAVAAAGANVAVIYRSAADAVEVTEKVGKEFGVKTKAYQCDVSNTDIVT
KTIQQIDADLGPISGLIANAGVSVVKPATELTHEDFAFVYDVNVFGVFNTCRAVAKLWLQKQQKGSIVVTSSMSSQIINQ
SSLNGSLTQVFYNSSKAACSNLVKGLAAEWASAGIRVNALSPGYVNTDQTAHMDKKIRDHQASNIPLNRFAQPEEMTGQA
ILLLSDHATYMTGGEYFIDGGQLIW
;
_entity_poly.pdbx_strand_id   A,B,C,D,E,F,G,H,I,J,K,L
#
# COMPACT_ATOMS: atom_id res chain seq x y z
N PRO A 6 16.17 20.26 1.14
CA PRO A 6 16.49 20.71 -0.23
C PRO A 6 15.41 20.33 -1.23
N GLY A 7 15.49 20.87 -2.44
CA GLY A 7 14.50 20.59 -3.45
C GLY A 7 14.52 21.66 -4.52
N PHE A 8 14.13 21.25 -5.72
CA PHE A 8 14.04 22.16 -6.85
C PHE A 8 12.72 22.91 -6.69
N THR A 9 12.80 24.24 -6.57
CA THR A 9 11.59 25.04 -6.37
C THR A 9 11.40 26.19 -7.37
N ILE A 10 10.19 26.26 -7.93
CA ILE A 10 9.80 27.36 -8.82
C ILE A 10 8.67 28.12 -8.14
N SER A 11 8.83 29.43 -7.98
CA SER A 11 7.81 30.24 -7.31
C SER A 11 7.32 31.39 -8.18
N PHE A 12 6.00 31.54 -8.28
CA PHE A 12 5.41 32.62 -9.07
C PHE A 12 4.70 33.64 -8.17
N VAL A 13 5.02 33.66 -6.88
CA VAL A 13 4.35 34.56 -5.96
C VAL A 13 4.42 36.03 -6.37
N ASN A 14 3.25 36.69 -6.33
CA ASN A 14 3.12 38.09 -6.71
C ASN A 14 3.20 38.27 -8.23
N LYS A 15 3.35 37.18 -8.95
CA LYS A 15 3.42 37.23 -10.41
C LYS A 15 2.08 36.86 -11.00
N THR A 16 1.70 37.55 -12.08
CA THR A 16 0.46 37.23 -12.75
C THR A 16 0.75 36.53 -14.05
N ILE A 17 -0.06 35.53 -14.35
CA ILE A 17 0.07 34.80 -15.59
C ILE A 17 -1.30 34.84 -16.23
N ILE A 18 -1.34 35.23 -17.51
CA ILE A 18 -2.59 35.26 -18.26
C ILE A 18 -2.82 33.85 -18.82
N VAL A 19 -4.07 33.36 -18.73
CA VAL A 19 -4.39 32.03 -19.23
C VAL A 19 -5.76 31.91 -19.94
N THR A 20 -5.76 31.89 -21.28
CA THR A 20 -7.03 31.79 -22.05
C THR A 20 -7.65 30.40 -22.05
N GLY A 21 -8.98 30.34 -22.04
CA GLY A 21 -9.69 29.07 -22.02
C GLY A 21 -9.44 28.30 -20.74
N GLY A 22 -8.92 29.00 -19.73
CA GLY A 22 -8.55 28.37 -18.47
C GLY A 22 -9.64 28.20 -17.41
N ASN A 23 -10.89 28.43 -17.79
CA ASN A 23 -11.98 28.26 -16.85
C ASN A 23 -12.46 26.82 -16.89
N ARG A 24 -11.88 26.04 -17.78
CA ARG A 24 -12.24 24.65 -17.91
C ARG A 24 -11.22 23.91 -18.74
N GLY A 25 -11.36 22.59 -18.79
CA GLY A 25 -10.44 21.77 -19.55
C GLY A 25 -9.01 21.93 -19.11
N ILE A 26 -8.09 21.82 -20.07
CA ILE A 26 -6.66 21.92 -19.77
C ILE A 26 -6.32 23.30 -19.25
N GLY A 27 -6.99 24.31 -19.79
CA GLY A 27 -6.77 25.68 -19.35
C GLY A 27 -6.90 25.77 -17.84
N LEU A 28 -7.93 25.10 -17.30
CA LEU A 28 -8.15 25.08 -15.86
C LEU A 28 -7.00 24.40 -15.11
N ALA A 29 -6.35 23.44 -15.76
CA ALA A 29 -5.24 22.75 -15.14
C ALA A 29 -4.07 23.71 -15.04
N PHE A 30 -3.82 24.44 -16.12
CA PHE A 30 -2.76 25.43 -16.14
C PHE A 30 -3.07 26.48 -15.08
N THR A 31 -4.34 26.86 -14.99
CA THR A 31 -4.83 27.83 -14.02
C THR A 31 -4.36 27.50 -12.61
N ARG A 32 -4.82 26.36 -12.13
CA ARG A 32 -4.48 25.89 -10.79
C ARG A 32 -2.98 25.72 -10.61
N ALA A 33 -2.34 25.00 -11.52
CA ALA A 33 -0.91 24.76 -11.44
C ALA A 33 -0.10 26.03 -11.16
N VAL A 34 -0.25 27.03 -12.01
CA VAL A 34 0.47 28.28 -11.85
C VAL A 34 0.10 28.97 -10.53
N ALA A 35 -1.19 28.93 -10.21
CA ALA A 35 -1.66 29.54 -8.98
C ALA A 35 -0.99 28.85 -7.79
N ALA A 36 -1.09 27.53 -7.76
CA ALA A 36 -0.49 26.75 -6.69
C ALA A 36 0.98 27.07 -6.53
N ALA A 37 1.62 27.45 -7.64
CA ALA A 37 3.03 27.81 -7.63
C ALA A 37 3.22 29.24 -7.12
N GLY A 38 2.11 29.89 -6.79
CA GLY A 38 2.15 31.23 -6.25
C GLY A 38 1.84 32.35 -7.24
N ALA A 39 0.97 32.09 -8.22
CA ALA A 39 0.66 33.13 -9.21
C ALA A 39 -0.77 33.67 -9.25
N ASN A 40 -0.89 34.96 -9.52
CA ASN A 40 -2.17 35.62 -9.73
C ASN A 40 -2.62 35.21 -11.14
N VAL A 41 -3.89 34.86 -11.33
CA VAL A 41 -4.31 34.37 -12.65
C VAL A 41 -5.64 34.87 -13.25
N ALA A 42 -5.58 35.21 -14.54
CA ALA A 42 -6.72 35.70 -15.31
C ALA A 42 -7.28 34.60 -16.22
N VAL A 43 -8.55 34.29 -16.06
CA VAL A 43 -9.20 33.26 -16.86
C VAL A 43 -10.06 33.86 -17.96
N ILE A 44 -9.51 33.91 -19.17
CA ILE A 44 -10.25 34.39 -20.32
C ILE A 44 -11.15 33.24 -20.75
N TYR A 45 -12.40 33.56 -21.08
CA TYR A 45 -13.35 32.54 -21.48
C TYR A 45 -14.19 33.11 -22.61
N ARG A 46 -15.09 32.30 -23.16
CA ARG A 46 -15.94 32.78 -24.25
C ARG A 46 -17.38 33.02 -23.84
N SER A 47 -18.03 32.00 -23.28
CA SER A 47 -19.43 32.14 -22.87
C SER A 47 -19.84 31.21 -21.73
N ALA A 48 -18.85 30.56 -21.11
CA ALA A 48 -19.13 29.65 -20.00
C ALA A 48 -20.00 30.34 -18.95
N ALA A 49 -21.22 29.83 -18.77
CA ALA A 49 -22.15 30.38 -17.80
C ALA A 49 -21.55 30.42 -16.40
N ASP A 50 -20.79 29.37 -16.04
CA ASP A 50 -20.23 29.27 -14.70
C ASP A 50 -18.73 29.57 -14.61
N ALA A 51 -18.21 30.39 -15.54
CA ALA A 51 -16.79 30.71 -15.57
C ALA A 51 -16.32 31.57 -14.40
N VAL A 52 -17.05 32.65 -14.15
CA VAL A 52 -16.72 33.57 -13.06
C VAL A 52 -16.68 32.83 -11.74
N GLU A 53 -17.61 31.89 -11.57
CA GLU A 53 -17.68 31.06 -10.36
C GLU A 53 -16.41 30.22 -10.26
N VAL A 54 -16.22 29.33 -11.23
CA VAL A 54 -15.07 28.43 -11.27
C VAL A 54 -13.79 29.18 -10.95
N THR A 55 -13.60 30.33 -11.59
CA THR A 55 -12.41 31.13 -11.34
C THR A 55 -12.34 31.44 -9.87
N GLU A 56 -13.37 32.10 -9.36
CA GLU A 56 -13.43 32.49 -7.96
C GLU A 56 -13.03 31.32 -7.07
N LYS A 57 -13.70 30.18 -7.26
CA LYS A 57 -13.41 28.98 -6.47
C LYS A 57 -11.93 28.65 -6.50
N VAL A 58 -11.34 28.70 -7.69
CA VAL A 58 -9.92 28.42 -7.84
C VAL A 58 -9.08 29.36 -6.97
N GLY A 59 -9.30 30.66 -7.10
CA GLY A 59 -8.55 31.66 -6.36
C GLY A 59 -8.66 31.60 -4.84
N LYS A 60 -9.81 31.14 -4.36
CA LYS A 60 -10.01 31.03 -2.93
C LYS A 60 -9.35 29.75 -2.39
N GLU A 61 -9.24 28.74 -3.25
CA GLU A 61 -8.64 27.48 -2.84
C GLU A 61 -7.12 27.57 -2.65
N PHE A 62 -6.46 28.36 -3.47
CA PHE A 62 -5.00 28.49 -3.41
C PHE A 62 -4.49 29.81 -2.82
N GLY A 63 -5.40 30.67 -2.39
CA GLY A 63 -5.01 31.94 -1.79
C GLY A 63 -4.31 32.91 -2.73
N VAL A 64 -4.87 33.07 -3.93
CA VAL A 64 -4.32 33.97 -4.93
C VAL A 64 -5.39 34.89 -5.54
N LYS A 65 -4.93 35.92 -6.23
CA LYS A 65 -5.79 36.88 -6.89
C LYS A 65 -6.25 36.37 -8.26
N THR A 66 -7.54 36.05 -8.40
CA THR A 66 -8.09 35.60 -9.69
C THR A 66 -9.33 36.37 -10.12
N LYS A 67 -9.41 36.61 -11.42
CA LYS A 67 -10.52 37.33 -12.01
C LYS A 67 -10.73 36.79 -13.42
N ALA A 68 -11.99 36.55 -13.77
CA ALA A 68 -12.34 36.07 -15.10
C ALA A 68 -12.67 37.23 -16.01
N TYR A 69 -12.65 36.97 -17.32
CA TYR A 69 -12.95 37.98 -18.32
C TYR A 69 -13.62 37.37 -19.54
N GLN A 70 -14.76 37.91 -19.92
CA GLN A 70 -15.45 37.44 -21.11
C GLN A 70 -14.70 38.00 -22.29
N CYS A 71 -14.19 37.12 -23.14
CA CYS A 71 -13.39 37.60 -24.24
C CYS A 71 -13.12 36.60 -25.37
N ASP A 72 -13.54 37.00 -26.57
CA ASP A 72 -13.31 36.24 -27.78
C ASP A 72 -11.93 36.60 -28.32
N VAL A 73 -10.95 35.73 -28.08
CA VAL A 73 -9.56 35.96 -28.51
C VAL A 73 -9.37 36.30 -29.99
N SER A 74 -10.39 36.02 -30.79
CA SER A 74 -10.31 36.28 -32.23
C SER A 74 -10.58 37.75 -32.54
N ASN A 75 -11.07 38.48 -31.53
CA ASN A 75 -11.38 39.90 -31.69
C ASN A 75 -10.20 40.78 -31.27
N THR A 76 -9.63 41.48 -32.24
CA THR A 76 -8.47 42.33 -31.98
C THR A 76 -8.64 43.32 -30.82
N ASP A 77 -9.55 44.27 -30.98
CA ASP A 77 -9.77 45.29 -29.96
C ASP A 77 -10.17 44.73 -28.60
N ILE A 78 -11.08 43.77 -28.60
CA ILE A 78 -11.54 43.16 -27.35
C ILE A 78 -10.38 42.51 -26.61
N VAL A 79 -9.42 41.99 -27.36
CA VAL A 79 -8.25 41.35 -26.77
C VAL A 79 -7.23 42.40 -26.35
N THR A 80 -7.09 43.45 -27.14
CA THR A 80 -6.15 44.52 -26.85
C THR A 80 -6.56 45.29 -25.60
N LYS A 81 -7.85 45.23 -25.28
CA LYS A 81 -8.37 45.94 -24.12
C LYS A 81 -8.24 45.06 -22.89
N THR A 82 -8.71 43.82 -23.02
CA THR A 82 -8.64 42.85 -21.94
C THR A 82 -7.23 42.81 -21.39
N ILE A 83 -6.25 42.86 -22.30
CA ILE A 83 -4.85 42.84 -21.92
C ILE A 83 -4.44 44.13 -21.21
N GLN A 84 -4.94 45.26 -21.69
CA GLN A 84 -4.64 46.54 -21.07
C GLN A 84 -5.26 46.57 -19.68
N GLN A 85 -6.49 46.06 -19.60
CA GLN A 85 -7.23 45.99 -18.36
C GLN A 85 -6.54 45.06 -17.37
N ILE A 86 -6.31 43.82 -17.79
CA ILE A 86 -5.66 42.82 -16.93
C ILE A 86 -4.39 43.39 -16.32
N ASP A 87 -3.68 44.20 -17.10
CA ASP A 87 -2.43 44.83 -16.66
C ASP A 87 -2.67 45.98 -15.70
N ALA A 88 -3.93 46.28 -15.46
CA ALA A 88 -4.29 47.35 -14.54
C ALA A 88 -4.89 46.71 -13.28
N ASP A 89 -5.44 45.51 -13.45
CA ASP A 89 -6.02 44.80 -12.33
C ASP A 89 -4.94 43.97 -11.65
N LEU A 90 -3.94 43.56 -12.43
CA LEU A 90 -2.88 42.67 -11.93
C LEU A 90 -1.45 42.89 -12.47
N GLY A 91 -1.25 43.88 -13.35
CA GLY A 91 0.07 44.12 -13.93
C GLY A 91 1.16 44.31 -12.89
N PRO A 92 2.45 44.23 -13.25
CA PRO A 92 2.93 43.96 -14.62
C PRO A 92 2.98 42.48 -14.95
N ILE A 93 2.67 42.16 -16.20
CA ILE A 93 2.60 40.79 -16.68
C ILE A 93 3.97 40.09 -16.80
N SER A 94 4.02 38.84 -16.34
CA SER A 94 5.25 38.07 -16.34
C SER A 94 5.21 36.91 -17.32
N GLY A 95 4.02 36.36 -17.55
CA GLY A 95 3.90 35.23 -18.44
C GLY A 95 2.52 35.05 -19.05
N LEU A 96 2.46 34.33 -20.16
CA LEU A 96 1.21 34.09 -20.88
C LEU A 96 1.06 32.62 -21.33
N ILE A 97 -0.18 32.13 -21.34
CA ILE A 97 -0.47 30.76 -21.78
C ILE A 97 -1.68 30.70 -22.72
N ALA A 98 -1.43 30.89 -24.00
CA ALA A 98 -2.48 30.89 -25.02
C ALA A 98 -2.95 29.46 -25.29
N ASN A 99 -4.08 29.08 -24.68
CA ASN A 99 -4.60 27.72 -24.74
C ASN A 99 -5.97 27.56 -25.40
N ALA A 100 -6.73 28.65 -25.50
CA ALA A 100 -8.07 28.59 -26.09
C ALA A 100 -8.04 27.92 -27.47
N GLY A 101 -8.84 26.86 -27.63
CA GLY A 101 -8.89 26.14 -28.89
C GLY A 101 -10.22 25.49 -29.22
N VAL A 102 -10.50 25.34 -30.52
CA VAL A 102 -11.73 24.70 -30.98
C VAL A 102 -11.44 23.69 -32.08
N SER A 103 -12.47 23.00 -32.55
CA SER A 103 -12.30 21.99 -33.59
C SER A 103 -13.61 21.62 -34.29
N VAL A 104 -13.49 21.21 -35.54
CA VAL A 104 -14.62 20.73 -36.32
C VAL A 104 -14.31 19.33 -36.82
N VAL A 105 -15.26 18.41 -36.67
CA VAL A 105 -15.07 17.03 -37.10
C VAL A 105 -16.05 16.65 -38.21
N LYS A 106 -15.58 16.67 -39.45
CA LYS A 106 -16.38 16.33 -40.62
C LYS A 106 -15.43 15.85 -41.70
N PRO A 107 -15.92 15.04 -42.65
CA PRO A 107 -15.09 14.65 -43.77
C PRO A 107 -14.56 15.89 -44.46
N ALA A 108 -13.32 15.82 -44.93
CA ALA A 108 -12.69 16.96 -45.58
C ALA A 108 -13.53 17.56 -46.70
N THR A 109 -14.16 16.71 -47.50
CA THR A 109 -14.97 17.17 -48.63
C THR A 109 -16.15 18.03 -48.23
N GLU A 110 -16.52 17.97 -46.94
CA GLU A 110 -17.67 18.71 -46.42
C GLU A 110 -17.30 19.99 -45.69
N LEU A 111 -16.03 20.16 -45.36
CA LEU A 111 -15.63 21.37 -44.67
C LEU A 111 -15.97 22.59 -45.50
N THR A 112 -16.50 23.60 -44.83
CA THR A 112 -16.90 24.83 -45.49
C THR A 112 -15.95 25.94 -45.11
N HIS A 113 -16.09 27.08 -45.77
CA HIS A 113 -15.28 28.24 -45.45
C HIS A 113 -15.55 28.58 -44.00
N GLU A 114 -16.82 28.65 -43.64
CA GLU A 114 -17.21 28.95 -42.26
C GLU A 114 -16.44 28.10 -41.24
N ASP A 115 -16.28 26.81 -41.54
CA ASP A 115 -15.55 25.90 -40.67
C ASP A 115 -14.10 26.36 -40.53
N PHE A 116 -13.46 26.62 -41.66
CA PHE A 116 -12.08 27.10 -41.70
C PHE A 116 -11.94 28.33 -40.82
N ALA A 117 -12.78 29.32 -41.08
CA ALA A 117 -12.77 30.58 -40.34
C ALA A 117 -12.90 30.35 -38.83
N PHE A 118 -13.87 29.52 -38.46
CA PHE A 118 -14.12 29.19 -37.07
C PHE A 118 -12.83 28.71 -36.43
N VAL A 119 -12.36 27.56 -36.91
CA VAL A 119 -11.16 26.94 -36.39
C VAL A 119 -9.95 27.88 -36.36
N TYR A 120 -9.60 28.46 -37.50
CA TYR A 120 -8.41 29.30 -37.61
C TYR A 120 -8.45 30.64 -36.87
N ASP A 121 -9.64 31.18 -36.65
CA ASP A 121 -9.77 32.44 -35.94
C ASP A 121 -9.38 32.29 -34.47
N VAL A 122 -9.71 31.14 -33.90
CA VAL A 122 -9.40 30.84 -32.49
C VAL A 122 -8.07 30.11 -32.38
N ASN A 123 -7.96 28.97 -33.07
CA ASN A 123 -6.77 28.12 -33.01
C ASN A 123 -5.48 28.74 -33.54
N VAL A 124 -5.61 29.75 -34.41
CA VAL A 124 -4.43 30.41 -34.98
C VAL A 124 -4.41 31.93 -34.85
N PHE A 125 -5.45 32.60 -35.33
CA PHE A 125 -5.46 34.07 -35.22
C PHE A 125 -5.47 34.51 -33.76
N GLY A 126 -6.26 33.82 -32.95
CA GLY A 126 -6.37 34.16 -31.54
C GLY A 126 -5.03 34.09 -30.85
N VAL A 127 -4.35 32.96 -31.01
CA VAL A 127 -3.03 32.77 -30.42
C VAL A 127 -2.15 33.96 -30.80
N PHE A 128 -2.11 34.25 -32.09
CA PHE A 128 -1.32 35.38 -32.55
C PHE A 128 -1.76 36.66 -31.86
N ASN A 129 -3.07 36.86 -31.81
CA ASN A 129 -3.66 38.07 -31.25
C ASN A 129 -3.21 38.33 -29.82
N THR A 130 -3.34 37.31 -28.97
CA THR A 130 -2.95 37.42 -27.58
C THR A 130 -1.46 37.71 -27.42
N CYS A 131 -0.64 36.99 -28.19
CA CYS A 131 0.81 37.16 -28.10
C CYS A 131 1.23 38.57 -28.47
N ARG A 132 0.74 39.06 -29.60
CA ARG A 132 1.07 40.38 -30.09
C ARG A 132 0.68 41.42 -29.05
N ALA A 133 -0.53 41.28 -28.51
CA ALA A 133 -1.04 42.20 -27.51
C ALA A 133 -0.09 42.30 -26.32
N VAL A 134 0.19 41.15 -25.72
CA VAL A 134 1.07 41.08 -24.56
C VAL A 134 2.48 41.55 -24.92
N ALA A 135 2.98 41.09 -26.07
CA ALA A 135 4.31 41.49 -26.52
C ALA A 135 4.45 42.99 -26.67
N LYS A 136 3.52 43.61 -27.38
CA LYS A 136 3.55 45.06 -27.56
C LYS A 136 3.70 45.75 -26.22
N LEU A 137 2.90 45.31 -25.26
CA LEU A 137 2.92 45.84 -23.90
C LEU A 137 4.33 45.73 -23.33
N TRP A 138 4.82 44.50 -23.15
CA TRP A 138 6.16 44.28 -22.61
C TRP A 138 7.18 45.12 -23.37
N LEU A 139 7.01 45.20 -24.69
CA LEU A 139 7.92 45.98 -25.53
C LEU A 139 7.82 47.45 -25.18
N GLN A 140 6.59 47.93 -25.04
CA GLN A 140 6.32 49.32 -24.70
C GLN A 140 7.01 49.71 -23.41
N LYS A 141 6.82 48.90 -22.37
CA LYS A 141 7.37 49.17 -21.04
C LYS A 141 8.73 48.54 -20.83
N GLN A 142 9.25 47.85 -21.85
CA GLN A 142 10.55 47.20 -21.73
C GLN A 142 10.50 46.12 -20.66
N GLN A 143 9.45 45.32 -20.68
CA GLN A 143 9.26 44.21 -19.74
C GLN A 143 9.64 42.91 -20.42
N LYS A 144 10.30 42.02 -19.70
CA LYS A 144 10.64 40.72 -20.26
C LYS A 144 9.46 39.80 -20.02
N GLY A 145 9.43 38.67 -20.71
CA GLY A 145 8.33 37.75 -20.52
C GLY A 145 8.55 36.42 -21.22
N SER A 146 7.70 35.47 -20.86
CA SER A 146 7.73 34.14 -21.42
C SER A 146 6.32 33.74 -21.83
N ILE A 147 6.17 33.25 -23.06
CA ILE A 147 4.86 32.85 -23.56
C ILE A 147 4.79 31.36 -23.89
N VAL A 148 3.72 30.72 -23.45
CA VAL A 148 3.50 29.30 -23.70
C VAL A 148 2.24 29.10 -24.55
N VAL A 149 2.43 28.69 -25.79
CA VAL A 149 1.29 28.46 -26.65
C VAL A 149 0.89 26.99 -26.61
N THR A 150 -0.39 26.73 -26.40
CA THR A 150 -0.87 25.37 -26.38
C THR A 150 -1.17 24.82 -27.77
N SER A 151 -0.29 23.99 -28.29
CA SER A 151 -0.53 23.41 -29.60
C SER A 151 -1.15 22.02 -29.45
N SER A 152 -0.49 21.03 -30.03
CA SER A 152 -0.97 19.67 -29.99
C SER A 152 0.00 18.79 -30.77
N MET A 153 0.03 17.51 -30.45
CA MET A 153 0.88 16.62 -31.22
C MET A 153 0.31 16.53 -32.62
N SER A 154 -0.94 16.98 -32.77
CA SER A 154 -1.62 16.98 -34.05
C SER A 154 -0.93 17.87 -35.05
N SER A 155 0.07 18.61 -34.57
CA SER A 155 0.85 19.48 -35.43
C SER A 155 1.77 18.62 -36.30
N GLN A 156 1.99 17.39 -35.86
CA GLN A 156 2.90 16.47 -36.54
C GLN A 156 2.20 15.29 -37.18
N ILE A 157 1.13 14.82 -36.57
CA ILE A 157 0.43 13.64 -37.09
C ILE A 157 -1.06 13.89 -37.27
N ILE A 158 -1.69 13.00 -38.04
CA ILE A 158 -3.13 13.04 -38.23
C ILE A 158 -3.67 11.99 -37.28
N ASN A 159 -4.67 12.36 -36.48
CA ASN A 159 -5.24 11.43 -35.53
C ASN A 159 -6.09 10.35 -36.19
N GLN A 160 -6.28 9.26 -35.47
CA GLN A 160 -7.10 8.17 -35.97
C GLN A 160 -8.38 8.09 -35.17
N SER A 161 -9.44 7.66 -35.83
CA SER A 161 -10.74 7.44 -35.18
C SER A 161 -11.01 5.95 -35.21
N SER A 162 -10.21 5.25 -36.00
CA SER A 162 -10.32 3.80 -36.18
C SER A 162 -9.06 3.32 -36.89
N LEU A 163 -8.85 2.01 -36.92
CA LEU A 163 -7.66 1.45 -37.57
C LEU A 163 -7.46 1.97 -38.99
N ASN A 164 -6.28 2.56 -39.23
CA ASN A 164 -5.94 3.12 -40.53
C ASN A 164 -7.03 4.07 -41.00
N GLY A 165 -7.79 4.61 -40.05
CA GLY A 165 -8.88 5.53 -40.35
C GLY A 165 -8.70 6.84 -39.61
N SER A 166 -8.76 7.94 -40.34
CA SER A 166 -8.55 9.25 -39.78
C SER A 166 -9.71 9.78 -38.94
N LEU A 167 -9.39 10.66 -38.00
CA LEU A 167 -10.39 11.41 -37.25
C LEU A 167 -10.42 12.68 -38.06
N THR A 168 -11.51 12.92 -38.77
CA THR A 168 -11.59 14.01 -39.74
C THR A 168 -11.71 15.43 -39.19
N GLN A 169 -10.59 16.13 -39.13
CA GLN A 169 -10.55 17.49 -38.63
C GLN A 169 -9.33 18.17 -39.20
N VAL A 170 -9.15 18.06 -40.52
CA VAL A 170 -7.97 18.60 -41.17
C VAL A 170 -7.67 20.06 -40.82
N PHE A 171 -8.70 20.85 -40.54
CA PHE A 171 -8.49 22.23 -40.17
C PHE A 171 -7.87 22.32 -38.77
N TYR A 172 -8.24 21.39 -37.89
CA TYR A 172 -7.68 21.39 -36.54
C TYR A 172 -6.20 21.07 -36.57
N ASN A 173 -5.88 19.91 -37.11
CA ASN A 173 -4.49 19.48 -37.21
C ASN A 173 -3.62 20.52 -37.92
N SER A 174 -4.09 21.03 -39.05
CA SER A 174 -3.31 22.01 -39.79
C SER A 174 -3.17 23.33 -39.03
N SER A 175 -4.19 23.70 -38.26
CA SER A 175 -4.13 24.93 -37.49
C SER A 175 -3.10 24.78 -36.36
N LYS A 176 -2.92 23.56 -35.90
CA LYS A 176 -1.95 23.29 -34.84
C LYS A 176 -0.53 23.34 -35.41
N ALA A 177 -0.37 22.89 -36.65
CA ALA A 177 0.92 22.98 -37.31
C ALA A 177 1.26 24.45 -37.48
N ALA A 178 0.28 25.24 -37.92
CA ALA A 178 0.46 26.68 -38.08
C ALA A 178 0.86 27.26 -36.73
N CYS A 179 0.15 26.85 -35.70
CA CYS A 179 0.38 27.28 -34.35
C CYS A 179 1.83 27.07 -33.89
N SER A 180 2.32 25.86 -34.06
CA SER A 180 3.67 25.52 -33.66
C SER A 180 4.72 26.29 -34.46
N ASN A 181 4.43 26.54 -35.73
CA ASN A 181 5.33 27.32 -36.56
C ASN A 181 5.29 28.78 -36.14
N LEU A 182 4.09 29.27 -35.81
CA LEU A 182 3.90 30.64 -35.39
C LEU A 182 4.80 30.95 -34.19
N VAL A 183 4.88 29.99 -33.28
CA VAL A 183 5.72 30.14 -32.09
C VAL A 183 7.16 30.46 -32.48
N LYS A 184 7.67 29.79 -33.51
CA LYS A 184 9.02 30.05 -33.97
C LYS A 184 9.16 31.43 -34.58
N GLY A 185 8.17 31.85 -35.37
CA GLY A 185 8.19 33.14 -36.01
C GLY A 185 8.24 34.28 -35.00
N LEU A 186 7.42 34.17 -33.97
CA LEU A 186 7.38 35.18 -32.93
C LEU A 186 8.66 35.20 -32.10
N ALA A 187 9.11 34.02 -31.69
CA ALA A 187 10.33 33.94 -30.91
C ALA A 187 11.46 34.59 -31.69
N ALA A 188 11.43 34.40 -33.01
CA ALA A 188 12.47 34.96 -33.87
C ALA A 188 12.58 36.48 -33.75
N GLU A 189 11.44 37.17 -33.83
CA GLU A 189 11.43 38.63 -33.78
C GLU A 189 11.59 39.22 -32.39
N TRP A 190 11.14 38.50 -31.38
CA TRP A 190 11.14 39.05 -30.02
C TRP A 190 12.32 38.64 -29.12
N ALA A 191 13.13 37.71 -29.60
CA ALA A 191 14.27 37.21 -28.80
C ALA A 191 15.19 38.31 -28.29
N SER A 192 15.45 39.30 -29.14
CA SER A 192 16.33 40.42 -28.79
C SER A 192 15.77 41.23 -27.64
N ALA A 193 14.45 41.22 -27.49
CA ALA A 193 13.78 41.96 -26.43
C ALA A 193 13.59 41.09 -25.19
N GLY A 194 14.51 40.18 -24.98
CA GLY A 194 14.44 39.28 -23.84
C GLY A 194 13.07 38.63 -23.69
N ILE A 195 12.38 38.40 -24.80
CA ILE A 195 11.08 37.75 -24.77
C ILE A 195 11.17 36.36 -25.40
N ARG A 196 10.66 35.37 -24.67
CA ARG A 196 10.68 33.98 -25.14
C ARG A 196 9.31 33.43 -25.50
N VAL A 197 9.23 32.64 -26.58
CA VAL A 197 7.98 32.04 -27.01
C VAL A 197 8.22 30.56 -27.30
N ASN A 198 7.39 29.68 -26.73
CA ASN A 198 7.52 28.24 -26.93
C ASN A 198 6.17 27.57 -27.03
N ALA A 199 6.12 26.35 -27.58
CA ALA A 199 4.86 25.62 -27.71
C ALA A 199 4.79 24.33 -26.88
N LEU A 200 3.66 24.10 -26.23
CA LEU A 200 3.43 22.87 -25.46
C LEU A 200 2.37 22.10 -26.25
N SER A 201 2.70 20.87 -26.65
CA SER A 201 1.78 20.10 -27.48
C SER A 201 1.38 18.77 -26.83
N PRO A 202 0.21 18.76 -26.21
CA PRO A 202 -0.37 17.56 -25.59
C PRO A 202 -0.77 16.43 -26.55
N GLY A 203 -0.89 15.23 -26.01
CA GLY A 203 -1.36 14.05 -26.73
C GLY A 203 -2.83 13.84 -26.41
N TYR A 204 -3.27 12.58 -26.36
CA TYR A 204 -4.68 12.27 -26.02
C TYR A 204 -4.94 12.50 -24.53
N VAL A 205 -5.66 13.56 -24.20
CA VAL A 205 -5.96 13.93 -22.82
C VAL A 205 -7.42 13.71 -22.42
N ASN A 206 -7.61 13.31 -21.16
CA ASN A 206 -8.95 13.12 -20.59
C ASN A 206 -9.60 14.42 -20.21
N THR A 207 -10.81 14.62 -20.70
CA THR A 207 -11.60 15.81 -20.36
C THR A 207 -13.05 15.37 -20.31
N ASP A 208 -13.90 16.20 -19.71
CA ASP A 208 -15.32 15.87 -19.60
C ASP A 208 -15.91 15.32 -20.89
N GLN A 209 -15.57 15.95 -22.02
CA GLN A 209 -16.09 15.55 -23.32
C GLN A 209 -15.76 14.09 -23.66
N THR A 210 -14.64 13.60 -23.15
CA THR A 210 -14.18 12.24 -23.43
C THR A 210 -15.21 11.19 -23.03
N ALA A 211 -15.80 11.37 -21.86
CA ALA A 211 -16.78 10.41 -21.34
C ALA A 211 -18.05 10.41 -22.15
N HIS A 212 -18.14 11.31 -23.13
CA HIS A 212 -19.32 11.42 -23.95
C HIS A 212 -19.03 11.22 -25.44
N MET A 213 -17.78 10.85 -25.75
CA MET A 213 -17.39 10.59 -27.12
C MET A 213 -17.73 9.15 -27.46
N ASP A 214 -17.57 8.77 -28.72
CA ASP A 214 -17.83 7.39 -29.11
C ASP A 214 -16.78 6.51 -28.46
N LYS A 215 -17.24 5.41 -27.85
CA LYS A 215 -16.34 4.50 -27.15
C LYS A 215 -15.48 3.64 -28.07
N LYS A 216 -16.03 3.21 -29.20
CA LYS A 216 -15.24 2.43 -30.15
C LYS A 216 -14.05 3.27 -30.58
N ILE A 217 -14.30 4.56 -30.77
CA ILE A 217 -13.23 5.49 -31.15
C ILE A 217 -12.25 5.66 -29.99
N ARG A 218 -12.74 6.20 -28.88
CA ARG A 218 -11.93 6.45 -27.70
C ARG A 218 -11.01 5.30 -27.34
N ASP A 219 -11.54 4.08 -27.40
CA ASP A 219 -10.74 2.91 -27.13
C ASP A 219 -9.64 2.80 -28.16
N HIS A 220 -10.01 2.83 -29.43
CA HIS A 220 -9.00 2.73 -30.49
C HIS A 220 -7.88 3.73 -30.26
N GLN A 221 -8.25 4.96 -29.94
CA GLN A 221 -7.26 6.00 -29.70
C GLN A 221 -6.33 5.59 -28.56
N ALA A 222 -6.85 4.79 -27.63
CA ALA A 222 -6.07 4.32 -26.49
C ALA A 222 -5.25 3.07 -26.81
N SER A 223 -5.60 2.38 -27.88
CA SER A 223 -4.94 1.13 -28.25
C SER A 223 -3.50 1.24 -28.72
N ASN A 224 -3.11 2.40 -29.25
CA ASN A 224 -1.76 2.56 -29.78
C ASN A 224 -0.91 3.56 -28.99
N ILE A 225 -1.23 3.77 -27.71
CA ILE A 225 -0.43 4.65 -26.87
C ILE A 225 0.47 3.78 -26.00
N PRO A 226 1.80 3.95 -26.11
CA PRO A 226 2.72 3.14 -25.33
C PRO A 226 2.40 3.14 -23.84
N LEU A 227 2.06 4.30 -23.29
CA LEU A 227 1.72 4.41 -21.87
C LEU A 227 0.35 3.78 -21.57
N ASN A 228 -0.34 3.35 -22.61
CA ASN A 228 -1.63 2.66 -22.51
C ASN A 228 -2.78 3.44 -21.88
N ARG A 229 -2.77 4.76 -22.03
CA ARG A 229 -3.84 5.56 -21.46
C ARG A 229 -3.80 7.00 -21.94
N PHE A 230 -4.96 7.65 -21.83
CA PHE A 230 -5.08 9.06 -22.15
C PHE A 230 -4.42 9.80 -21.00
N ALA A 231 -3.98 11.03 -21.25
CA ALA A 231 -3.36 11.82 -20.20
C ALA A 231 -4.43 12.41 -19.29
N GLN A 232 -3.99 13.03 -18.21
CA GLN A 232 -4.87 13.78 -17.33
C GLN A 232 -4.38 15.19 -17.58
N PRO A 233 -5.28 16.16 -17.60
CA PRO A 233 -4.83 17.53 -17.89
C PRO A 233 -3.71 17.90 -16.93
N GLU A 234 -3.71 17.30 -15.73
CA GLU A 234 -2.70 17.56 -14.72
C GLU A 234 -1.29 17.24 -15.22
N GLU A 235 -1.18 16.30 -16.14
CA GLU A 235 0.12 15.90 -16.66
C GLU A 235 0.71 16.85 -17.69
N MET A 236 0.05 17.98 -17.95
CA MET A 236 0.53 18.94 -18.93
C MET A 236 1.18 20.20 -18.32
N THR A 237 0.91 20.44 -17.03
CA THR A 237 1.37 21.67 -16.38
C THR A 237 2.83 21.80 -16.00
N GLY A 238 3.49 20.69 -15.71
CA GLY A 238 4.90 20.74 -15.34
C GLY A 238 5.76 21.44 -16.37
N GLN A 239 5.63 21.04 -17.62
CA GLN A 239 6.41 21.64 -18.71
C GLN A 239 6.12 23.13 -18.85
N ALA A 240 4.89 23.53 -18.57
CA ALA A 240 4.49 24.93 -18.69
C ALA A 240 5.20 25.78 -17.63
N ILE A 241 5.20 25.31 -16.39
CA ILE A 241 5.87 26.02 -15.31
C ILE A 241 7.35 26.20 -15.63
N LEU A 242 7.99 25.14 -16.09
CA LEU A 242 9.39 25.24 -16.43
C LEU A 242 9.58 26.31 -17.52
N LEU A 243 8.79 26.22 -18.58
CA LEU A 243 8.87 27.15 -19.70
C LEU A 243 8.70 28.60 -19.27
N LEU A 244 7.82 28.84 -18.31
CA LEU A 244 7.58 30.18 -17.80
C LEU A 244 8.66 30.64 -16.83
N SER A 245 9.22 29.67 -16.09
CA SER A 245 10.23 29.96 -15.08
C SER A 245 11.52 30.51 -15.67
N ASP A 246 12.36 31.05 -14.81
CA ASP A 246 13.64 31.60 -15.24
C ASP A 246 14.68 30.52 -15.51
N HIS A 247 14.33 29.27 -15.23
CA HIS A 247 15.24 28.16 -15.53
C HIS A 247 15.30 27.93 -17.04
N ALA A 248 14.37 28.53 -17.75
CA ALA A 248 14.27 28.34 -19.20
C ALA A 248 14.78 29.49 -20.04
N THR A 249 15.77 30.24 -19.55
CA THR A 249 16.31 31.38 -20.29
C THR A 249 16.89 31.05 -21.66
N TYR A 250 17.29 29.79 -21.88
CA TYR A 250 17.87 29.39 -23.16
C TYR A 250 16.88 28.59 -23.99
N MET A 251 15.60 28.65 -23.63
CA MET A 251 14.56 27.92 -24.35
C MET A 251 13.58 28.85 -25.05
N THR A 252 13.67 28.93 -26.37
CA THR A 252 12.77 29.77 -27.14
C THR A 252 12.62 29.26 -28.57
N GLY A 253 11.40 29.32 -29.10
CA GLY A 253 11.10 28.87 -30.44
C GLY A 253 10.88 27.38 -30.52
N GLY A 254 10.94 26.70 -29.36
CA GLY A 254 10.80 25.26 -29.35
C GLY A 254 9.38 24.72 -29.18
N GLU A 255 9.21 23.44 -29.50
CA GLU A 255 7.95 22.74 -29.31
C GLU A 255 8.17 21.53 -28.38
N TYR A 256 7.44 21.49 -27.28
CA TYR A 256 7.60 20.43 -26.26
C TYR A 256 6.40 19.50 -26.19
N PHE A 257 6.58 18.27 -26.65
CA PHE A 257 5.49 17.30 -26.70
C PHE A 257 5.28 16.56 -25.39
N ILE A 258 4.02 16.31 -25.08
CA ILE A 258 3.61 15.55 -23.90
C ILE A 258 2.59 14.56 -24.46
N ASP A 259 3.10 13.62 -25.24
CA ASP A 259 2.27 12.69 -26.01
C ASP A 259 2.12 11.27 -25.49
N GLY A 260 2.78 10.95 -24.39
CA GLY A 260 2.69 9.62 -23.83
C GLY A 260 3.33 8.57 -24.71
N GLY A 261 4.16 9.01 -25.65
CA GLY A 261 4.85 8.11 -26.56
C GLY A 261 4.14 7.82 -27.86
N GLN A 262 3.01 8.48 -28.11
CA GLN A 262 2.28 8.23 -29.34
C GLN A 262 3.11 8.54 -30.59
N LEU A 263 3.99 9.54 -30.48
CA LEU A 263 4.82 9.96 -31.61
C LEU A 263 5.97 8.99 -31.90
N ILE A 264 6.11 7.96 -31.07
CA ILE A 264 7.16 6.96 -31.27
C ILE A 264 6.82 6.09 -32.47
N TRP A 265 5.54 5.78 -32.60
CA TRP A 265 5.04 4.91 -33.66
C TRP A 265 4.90 5.63 -34.99
N PRO B 6 17.52 3.57 -74.73
CA PRO B 6 17.02 3.36 -73.34
C PRO B 6 16.89 4.68 -72.59
N GLY B 7 16.36 4.61 -71.38
CA GLY B 7 16.17 5.79 -70.58
C GLY B 7 14.93 5.69 -69.73
N PHE B 8 14.87 6.56 -68.73
CA PHE B 8 13.74 6.65 -67.83
C PHE B 8 12.82 7.68 -68.45
N THR B 9 11.60 7.28 -68.79
CA THR B 9 10.67 8.18 -69.44
C THR B 9 9.30 8.25 -68.76
N ILE B 10 8.84 9.47 -68.49
CA ILE B 10 7.52 9.70 -67.94
C ILE B 10 6.70 10.45 -68.98
N SER B 11 5.59 9.86 -69.39
CA SER B 11 4.73 10.46 -70.41
C SER B 11 3.34 10.79 -69.88
N PHE B 12 2.91 12.02 -70.13
CA PHE B 12 1.60 12.48 -69.72
C PHE B 12 0.73 12.73 -70.94
N VAL B 13 1.18 12.25 -72.09
CA VAL B 13 0.39 12.38 -73.30
C VAL B 13 -0.99 11.81 -73.04
N ASN B 14 -2.03 12.59 -73.27
CA ASN B 14 -3.40 12.13 -73.05
C ASN B 14 -3.86 12.30 -71.60
N LYS B 15 -3.23 13.24 -70.91
CA LYS B 15 -3.55 13.52 -69.52
C LYS B 15 -3.71 15.03 -69.33
N THR B 16 -4.55 15.42 -68.39
CA THR B 16 -4.76 16.83 -68.10
C THR B 16 -4.33 17.17 -66.66
N ILE B 17 -3.49 18.19 -66.52
CA ILE B 17 -3.05 18.63 -65.20
C ILE B 17 -3.56 20.05 -64.98
N ILE B 18 -4.06 20.32 -63.78
CA ILE B 18 -4.48 21.65 -63.41
C ILE B 18 -3.37 22.29 -62.58
N VAL B 19 -3.01 23.52 -62.91
CA VAL B 19 -1.99 24.23 -62.14
C VAL B 19 -2.52 25.60 -61.67
N THR B 20 -2.72 25.77 -60.37
CA THR B 20 -3.17 27.07 -59.89
C THR B 20 -1.95 27.96 -59.79
N GLY B 21 -2.09 29.21 -60.19
CA GLY B 21 -0.98 30.13 -60.21
C GLY B 21 0.00 29.63 -61.27
N GLY B 22 -0.53 28.99 -62.30
CA GLY B 22 0.30 28.40 -63.34
C GLY B 22 0.73 29.31 -64.46
N ASN B 23 0.41 30.60 -64.36
CA ASN B 23 0.72 31.57 -65.42
C ASN B 23 2.03 32.33 -65.21
N ARG B 24 2.65 32.18 -64.05
CA ARG B 24 3.93 32.86 -63.81
C ARG B 24 4.70 32.21 -62.68
N GLY B 25 5.94 32.64 -62.49
CA GLY B 25 6.76 32.13 -61.41
C GLY B 25 6.94 30.62 -61.42
N ILE B 26 6.88 30.00 -60.25
CA ILE B 26 7.08 28.55 -60.16
C ILE B 26 5.94 27.81 -60.86
N GLY B 27 4.73 28.35 -60.74
CA GLY B 27 3.58 27.73 -61.38
C GLY B 27 3.74 27.62 -62.88
N LEU B 28 4.31 28.64 -63.50
CA LEU B 28 4.54 28.61 -64.94
C LEU B 28 5.61 27.58 -65.31
N ALA B 29 6.57 27.35 -64.41
CA ALA B 29 7.59 26.35 -64.67
C ALA B 29 6.94 24.98 -64.68
N PHE B 30 6.00 24.78 -63.77
CA PHE B 30 5.28 23.53 -63.67
C PHE B 30 4.46 23.31 -64.94
N THR B 31 3.74 24.34 -65.35
CA THR B 31 2.94 24.31 -66.56
C THR B 31 3.78 23.86 -67.74
N ARG B 32 4.91 24.52 -67.94
CA ARG B 32 5.77 24.19 -69.07
C ARG B 32 6.34 22.77 -68.94
N ALA B 33 6.71 22.40 -67.71
CA ALA B 33 7.27 21.08 -67.49
C ALA B 33 6.30 19.96 -67.79
N VAL B 34 5.05 20.10 -67.34
CA VAL B 34 4.07 19.04 -67.62
C VAL B 34 3.62 19.05 -69.09
N ALA B 35 3.64 20.22 -69.72
CA ALA B 35 3.29 20.33 -71.14
C ALA B 35 4.34 19.64 -71.97
N ALA B 36 5.61 19.85 -71.60
CA ALA B 36 6.71 19.22 -72.29
C ALA B 36 6.63 17.70 -72.15
N ALA B 37 6.07 17.25 -71.03
CA ALA B 37 5.89 15.82 -70.78
C ALA B 37 4.69 15.28 -71.56
N GLY B 38 3.95 16.19 -72.20
CA GLY B 38 2.84 15.79 -73.06
C GLY B 38 1.45 16.00 -72.50
N ALA B 39 1.37 16.66 -71.34
CA ALA B 39 0.07 16.86 -70.70
C ALA B 39 -0.66 18.10 -71.20
N ASN B 40 -1.98 18.01 -71.27
CA ASN B 40 -2.78 19.19 -71.56
C ASN B 40 -2.79 19.96 -70.25
N VAL B 41 -2.89 21.28 -70.29
CA VAL B 41 -2.84 22.03 -69.03
C VAL B 41 -3.97 23.03 -68.86
N ALA B 42 -4.57 23.00 -67.67
CA ALA B 42 -5.59 23.96 -67.29
C ALA B 42 -4.91 24.89 -66.30
N VAL B 43 -4.71 26.13 -66.71
CA VAL B 43 -4.04 27.13 -65.88
C VAL B 43 -5.03 28.03 -65.16
N ILE B 44 -4.97 28.01 -63.83
CA ILE B 44 -5.84 28.84 -63.02
C ILE B 44 -5.04 30.06 -62.53
N TYR B 45 -5.64 31.24 -62.67
CA TYR B 45 -5.01 32.48 -62.23
C TYR B 45 -6.05 33.38 -61.57
N ARG B 46 -5.59 34.46 -60.93
CA ARG B 46 -6.49 35.38 -60.25
C ARG B 46 -6.89 36.59 -61.09
N SER B 47 -5.90 37.34 -61.57
CA SER B 47 -6.21 38.54 -62.35
C SER B 47 -5.14 38.95 -63.35
N ALA B 48 -4.11 38.14 -63.52
CA ALA B 48 -3.05 38.46 -64.48
C ALA B 48 -3.66 38.87 -65.80
N ALA B 49 -3.15 39.94 -66.38
CA ALA B 49 -3.68 40.46 -67.64
C ALA B 49 -3.19 39.70 -68.88
N ASP B 50 -2.08 38.99 -68.74
CA ASP B 50 -1.52 38.28 -69.89
C ASP B 50 -1.48 36.76 -69.71
N ALA B 51 -2.25 36.24 -68.75
CA ALA B 51 -2.26 34.81 -68.49
C ALA B 51 -2.74 34.02 -69.70
N VAL B 52 -3.75 34.54 -70.39
CA VAL B 52 -4.28 33.86 -71.57
C VAL B 52 -3.21 33.72 -72.63
N GLU B 53 -2.54 34.82 -72.96
CA GLU B 53 -1.48 34.81 -73.95
C GLU B 53 -0.37 33.83 -73.57
N VAL B 54 0.08 33.90 -72.32
CA VAL B 54 1.15 33.03 -71.84
C VAL B 54 0.74 31.57 -71.94
N THR B 55 -0.45 31.26 -71.46
CA THR B 55 -0.97 29.90 -71.47
C THR B 55 -1.05 29.36 -72.90
N GLU B 56 -1.59 30.18 -73.80
CA GLU B 56 -1.71 29.79 -75.20
C GLU B 56 -0.34 29.51 -75.81
N LYS B 57 0.62 30.40 -75.56
CA LYS B 57 1.96 30.21 -76.10
C LYS B 57 2.53 28.87 -75.64
N VAL B 58 2.27 28.49 -74.40
CA VAL B 58 2.75 27.21 -73.89
C VAL B 58 2.17 26.06 -74.73
N GLY B 59 0.88 26.11 -74.97
CA GLY B 59 0.22 25.07 -75.75
C GLY B 59 0.82 24.94 -77.14
N LYS B 60 1.04 26.07 -77.79
CA LYS B 60 1.60 26.08 -79.13
C LYS B 60 3.06 25.64 -79.15
N GLU B 61 3.80 25.99 -78.11
CA GLU B 61 5.20 25.63 -78.05
C GLU B 61 5.38 24.11 -77.90
N PHE B 62 4.53 23.49 -77.08
CA PHE B 62 4.66 22.06 -76.83
C PHE B 62 3.62 21.19 -77.52
N GLY B 63 2.81 21.78 -78.39
CA GLY B 63 1.81 21.03 -79.13
C GLY B 63 0.86 20.26 -78.23
N VAL B 64 0.34 20.95 -77.22
CA VAL B 64 -0.64 20.35 -76.31
C VAL B 64 -1.79 21.33 -76.13
N LYS B 65 -2.93 20.82 -75.66
CA LYS B 65 -4.08 21.68 -75.44
C LYS B 65 -3.98 22.37 -74.09
N THR B 66 -4.14 23.68 -74.08
CA THR B 66 -4.10 24.44 -72.84
C THR B 66 -5.21 25.46 -72.80
N LYS B 67 -5.57 25.88 -71.60
CA LYS B 67 -6.59 26.90 -71.44
C LYS B 67 -6.45 27.56 -70.08
N ALA B 68 -6.66 28.86 -70.05
CA ALA B 68 -6.55 29.62 -68.80
C ALA B 68 -7.95 29.86 -68.21
N TYR B 69 -8.04 29.84 -66.89
CA TYR B 69 -9.30 30.05 -66.21
C TYR B 69 -9.15 31.02 -65.03
N GLN B 70 -9.76 32.19 -65.14
CA GLN B 70 -9.73 33.15 -64.06
C GLN B 70 -10.56 32.57 -62.92
N CYS B 71 -9.93 32.32 -61.80
CA CYS B 71 -10.59 31.66 -60.68
C CYS B 71 -9.89 31.89 -59.34
N ASP B 72 -10.52 32.65 -58.47
CA ASP B 72 -10.01 32.92 -57.12
C ASP B 72 -10.14 31.66 -56.29
N VAL B 73 -9.01 31.04 -55.95
CA VAL B 73 -9.02 29.78 -55.21
C VAL B 73 -9.64 29.88 -53.81
N SER B 74 -9.80 31.09 -53.30
CA SER B 74 -10.38 31.29 -51.97
C SER B 74 -11.90 31.28 -52.00
N ASN B 75 -12.47 31.22 -53.20
CA ASN B 75 -13.92 31.23 -53.38
C ASN B 75 -14.44 29.82 -53.66
N THR B 76 -15.25 29.30 -52.75
CA THR B 76 -15.79 27.96 -52.88
C THR B 76 -16.51 27.69 -54.19
N ASP B 77 -17.59 28.43 -54.43
CA ASP B 77 -18.41 28.25 -55.62
C ASP B 77 -17.66 28.42 -56.93
N ILE B 78 -16.87 29.49 -57.03
CA ILE B 78 -16.12 29.74 -58.25
C ILE B 78 -15.18 28.57 -58.53
N VAL B 79 -14.47 28.12 -57.51
CA VAL B 79 -13.56 26.99 -57.70
C VAL B 79 -14.33 25.75 -58.18
N THR B 80 -15.44 25.45 -57.50
CA THR B 80 -16.27 24.32 -57.88
C THR B 80 -16.69 24.44 -59.34
N LYS B 81 -17.16 25.63 -59.71
CA LYS B 81 -17.62 25.90 -61.06
C LYS B 81 -16.48 25.77 -62.05
N THR B 82 -15.32 26.30 -61.69
CA THR B 82 -14.15 26.24 -62.56
C THR B 82 -13.70 24.81 -62.79
N ILE B 83 -13.76 23.99 -61.74
CA ILE B 83 -13.35 22.60 -61.84
C ILE B 83 -14.30 21.86 -62.77
N GLN B 84 -15.58 22.18 -62.65
CA GLN B 84 -16.60 21.57 -63.50
C GLN B 84 -16.32 21.93 -64.95
N GLN B 85 -16.02 23.20 -65.18
CA GLN B 85 -15.74 23.67 -66.52
C GLN B 85 -14.50 23.02 -67.10
N ILE B 86 -13.45 22.92 -66.28
CA ILE B 86 -12.21 22.30 -66.71
C ILE B 86 -12.44 20.84 -67.09
N ASP B 87 -13.23 20.15 -66.29
CA ASP B 87 -13.53 18.75 -66.55
C ASP B 87 -14.26 18.63 -67.89
N ALA B 88 -15.23 19.52 -68.12
CA ALA B 88 -15.96 19.51 -69.37
C ALA B 88 -15.02 19.83 -70.53
N ASP B 89 -14.16 20.82 -70.33
CA ASP B 89 -13.22 21.31 -71.34
C ASP B 89 -12.03 20.39 -71.65
N LEU B 90 -11.50 19.72 -70.63
CA LEU B 90 -10.30 18.90 -70.79
C LEU B 90 -10.30 17.61 -69.95
N GLY B 91 -11.39 17.32 -69.26
CA GLY B 91 -11.48 16.14 -68.42
C GLY B 91 -11.36 14.85 -69.21
N PRO B 92 -11.08 13.74 -68.53
CA PRO B 92 -10.85 13.71 -67.08
C PRO B 92 -9.54 14.39 -66.64
N ILE B 93 -9.60 15.00 -65.46
CA ILE B 93 -8.43 15.64 -64.86
C ILE B 93 -7.53 14.55 -64.28
N SER B 94 -6.26 14.56 -64.65
CA SER B 94 -5.32 13.52 -64.20
C SER B 94 -4.54 13.93 -62.95
N GLY B 95 -4.29 15.22 -62.78
CA GLY B 95 -3.54 15.67 -61.63
C GLY B 95 -3.77 17.12 -61.32
N LEU B 96 -3.35 17.53 -60.12
CA LEU B 96 -3.51 18.89 -59.69
C LEU B 96 -2.26 19.37 -58.99
N ILE B 97 -1.81 20.56 -59.37
CA ILE B 97 -0.71 21.21 -58.67
C ILE B 97 -1.30 22.47 -58.06
N ALA B 98 -1.60 22.41 -56.76
CA ALA B 98 -2.14 23.55 -56.03
C ALA B 98 -0.95 24.39 -55.61
N ASN B 99 -0.66 25.40 -56.44
CA ASN B 99 0.55 26.20 -56.29
C ASN B 99 0.32 27.66 -55.88
N ALA B 100 -0.86 28.21 -56.17
CA ALA B 100 -1.18 29.59 -55.83
C ALA B 100 -0.84 29.92 -54.38
N GLY B 101 -0.17 31.06 -54.16
CA GLY B 101 0.19 31.48 -52.83
C GLY B 101 0.53 32.95 -52.74
N VAL B 102 0.40 33.52 -51.55
CA VAL B 102 0.69 34.93 -51.32
C VAL B 102 1.38 35.10 -49.97
N SER B 103 1.84 36.33 -49.71
CA SER B 103 2.50 36.65 -48.45
C SER B 103 2.34 38.11 -48.05
N VAL B 104 2.64 38.37 -46.78
CA VAL B 104 2.62 39.72 -46.22
C VAL B 104 3.85 39.86 -45.35
N VAL B 105 4.73 40.79 -45.71
CA VAL B 105 5.94 41.03 -44.96
C VAL B 105 5.75 42.30 -44.12
N LYS B 106 5.71 42.13 -42.80
CA LYS B 106 5.51 43.21 -41.85
C LYS B 106 5.95 42.71 -40.50
N PRO B 107 6.48 43.58 -39.65
CA PRO B 107 6.83 43.18 -38.29
C PRO B 107 5.59 42.57 -37.65
N ALA B 108 5.79 41.46 -36.95
CA ALA B 108 4.69 40.72 -36.34
C ALA B 108 3.73 41.57 -35.52
N THR B 109 4.26 42.56 -34.80
CA THR B 109 3.42 43.44 -33.98
C THR B 109 2.48 44.29 -34.82
N GLU B 110 2.83 44.49 -36.09
CA GLU B 110 2.05 45.36 -36.96
C GLU B 110 1.08 44.61 -37.86
N LEU B 111 1.07 43.27 -37.80
CA LEU B 111 0.17 42.48 -38.64
C LEU B 111 -1.30 42.60 -38.21
N THR B 112 -2.22 42.54 -39.16
CA THR B 112 -3.66 42.66 -38.86
C THR B 112 -4.45 41.40 -39.17
N HIS B 113 -5.73 41.43 -38.82
CA HIS B 113 -6.64 40.33 -39.09
C HIS B 113 -6.85 40.25 -40.59
N GLU B 114 -6.89 41.40 -41.23
CA GLU B 114 -7.05 41.45 -42.67
C GLU B 114 -5.92 40.66 -43.31
N ASP B 115 -4.70 40.95 -42.88
CA ASP B 115 -3.52 40.25 -43.38
C ASP B 115 -3.67 38.73 -43.16
N PHE B 116 -4.15 38.36 -41.98
CA PHE B 116 -4.36 36.95 -41.66
C PHE B 116 -5.28 36.30 -42.67
N ALA B 117 -6.49 36.84 -42.81
CA ALA B 117 -7.49 36.33 -43.74
C ALA B 117 -6.94 36.21 -45.16
N PHE B 118 -6.23 37.24 -45.59
CA PHE B 118 -5.64 37.24 -46.93
C PHE B 118 -4.74 36.02 -47.11
N VAL B 119 -3.63 35.99 -46.37
CA VAL B 119 -2.66 34.91 -46.48
C VAL B 119 -3.27 33.52 -46.34
N TYR B 120 -4.06 33.33 -45.28
CA TYR B 120 -4.66 32.03 -45.01
C TYR B 120 -5.76 31.59 -45.98
N ASP B 121 -6.48 32.54 -46.56
CA ASP B 121 -7.53 32.20 -47.53
C ASP B 121 -6.94 31.57 -48.78
N VAL B 122 -5.72 31.96 -49.13
CA VAL B 122 -5.07 31.44 -50.32
C VAL B 122 -4.13 30.30 -50.01
N ASN B 123 -3.20 30.53 -49.09
CA ASN B 123 -2.18 29.53 -48.74
C ASN B 123 -2.71 28.29 -48.05
N VAL B 124 -3.86 28.40 -47.39
CA VAL B 124 -4.42 27.24 -46.70
C VAL B 124 -5.81 26.89 -47.23
N PHE B 125 -6.78 27.78 -47.04
CA PHE B 125 -8.10 27.48 -47.56
C PHE B 125 -8.10 27.30 -49.08
N GLY B 126 -7.36 28.16 -49.79
CA GLY B 126 -7.27 28.08 -51.24
C GLY B 126 -6.78 26.71 -51.68
N VAL B 127 -5.79 26.19 -50.97
CA VAL B 127 -5.27 24.87 -51.26
C VAL B 127 -6.33 23.81 -50.94
N PHE B 128 -6.93 23.91 -49.76
CA PHE B 128 -7.96 22.96 -49.37
C PHE B 128 -9.12 22.97 -50.36
N ASN B 129 -9.54 24.17 -50.73
CA ASN B 129 -10.67 24.39 -51.62
C ASN B 129 -10.46 23.76 -52.99
N THR B 130 -9.27 23.96 -53.54
CA THR B 130 -8.92 23.41 -54.85
C THR B 130 -8.83 21.88 -54.81
N CYS B 131 -8.10 21.36 -53.82
CA CYS B 131 -7.95 19.92 -53.66
C CYS B 131 -9.30 19.25 -53.46
N ARG B 132 -10.15 19.87 -52.65
CA ARG B 132 -11.46 19.31 -52.36
C ARG B 132 -12.37 19.31 -53.60
N ALA B 133 -12.37 20.42 -54.35
CA ALA B 133 -13.19 20.50 -55.57
C ALA B 133 -12.82 19.37 -56.52
N VAL B 134 -11.52 19.17 -56.72
CA VAL B 134 -11.03 18.13 -57.60
C VAL B 134 -11.28 16.73 -57.03
N ALA B 135 -11.00 16.55 -55.75
CA ALA B 135 -11.18 15.27 -55.10
C ALA B 135 -12.63 14.82 -55.18
N LYS B 136 -13.58 15.72 -54.94
CA LYS B 136 -14.98 15.37 -55.00
C LYS B 136 -15.34 14.87 -56.39
N LEU B 137 -14.77 15.51 -57.40
CA LEU B 137 -15.04 15.11 -58.78
C LEU B 137 -14.51 13.70 -59.01
N TRP B 138 -13.26 13.46 -58.63
CA TRP B 138 -12.65 12.14 -58.80
C TRP B 138 -13.44 11.05 -58.09
N LEU B 139 -13.92 11.37 -56.89
CA LEU B 139 -14.70 10.41 -56.11
C LEU B 139 -16.04 10.13 -56.78
N GLN B 140 -16.76 11.19 -57.15
CA GLN B 140 -18.05 11.07 -57.81
C GLN B 140 -17.95 10.21 -59.06
N LYS B 141 -16.84 10.33 -59.77
CA LYS B 141 -16.64 9.59 -61.03
C LYS B 141 -15.77 8.35 -60.85
N GLN B 142 -15.38 8.07 -59.61
CA GLN B 142 -14.52 6.92 -59.29
C GLN B 142 -13.21 7.00 -60.05
N GLN B 143 -12.60 8.17 -60.06
CA GLN B 143 -11.35 8.40 -60.77
C GLN B 143 -10.19 8.51 -59.81
N LYS B 144 -9.03 8.00 -60.22
CA LYS B 144 -7.82 8.09 -59.41
C LYS B 144 -7.05 9.33 -59.83
N GLY B 145 -6.17 9.81 -58.95
CA GLY B 145 -5.42 10.99 -59.29
C GLY B 145 -4.32 11.31 -58.30
N SER B 146 -3.48 12.27 -58.67
CA SER B 146 -2.37 12.66 -57.84
C SER B 146 -2.38 14.18 -57.69
N ILE B 147 -2.14 14.64 -56.45
CA ILE B 147 -2.12 16.06 -56.17
C ILE B 147 -0.79 16.48 -55.56
N VAL B 148 -0.20 17.54 -56.11
CA VAL B 148 1.01 18.11 -55.55
C VAL B 148 0.66 19.50 -55.04
N VAL B 149 1.09 19.82 -53.82
CA VAL B 149 0.82 21.13 -53.23
C VAL B 149 2.13 21.89 -53.04
N THR B 150 2.21 23.10 -53.56
CA THR B 150 3.43 23.89 -53.37
C THR B 150 3.41 24.53 -52.00
N SER B 151 4.21 23.98 -51.08
CA SER B 151 4.30 24.56 -49.75
C SER B 151 5.54 25.44 -49.73
N SER B 152 6.47 25.13 -48.83
CA SER B 152 7.72 25.88 -48.73
C SER B 152 8.55 25.27 -47.62
N MET B 153 9.86 25.48 -47.68
CA MET B 153 10.72 25.05 -46.58
C MET B 153 10.38 25.90 -45.36
N SER B 154 9.69 27.01 -45.61
CA SER B 154 9.23 27.91 -44.55
C SER B 154 8.27 27.18 -43.61
N SER B 155 7.85 25.99 -44.01
CA SER B 155 6.99 25.16 -43.17
C SER B 155 7.75 24.64 -41.94
N GLN B 156 9.08 24.61 -42.06
CA GLN B 156 9.92 24.10 -40.98
C GLN B 156 10.72 25.17 -40.26
N ILE B 157 11.12 26.21 -40.98
CA ILE B 157 11.99 27.26 -40.43
C ILE B 157 11.43 28.65 -40.66
N ILE B 158 12.12 29.63 -40.09
CA ILE B 158 11.81 31.05 -40.27
C ILE B 158 12.94 31.63 -41.11
N ASN B 159 12.57 32.32 -42.19
CA ASN B 159 13.54 32.92 -43.07
C ASN B 159 14.23 34.12 -42.43
N GLN B 160 15.44 34.41 -42.88
CA GLN B 160 16.17 35.57 -42.40
C GLN B 160 16.27 36.62 -43.49
N SER B 161 16.31 37.90 -43.08
CA SER B 161 16.49 39.01 -44.00
C SER B 161 17.89 39.55 -43.80
N SER B 162 18.46 39.27 -42.63
CA SER B 162 19.80 39.69 -42.31
C SER B 162 20.38 38.73 -41.27
N LEU B 163 21.67 38.86 -40.99
CA LEU B 163 22.32 37.99 -40.02
C LEU B 163 21.54 37.94 -38.71
N ASN B 164 21.05 36.76 -38.36
CA ASN B 164 20.30 36.59 -37.11
C ASN B 164 19.06 37.50 -37.10
N GLY B 165 18.68 38.00 -38.29
CA GLY B 165 17.52 38.88 -38.43
C GLY B 165 16.43 38.23 -39.27
N SER B 166 15.23 38.17 -38.72
CA SER B 166 14.10 37.51 -39.38
C SER B 166 13.54 38.22 -40.60
N LEU B 167 13.07 37.45 -41.58
CA LEU B 167 12.33 38.00 -42.71
C LEU B 167 10.92 37.96 -42.15
N THR B 168 10.46 39.11 -41.65
CA THR B 168 9.20 39.18 -40.93
C THR B 168 7.96 38.96 -41.75
N GLN B 169 7.41 37.76 -41.63
CA GLN B 169 6.20 37.37 -42.35
C GLN B 169 5.63 36.15 -41.64
N VAL B 170 5.44 36.24 -40.32
CA VAL B 170 4.99 35.08 -39.56
C VAL B 170 3.74 34.39 -40.13
N PHE B 171 2.88 35.15 -40.79
CA PHE B 171 1.68 34.54 -41.36
C PHE B 171 2.01 33.65 -42.56
N TYR B 172 3.07 33.99 -43.28
CA TYR B 172 3.49 33.19 -44.42
C TYR B 172 4.00 31.82 -43.94
N ASN B 173 5.08 31.85 -43.18
CA ASN B 173 5.68 30.61 -42.69
C ASN B 173 4.65 29.74 -42.00
N SER B 174 3.84 30.33 -41.12
CA SER B 174 2.86 29.55 -40.40
C SER B 174 1.78 28.94 -41.30
N SER B 175 1.40 29.64 -42.36
CA SER B 175 0.41 29.10 -43.28
C SER B 175 1.00 27.91 -44.06
N LYS B 176 2.30 27.94 -44.28
CA LYS B 176 2.93 26.85 -45.02
C LYS B 176 3.04 25.60 -44.14
N ALA B 177 3.24 25.80 -42.84
CA ALA B 177 3.26 24.66 -41.94
C ALA B 177 1.88 24.03 -41.97
N ALA B 178 0.85 24.88 -41.93
CA ALA B 178 -0.52 24.41 -42.01
C ALA B 178 -0.73 23.61 -43.29
N CYS B 179 -0.24 24.16 -44.39
CA CYS B 179 -0.36 23.56 -45.70
C CYS B 179 0.23 22.15 -45.76
N SER B 180 1.47 22.01 -45.28
CA SER B 180 2.11 20.72 -45.33
C SER B 180 1.40 19.69 -44.44
N ASN B 181 0.81 20.16 -43.35
CA ASN B 181 0.05 19.28 -42.47
C ASN B 181 -1.28 18.90 -43.14
N LEU B 182 -1.90 19.89 -43.76
CA LEU B 182 -3.16 19.69 -44.47
C LEU B 182 -2.99 18.57 -45.51
N VAL B 183 -1.82 18.53 -46.15
CA VAL B 183 -1.54 17.48 -47.12
C VAL B 183 -1.64 16.11 -46.47
N LYS B 184 -1.11 15.98 -45.25
CA LYS B 184 -1.20 14.71 -44.56
C LYS B 184 -2.65 14.39 -44.26
N GLY B 185 -3.38 15.39 -43.79
CA GLY B 185 -4.78 15.23 -43.47
C GLY B 185 -5.60 14.76 -44.66
N LEU B 186 -5.43 15.42 -45.79
CA LEU B 186 -6.17 15.04 -46.99
C LEU B 186 -5.72 13.67 -47.49
N ALA B 187 -4.41 13.45 -47.53
CA ALA B 187 -3.89 12.17 -47.96
C ALA B 187 -4.45 11.03 -47.12
N ALA B 188 -4.64 11.27 -45.82
CA ALA B 188 -5.16 10.24 -44.93
C ALA B 188 -6.59 9.83 -45.29
N GLU B 189 -7.41 10.80 -45.62
CA GLU B 189 -8.80 10.53 -45.95
C GLU B 189 -9.01 9.95 -47.34
N TRP B 190 -8.18 10.34 -48.30
CA TRP B 190 -8.41 9.92 -49.68
C TRP B 190 -7.53 8.78 -50.18
N ALA B 191 -6.71 8.20 -49.31
CA ALA B 191 -5.81 7.10 -49.69
C ALA B 191 -6.56 5.87 -50.22
N SER B 192 -7.63 5.48 -49.54
CA SER B 192 -8.39 4.31 -49.94
C SER B 192 -9.11 4.54 -51.27
N ALA B 193 -9.16 5.79 -51.71
CA ALA B 193 -9.83 6.16 -52.96
C ALA B 193 -8.86 6.21 -54.15
N GLY B 194 -7.62 5.84 -53.92
CA GLY B 194 -6.63 5.86 -54.98
C GLY B 194 -6.15 7.27 -55.30
N ILE B 195 -6.36 8.20 -54.37
CA ILE B 195 -5.93 9.57 -54.55
C ILE B 195 -4.71 9.86 -53.67
N ARG B 196 -3.64 10.33 -54.28
CA ARG B 196 -2.44 10.65 -53.51
C ARG B 196 -2.25 12.16 -53.40
N VAL B 197 -1.78 12.60 -52.24
CA VAL B 197 -1.55 14.02 -51.98
C VAL B 197 -0.18 14.19 -51.36
N ASN B 198 0.63 15.09 -51.91
CA ASN B 198 1.98 15.34 -51.38
C ASN B 198 2.35 16.80 -51.48
N ALA B 199 3.25 17.23 -50.62
CA ALA B 199 3.73 18.59 -50.64
C ALA B 199 5.13 18.68 -51.22
N LEU B 200 5.35 19.70 -52.04
CA LEU B 200 6.65 19.98 -52.62
C LEU B 200 6.98 21.33 -51.98
N SER B 201 8.11 21.38 -51.26
CA SER B 201 8.47 22.57 -50.51
C SER B 201 9.79 23.17 -50.97
N PRO B 202 9.73 24.20 -51.81
CA PRO B 202 10.93 24.87 -52.31
C PRO B 202 11.70 25.70 -51.30
N GLY B 203 12.99 25.89 -51.58
CA GLY B 203 13.84 26.77 -50.82
C GLY B 203 13.71 28.12 -51.52
N TYR B 204 14.74 28.95 -51.47
CA TYR B 204 14.69 30.26 -52.12
C TYR B 204 14.71 30.11 -53.64
N VAL B 205 13.67 30.61 -54.31
CA VAL B 205 13.58 30.51 -55.77
C VAL B 205 13.57 31.89 -56.43
N ASN B 206 14.31 32.00 -57.53
CA ASN B 206 14.41 33.25 -58.29
C ASN B 206 13.20 33.49 -59.19
N THR B 207 12.17 34.11 -58.64
CA THR B 207 11.00 34.50 -59.42
C THR B 207 10.91 36.02 -59.34
N ASP B 208 10.08 36.62 -60.21
CA ASP B 208 9.91 38.06 -60.21
C ASP B 208 9.50 38.55 -58.83
N GLN B 209 8.64 37.77 -58.18
CA GLN B 209 8.12 38.09 -56.86
C GLN B 209 9.23 38.13 -55.82
N THR B 210 10.08 37.11 -55.80
CA THR B 210 11.20 37.06 -54.88
C THR B 210 12.14 38.24 -55.14
N ALA B 211 12.28 38.58 -56.42
CA ALA B 211 13.17 39.66 -56.84
C ALA B 211 12.70 41.03 -56.37
N HIS B 212 11.45 41.12 -55.92
CA HIS B 212 10.92 42.39 -55.45
C HIS B 212 11.50 42.83 -54.12
N MET B 213 12.00 41.90 -53.31
CA MET B 213 12.61 42.35 -52.09
C MET B 213 14.06 42.79 -52.30
N ASP B 214 14.51 43.69 -51.43
CA ASP B 214 15.85 44.26 -51.46
C ASP B 214 16.91 43.23 -51.83
N LYS B 215 17.80 43.60 -52.74
CA LYS B 215 18.89 42.72 -53.13
C LYS B 215 19.82 42.42 -51.95
N LYS B 216 19.90 43.35 -51.01
CA LYS B 216 20.73 43.14 -49.83
C LYS B 216 20.24 41.91 -49.10
N ILE B 217 18.92 41.81 -48.98
CA ILE B 217 18.30 40.68 -48.30
C ILE B 217 18.59 39.38 -49.05
N ARG B 218 18.41 39.42 -50.37
CA ARG B 218 18.64 38.23 -51.18
C ARG B 218 20.11 37.82 -51.19
N ASP B 219 21.01 38.79 -51.08
CA ASP B 219 22.44 38.47 -51.02
C ASP B 219 22.73 37.76 -49.71
N HIS B 220 22.08 38.22 -48.63
CA HIS B 220 22.28 37.61 -47.33
C HIS B 220 21.77 36.18 -47.34
N GLN B 221 20.59 36.00 -47.90
CA GLN B 221 19.98 34.69 -47.95
C GLN B 221 20.85 33.71 -48.72
N ALA B 222 21.30 34.11 -49.90
CA ALA B 222 22.09 33.21 -50.75
C ALA B 222 23.44 32.86 -50.12
N SER B 223 23.94 33.73 -49.25
CA SER B 223 25.23 33.54 -48.62
C SER B 223 25.22 32.40 -47.59
N ASN B 224 24.03 31.95 -47.19
CA ASN B 224 23.89 30.88 -46.19
C ASN B 224 23.18 29.63 -46.74
N ILE B 225 23.13 29.52 -48.07
CA ILE B 225 22.58 28.32 -48.70
C ILE B 225 23.79 27.52 -49.18
N PRO B 226 23.90 26.25 -48.80
CA PRO B 226 25.06 25.46 -49.23
C PRO B 226 25.34 25.50 -50.73
N LEU B 227 24.29 25.46 -51.56
CA LEU B 227 24.48 25.54 -53.00
C LEU B 227 24.82 26.95 -53.47
N ASN B 228 24.88 27.89 -52.53
CA ASN B 228 25.31 29.26 -52.77
C ASN B 228 24.53 30.08 -53.78
N ARG B 229 23.27 29.74 -53.98
CA ARG B 229 22.41 30.46 -54.92
C ARG B 229 20.94 30.11 -54.72
N PHE B 230 20.07 30.96 -55.26
CA PHE B 230 18.64 30.68 -55.28
C PHE B 230 18.41 29.69 -56.41
N ALA B 231 17.33 28.94 -56.31
CA ALA B 231 16.99 28.02 -57.39
C ALA B 231 16.33 28.77 -58.54
N GLN B 232 16.37 28.16 -59.71
CA GLN B 232 15.61 28.66 -60.84
C GLN B 232 14.33 27.87 -60.74
N PRO B 233 13.20 28.44 -61.15
CA PRO B 233 11.92 27.73 -61.01
C PRO B 233 11.90 26.34 -61.66
N GLU B 234 12.62 26.15 -62.77
CA GLU B 234 12.66 24.84 -63.42
C GLU B 234 13.18 23.73 -62.51
N GLU B 235 13.98 24.09 -61.53
CA GLU B 235 14.57 23.10 -60.62
C GLU B 235 13.55 22.48 -59.66
N MET B 236 12.34 23.00 -59.68
CA MET B 236 11.27 22.47 -58.83
C MET B 236 10.45 21.42 -59.57
N THR B 237 10.58 21.38 -60.90
CA THR B 237 9.69 20.56 -61.72
C THR B 237 9.91 19.06 -61.71
N GLY B 238 11.16 18.61 -61.62
CA GLY B 238 11.42 17.18 -61.65
C GLY B 238 10.64 16.42 -60.58
N GLN B 239 10.70 16.91 -59.34
CA GLN B 239 9.99 16.25 -58.27
C GLN B 239 8.48 16.24 -58.47
N ALA B 240 7.95 17.33 -59.02
CA ALA B 240 6.52 17.41 -59.27
C ALA B 240 6.09 16.36 -60.29
N ILE B 241 6.83 16.27 -61.38
CA ILE B 241 6.53 15.28 -62.42
C ILE B 241 6.57 13.87 -61.82
N LEU B 242 7.57 13.62 -60.98
CA LEU B 242 7.67 12.30 -60.36
C LEU B 242 6.44 12.03 -59.50
N LEU B 243 6.09 13.00 -58.66
CA LEU B 243 4.94 12.86 -57.77
C LEU B 243 3.61 12.65 -58.50
N LEU B 244 3.45 13.32 -59.64
CA LEU B 244 2.24 13.19 -60.46
C LEU B 244 2.22 11.88 -61.23
N SER B 245 3.39 11.26 -61.40
CA SER B 245 3.51 10.04 -62.21
C SER B 245 3.18 8.74 -61.47
N ASP B 246 3.05 7.66 -62.22
CA ASP B 246 2.78 6.35 -61.64
C ASP B 246 3.99 5.72 -60.96
N HIS B 247 5.14 6.38 -61.05
CA HIS B 247 6.33 5.87 -60.39
C HIS B 247 6.20 6.15 -58.91
N ALA B 248 5.32 7.10 -58.57
CA ALA B 248 5.15 7.54 -57.20
C ALA B 248 3.94 6.88 -56.52
N THR B 249 3.61 5.66 -56.93
CA THR B 249 2.45 4.96 -56.37
C THR B 249 2.52 4.73 -54.87
N TYR B 250 3.71 4.70 -54.30
CA TYR B 250 3.82 4.46 -52.87
C TYR B 250 4.16 5.73 -52.10
N MET B 251 3.96 6.88 -52.75
CA MET B 251 4.28 8.15 -52.14
C MET B 251 3.02 8.98 -51.87
N THR B 252 2.69 9.16 -50.59
CA THR B 252 1.51 9.94 -50.22
C THR B 252 1.62 10.50 -48.80
N GLY B 253 1.16 11.74 -48.64
CA GLY B 253 1.21 12.42 -47.35
C GLY B 253 2.58 12.98 -47.06
N GLY B 254 3.50 12.86 -48.00
CA GLY B 254 4.87 13.29 -47.77
C GLY B 254 5.17 14.74 -48.12
N GLU B 255 6.26 15.25 -47.56
CA GLU B 255 6.73 16.59 -47.88
C GLU B 255 8.12 16.44 -48.48
N TYR B 256 8.29 16.96 -49.68
CA TYR B 256 9.53 16.82 -50.43
C TYR B 256 10.18 18.18 -50.60
N PHE B 257 11.32 18.37 -49.93
CA PHE B 257 12.01 19.65 -49.97
C PHE B 257 12.98 19.75 -51.13
N ILE B 258 13.00 20.92 -51.74
CA ILE B 258 13.92 21.23 -52.83
C ILE B 258 14.54 22.54 -52.36
N ASP B 259 15.37 22.41 -51.32
CA ASP B 259 15.89 23.57 -50.59
C ASP B 259 17.33 24.00 -50.83
N GLY B 260 18.06 23.31 -51.71
CA GLY B 260 19.44 23.67 -51.97
C GLY B 260 20.32 23.43 -50.76
N GLY B 261 19.80 22.68 -49.78
CA GLY B 261 20.53 22.37 -48.57
C GLY B 261 20.30 23.33 -47.41
N GLN B 262 19.42 24.31 -47.59
CA GLN B 262 19.16 25.28 -46.53
C GLN B 262 18.83 24.65 -45.17
N LEU B 263 18.03 23.59 -45.20
CA LEU B 263 17.60 22.91 -43.98
C LEU B 263 18.71 22.12 -43.28
N ILE B 264 19.88 22.07 -43.90
CA ILE B 264 21.03 21.41 -43.31
C ILE B 264 21.49 22.18 -42.09
N TRP B 265 21.47 23.50 -42.18
CA TRP B 265 21.92 24.37 -41.10
C TRP B 265 20.89 24.60 -39.99
N PRO C 6 6.54 13.48 -77.20
CA PRO C 6 7.08 14.26 -76.06
C PRO C 6 7.19 13.38 -74.82
N GLY C 7 7.51 13.98 -73.68
CA GLY C 7 7.63 13.25 -72.43
C GLY C 7 8.81 13.72 -71.61
N PHE C 8 8.88 13.26 -70.37
CA PHE C 8 9.96 13.56 -69.44
C PHE C 8 10.92 12.39 -69.49
N THR C 9 12.15 12.64 -69.90
CA THR C 9 13.13 11.57 -70.05
C THR C 9 14.45 11.84 -69.33
N ILE C 10 14.92 10.83 -68.60
CA ILE C 10 16.20 10.90 -67.91
C ILE C 10 17.05 9.79 -68.50
N SER C 11 18.18 10.15 -69.09
CA SER C 11 19.06 9.15 -69.69
C SER C 11 20.39 9.09 -68.99
N PHE C 12 20.82 7.88 -68.66
CA PHE C 12 22.11 7.66 -68.02
C PHE C 12 23.08 6.94 -68.97
N VAL C 13 22.81 7.06 -70.26
CA VAL C 13 23.68 6.44 -71.26
C VAL C 13 25.11 6.96 -71.10
N ASN C 14 26.08 6.06 -71.11
CA ASN C 14 27.50 6.39 -70.97
C ASN C 14 27.88 6.91 -69.59
N LYS C 15 27.02 6.63 -68.60
CA LYS C 15 27.27 7.01 -67.22
C LYS C 15 27.32 5.74 -66.38
N THR C 16 28.08 5.77 -65.30
CA THR C 16 28.23 4.61 -64.45
C THR C 16 27.70 4.86 -63.04
N ILE C 17 26.90 3.95 -62.53
CA ILE C 17 26.36 4.06 -61.18
C ILE C 17 26.83 2.86 -60.36
N ILE C 18 27.25 3.13 -59.13
CA ILE C 18 27.64 2.06 -58.22
C ILE C 18 26.48 1.79 -57.28
N VAL C 19 26.16 0.52 -57.07
CA VAL C 19 25.10 0.16 -56.13
C VAL C 19 25.64 -0.86 -55.13
N THR C 20 25.74 -0.48 -53.86
CA THR C 20 26.18 -1.45 -52.85
C THR C 20 24.96 -2.27 -52.46
N GLY C 21 25.18 -3.57 -52.27
CA GLY C 21 24.08 -4.48 -52.01
C GLY C 21 23.18 -4.50 -53.23
N GLY C 22 23.77 -4.26 -54.40
CA GLY C 22 22.99 -4.18 -55.63
C GLY C 22 22.65 -5.48 -56.33
N ASN C 23 22.92 -6.61 -55.67
CA ASN C 23 22.72 -7.93 -56.26
C ASN C 23 21.41 -8.63 -55.88
N ARG C 24 20.75 -8.12 -54.85
CA ARG C 24 19.48 -8.69 -54.44
C ARG C 24 18.63 -7.67 -53.69
N GLY C 25 17.36 -8.03 -53.46
CA GLY C 25 16.46 -7.16 -52.72
C GLY C 25 16.28 -5.80 -53.35
N ILE C 26 16.11 -4.77 -52.52
CA ILE C 26 15.89 -3.42 -53.04
C ILE C 26 17.07 -2.96 -53.90
N GLY C 27 18.27 -3.35 -53.51
CA GLY C 27 19.46 -3.00 -54.27
C GLY C 27 19.39 -3.46 -55.72
N LEU C 28 18.89 -4.67 -55.93
CA LEU C 28 18.75 -5.19 -57.29
C LEU C 28 17.71 -4.36 -58.06
N ALA C 29 16.67 -3.91 -57.38
CA ALA C 29 15.68 -3.07 -58.04
C ALA C 29 16.35 -1.79 -58.52
N PHE C 30 17.22 -1.23 -57.69
CA PHE C 30 17.95 -0.03 -58.07
C PHE C 30 18.84 -0.32 -59.29
N THR C 31 19.61 -1.42 -59.21
CA THR C 31 20.49 -1.80 -60.30
C THR C 31 19.76 -1.90 -61.62
N ARG C 32 18.63 -2.60 -61.59
CA ARG C 32 17.83 -2.79 -62.80
C ARG C 32 17.26 -1.48 -63.35
N ALA C 33 16.85 -0.59 -62.45
CA ALA C 33 16.27 0.69 -62.85
C ALA C 33 17.28 1.62 -63.52
N VAL C 34 18.46 1.75 -62.93
CA VAL C 34 19.46 2.62 -63.54
C VAL C 34 19.96 2.00 -64.85
N ALA C 35 20.01 0.68 -64.91
CA ALA C 35 20.43 -0.01 -66.13
C ALA C 35 19.43 0.25 -67.25
N ALA C 36 18.15 0.15 -66.92
CA ALA C 36 17.08 0.40 -67.87
C ALA C 36 17.13 1.84 -68.36
N ALA C 37 17.67 2.72 -67.51
CA ALA C 37 17.82 4.12 -67.85
C ALA C 37 19.06 4.34 -68.70
N GLY C 38 19.83 3.27 -68.91
CA GLY C 38 21.00 3.34 -69.76
C GLY C 38 22.35 3.35 -69.07
N ALA C 39 22.35 3.33 -67.73
CA ALA C 39 23.61 3.36 -67.01
C ALA C 39 24.38 2.04 -66.99
N ASN C 40 25.70 2.15 -66.98
CA ASN C 40 26.56 1.00 -66.74
C ASN C 40 26.50 0.84 -65.22
N VAL C 41 26.58 -0.39 -64.72
CA VAL C 41 26.44 -0.59 -63.27
C VAL C 41 27.53 -1.44 -62.62
N ALA C 42 28.12 -0.89 -61.57
CA ALA C 42 29.10 -1.59 -60.75
C ALA C 42 28.35 -2.07 -59.51
N VAL C 43 28.23 -3.39 -59.34
CA VAL C 43 27.51 -3.95 -58.21
C VAL C 43 28.47 -4.43 -57.12
N ILE C 44 28.30 -3.88 -55.91
CA ILE C 44 29.11 -4.26 -54.77
C ILE C 44 28.31 -5.21 -53.90
N TYR C 45 28.92 -6.32 -53.50
CA TYR C 45 28.25 -7.30 -52.66
C TYR C 45 29.24 -7.87 -51.64
N ARG C 46 28.75 -8.63 -50.67
CA ARG C 46 29.62 -9.17 -49.63
C ARG C 46 30.00 -10.64 -49.81
N SER C 47 29.02 -11.50 -50.13
CA SER C 47 29.36 -12.92 -50.25
C SER C 47 28.38 -13.78 -51.04
N ALA C 48 27.28 -13.20 -51.51
CA ALA C 48 26.29 -13.96 -52.27
C ALA C 48 26.98 -14.75 -53.36
N ALA C 49 26.75 -16.06 -53.39
CA ALA C 49 27.41 -16.96 -54.34
C ALA C 49 27.00 -16.76 -55.80
N ASP C 50 25.86 -16.10 -56.03
CA ASP C 50 25.39 -15.90 -57.39
C ASP C 50 25.42 -14.42 -57.80
N ALA C 51 26.14 -13.61 -57.04
CA ALA C 51 26.20 -12.18 -57.33
C ALA C 51 26.72 -11.88 -58.73
N VAL C 52 27.73 -12.61 -59.16
CA VAL C 52 28.31 -12.41 -60.48
C VAL C 52 27.30 -12.73 -61.59
N GLU C 53 26.65 -13.88 -61.49
CA GLU C 53 25.67 -14.29 -62.49
C GLU C 53 24.54 -13.28 -62.60
N VAL C 54 23.99 -12.89 -61.46
CA VAL C 54 22.90 -11.95 -61.41
C VAL C 54 23.29 -10.63 -62.09
N THR C 55 24.49 -10.15 -61.78
CA THR C 55 24.96 -8.90 -62.37
C THR C 55 25.16 -9.01 -63.87
N GLU C 56 25.70 -10.14 -64.32
CA GLU C 56 25.92 -10.36 -65.74
C GLU C 56 24.58 -10.34 -66.48
N LYS C 57 23.58 -10.99 -65.90
CA LYS C 57 22.26 -11.04 -66.52
C LYS C 57 21.65 -9.66 -66.72
N VAL C 58 21.84 -8.77 -65.76
CA VAL C 58 21.33 -7.41 -65.85
C VAL C 58 21.92 -6.71 -67.06
N GLY C 59 23.25 -6.79 -67.19
CA GLY C 59 23.94 -6.18 -68.31
C GLY C 59 23.40 -6.67 -69.64
N LYS C 60 23.21 -7.97 -69.76
CA LYS C 60 22.71 -8.53 -71.01
C LYS C 60 21.28 -8.07 -71.29
N GLU C 61 20.44 -8.16 -70.28
CA GLU C 61 19.04 -7.77 -70.42
C GLU C 61 18.88 -6.33 -70.88
N PHE C 62 19.64 -5.42 -70.29
CA PHE C 62 19.48 -4.02 -70.62
C PHE C 62 20.52 -3.43 -71.59
N GLY C 63 21.43 -4.28 -72.06
CA GLY C 63 22.43 -3.83 -73.02
C GLY C 63 23.36 -2.76 -72.49
N VAL C 64 23.83 -2.94 -71.26
CA VAL C 64 24.77 -2.03 -70.63
C VAL C 64 25.92 -2.83 -70.06
N LYS C 65 27.00 -2.14 -69.71
CA LYS C 65 28.14 -2.81 -69.12
C LYS C 65 27.93 -2.93 -67.61
N THR C 66 28.21 -4.11 -67.07
CA THR C 66 28.12 -4.32 -65.63
C THR C 66 29.25 -5.18 -65.15
N LYS C 67 29.53 -5.08 -63.86
CA LYS C 67 30.55 -5.88 -63.22
C LYS C 67 30.26 -5.92 -61.73
N ALA C 68 30.50 -7.09 -61.13
CA ALA C 68 30.29 -7.28 -59.70
C ALA C 68 31.63 -7.23 -58.97
N TYR C 69 31.61 -6.65 -57.78
CA TYR C 69 32.80 -6.49 -56.97
C TYR C 69 32.52 -6.95 -55.54
N GLN C 70 33.23 -7.99 -55.11
CA GLN C 70 33.11 -8.45 -53.74
C GLN C 70 33.87 -7.44 -52.89
N CYS C 71 33.14 -6.74 -52.03
CA CYS C 71 33.73 -5.65 -51.28
C CYS C 71 32.95 -5.37 -50.00
N ASP C 72 33.55 -5.70 -48.87
CA ASP C 72 32.94 -5.47 -47.56
C ASP C 72 32.97 -3.97 -47.28
N VAL C 73 31.81 -3.34 -47.29
CA VAL C 73 31.74 -1.89 -47.12
C VAL C 73 32.23 -1.40 -45.76
N SER C 74 32.35 -2.30 -44.79
CA SER C 74 32.81 -1.92 -43.46
C SER C 74 34.33 -1.78 -43.37
N ASN C 75 35.03 -2.09 -44.46
CA ASN C 75 36.49 -2.02 -44.48
C ASN C 75 36.99 -0.89 -45.37
N THR C 76 37.78 0.01 -44.79
CA THR C 76 38.26 1.19 -45.49
C THR C 76 39.03 0.90 -46.76
N ASP C 77 40.10 0.13 -46.64
CA ASP C 77 40.97 -0.09 -47.79
C ASP C 77 40.35 -0.89 -48.92
N ILE C 78 39.52 -1.88 -48.60
CA ILE C 78 38.89 -2.66 -49.67
C ILE C 78 37.95 -1.76 -50.46
N VAL C 79 37.27 -0.85 -49.77
CA VAL C 79 36.38 0.08 -50.46
C VAL C 79 37.18 1.05 -51.32
N THR C 80 38.27 1.59 -50.78
CA THR C 80 39.11 2.49 -51.57
C THR C 80 39.60 1.79 -52.83
N LYS C 81 40.10 0.57 -52.68
CA LYS C 81 40.61 -0.16 -53.83
C LYS C 81 39.52 -0.48 -54.84
N THR C 82 38.34 -0.85 -54.35
CA THR C 82 37.23 -1.21 -55.22
C THR C 82 36.75 -0.01 -56.02
N ILE C 83 36.63 1.13 -55.35
CA ILE C 83 36.19 2.34 -56.08
C ILE C 83 37.20 2.70 -57.16
N GLN C 84 38.48 2.55 -56.87
CA GLN C 84 39.52 2.82 -57.86
C GLN C 84 39.40 1.89 -59.06
N GLN C 85 39.15 0.61 -58.78
CA GLN C 85 39.01 -0.38 -59.83
C GLN C 85 37.76 -0.08 -60.67
N ILE C 86 36.68 0.30 -60.01
CA ILE C 86 35.45 0.62 -60.74
C ILE C 86 35.69 1.78 -61.68
N ASP C 87 36.40 2.79 -61.20
CA ASP C 87 36.71 3.94 -62.03
C ASP C 87 37.53 3.50 -63.25
N ALA C 88 38.53 2.65 -63.03
CA ALA C 88 39.37 2.16 -64.11
C ALA C 88 38.58 1.30 -65.10
N ASP C 89 37.67 0.48 -64.58
CA ASP C 89 36.90 -0.45 -65.41
C ASP C 89 35.74 0.22 -66.14
N LEU C 90 35.04 1.12 -65.44
CA LEU C 90 33.82 1.73 -65.95
C LEU C 90 33.71 3.23 -65.75
N GLY C 91 34.81 3.89 -65.38
CA GLY C 91 34.75 5.33 -65.14
C GLY C 91 34.38 6.15 -66.35
N PRO C 92 34.01 7.41 -66.13
CA PRO C 92 33.90 7.99 -64.79
C PRO C 92 32.65 7.55 -64.04
N ILE C 93 32.74 7.61 -62.72
CA ILE C 93 31.60 7.27 -61.88
C ILE C 93 30.70 8.50 -61.84
N SER C 94 29.43 8.31 -62.15
CA SER C 94 28.47 9.42 -62.18
C SER C 94 27.60 9.48 -60.93
N GLY C 95 27.40 8.34 -60.28
CA GLY C 95 26.53 8.29 -59.13
C GLY C 95 26.75 7.06 -58.27
N LEU C 96 26.22 7.14 -57.05
CA LEU C 96 26.33 6.06 -56.08
C LEU C 96 25.04 5.89 -55.32
N ILE C 97 24.65 4.63 -55.12
CA ILE C 97 23.52 4.29 -54.27
C ILE C 97 24.11 3.43 -53.16
N ALA C 98 24.28 4.04 -51.98
CA ALA C 98 24.84 3.37 -50.81
C ALA C 98 23.68 2.69 -50.12
N ASN C 99 23.43 1.45 -50.54
CA ASN C 99 22.24 0.71 -50.17
C ASN C 99 22.43 -0.48 -49.22
N ALA C 100 23.63 -1.04 -49.17
CA ALA C 100 23.87 -2.20 -48.30
C ALA C 100 23.49 -1.91 -46.86
N GLY C 101 22.80 -2.85 -46.23
CA GLY C 101 22.36 -2.68 -44.85
C GLY C 101 22.01 -4.00 -44.20
N VAL C 102 22.01 -4.00 -42.87
CA VAL C 102 21.69 -5.21 -42.10
C VAL C 102 20.87 -4.84 -40.87
N SER C 103 20.40 -5.84 -40.16
CA SER C 103 19.67 -5.60 -38.92
C SER C 103 19.87 -6.75 -37.95
N VAL C 104 19.51 -6.50 -36.69
CA VAL C 104 19.53 -7.50 -35.64
C VAL C 104 18.26 -7.26 -34.85
N VAL C 105 17.43 -8.30 -34.77
CA VAL C 105 16.17 -8.22 -34.04
C VAL C 105 16.28 -8.98 -32.73
N LYS C 106 16.28 -8.25 -31.62
CA LYS C 106 16.34 -8.83 -30.28
C LYS C 106 15.78 -7.79 -29.31
N PRO C 107 15.27 -8.22 -28.16
CA PRO C 107 14.82 -7.24 -27.16
C PRO C 107 16.02 -6.39 -26.79
N ALA C 108 15.79 -5.10 -26.59
CA ALA C 108 16.87 -4.18 -26.30
C ALA C 108 17.82 -4.66 -25.21
N THR C 109 17.28 -5.17 -24.11
CA THR C 109 18.12 -5.61 -23.00
C THR C 109 19.12 -6.69 -23.39
N GLU C 110 18.80 -7.48 -24.41
CA GLU C 110 19.65 -8.60 -24.84
C GLU C 110 20.70 -8.24 -25.89
N LEU C 111 20.59 -7.06 -26.50
CA LEU C 111 21.55 -6.65 -27.52
C LEU C 111 22.98 -6.53 -26.96
N THR C 112 23.96 -6.93 -27.75
CA THR C 112 25.37 -6.90 -27.32
C THR C 112 26.19 -5.88 -28.09
N HIS C 113 27.41 -5.66 -27.62
CA HIS C 113 28.35 -4.76 -28.27
C HIS C 113 28.67 -5.30 -29.66
N GLU C 114 28.68 -6.62 -29.77
CA GLU C 114 28.93 -7.31 -31.02
C GLU C 114 27.79 -7.03 -32.02
N ASP C 115 26.55 -7.02 -31.51
CA ASP C 115 25.40 -6.72 -32.36
C ASP C 115 25.50 -5.29 -32.83
N PHE C 116 25.90 -4.41 -31.92
CA PHE C 116 26.05 -2.99 -32.24
C PHE C 116 27.07 -2.79 -33.36
N ALA C 117 28.23 -3.42 -33.21
CA ALA C 117 29.28 -3.29 -34.21
C ALA C 117 28.78 -3.81 -35.55
N PHE C 118 28.11 -4.96 -35.52
CA PHE C 118 27.59 -5.57 -36.74
C PHE C 118 26.68 -4.63 -37.52
N VAL C 119 25.71 -4.05 -36.83
CA VAL C 119 24.75 -3.17 -37.49
C VAL C 119 25.37 -1.84 -37.91
N TYR C 120 26.06 -1.19 -36.98
CA TYR C 120 26.64 0.11 -37.26
C TYR C 120 27.80 0.14 -38.26
N ASP C 121 28.57 -0.95 -38.33
CA ASP C 121 29.68 -0.97 -39.28
C ASP C 121 29.19 -0.99 -40.73
N VAL C 122 28.01 -1.55 -40.95
CA VAL C 122 27.45 -1.58 -42.30
C VAL C 122 26.53 -0.40 -42.55
N ASN C 123 25.57 -0.20 -41.65
CA ASN C 123 24.55 0.82 -41.81
C ASN C 123 24.98 2.26 -41.69
N VAL C 124 26.07 2.50 -40.96
CA VAL C 124 26.55 3.87 -40.80
C VAL C 124 27.97 4.00 -41.28
N PHE C 125 28.91 3.26 -40.69
CA PHE C 125 30.28 3.39 -41.20
C PHE C 125 30.37 2.97 -42.66
N GLY C 126 29.69 1.88 -42.99
CA GLY C 126 29.70 1.38 -44.35
C GLY C 126 29.20 2.39 -45.35
N VAL C 127 28.12 3.10 -44.98
CA VAL C 127 27.59 4.15 -45.83
C VAL C 127 28.62 5.28 -45.95
N PHE C 128 29.10 5.74 -44.80
CA PHE C 128 30.11 6.78 -44.80
C PHE C 128 31.32 6.44 -45.67
N ASN C 129 31.85 5.25 -45.45
CA ASN C 129 33.05 4.77 -46.13
C ASN C 129 32.88 4.75 -47.65
N THR C 130 31.76 4.20 -48.10
CA THR C 130 31.42 4.12 -49.51
C THR C 130 31.28 5.52 -50.10
N CYS C 131 30.55 6.39 -49.40
CA CYS C 131 30.36 7.77 -49.85
C CYS C 131 31.69 8.49 -49.92
N ARG C 132 32.52 8.30 -48.90
CA ARG C 132 33.81 8.97 -48.80
C ARG C 132 34.74 8.56 -49.93
N ALA C 133 34.79 7.27 -50.21
CA ALA C 133 35.69 6.79 -51.27
C ALA C 133 35.33 7.39 -52.62
N VAL C 134 34.05 7.43 -52.93
CA VAL C 134 33.59 7.97 -54.19
C VAL C 134 33.81 9.48 -54.24
N ALA C 135 33.46 10.16 -53.15
CA ALA C 135 33.64 11.60 -53.09
C ALA C 135 35.10 12.02 -53.22
N LYS C 136 36.01 11.27 -52.58
CA LYS C 136 37.43 11.61 -52.68
C LYS C 136 37.89 11.53 -54.12
N LEU C 137 37.45 10.50 -54.82
CA LEU C 137 37.82 10.35 -56.22
C LEU C 137 37.31 11.54 -57.01
N TRP C 138 36.03 11.88 -56.84
CA TRP C 138 35.43 13.03 -57.53
C TRP C 138 36.18 14.32 -57.22
N LEU C 139 36.51 14.54 -55.96
CA LEU C 139 37.21 15.75 -55.59
C LEU C 139 38.58 15.79 -56.22
N GLN C 140 39.28 14.67 -56.21
CA GLN C 140 40.62 14.61 -56.79
C GLN C 140 40.57 14.85 -58.29
N LYS C 141 39.64 14.18 -58.97
CA LYS C 141 39.54 14.30 -60.42
C LYS C 141 38.74 15.53 -60.83
N GLN C 142 38.27 16.26 -59.84
CA GLN C 142 37.46 17.46 -60.06
C GLN C 142 36.22 17.13 -60.90
N GLN C 143 35.51 16.09 -60.48
CA GLN C 143 34.28 15.63 -61.14
C GLN C 143 33.09 15.89 -60.22
N LYS C 144 31.90 16.04 -60.81
CA LYS C 144 30.67 16.25 -60.05
C LYS C 144 29.95 14.91 -59.89
N GLY C 145 29.05 14.81 -58.92
CA GLY C 145 28.32 13.57 -58.74
C GLY C 145 27.14 13.67 -57.80
N SER C 146 26.34 12.61 -57.78
CA SER C 146 25.18 12.53 -56.92
C SER C 146 25.20 11.20 -56.18
N ILE C 147 24.90 11.26 -54.89
CA ILE C 147 24.86 10.10 -54.02
C ILE C 147 23.51 9.97 -53.37
N VAL C 148 22.96 8.76 -53.41
CA VAL C 148 21.71 8.44 -52.76
C VAL C 148 21.99 7.34 -51.73
N VAL C 149 21.58 7.56 -50.49
CA VAL C 149 21.77 6.58 -49.43
C VAL C 149 20.43 5.97 -49.09
N THR C 150 20.37 4.65 -48.99
CA THR C 150 19.11 4.02 -48.60
C THR C 150 19.01 4.02 -47.08
N SER C 151 18.15 4.89 -46.56
CA SER C 151 17.92 4.94 -45.13
C SER C 151 16.68 4.09 -44.84
N SER C 152 15.67 4.69 -44.22
CA SER C 152 14.42 4.00 -43.88
C SER C 152 13.49 4.95 -43.15
N MET C 153 12.19 4.71 -43.22
CA MET C 153 11.26 5.54 -42.45
C MET C 153 11.54 5.28 -40.98
N SER C 154 12.29 4.20 -40.71
CA SER C 154 12.70 3.84 -39.36
C SER C 154 13.61 4.90 -38.74
N SER C 155 14.04 5.86 -39.55
CA SER C 155 14.88 6.95 -39.06
C SER C 155 14.04 7.90 -38.22
N GLN C 156 12.73 7.82 -38.36
CA GLN C 156 11.80 8.73 -37.68
C GLN C 156 10.93 8.05 -36.64
N ILE C 157 10.60 6.79 -36.88
CA ILE C 157 9.71 6.04 -36.01
C ILE C 157 10.25 4.67 -35.64
N ILE C 158 9.63 4.08 -34.63
CA ILE C 158 9.93 2.72 -34.23
C ILE C 158 8.85 1.84 -34.85
N ASN C 159 9.27 0.72 -35.44
CA ASN C 159 8.33 -0.18 -36.09
C ASN C 159 7.58 -1.04 -35.08
N GLN C 160 6.40 -1.51 -35.47
CA GLN C 160 5.60 -2.38 -34.62
C GLN C 160 5.56 -3.82 -35.12
N SER C 161 5.56 -4.77 -34.19
CA SER C 161 5.43 -6.17 -34.54
C SER C 161 4.01 -6.62 -34.19
N SER C 162 3.31 -5.78 -33.42
CA SER C 162 1.92 -6.02 -33.02
C SER C 162 1.34 -4.71 -32.52
N LEU C 163 0.04 -4.71 -32.23
CA LEU C 163 -0.61 -3.50 -31.72
C LEU C 163 0.12 -2.98 -30.49
N ASN C 164 0.64 -1.75 -30.57
CA ASN C 164 1.32 -1.13 -29.45
C ASN C 164 2.57 -1.90 -29.02
N GLY C 165 3.03 -2.81 -29.88
CA GLY C 165 4.20 -3.63 -29.59
C GLY C 165 5.34 -3.42 -30.57
N SER C 166 6.51 -3.05 -30.05
CA SER C 166 7.67 -2.79 -30.89
C SER C 166 8.21 -3.99 -31.67
N LEU C 167 8.71 -3.71 -32.87
CA LEU C 167 9.48 -4.68 -33.62
C LEU C 167 10.85 -4.37 -33.05
N THR C 168 11.32 -5.19 -32.11
CA THR C 168 12.55 -4.91 -31.38
C THR C 168 13.83 -4.99 -32.19
N GLN C 169 14.34 -3.83 -32.58
CA GLN C 169 15.59 -3.74 -33.34
C GLN C 169 16.14 -2.33 -33.16
N VAL C 170 16.35 -1.93 -31.91
CA VAL C 170 16.75 -0.54 -31.66
C VAL C 170 18.02 -0.09 -32.36
N PHE C 171 18.95 -1.01 -32.62
CA PHE C 171 20.17 -0.60 -33.32
C PHE C 171 19.87 -0.31 -34.78
N TYR C 172 18.89 -0.99 -35.35
CA TYR C 172 18.53 -0.76 -36.73
C TYR C 172 17.91 0.62 -36.90
N ASN C 173 16.85 0.90 -36.15
CA ASN C 173 16.19 2.18 -36.28
C ASN C 173 17.16 3.32 -36.00
N SER C 174 17.94 3.21 -34.93
CA SER C 174 18.89 4.27 -34.61
C SER C 174 19.98 4.42 -35.67
N SER C 175 20.40 3.31 -36.27
CA SER C 175 21.41 3.39 -37.32
C SER C 175 20.87 4.15 -38.53
N LYS C 176 19.57 4.02 -38.78
CA LYS C 176 18.96 4.71 -39.92
C LYS C 176 18.81 6.20 -39.65
N ALA C 177 18.55 6.54 -38.39
CA ALA C 177 18.50 7.95 -38.01
C ALA C 177 19.89 8.56 -38.21
N ALA C 178 20.92 7.81 -37.82
CA ALA C 178 22.28 8.30 -38.00
C ALA C 178 22.56 8.52 -39.47
N CYS C 179 22.16 7.54 -40.26
CA CYS C 179 22.35 7.60 -41.69
C CYS C 179 21.73 8.84 -42.33
N SER C 180 20.50 9.14 -41.95
CA SER C 180 19.81 10.29 -42.54
C SER C 180 20.45 11.61 -42.12
N ASN C 181 21.04 11.65 -40.93
CA ASN C 181 21.74 12.84 -40.50
C ASN C 181 23.09 12.97 -41.20
N LEU C 182 23.77 11.83 -41.33
CA LEU C 182 25.05 11.77 -42.02
C LEU C 182 24.92 12.34 -43.42
N VAL C 183 23.78 12.09 -44.05
CA VAL C 183 23.56 12.64 -45.38
C VAL C 183 23.65 14.17 -45.36
N LYS C 184 23.08 14.79 -44.32
CA LYS C 184 23.17 16.23 -44.18
C LYS C 184 24.62 16.69 -43.98
N GLY C 185 25.35 15.99 -43.12
CA GLY C 185 26.72 16.35 -42.86
C GLY C 185 27.62 16.28 -44.09
N LEU C 186 27.47 15.21 -44.86
CA LEU C 186 28.27 15.07 -46.06
C LEU C 186 27.88 16.07 -47.11
N ALA C 187 26.58 16.26 -47.29
CA ALA C 187 26.09 17.25 -48.25
C ALA C 187 26.61 18.64 -47.92
N ALA C 188 26.70 18.95 -46.63
CA ALA C 188 27.19 20.25 -46.18
C ALA C 188 28.63 20.51 -46.61
N GLU C 189 29.48 19.48 -46.50
CA GLU C 189 30.89 19.66 -46.85
C GLU C 189 31.19 19.58 -48.34
N TRP C 190 30.37 18.84 -49.08
CA TRP C 190 30.67 18.62 -50.50
C TRP C 190 29.85 19.46 -51.46
N ALA C 191 28.95 20.29 -50.93
CA ALA C 191 28.09 21.16 -51.74
C ALA C 191 28.86 22.04 -52.72
N SER C 192 29.92 22.70 -52.24
CA SER C 192 30.68 23.62 -53.10
C SER C 192 31.45 22.92 -54.23
N ALA C 193 31.66 21.62 -54.10
CA ALA C 193 32.38 20.85 -55.10
C ALA C 193 31.45 20.23 -56.14
N GLY C 194 30.16 20.59 -56.08
CA GLY C 194 29.17 20.06 -56.99
C GLY C 194 28.77 18.61 -56.74
N ILE C 195 28.89 18.17 -55.49
CA ILE C 195 28.50 16.81 -55.11
C ILE C 195 27.26 16.85 -54.22
N ARG C 196 26.20 16.19 -54.64
CA ARG C 196 24.96 16.16 -53.87
C ARG C 196 24.81 14.83 -53.15
N VAL C 197 24.21 14.88 -51.97
CA VAL C 197 23.98 13.68 -51.17
C VAL C 197 22.58 13.75 -50.58
N ASN C 198 21.80 12.69 -50.79
CA ASN C 198 20.43 12.63 -50.31
C ASN C 198 20.07 11.25 -49.79
N ALA C 199 19.10 11.19 -48.89
CA ALA C 199 18.65 9.93 -48.35
C ALA C 199 17.29 9.57 -48.95
N LEU C 200 17.14 8.29 -49.28
CA LEU C 200 15.87 7.75 -49.78
C LEU C 200 15.43 6.79 -48.69
N SER C 201 14.26 7.03 -48.13
CA SER C 201 13.80 6.25 -46.98
C SER C 201 12.54 5.44 -47.23
N PRO C 202 12.69 4.15 -47.54
CA PRO C 202 11.53 3.30 -47.78
C PRO C 202 10.73 2.96 -46.53
N GLY C 203 9.46 2.61 -46.75
CA GLY C 203 8.59 2.13 -45.71
C GLY C 203 8.66 0.62 -45.80
N TYR C 204 7.58 -0.08 -45.46
CA TYR C 204 7.59 -1.55 -45.54
C TYR C 204 7.65 -2.00 -47.00
N VAL C 205 8.61 -2.86 -47.32
CA VAL C 205 8.77 -3.38 -48.68
C VAL C 205 8.75 -4.91 -48.73
N ASN C 206 8.10 -5.46 -49.75
CA ASN C 206 8.07 -6.91 -49.94
C ASN C 206 9.36 -7.39 -50.59
N THR C 207 10.10 -8.25 -49.90
CA THR C 207 11.31 -8.86 -50.46
C THR C 207 11.21 -10.38 -50.28
N ASP C 208 12.24 -11.10 -50.72
CA ASP C 208 12.25 -12.56 -50.61
C ASP C 208 12.04 -13.01 -49.18
N GLN C 209 12.60 -12.26 -48.23
CA GLN C 209 12.50 -12.58 -46.81
C GLN C 209 11.06 -12.40 -46.29
N THR C 210 10.33 -11.48 -46.92
CA THR C 210 8.94 -11.23 -46.52
C THR C 210 8.10 -12.50 -46.51
N ALA C 211 8.17 -13.25 -47.60
CA ALA C 211 7.38 -14.47 -47.74
C ALA C 211 7.69 -15.51 -46.68
N HIS C 212 8.81 -15.33 -45.97
CA HIS C 212 9.23 -16.29 -44.95
C HIS C 212 9.16 -15.71 -43.53
N MET C 213 8.48 -14.58 -43.38
CA MET C 213 8.36 -13.95 -42.07
C MET C 213 7.01 -14.25 -41.42
N ASP C 214 6.94 -14.07 -40.11
CA ASP C 214 5.72 -14.27 -39.35
C ASP C 214 4.57 -13.53 -40.02
N LYS C 215 3.59 -14.29 -40.50
CA LYS C 215 2.45 -13.72 -41.21
C LYS C 215 1.62 -12.77 -40.34
N LYS C 216 1.51 -13.09 -39.05
CA LYS C 216 0.75 -12.23 -38.15
C LYS C 216 1.37 -10.84 -38.14
N ILE C 217 2.69 -10.80 -38.02
CA ILE C 217 3.44 -9.54 -37.99
C ILE C 217 3.27 -8.79 -39.29
N ARG C 218 3.40 -9.51 -40.40
CA ARG C 218 3.25 -8.93 -41.72
C ARG C 218 1.88 -8.27 -41.85
N ASP C 219 0.83 -9.00 -41.46
CA ASP C 219 -0.54 -8.47 -41.54
C ASP C 219 -0.74 -7.23 -40.68
N HIS C 220 -0.18 -7.25 -39.46
CA HIS C 220 -0.31 -6.11 -38.57
C HIS C 220 0.33 -4.88 -39.18
N GLN C 221 1.52 -5.07 -39.72
CA GLN C 221 2.28 -3.96 -40.28
C GLN C 221 1.55 -3.33 -41.48
N ALA C 222 0.89 -4.14 -42.29
CA ALA C 222 0.19 -3.62 -43.46
C ALA C 222 -1.16 -3.02 -43.08
N SER C 223 -1.66 -3.39 -41.90
CA SER C 223 -2.98 -2.93 -41.47
C SER C 223 -3.04 -1.45 -41.10
N ASN C 224 -1.90 -0.85 -40.80
CA ASN C 224 -1.86 0.56 -40.41
C ASN C 224 -1.13 1.44 -41.43
N ILE C 225 -1.03 0.96 -42.66
CA ILE C 225 -0.42 1.75 -43.74
C ILE C 225 -1.57 2.25 -44.59
N PRO C 226 -1.68 3.57 -44.77
CA PRO C 226 -2.78 4.14 -45.55
C PRO C 226 -3.04 3.45 -46.90
N LEU C 227 -1.99 3.14 -47.65
CA LEU C 227 -2.17 2.47 -48.95
C LEU C 227 -2.51 0.98 -48.81
N ASN C 228 -2.67 0.53 -47.57
CA ASN C 228 -3.10 -0.85 -47.29
C ASN C 228 -2.19 -1.98 -47.77
N ARG C 229 -0.94 -1.68 -48.11
CA ARG C 229 -0.06 -2.74 -48.59
C ARG C 229 1.40 -2.37 -48.42
N PHE C 230 2.26 -3.39 -48.52
CA PHE C 230 3.71 -3.17 -48.51
C PHE C 230 4.04 -2.69 -49.92
N ALA C 231 5.15 -2.00 -50.07
CA ALA C 231 5.54 -1.57 -51.40
C ALA C 231 6.26 -2.70 -52.12
N GLN C 232 6.36 -2.58 -53.44
CA GLN C 232 7.20 -3.48 -54.22
C GLN C 232 8.51 -2.72 -54.39
N PRO C 233 9.64 -3.43 -54.46
CA PRO C 233 10.95 -2.77 -54.58
C PRO C 233 11.00 -1.74 -55.71
N GLU C 234 10.37 -2.04 -56.85
CA GLU C 234 10.35 -1.13 -57.99
C GLU C 234 9.81 0.25 -57.64
N GLU C 235 8.94 0.32 -56.63
CA GLU C 235 8.34 1.59 -56.25
C GLU C 235 9.33 2.55 -55.56
N MET C 236 10.56 2.10 -55.33
CA MET C 236 11.58 2.95 -54.69
C MET C 236 12.49 3.59 -55.73
N THR C 237 12.44 3.09 -56.96
CA THR C 237 13.39 3.52 -57.99
C THR C 237 13.20 4.88 -58.63
N GLY C 238 11.96 5.31 -58.81
CA GLY C 238 11.71 6.59 -59.45
C GLY C 238 12.41 7.73 -58.71
N GLN C 239 12.25 7.76 -57.39
CA GLN C 239 12.88 8.81 -56.59
C GLN C 239 14.41 8.78 -56.69
N ALA C 240 14.98 7.57 -56.69
CA ALA C 240 16.42 7.41 -56.82
C ALA C 240 16.91 7.93 -58.16
N ILE C 241 16.21 7.57 -59.23
CA ILE C 241 16.61 8.04 -60.54
C ILE C 241 16.54 9.56 -60.59
N LEU C 242 15.48 10.13 -60.03
CA LEU C 242 15.35 11.58 -60.02
C LEU C 242 16.54 12.21 -59.28
N LEU C 243 16.81 11.71 -58.06
CA LEU C 243 17.89 12.26 -57.25
C LEU C 243 19.26 12.14 -57.91
N LEU C 244 19.46 11.09 -58.70
CA LEU C 244 20.73 10.89 -59.37
C LEU C 244 20.88 11.77 -60.62
N SER C 245 19.75 12.28 -61.12
CA SER C 245 19.74 13.04 -62.37
C SER C 245 20.02 14.53 -62.24
N ASP C 246 20.20 15.19 -63.38
CA ASP C 246 20.47 16.62 -63.40
C ASP C 246 19.24 17.48 -63.15
N HIS C 247 18.09 16.83 -62.99
CA HIS C 247 16.87 17.54 -62.66
C HIS C 247 16.86 17.87 -61.19
N ALA C 248 17.73 17.20 -60.44
CA ALA C 248 17.81 17.38 -58.99
C ALA C 248 18.95 18.28 -58.54
N THR C 249 19.33 19.25 -59.37
CA THR C 249 20.45 20.15 -59.07
C THR C 249 20.26 20.98 -57.80
N TYR C 250 19.02 21.19 -57.37
CA TYR C 250 18.80 21.97 -56.16
C TYR C 250 18.40 21.10 -54.98
N MET C 251 18.65 19.80 -55.11
CA MET C 251 18.29 18.87 -54.06
C MET C 251 19.52 18.26 -53.41
N THR C 252 19.75 18.61 -52.15
CA THR C 252 20.89 18.02 -51.46
C THR C 252 20.64 18.11 -49.97
N GLY C 253 21.11 17.10 -49.24
CA GLY C 253 20.95 17.04 -47.80
C GLY C 253 19.58 16.57 -47.36
N GLY C 254 18.69 16.28 -48.31
CA GLY C 254 17.32 15.91 -47.97
C GLY C 254 17.06 14.45 -47.72
N GLU C 255 15.91 14.17 -47.11
CA GLU C 255 15.47 12.81 -46.86
C GLU C 255 14.11 12.67 -47.55
N TYR C 256 14.04 11.72 -48.48
CA TYR C 256 12.86 11.53 -49.31
C TYR C 256 12.17 10.23 -48.94
N PHE C 257 11.01 10.35 -48.29
CA PHE C 257 10.28 9.20 -47.81
C PHE C 257 9.39 8.57 -48.87
N ILE C 258 9.38 7.24 -48.89
CA ILE C 258 8.51 6.48 -49.79
C ILE C 258 7.85 5.47 -48.86
N ASP C 259 6.95 5.98 -48.02
CA ASP C 259 6.38 5.20 -46.93
C ASP C 259 4.94 4.73 -47.05
N GLY C 260 4.27 5.02 -48.17
CA GLY C 260 2.89 4.62 -48.33
C GLY C 260 1.93 5.32 -47.37
N GLY C 261 2.42 6.38 -46.74
CA GLY C 261 1.60 7.15 -45.82
C GLY C 261 1.75 6.74 -44.37
N GLN C 262 2.63 5.79 -44.07
CA GLN C 262 2.80 5.34 -42.70
C GLN C 262 3.11 6.49 -41.73
N LEU C 263 3.90 7.46 -42.20
CA LEU C 263 4.31 8.57 -41.35
C LEU C 263 3.20 9.56 -41.07
N ILE C 264 2.05 9.40 -41.73
CA ILE C 264 0.91 10.28 -41.50
C ILE C 264 0.39 10.09 -40.08
N TRP C 265 0.41 8.84 -39.63
CA TRP C 265 -0.13 8.45 -38.34
C TRP C 265 0.84 8.73 -37.20
N PRO D 6 3.91 29.02 -0.98
CA PRO D 6 3.47 28.16 -2.12
C PRO D 6 4.60 28.05 -3.13
N GLY D 7 4.37 27.31 -4.22
CA GLY D 7 5.37 27.15 -5.25
C GLY D 7 5.42 25.75 -5.83
N PHE D 8 6.20 25.61 -6.89
CA PHE D 8 6.39 24.33 -7.57
C PHE D 8 7.67 23.70 -7.06
N THR D 9 7.54 22.52 -6.45
CA THR D 9 8.70 21.85 -5.89
C THR D 9 8.90 20.42 -6.41
N ILE D 10 10.15 20.08 -6.66
CA ILE D 10 10.53 18.72 -7.03
C ILE D 10 11.65 18.35 -6.07
N SER D 11 11.44 17.30 -5.27
CA SER D 11 12.43 16.88 -4.30
C SER D 11 12.97 15.49 -4.59
N PHE D 12 14.29 15.35 -4.55
CA PHE D 12 14.94 14.07 -4.77
C PHE D 12 15.56 13.53 -3.48
N VAL D 13 15.01 13.96 -2.35
CA VAL D 13 15.49 13.53 -1.04
C VAL D 13 15.33 12.02 -0.89
N ASN D 14 16.40 11.34 -0.49
CA ASN D 14 16.38 9.90 -0.32
C ASN D 14 16.20 9.17 -1.64
N LYS D 15 16.67 9.80 -2.71
CA LYS D 15 16.63 9.20 -4.04
C LYS D 15 18.03 9.29 -4.64
N THR D 16 18.38 8.33 -5.48
CA THR D 16 19.69 8.33 -6.09
C THR D 16 19.61 8.56 -7.59
N ILE D 17 20.49 9.43 -8.09
CA ILE D 17 20.56 9.70 -9.52
C ILE D 17 21.96 9.41 -10.03
N ILE D 18 22.05 8.67 -11.14
CA ILE D 18 23.32 8.37 -11.78
C ILE D 18 23.55 9.38 -12.89
N VAL D 19 24.77 9.91 -12.99
CA VAL D 19 25.09 10.83 -14.07
C VAL D 19 26.41 10.44 -14.72
N THR D 20 26.40 10.04 -15.98
CA THR D 20 27.65 9.71 -16.65
C THR D 20 28.28 10.98 -17.19
N GLY D 21 29.60 11.08 -17.07
CA GLY D 21 30.29 12.30 -17.43
C GLY D 21 29.81 13.40 -16.50
N GLY D 22 29.52 13.05 -15.26
CA GLY D 22 28.99 14.01 -14.31
C GLY D 22 30.02 14.75 -13.50
N ASN D 23 31.29 14.59 -13.85
CA ASN D 23 32.40 15.21 -13.12
C ASN D 23 32.84 16.57 -13.68
N ARG D 24 32.34 16.92 -14.86
CA ARG D 24 32.68 18.20 -15.46
C ARG D 24 31.75 18.56 -16.59
N GLY D 25 31.88 19.79 -17.08
CA GLY D 25 31.05 20.26 -18.18
C GLY D 25 29.58 20.26 -17.82
N ILE D 26 28.74 19.95 -18.80
CA ILE D 26 27.31 19.93 -18.58
C ILE D 26 26.91 18.86 -17.56
N GLY D 27 27.64 17.75 -17.58
CA GLY D 27 27.36 16.68 -16.64
C GLY D 27 27.48 17.15 -15.19
N LEU D 28 28.49 17.97 -14.90
CA LEU D 28 28.67 18.48 -13.55
C LEU D 28 27.50 19.37 -13.20
N ALA D 29 27.01 20.12 -14.18
CA ALA D 29 25.87 20.99 -13.93
C ALA D 29 24.68 20.13 -13.53
N PHE D 30 24.47 19.03 -14.24
CA PHE D 30 23.39 18.12 -13.89
C PHE D 30 23.58 17.57 -12.47
N THR D 31 24.81 17.14 -12.18
CA THR D 31 25.17 16.63 -10.87
C THR D 31 24.83 17.61 -9.76
N ARG D 32 25.32 18.83 -9.89
CA ARG D 32 25.09 19.85 -8.89
C ARG D 32 23.59 20.18 -8.77
N ALA D 33 22.93 20.26 -9.92
CA ALA D 33 21.49 20.56 -9.94
C ALA D 33 20.65 19.53 -9.20
N VAL D 34 20.91 18.25 -9.44
CA VAL D 34 20.16 17.21 -8.76
C VAL D 34 20.58 17.11 -7.29
N ALA D 35 21.86 17.35 -7.04
CA ALA D 35 22.38 17.36 -5.67
C ALA D 35 21.72 18.48 -4.88
N ALA D 36 21.39 19.58 -5.55
CA ALA D 36 20.74 20.70 -4.90
C ALA D 36 19.26 20.41 -4.69
N ALA D 37 18.73 19.47 -5.48
CA ALA D 37 17.33 19.10 -5.35
C ALA D 37 17.17 18.03 -4.27
N GLY D 38 18.29 17.60 -3.70
CA GLY D 38 18.27 16.64 -2.61
C GLY D 38 18.68 15.21 -2.91
N ALA D 39 18.92 14.86 -4.17
CA ALA D 39 19.30 13.49 -4.47
C ALA D 39 20.76 13.15 -4.14
N ASN D 40 21.00 11.89 -3.83
CA ASN D 40 22.35 11.37 -3.68
C ASN D 40 22.80 11.14 -5.12
N VAL D 41 24.06 11.38 -5.43
CA VAL D 41 24.53 11.27 -6.81
C VAL D 41 25.74 10.37 -7.04
N ALA D 42 25.61 9.49 -8.03
CA ALA D 42 26.70 8.62 -8.44
C ALA D 42 27.25 9.17 -9.75
N VAL D 43 28.48 9.65 -9.71
CA VAL D 43 29.14 10.24 -10.87
C VAL D 43 30.05 9.23 -11.56
N ILE D 44 29.74 8.95 -12.83
CA ILE D 44 30.55 8.03 -13.62
C ILE D 44 31.47 8.87 -14.49
N TYR D 45 32.76 8.51 -14.51
CA TYR D 45 33.72 9.24 -15.32
C TYR D 45 34.66 8.25 -16.01
N ARG D 46 35.50 8.77 -16.89
CA ARG D 46 36.41 7.90 -17.63
C ARG D 46 37.84 8.01 -17.14
N SER D 47 38.39 9.21 -17.14
CA SER D 47 39.79 9.37 -16.77
C SER D 47 40.20 10.71 -16.20
N ALA D 48 39.25 11.58 -15.90
CA ALA D 48 39.59 12.88 -15.34
C ALA D 48 40.36 12.66 -14.04
N ALA D 49 41.52 13.28 -13.94
CA ALA D 49 42.37 13.11 -12.77
C ALA D 49 41.74 13.60 -11.46
N ASP D 50 40.87 14.60 -11.55
CA ASP D 50 40.26 15.18 -10.36
C ASP D 50 38.79 14.82 -10.14
N ALA D 51 38.30 13.83 -10.89
CA ALA D 51 36.90 13.43 -10.78
C ALA D 51 36.47 13.06 -9.36
N VAL D 52 37.32 12.32 -8.64
CA VAL D 52 36.99 11.92 -7.29
C VAL D 52 36.88 13.12 -6.35
N GLU D 53 37.83 14.04 -6.43
CA GLU D 53 37.83 15.23 -5.59
C GLU D 53 36.56 16.03 -5.85
N VAL D 54 36.34 16.36 -7.12
CA VAL D 54 35.19 17.13 -7.54
C VAL D 54 33.89 16.55 -7.00
N THR D 55 33.72 15.24 -7.15
CA THR D 55 32.49 14.58 -6.72
C THR D 55 32.31 14.67 -5.21
N GLU D 56 33.40 14.49 -4.48
CA GLU D 56 33.36 14.56 -3.01
C GLU D 56 32.88 15.94 -2.60
N LYS D 57 33.46 16.96 -3.21
CA LYS D 57 33.10 18.34 -2.90
C LYS D 57 31.62 18.61 -3.12
N VAL D 58 31.09 18.15 -4.24
CA VAL D 58 29.67 18.34 -4.52
C VAL D 58 28.84 17.84 -3.35
N GLY D 59 29.17 16.65 -2.85
CA GLY D 59 28.46 16.06 -1.73
C GLY D 59 28.53 16.91 -0.47
N LYS D 60 29.67 17.53 -0.24
CA LYS D 60 29.86 18.38 0.92
C LYS D 60 29.14 19.72 0.77
N GLU D 61 29.08 20.21 -0.46
CA GLU D 61 28.44 21.50 -0.74
C GLU D 61 26.93 21.47 -0.58
N PHE D 62 26.30 20.37 -0.98
CA PHE D 62 24.85 20.27 -0.92
C PHE D 62 24.35 19.31 0.17
N GLY D 63 25.27 18.82 0.98
CA GLY D 63 24.93 17.92 2.07
C GLY D 63 24.23 16.64 1.63
N VAL D 64 24.78 16.00 0.60
CA VAL D 64 24.23 14.74 0.09
C VAL D 64 25.32 13.69 -0.06
N LYS D 65 24.91 12.44 -0.26
CA LYS D 65 25.86 11.34 -0.46
C LYS D 65 26.25 11.25 -1.93
N THR D 66 27.56 11.36 -2.21
CA THR D 66 28.05 11.22 -3.57
C THR D 66 29.21 10.24 -3.63
N LYS D 67 29.40 9.64 -4.80
CA LYS D 67 30.51 8.73 -5.01
C LYS D 67 30.83 8.71 -6.50
N ALA D 68 32.12 8.70 -6.80
CA ALA D 68 32.59 8.65 -8.18
C ALA D 68 33.00 7.22 -8.54
N TYR D 69 32.75 6.86 -9.79
CA TYR D 69 33.09 5.53 -10.26
C TYR D 69 33.76 5.63 -11.62
N GLN D 70 34.99 5.12 -11.72
CA GLN D 70 35.69 5.11 -13.00
C GLN D 70 35.05 4.00 -13.80
N CYS D 71 34.39 4.37 -14.88
CA CYS D 71 33.62 3.41 -15.66
C CYS D 71 33.45 3.82 -17.11
N ASP D 72 34.22 3.19 -17.99
CA ASP D 72 34.12 3.41 -19.43
C ASP D 72 32.75 2.92 -19.88
N VAL D 73 31.86 3.84 -20.25
CA VAL D 73 30.50 3.46 -20.63
C VAL D 73 30.44 2.60 -21.88
N SER D 74 31.56 2.51 -22.60
CA SER D 74 31.60 1.69 -23.82
C SER D 74 31.88 0.23 -23.52
N ASN D 75 32.18 -0.06 -22.26
CA ASN D 75 32.47 -1.42 -21.83
C ASN D 75 31.27 -2.07 -21.15
N THR D 76 30.76 -3.14 -21.74
CA THR D 76 29.57 -3.82 -21.24
C THR D 76 29.66 -4.30 -19.79
N ASP D 77 30.70 -5.08 -19.52
CA ASP D 77 30.84 -5.65 -18.20
C ASP D 77 31.19 -4.63 -17.12
N ILE D 78 32.04 -3.65 -17.43
CA ILE D 78 32.37 -2.63 -16.43
C ILE D 78 31.10 -1.88 -16.03
N VAL D 79 30.27 -1.55 -17.01
CA VAL D 79 29.04 -0.82 -16.73
C VAL D 79 28.10 -1.66 -15.88
N THR D 80 27.93 -2.93 -16.22
CA THR D 80 27.05 -3.81 -15.45
C THR D 80 27.51 -3.87 -13.99
N LYS D 81 28.82 -4.03 -13.81
CA LYS D 81 29.40 -4.12 -12.47
C LYS D 81 29.26 -2.81 -11.72
N THR D 82 29.42 -1.70 -12.43
CA THR D 82 29.32 -0.38 -11.83
C THR D 82 27.90 -0.07 -11.37
N ILE D 83 26.91 -0.48 -12.18
CA ILE D 83 25.52 -0.26 -11.83
C ILE D 83 25.16 -1.05 -10.58
N GLN D 84 25.66 -2.28 -10.51
CA GLN D 84 25.40 -3.13 -9.36
C GLN D 84 26.01 -2.51 -8.10
N GLN D 85 27.25 -2.02 -8.22
CA GLN D 85 27.94 -1.41 -7.08
C GLN D 85 27.22 -0.13 -6.63
N ILE D 86 26.69 0.63 -7.58
CA ILE D 86 25.98 1.86 -7.28
C ILE D 86 24.70 1.54 -6.52
N ASP D 87 24.03 0.47 -6.93
CA ASP D 87 22.80 0.06 -6.29
C ASP D 87 23.06 -0.42 -4.87
N ALA D 88 24.26 -0.94 -4.64
CA ALA D 88 24.62 -1.42 -3.32
C ALA D 88 25.06 -0.27 -2.43
N ASP D 89 25.80 0.67 -3.01
CA ASP D 89 26.31 1.81 -2.26
C ASP D 89 25.25 2.86 -1.96
N LEU D 90 24.40 3.12 -2.95
CA LEU D 90 23.39 4.18 -2.84
C LEU D 90 21.99 3.78 -3.31
N GLY D 91 21.75 2.49 -3.56
CA GLY D 91 20.46 2.05 -4.04
C GLY D 91 19.32 2.42 -3.11
N PRO D 92 18.09 2.42 -3.62
CA PRO D 92 17.79 2.15 -5.04
C PRO D 92 17.99 3.36 -5.95
N ILE D 93 18.30 3.08 -7.21
CA ILE D 93 18.48 4.10 -8.23
C ILE D 93 17.11 4.56 -8.71
N SER D 94 16.88 5.86 -8.66
CA SER D 94 15.60 6.44 -9.07
C SER D 94 15.65 6.99 -10.48
N GLY D 95 16.83 7.39 -10.94
CA GLY D 95 16.95 7.97 -12.26
C GLY D 95 18.36 7.95 -12.82
N LEU D 96 18.47 8.16 -14.12
CA LEU D 96 19.74 8.15 -14.79
C LEU D 96 19.82 9.26 -15.82
N ILE D 97 20.96 9.95 -15.86
CA ILE D 97 21.23 10.92 -16.89
C ILE D 97 22.46 10.41 -17.65
N ALA D 98 22.22 9.83 -18.82
CA ALA D 98 23.29 9.31 -19.65
C ALA D 98 23.81 10.48 -20.48
N ASN D 99 24.83 11.14 -19.94
CA ASN D 99 25.35 12.39 -20.50
C ASN D 99 26.71 12.28 -21.19
N ALA D 100 27.49 11.26 -20.83
CA ALA D 100 28.82 11.10 -21.42
C ALA D 100 28.76 11.17 -22.94
N GLY D 101 29.66 11.96 -23.53
CA GLY D 101 29.71 12.07 -24.98
C GLY D 101 31.02 12.65 -25.46
N VAL D 102 31.36 12.38 -26.71
CA VAL D 102 32.60 12.87 -27.30
C VAL D 102 32.39 13.26 -28.76
N SER D 103 33.41 13.86 -29.36
CA SER D 103 33.37 14.21 -30.77
C SER D 103 34.75 14.10 -31.41
N VAL D 104 34.77 14.12 -32.73
CA VAL D 104 35.99 14.15 -33.51
C VAL D 104 35.73 15.16 -34.62
N VAL D 105 36.57 16.19 -34.69
CA VAL D 105 36.45 17.25 -35.68
C VAL D 105 37.52 17.09 -36.74
N LYS D 106 37.10 16.65 -37.93
CA LYS D 106 37.98 16.47 -39.08
C LYS D 106 37.12 16.56 -40.31
N PRO D 107 37.70 17.00 -41.42
CA PRO D 107 36.97 17.00 -42.69
C PRO D 107 36.48 15.58 -42.91
N ALA D 108 35.24 15.42 -43.37
CA ALA D 108 34.64 14.10 -43.56
C ALA D 108 35.52 13.11 -44.32
N THR D 109 36.16 13.56 -45.39
CA THR D 109 37.00 12.66 -46.19
C THR D 109 38.16 12.04 -45.42
N GLU D 110 38.54 12.65 -44.31
CA GLU D 110 39.69 12.20 -43.53
C GLU D 110 39.35 11.34 -42.33
N LEU D 111 38.07 11.23 -42.00
CA LEU D 111 37.64 10.44 -40.84
C LEU D 111 38.00 8.97 -41.02
N THR D 112 38.42 8.32 -39.93
CA THR D 112 38.81 6.91 -40.01
C THR D 112 37.82 6.01 -39.29
N HIS D 113 38.03 4.70 -39.43
CA HIS D 113 37.16 3.74 -38.74
C HIS D 113 37.40 3.89 -37.24
N GLU D 114 38.62 4.24 -36.86
CA GLU D 114 38.93 4.44 -35.44
C GLU D 114 38.15 5.63 -34.88
N ASP D 115 38.03 6.69 -35.68
CA ASP D 115 37.27 7.87 -35.27
C ASP D 115 35.80 7.49 -35.12
N PHE D 116 35.32 6.63 -36.00
CA PHE D 116 33.92 6.19 -35.96
C PHE D 116 33.65 5.47 -34.65
N ALA D 117 34.50 4.50 -34.32
CA ALA D 117 34.35 3.76 -33.08
C ALA D 117 34.46 4.67 -31.87
N PHE D 118 35.43 5.58 -31.90
CA PHE D 118 35.66 6.51 -30.79
C PHE D 118 34.38 7.27 -30.46
N VAL D 119 33.71 7.77 -31.48
CA VAL D 119 32.50 8.54 -31.28
C VAL D 119 31.28 7.68 -30.98
N TYR D 120 31.03 6.66 -31.80
CA TYR D 120 29.85 5.83 -31.63
C TYR D 120 29.84 4.93 -30.40
N ASP D 121 31.00 4.44 -29.98
CA ASP D 121 31.04 3.57 -28.81
C ASP D 121 30.59 4.30 -27.56
N VAL D 122 30.79 5.62 -27.53
CA VAL D 122 30.38 6.39 -26.38
C VAL D 122 29.00 7.02 -26.56
N ASN D 123 28.83 7.73 -27.68
CA ASN D 123 27.62 8.50 -27.94
C ASN D 123 26.37 7.67 -28.22
N VAL D 124 26.57 6.43 -28.68
CA VAL D 124 25.43 5.57 -28.97
C VAL D 124 25.49 4.27 -28.17
N PHE D 125 26.52 3.46 -28.37
CA PHE D 125 26.60 2.25 -27.59
C PHE D 125 26.71 2.55 -26.09
N GLY D 126 27.48 3.57 -25.72
CA GLY D 126 27.63 3.93 -24.32
C GLY D 126 26.31 4.31 -23.71
N VAL D 127 25.49 5.02 -24.47
CA VAL D 127 24.17 5.41 -24.00
C VAL D 127 23.32 4.16 -23.84
N PHE D 128 23.27 3.34 -24.89
CA PHE D 128 22.52 2.09 -24.84
C PHE D 128 22.92 1.22 -23.64
N ASN D 129 24.22 1.01 -23.50
CA ASN D 129 24.78 0.16 -22.47
C ASN D 129 24.40 0.64 -21.06
N THR D 130 24.56 1.94 -20.82
CA THR D 130 24.23 2.54 -19.53
C THR D 130 22.74 2.37 -19.25
N CYS D 131 21.92 2.71 -20.23
CA CYS D 131 20.46 2.60 -20.10
C CYS D 131 20.03 1.17 -19.84
N ARG D 132 20.60 0.23 -20.60
CA ARG D 132 20.25 -1.18 -20.48
C ARG D 132 20.59 -1.76 -19.12
N ALA D 133 21.77 -1.43 -18.61
CA ALA D 133 22.18 -1.94 -17.31
C ALA D 133 21.19 -1.49 -16.24
N VAL D 134 20.86 -0.21 -16.24
CA VAL D 134 19.93 0.31 -15.25
C VAL D 134 18.53 -0.28 -15.44
N ALA D 135 18.08 -0.33 -16.68
CA ALA D 135 16.77 -0.88 -16.98
C ALA D 135 16.66 -2.33 -16.54
N LYS D 136 17.72 -3.10 -16.76
CA LYS D 136 17.69 -4.50 -16.35
C LYS D 136 17.54 -4.62 -14.83
N LEU D 137 18.21 -3.73 -14.10
CA LEU D 137 18.14 -3.75 -12.64
C LEU D 137 16.74 -3.39 -12.18
N TRP D 138 16.19 -2.33 -12.79
CA TRP D 138 14.84 -1.92 -12.45
C TRP D 138 13.84 -3.04 -12.77
N LEU D 139 14.02 -3.69 -13.91
CA LEU D 139 13.13 -4.78 -14.32
C LEU D 139 13.20 -5.94 -13.36
N GLN D 140 14.41 -6.31 -12.95
CA GLN D 140 14.61 -7.41 -12.03
C GLN D 140 13.97 -7.09 -10.68
N LYS D 141 14.17 -5.86 -10.22
CA LYS D 141 13.66 -5.43 -8.92
C LYS D 141 12.27 -4.77 -8.98
N GLN D 142 11.60 -4.93 -10.12
CA GLN D 142 10.27 -4.38 -10.33
C GLN D 142 10.15 -2.96 -9.79
N GLN D 143 11.07 -2.10 -10.23
CA GLN D 143 11.09 -0.71 -9.82
C GLN D 143 10.84 0.17 -11.03
N LYS D 144 10.19 1.30 -10.82
CA LYS D 144 9.95 2.25 -11.90
C LYS D 144 11.15 3.20 -11.98
N GLY D 145 11.30 3.86 -13.11
CA GLY D 145 12.41 4.79 -13.26
C GLY D 145 12.27 5.71 -14.44
N SER D 146 13.10 6.74 -14.46
CA SER D 146 13.12 7.71 -15.54
C SER D 146 14.55 7.89 -16.00
N ILE D 147 14.73 7.96 -17.31
CA ILE D 147 16.06 8.13 -17.88
C ILE D 147 16.08 9.34 -18.80
N VAL D 148 17.10 10.17 -18.62
CA VAL D 148 17.31 11.32 -19.48
C VAL D 148 18.64 11.15 -20.21
N VAL D 149 18.60 11.20 -21.53
CA VAL D 149 19.80 11.06 -22.32
C VAL D 149 20.20 12.40 -22.91
N THR D 150 21.44 12.83 -22.71
CA THR D 150 21.90 14.07 -23.32
C THR D 150 22.24 13.84 -24.79
N SER D 151 21.41 14.37 -25.68
CA SER D 151 21.68 14.27 -27.11
C SER D 151 22.31 15.59 -27.54
N SER D 152 21.68 16.30 -28.47
CA SER D 152 22.18 17.60 -28.94
C SER D 152 21.26 18.09 -30.04
N MET D 153 21.22 19.40 -30.26
CA MET D 153 20.46 19.94 -31.39
C MET D 153 21.09 19.43 -32.68
N SER D 154 22.32 18.92 -32.55
CA SER D 154 23.05 18.39 -33.70
C SER D 154 22.37 17.16 -34.25
N SER D 155 21.38 16.65 -33.53
CA SER D 155 20.61 15.51 -34.02
C SER D 155 19.78 15.92 -35.22
N GLN D 156 19.50 17.21 -35.32
CA GLN D 156 18.63 17.76 -36.37
C GLN D 156 19.39 18.53 -37.45
N ILE D 157 20.45 19.22 -37.05
CA ILE D 157 21.18 20.10 -37.96
C ILE D 157 22.68 19.86 -37.91
N ILE D 158 23.36 20.38 -38.93
CA ILE D 158 24.81 20.37 -38.98
C ILE D 158 25.31 21.73 -38.51
N ASN D 159 26.25 21.72 -37.58
CA ASN D 159 26.79 22.97 -37.05
C ASN D 159 27.71 23.67 -38.03
N GLN D 160 27.84 24.99 -37.88
CA GLN D 160 28.75 25.77 -38.74
C GLN D 160 29.98 26.24 -37.99
N SER D 161 31.08 26.42 -38.71
CA SER D 161 32.31 26.95 -38.12
C SER D 161 32.57 28.34 -38.70
N SER D 162 31.89 28.66 -39.79
CA SER D 162 32.00 29.94 -40.47
C SER D 162 30.77 30.07 -41.35
N LEU D 163 30.56 31.26 -41.92
CA LEU D 163 29.39 31.47 -42.78
C LEU D 163 29.29 30.40 -43.86
N ASN D 164 28.14 29.72 -43.90
CA ASN D 164 27.89 28.66 -44.88
C ASN D 164 28.95 27.56 -44.87
N GLY D 165 29.70 27.45 -43.77
CA GLY D 165 30.77 26.48 -43.66
C GLY D 165 30.57 25.56 -42.47
N SER D 166 30.61 24.27 -42.71
CA SER D 166 30.37 23.30 -41.67
C SER D 166 31.46 23.19 -40.60
N LEU D 167 31.03 22.95 -39.38
CA LEU D 167 31.93 22.54 -38.32
C LEU D 167 32.03 21.04 -38.59
N THR D 168 33.13 20.62 -39.23
CA THR D 168 33.27 19.26 -39.71
C THR D 168 33.41 18.18 -38.64
N GLN D 169 32.31 17.47 -38.37
CA GLN D 169 32.30 16.41 -37.38
C GLN D 169 31.12 15.49 -37.67
N VAL D 170 31.03 14.99 -38.89
CA VAL D 170 29.84 14.22 -39.26
C VAL D 170 29.48 13.03 -38.36
N PHE D 171 30.46 12.41 -37.72
CA PHE D 171 30.16 11.29 -36.83
C PHE D 171 29.48 11.80 -35.56
N TYR D 172 29.81 13.02 -35.16
CA TYR D 172 29.19 13.60 -33.98
C TYR D 172 27.70 13.85 -34.24
N ASN D 173 27.39 14.63 -35.26
CA ASN D 173 25.98 14.93 -35.53
C ASN D 173 25.18 13.66 -35.79
N SER D 174 25.72 12.75 -36.59
CA SER D 174 24.98 11.52 -36.89
C SER D 174 24.81 10.63 -35.65
N SER D 175 25.79 10.62 -34.75
CA SER D 175 25.65 9.84 -33.54
C SER D 175 24.56 10.41 -32.63
N LYS D 176 24.36 11.72 -32.67
CA LYS D 176 23.32 12.32 -31.85
C LYS D 176 21.93 12.03 -32.43
N ALA D 177 21.82 11.99 -33.76
CA ALA D 177 20.57 11.61 -34.39
C ALA D 177 20.25 10.18 -33.97
N ALA D 178 21.27 9.33 -33.97
CA ALA D 178 21.08 7.95 -33.57
C ALA D 178 20.61 7.89 -32.13
N CYS D 179 21.24 8.69 -31.29
CA CYS D 179 20.92 8.71 -29.88
C CYS D 179 19.46 9.08 -29.61
N SER D 180 18.97 10.11 -30.29
CA SER D 180 17.60 10.56 -30.11
C SER D 180 16.59 9.52 -30.59
N ASN D 181 16.96 8.78 -31.63
CA ASN D 181 16.10 7.72 -32.12
C ASN D 181 16.13 6.55 -31.14
N LEU D 182 17.33 6.24 -30.64
CA LEU D 182 17.50 5.16 -29.68
C LEU D 182 16.58 5.38 -28.48
N VAL D 183 16.47 6.64 -28.06
CA VAL D 183 15.59 6.97 -26.96
C VAL D 183 14.15 6.52 -27.24
N LYS D 184 13.69 6.66 -28.47
CA LYS D 184 12.35 6.23 -28.83
C LYS D 184 12.22 4.71 -28.77
N GLY D 185 13.23 4.03 -29.30
CA GLY D 185 13.25 2.58 -29.31
C GLY D 185 13.19 1.97 -27.92
N LEU D 186 14.02 2.49 -27.01
CA LEU D 186 14.02 2.00 -25.64
C LEU D 186 12.71 2.35 -24.93
N ALA D 187 12.24 3.58 -25.16
CA ALA D 187 10.99 4.02 -24.55
C ALA D 187 9.81 3.12 -24.94
N ALA D 188 9.84 2.63 -26.18
CA ALA D 188 8.77 1.78 -26.71
C ALA D 188 8.75 0.41 -26.03
N GLU D 189 9.92 -0.14 -25.72
CA GLU D 189 9.97 -1.47 -25.11
C GLU D 189 9.78 -1.44 -23.60
N TRP D 190 10.17 -0.34 -22.97
CA TRP D 190 10.12 -0.28 -21.51
C TRP D 190 8.90 0.45 -20.93
N ALA D 191 8.08 1.01 -21.82
CA ALA D 191 6.88 1.75 -21.41
C ALA D 191 5.99 0.96 -20.46
N SER D 192 5.69 -0.29 -20.81
CA SER D 192 4.81 -1.12 -19.99
C SER D 192 5.40 -1.46 -18.62
N ALA D 193 6.73 -1.29 -18.49
CA ALA D 193 7.42 -1.56 -17.24
C ALA D 193 7.57 -0.32 -16.38
N GLY D 194 6.83 0.73 -16.73
CA GLY D 194 6.89 1.97 -15.97
C GLY D 194 8.24 2.68 -16.05
N ILE D 195 8.98 2.44 -17.11
CA ILE D 195 10.27 3.08 -17.30
C ILE D 195 10.18 4.09 -18.45
N ARG D 196 10.48 5.34 -18.15
CA ARG D 196 10.43 6.42 -19.13
C ARG D 196 11.81 6.80 -19.63
N VAL D 197 11.91 7.09 -20.93
CA VAL D 197 13.18 7.48 -21.53
C VAL D 197 13.00 8.69 -22.44
N ASN D 198 13.77 9.75 -22.19
CA ASN D 198 13.66 10.97 -22.99
C ASN D 198 15.02 11.58 -23.30
N ALA D 199 15.11 12.35 -24.39
CA ALA D 199 16.35 13.01 -24.76
C ALA D 199 16.30 14.51 -24.46
N LEU D 200 17.41 15.04 -23.95
CA LEU D 200 17.56 16.47 -23.69
C LEU D 200 18.64 16.90 -24.68
N SER D 201 18.30 17.83 -25.56
CA SER D 201 19.22 18.24 -26.62
C SER D 201 19.64 19.69 -26.56
N PRO D 202 20.81 19.95 -25.99
CA PRO D 202 21.37 21.31 -25.88
C PRO D 202 21.86 21.92 -27.20
N GLY D 203 21.84 23.25 -27.24
CA GLY D 203 22.42 23.97 -28.36
C GLY D 203 23.85 24.26 -27.95
N TYR D 204 24.40 25.38 -28.39
CA TYR D 204 25.77 25.74 -28.02
C TYR D 204 25.87 26.06 -26.52
N VAL D 205 26.78 25.40 -25.82
CA VAL D 205 26.95 25.65 -24.39
C VAL D 205 28.39 26.08 -24.10
N ASN D 206 28.53 27.03 -23.17
CA ASN D 206 29.83 27.51 -22.74
C ASN D 206 30.43 26.57 -21.70
N THR D 207 31.60 25.99 -22.01
CA THR D 207 32.32 25.13 -21.07
C THR D 207 33.77 25.58 -21.01
N ASP D 208 34.59 24.86 -20.27
CA ASP D 208 36.01 25.23 -20.14
C ASP D 208 36.73 25.19 -21.49
N GLN D 209 36.26 24.33 -22.39
CA GLN D 209 36.87 24.19 -23.71
C GLN D 209 36.63 25.40 -24.60
N THR D 210 35.47 26.03 -24.42
CA THR D 210 35.08 27.20 -25.20
C THR D 210 36.13 28.31 -25.16
N ALA D 211 36.58 28.64 -23.96
CA ALA D 211 37.56 29.70 -23.78
C ALA D 211 38.87 29.44 -24.54
N HIS D 212 39.08 28.21 -24.97
CA HIS D 212 40.28 27.82 -25.67
C HIS D 212 40.05 27.46 -27.15
N MET D 213 38.86 27.73 -27.66
CA MET D 213 38.55 27.41 -29.06
C MET D 213 38.91 28.56 -29.98
N ASP D 214 38.81 28.33 -31.28
CA ASP D 214 39.07 29.37 -32.25
C ASP D 214 38.04 30.47 -32.05
N LYS D 215 38.50 31.60 -31.52
CA LYS D 215 37.60 32.73 -31.26
C LYS D 215 36.68 33.00 -32.45
N LYS D 216 37.27 33.07 -33.65
CA LYS D 216 36.52 33.32 -34.88
C LYS D 216 35.35 32.35 -35.05
N ILE D 217 35.60 31.07 -34.80
CA ILE D 217 34.56 30.06 -34.91
C ILE D 217 33.50 30.26 -33.83
N ARG D 218 33.97 30.52 -32.61
CA ARG D 218 33.07 30.75 -31.48
C ARG D 218 32.21 31.98 -31.71
N ASP D 219 32.82 33.06 -32.18
CA ASP D 219 32.10 34.31 -32.43
C ASP D 219 31.08 34.09 -33.55
N HIS D 220 31.48 33.36 -34.59
CA HIS D 220 30.56 33.09 -35.69
C HIS D 220 29.34 32.32 -35.24
N GLN D 221 29.56 31.29 -34.44
CA GLN D 221 28.46 30.47 -33.96
C GLN D 221 27.50 31.30 -33.11
N ALA D 222 28.05 32.19 -32.29
CA ALA D 222 27.18 33.02 -31.47
C ALA D 222 26.43 34.07 -32.29
N SER D 223 27.02 34.49 -33.41
CA SER D 223 26.44 35.56 -34.23
C SER D 223 25.13 35.19 -34.92
N ASN D 224 24.76 33.92 -34.89
CA ASN D 224 23.52 33.48 -35.55
C ASN D 224 22.54 32.74 -34.61
N ILE D 225 22.72 32.92 -33.31
CA ILE D 225 21.79 32.36 -32.34
C ILE D 225 20.85 33.50 -31.94
N PRO D 226 19.54 33.29 -32.01
CA PRO D 226 18.59 34.35 -31.66
C PRO D 226 18.86 35.01 -30.31
N LEU D 227 19.21 34.20 -29.31
CA LEU D 227 19.49 34.75 -27.97
C LEU D 227 20.87 35.41 -27.90
N ASN D 228 21.61 35.35 -29.01
CA ASN D 228 22.90 36.04 -29.14
C ASN D 228 24.05 35.61 -28.23
N ARG D 229 24.03 34.37 -27.76
CA ARG D 229 25.08 33.88 -26.87
C ARG D 229 24.99 32.38 -26.66
N PHE D 230 26.11 31.77 -26.30
CA PHE D 230 26.12 30.36 -25.95
C PHE D 230 25.41 30.28 -24.61
N ALA D 231 24.95 29.09 -24.27
CA ALA D 231 24.28 28.87 -22.99
C ALA D 231 25.28 28.59 -21.90
N GLN D 232 24.86 28.80 -20.66
CA GLN D 232 25.67 28.41 -19.51
C GLN D 232 25.17 27.01 -19.20
N PRO D 233 26.03 26.12 -18.73
CA PRO D 233 25.61 24.74 -18.48
C PRO D 233 24.38 24.65 -17.55
N GLU D 234 24.23 25.58 -16.62
CA GLU D 234 23.09 25.57 -15.69
C GLU D 234 21.74 25.67 -16.41
N GLU D 235 21.74 26.21 -17.62
CA GLU D 235 20.49 26.39 -18.36
C GLU D 235 19.90 25.10 -18.91
N MET D 236 20.63 24.00 -18.75
CA MET D 236 20.16 22.70 -19.23
C MET D 236 19.49 21.87 -18.13
N THR D 237 19.73 22.27 -16.88
CA THR D 237 19.24 21.48 -15.75
C THR D 237 17.74 21.44 -15.47
N GLY D 238 17.05 22.55 -15.66
CA GLY D 238 15.63 22.57 -15.35
C GLY D 238 14.84 21.48 -16.07
N GLN D 239 15.04 21.36 -17.37
CA GLN D 239 14.33 20.35 -18.15
C GLN D 239 14.68 18.94 -17.67
N ALA D 240 15.94 18.73 -17.31
CA ALA D 240 16.37 17.43 -16.85
C ALA D 240 15.61 17.06 -15.58
N ILE D 241 15.57 17.99 -14.64
CA ILE D 241 14.87 17.75 -13.38
C ILE D 241 13.39 17.42 -13.62
N LEU D 242 12.74 18.15 -14.51
CA LEU D 242 11.34 17.89 -14.79
C LEU D 242 11.15 16.47 -15.37
N LEU D 243 12.00 16.11 -16.33
CA LEU D 243 11.92 14.80 -16.96
C LEU D 243 12.11 13.66 -15.95
N LEU D 244 13.00 13.88 -14.98
CA LEU D 244 13.23 12.87 -13.96
C LEU D 244 12.09 12.80 -12.94
N SER D 245 11.42 13.94 -12.73
CA SER D 245 10.34 14.05 -11.75
C SER D 245 9.05 13.32 -12.10
N ASP D 246 8.19 13.14 -11.10
CA ASP D 246 6.91 12.44 -11.29
C ASP D 246 5.87 13.27 -12.04
N HIS D 247 6.19 14.53 -12.30
CA HIS D 247 5.28 15.37 -13.05
C HIS D 247 5.28 14.98 -14.52
N ALA D 248 6.42 14.47 -14.97
CA ALA D 248 6.61 14.08 -16.36
C ALA D 248 6.08 12.67 -16.67
N THR D 249 5.07 12.22 -15.94
CA THR D 249 4.52 10.88 -16.12
C THR D 249 3.96 10.56 -17.50
N TYR D 250 3.67 11.58 -18.31
CA TYR D 250 3.12 11.32 -19.63
C TYR D 250 4.12 11.69 -20.71
N MET D 251 5.38 11.83 -20.30
CA MET D 251 6.45 12.20 -21.21
C MET D 251 7.46 11.07 -21.40
N THR D 252 7.47 10.48 -22.58
CA THR D 252 8.41 9.40 -22.86
C THR D 252 8.65 9.27 -24.36
N GLY D 253 9.91 9.00 -24.72
CA GLY D 253 10.28 8.87 -26.12
C GLY D 253 10.48 10.20 -26.80
N GLY D 254 10.25 11.28 -26.06
CA GLY D 254 10.38 12.60 -26.64
C GLY D 254 11.79 13.16 -26.64
N GLU D 255 11.99 14.21 -27.42
CA GLU D 255 13.25 14.93 -27.49
C GLU D 255 12.99 16.39 -27.13
N TYR D 256 13.70 16.90 -26.12
CA TYR D 256 13.47 18.25 -25.63
C TYR D 256 14.67 19.17 -25.87
N PHE D 257 14.49 20.13 -26.77
CA PHE D 257 15.58 21.02 -27.17
C PHE D 257 15.76 22.24 -26.28
N ILE D 258 17.03 22.60 -26.07
CA ILE D 258 17.42 23.80 -25.32
C ILE D 258 18.47 24.46 -26.17
N ASP D 259 18.01 25.00 -27.28
CA ASP D 259 18.87 25.49 -28.35
C ASP D 259 18.96 27.00 -28.42
N GLY D 260 18.25 27.70 -27.54
CA GLY D 260 18.25 29.15 -27.55
C GLY D 260 17.73 29.74 -28.84
N GLY D 261 16.89 28.97 -29.54
CA GLY D 261 16.31 29.39 -30.81
C GLY D 261 17.11 29.10 -32.07
N GLN D 262 18.20 28.36 -31.95
CA GLN D 262 19.01 28.09 -33.15
C GLN D 262 18.23 27.34 -34.21
N LEU D 263 17.35 26.44 -33.77
CA LEU D 263 16.55 25.64 -34.69
C LEU D 263 15.45 26.43 -35.36
N ILE D 264 15.37 27.72 -35.04
CA ILE D 264 14.37 28.58 -35.64
C ILE D 264 14.77 28.84 -37.08
N TRP D 265 16.05 29.08 -37.28
CA TRP D 265 16.60 29.39 -38.59
C TRP D 265 16.73 28.12 -39.45
N PRO E 6 -29.73 9.03 54.15
CA PRO E 6 -29.20 9.48 52.83
C PRO E 6 -30.23 9.30 51.72
N GLY E 7 -29.95 9.84 50.54
CA GLY E 7 -30.87 9.74 49.44
C GLY E 7 -30.76 10.91 48.48
N PHE E 8 -31.20 10.68 47.26
CA PHE E 8 -31.22 11.69 46.22
C PHE E 8 -32.60 12.33 46.30
N THR E 9 -32.66 13.65 46.51
CA THR E 9 -33.95 14.32 46.68
C THR E 9 -34.17 15.54 45.79
N ILE E 10 -35.38 15.67 45.28
CA ILE E 10 -35.77 16.83 44.49
C ILE E 10 -37.03 17.37 45.15
N SER E 11 -36.95 18.59 45.67
CA SER E 11 -38.07 19.21 46.36
C SER E 11 -38.54 20.43 45.60
N PHE E 12 -39.85 20.50 45.39
CA PHE E 12 -40.47 21.65 44.75
C PHE E 12 -41.28 22.48 45.75
N VAL E 13 -41.04 22.29 47.04
CA VAL E 13 -41.73 23.07 48.06
C VAL E 13 -41.57 24.56 47.77
N ASN E 14 -42.67 25.30 47.82
CA ASN E 14 -42.66 26.74 47.53
C ASN E 14 -42.27 27.09 46.11
N LYS E 15 -42.45 26.13 45.20
CA LYS E 15 -42.21 26.35 43.77
C LYS E 15 -43.52 26.07 43.05
N THR E 16 -43.71 26.72 41.91
CA THR E 16 -44.93 26.54 41.13
C THR E 16 -44.67 25.93 39.76
N ILE E 17 -45.43 24.87 39.44
CA ILE E 17 -45.34 24.23 38.14
C ILE E 17 -46.68 24.35 37.44
N ILE E 18 -46.66 24.72 36.16
CA ILE E 18 -47.86 24.76 35.34
C ILE E 18 -47.91 23.49 34.53
N VAL E 19 -49.08 22.85 34.47
CA VAL E 19 -49.23 21.66 33.64
C VAL E 19 -50.43 21.85 32.73
N THR E 20 -50.20 21.93 31.43
CA THR E 20 -51.34 22.03 30.51
C THR E 20 -51.90 20.64 30.26
N GLY E 21 -53.23 20.55 30.19
CA GLY E 21 -53.83 19.22 30.11
C GLY E 21 -53.52 18.47 31.39
N GLY E 22 -53.44 19.17 32.51
CA GLY E 22 -53.03 18.52 33.73
C GLY E 22 -54.12 17.93 34.59
N ASN E 23 -55.33 17.86 34.05
CA ASN E 23 -56.51 17.41 34.83
C ASN E 23 -56.88 15.95 34.62
N ARG E 24 -56.30 15.33 33.61
CA ARG E 24 -56.57 13.92 33.34
C ARG E 24 -55.46 13.32 32.50
N GLY E 25 -55.55 12.01 32.30
CA GLY E 25 -54.55 11.30 31.53
C GLY E 25 -53.14 11.47 32.07
N ILE E 26 -52.17 11.49 31.16
CA ILE E 26 -50.78 11.64 31.56
C ILE E 26 -50.56 12.95 32.30
N GLY E 27 -51.28 14.00 31.87
CA GLY E 27 -51.14 15.30 32.51
C GLY E 27 -51.45 15.23 33.99
N LEU E 28 -52.49 14.49 34.36
CA LEU E 28 -52.82 14.34 35.78
C LEU E 28 -51.70 13.62 36.54
N ALA E 29 -51.04 12.66 35.90
CA ALA E 29 -49.95 11.97 36.56
C ALA E 29 -48.82 12.97 36.86
N PHE E 30 -48.57 13.88 35.92
CA PHE E 30 -47.53 14.89 36.11
C PHE E 30 -47.92 15.80 37.28
N THR E 31 -49.17 16.24 37.26
CA THR E 31 -49.69 17.10 38.33
C THR E 31 -49.52 16.46 39.68
N ARG E 32 -49.93 15.21 39.81
CA ARG E 32 -49.84 14.52 41.10
C ARG E 32 -48.40 14.31 41.51
N ALA E 33 -47.54 14.02 40.53
CA ALA E 33 -46.14 13.76 40.85
C ALA E 33 -45.43 15.02 41.36
N VAL E 34 -45.63 16.14 40.67
CA VAL E 34 -44.98 17.36 41.11
C VAL E 34 -45.57 17.85 42.45
N ALA E 35 -46.86 17.62 42.65
CA ALA E 35 -47.51 17.98 43.90
C ALA E 35 -46.93 17.16 45.04
N ALA E 36 -46.74 15.86 44.81
CA ALA E 36 -46.16 14.99 45.84
C ALA E 36 -44.74 15.43 46.19
N ALA E 37 -44.06 16.03 45.23
CA ALA E 37 -42.69 16.50 45.44
C ALA E 37 -42.70 17.87 46.11
N GLY E 38 -43.88 18.41 46.37
CA GLY E 38 -44.04 19.67 47.08
C GLY E 38 -44.45 20.89 46.28
N ALA E 39 -44.64 20.74 44.98
CA ALA E 39 -44.96 21.89 44.14
C ALA E 39 -46.40 22.34 44.24
N ASN E 40 -46.58 23.66 44.18
CA ASN E 40 -47.91 24.23 44.00
C ASN E 40 -48.15 24.03 42.51
N VAL E 41 -49.39 23.74 42.12
CA VAL E 41 -49.66 23.46 40.72
C VAL E 41 -50.80 24.24 40.10
N ALA E 42 -50.52 24.83 38.95
CA ALA E 42 -51.54 25.50 38.14
C ALA E 42 -51.88 24.54 37.01
N VAL E 43 -53.14 24.13 36.95
CA VAL E 43 -53.60 23.17 35.96
C VAL E 43 -54.40 23.86 34.88
N ILE E 44 -53.92 23.78 33.66
CA ILE E 44 -54.63 24.36 32.52
C ILE E 44 -55.41 23.24 31.83
N TYR E 45 -56.69 23.51 31.54
CA TYR E 45 -57.54 22.54 30.88
C TYR E 45 -58.38 23.25 29.84
N ARG E 46 -59.06 22.47 29.00
CA ARG E 46 -59.86 23.06 27.92
C ARG E 46 -61.36 23.11 28.21
N SER E 47 -61.92 21.95 28.58
CA SER E 47 -63.37 21.89 28.74
C SER E 47 -63.87 20.73 29.59
N ALA E 48 -62.98 19.95 30.19
CA ALA E 48 -63.45 18.86 31.04
C ALA E 48 -64.38 19.40 32.11
N ALA E 49 -65.51 18.73 32.30
CA ALA E 49 -66.52 19.21 33.26
C ALA E 49 -66.05 19.14 34.71
N ASP E 50 -65.17 18.20 35.02
CA ASP E 50 -64.70 18.04 36.40
C ASP E 50 -63.27 18.51 36.67
N ALA E 51 -62.69 19.25 35.75
CA ALA E 51 -61.31 19.69 35.92
C ALA E 51 -61.06 20.48 37.21
N VAL E 52 -61.99 21.33 37.59
CA VAL E 52 -61.81 22.14 38.78
C VAL E 52 -61.80 21.26 40.04
N GLU E 53 -62.77 20.35 40.13
CA GLU E 53 -62.88 19.41 41.24
C GLU E 53 -61.63 18.55 41.39
N VAL E 54 -61.17 18.02 40.26
CA VAL E 54 -59.99 17.16 40.26
C VAL E 54 -58.77 17.92 40.78
N THR E 55 -58.61 19.15 40.30
CA THR E 55 -57.45 19.97 40.69
C THR E 55 -57.47 20.30 42.17
N GLU E 56 -58.64 20.67 42.67
CA GLU E 56 -58.79 20.99 44.08
C GLU E 56 -58.40 19.79 44.95
N LYS E 57 -58.87 18.61 44.55
CA LYS E 57 -58.60 17.40 45.32
C LYS E 57 -57.10 17.09 45.40
N VAL E 58 -56.37 17.34 44.31
CA VAL E 58 -54.92 17.13 44.30
C VAL E 58 -54.27 18.02 45.35
N GLY E 59 -54.70 19.27 45.40
CA GLY E 59 -54.17 20.19 46.40
C GLY E 59 -54.42 19.70 47.80
N LYS E 60 -55.64 19.24 48.07
CA LYS E 60 -55.98 18.72 49.39
C LYS E 60 -55.17 17.46 49.71
N GLU E 61 -55.09 16.56 48.75
CA GLU E 61 -54.40 15.30 48.97
C GLU E 61 -52.93 15.51 49.34
N PHE E 62 -52.26 16.39 48.61
CA PHE E 62 -50.83 16.59 48.83
C PHE E 62 -50.47 17.80 49.68
N GLY E 63 -51.47 18.54 50.13
CA GLY E 63 -51.22 19.70 50.98
C GLY E 63 -50.43 20.80 50.30
N VAL E 64 -50.76 21.07 49.05
CA VAL E 64 -50.11 22.12 48.28
C VAL E 64 -51.17 23.02 47.68
N LYS E 65 -50.78 24.19 47.22
CA LYS E 65 -51.72 25.11 46.58
C LYS E 65 -51.94 24.69 45.13
N THR E 66 -53.19 24.62 44.70
CA THR E 66 -53.51 24.34 43.30
C THR E 66 -54.66 25.22 42.84
N LYS E 67 -54.69 25.47 41.54
CA LYS E 67 -55.79 26.20 40.95
C LYS E 67 -55.89 25.75 39.50
N ALA E 68 -57.13 25.66 39.01
CA ALA E 68 -57.42 25.25 37.65
C ALA E 68 -57.76 26.49 36.82
N TYR E 69 -57.30 26.48 35.57
CA TYR E 69 -57.52 27.59 34.65
C TYR E 69 -58.03 27.08 33.32
N GLN E 70 -59.24 27.48 32.95
CA GLN E 70 -59.78 27.10 31.66
C GLN E 70 -59.06 27.96 30.63
N CYS E 71 -58.32 27.32 29.75
CA CYS E 71 -57.46 28.03 28.82
C CYS E 71 -57.15 27.22 27.58
N ASP E 72 -57.75 27.60 26.45
CA ASP E 72 -57.46 26.99 25.16
C ASP E 72 -56.06 27.39 24.75
N VAL E 73 -55.13 26.45 24.80
CA VAL E 73 -53.73 26.74 24.51
C VAL E 73 -53.48 27.20 23.09
N SER E 74 -54.48 27.02 22.22
CA SER E 74 -54.31 27.46 20.82
C SER E 74 -54.62 28.94 20.64
N ASN E 75 -55.09 29.59 21.70
CA ASN E 75 -55.43 31.01 21.63
C ASN E 75 -54.35 31.87 22.30
N THR E 76 -53.72 32.74 21.51
CA THR E 76 -52.63 33.59 21.99
C THR E 76 -52.97 34.42 23.22
N ASP E 77 -54.00 35.27 23.11
CA ASP E 77 -54.33 36.15 24.21
C ASP E 77 -54.87 35.45 25.45
N ILE E 78 -55.63 34.38 25.27
CA ILE E 78 -56.14 33.64 26.44
C ILE E 78 -54.95 33.04 27.19
N VAL E 79 -53.97 32.54 26.45
CA VAL E 79 -52.78 32.00 27.09
C VAL E 79 -51.97 33.10 27.79
N THR E 80 -51.78 34.23 27.12
CA THR E 80 -51.04 35.32 27.76
C THR E 80 -51.71 35.76 29.06
N LYS E 81 -53.03 35.89 29.00
CA LYS E 81 -53.76 36.34 30.19
C LYS E 81 -53.75 35.27 31.29
N THR E 82 -53.81 34.00 30.89
CA THR E 82 -53.81 32.93 31.88
C THR E 82 -52.45 32.85 32.57
N ILE E 83 -51.36 32.96 31.81
CA ILE E 83 -50.04 32.92 32.42
C ILE E 83 -49.89 34.08 33.38
N GLN E 84 -50.42 35.24 33.00
CA GLN E 84 -50.35 36.42 33.86
C GLN E 84 -51.12 36.17 35.16
N GLN E 85 -52.27 35.52 35.05
CA GLN E 85 -53.09 35.22 36.22
C GLN E 85 -52.42 34.18 37.12
N ILE E 86 -51.79 33.18 36.51
CA ILE E 86 -51.07 32.18 37.28
C ILE E 86 -49.92 32.83 38.04
N ASP E 87 -49.21 33.74 37.39
CA ASP E 87 -48.10 34.42 38.04
C ASP E 87 -48.62 35.25 39.22
N ALA E 88 -49.79 35.87 39.02
CA ALA E 88 -50.40 36.66 40.07
C ALA E 88 -50.87 35.81 41.25
N ASP E 89 -51.45 34.65 40.94
CA ASP E 89 -52.00 33.76 41.98
C ASP E 89 -50.94 32.89 42.65
N LEU E 90 -50.01 32.39 41.87
CA LEU E 90 -49.05 31.40 42.37
C LEU E 90 -47.59 31.65 42.01
N GLY E 91 -47.28 32.80 41.41
CA GLY E 91 -45.91 33.09 41.00
C GLY E 91 -44.97 33.26 42.18
N PRO E 92 -43.66 33.19 41.94
CA PRO E 92 -43.08 32.95 40.60
C PRO E 92 -43.30 31.55 40.05
N ILE E 93 -43.38 31.47 38.73
CA ILE E 93 -43.51 30.18 38.04
C ILE E 93 -42.11 29.61 37.90
N SER E 94 -41.95 28.34 38.31
CA SER E 94 -40.63 27.70 38.29
C SER E 94 -40.45 26.74 37.10
N GLY E 95 -41.57 26.20 36.64
CA GLY E 95 -41.51 25.24 35.56
C GLY E 95 -42.81 25.09 34.84
N LEU E 96 -42.75 24.55 33.63
CA LEU E 96 -43.92 24.34 32.79
C LEU E 96 -43.83 22.97 32.14
N ILE E 97 -44.93 22.22 32.20
CA ILE E 97 -45.05 20.98 31.45
C ILE E 97 -46.12 21.24 30.40
N ALA E 98 -45.69 21.47 29.16
CA ALA E 98 -46.60 21.73 28.05
C ALA E 98 -47.03 20.35 27.54
N ASN E 99 -48.11 19.84 28.09
CA ASN E 99 -48.54 18.48 27.85
C ASN E 99 -49.82 18.30 26.99
N ALA E 100 -50.68 19.31 26.97
CA ALA E 100 -51.92 19.20 26.20
C ALA E 100 -51.66 18.76 24.76
N GLY E 101 -52.48 17.84 24.26
CA GLY E 101 -52.33 17.35 22.88
C GLY E 101 -53.55 16.57 22.47
N VAL E 102 -53.72 16.41 21.14
CA VAL E 102 -54.86 15.72 20.55
C VAL E 102 -54.44 14.93 19.32
N SER E 103 -55.36 14.14 18.78
CA SER E 103 -55.09 13.43 17.54
C SER E 103 -56.36 13.32 16.71
N VAL E 104 -56.20 12.99 15.45
CA VAL E 104 -57.32 12.72 14.55
C VAL E 104 -56.93 11.45 13.82
N VAL E 105 -57.76 10.42 13.94
CA VAL E 105 -57.50 9.12 13.31
C VAL E 105 -58.38 8.91 12.09
N LYS E 106 -57.79 9.00 10.89
CA LYS E 106 -58.49 8.79 9.63
C LYS E 106 -57.46 8.39 8.59
N PRO E 107 -57.85 7.65 7.56
CA PRO E 107 -56.91 7.36 6.48
C PRO E 107 -56.39 8.70 5.96
N ALA E 108 -55.11 8.76 5.64
CA ALA E 108 -54.50 10.02 5.22
C ALA E 108 -55.26 10.71 4.09
N THR E 109 -55.72 9.94 3.12
CA THR E 109 -56.44 10.54 1.99
C THR E 109 -57.68 11.31 2.40
N GLU E 110 -58.25 10.97 3.55
CA GLU E 110 -59.51 11.58 3.98
C GLU E 110 -59.35 12.76 4.95
N LEU E 111 -58.12 13.04 5.39
CA LEU E 111 -57.91 14.13 6.33
C LEU E 111 -58.23 15.48 5.69
N THR E 112 -58.78 16.40 6.48
CA THR E 112 -59.16 17.73 5.97
C THR E 112 -58.28 18.82 6.54
N HIS E 113 -58.45 20.02 6.00
CA HIS E 113 -57.71 21.18 6.49
C HIS E 113 -58.14 21.45 7.92
N GLU E 114 -59.41 21.21 8.21
CA GLU E 114 -59.91 21.38 9.57
C GLU E 114 -59.23 20.40 10.53
N ASP E 115 -59.03 19.16 10.08
CA ASP E 115 -58.33 18.16 10.89
C ASP E 115 -56.90 18.58 11.15
N PHE E 116 -56.27 19.15 10.11
CA PHE E 116 -54.90 19.63 10.23
C PHE E 116 -54.79 20.72 11.30
N ALA E 117 -55.70 21.69 11.24
CA ALA E 117 -55.73 22.78 12.20
C ALA E 117 -56.01 22.27 13.61
N PHE E 118 -56.96 21.33 13.72
CA PHE E 118 -57.33 20.75 15.01
C PHE E 118 -56.12 20.18 15.73
N VAL E 119 -55.32 19.40 15.00
CA VAL E 119 -54.16 18.79 15.60
C VAL E 119 -53.00 19.75 15.79
N TYR E 120 -52.66 20.50 14.74
CA TYR E 120 -51.49 21.39 14.80
C TYR E 120 -51.64 22.60 15.71
N ASP E 121 -52.86 23.13 15.81
CA ASP E 121 -53.05 24.30 16.68
C ASP E 121 -52.80 23.95 18.14
N VAL E 122 -53.02 22.71 18.53
CA VAL E 122 -52.77 22.28 19.90
C VAL E 122 -51.39 21.66 20.10
N ASN E 123 -51.04 20.71 19.25
CA ASN E 123 -49.80 19.97 19.39
C ASN E 123 -48.53 20.74 19.08
N VAL E 124 -48.65 21.76 18.22
CA VAL E 124 -47.47 22.55 17.87
C VAL E 124 -47.65 24.01 18.26
N PHE E 125 -48.65 24.67 17.69
CA PHE E 125 -48.84 26.07 18.08
C PHE E 125 -49.14 26.19 19.58
N GLY E 126 -49.99 25.32 20.09
CA GLY E 126 -50.36 25.38 21.50
C GLY E 126 -49.15 25.24 22.39
N VAL E 127 -48.26 24.32 22.02
CA VAL E 127 -47.02 24.14 22.75
C VAL E 127 -46.19 25.41 22.68
N PHE E 128 -45.98 25.91 21.47
CA PHE E 128 -45.21 27.13 21.27
C PHE E 128 -45.79 28.28 22.10
N ASN E 129 -47.10 28.44 22.00
CA ASN E 129 -47.82 29.55 22.62
C ASN E 129 -47.65 29.52 24.14
N THR E 130 -47.85 28.35 24.73
CA THR E 130 -47.68 28.20 26.18
C THR E 130 -46.23 28.46 26.59
N CYS E 131 -45.28 27.90 25.85
CA CYS E 131 -43.87 28.10 26.16
C CYS E 131 -43.50 29.57 26.05
N ARG E 132 -43.96 30.20 24.97
CA ARG E 132 -43.64 31.62 24.72
C ARG E 132 -44.18 32.54 25.80
N ALA E 133 -45.40 32.29 26.25
CA ALA E 133 -46.00 33.16 27.27
C ALA E 133 -45.21 33.08 28.57
N VAL E 134 -44.83 31.87 28.95
CA VAL E 134 -44.06 31.68 30.19
C VAL E 134 -42.65 32.26 30.02
N ALA E 135 -42.00 31.96 28.90
CA ALA E 135 -40.65 32.46 28.66
C ALA E 135 -40.60 33.98 28.62
N LYS E 136 -41.58 34.60 27.98
CA LYS E 136 -41.61 36.06 27.93
C LYS E 136 -41.67 36.66 29.33
N LEU E 137 -42.48 36.06 30.20
CA LEU E 137 -42.59 36.51 31.57
C LEU E 137 -41.27 36.31 32.31
N TRP E 138 -40.66 35.14 32.14
CA TRP E 138 -39.38 34.89 32.77
C TRP E 138 -38.34 35.89 32.31
N LEU E 139 -38.31 36.18 31.01
CA LEU E 139 -37.35 37.12 30.47
C LEU E 139 -37.56 38.50 31.05
N GLN E 140 -38.82 38.93 31.15
CA GLN E 140 -39.16 40.26 31.65
C GLN E 140 -38.69 40.41 33.08
N LYS E 141 -38.90 39.36 33.86
CA LYS E 141 -38.58 39.41 35.29
C LYS E 141 -37.19 38.88 35.65
N GLN E 142 -36.43 38.50 34.64
CA GLN E 142 -35.09 37.98 34.84
C GLN E 142 -35.14 36.72 35.71
N GLN E 143 -36.12 35.87 35.45
CA GLN E 143 -36.29 34.62 36.17
C GLN E 143 -35.82 33.45 35.32
N LYS E 144 -35.35 32.40 36.00
CA LYS E 144 -34.90 31.20 35.30
C LYS E 144 -36.00 30.17 35.39
N GLY E 145 -36.01 29.20 34.48
CA GLY E 145 -37.03 28.18 34.51
C GLY E 145 -36.72 27.02 33.62
N SER E 146 -37.50 25.97 33.77
CA SER E 146 -37.35 24.75 32.99
C SER E 146 -38.68 24.38 32.37
N ILE E 147 -38.66 24.03 31.09
CA ILE E 147 -39.85 23.63 30.37
C ILE E 147 -39.72 22.23 29.84
N VAL E 148 -40.73 21.40 30.12
CA VAL E 148 -40.82 20.05 29.60
C VAL E 148 -42.02 19.98 28.66
N VAL E 149 -41.81 19.53 27.43
CA VAL E 149 -42.89 19.40 26.47
C VAL E 149 -43.21 17.92 26.29
N THR E 150 -44.48 17.52 26.41
CA THR E 150 -44.82 16.13 26.13
C THR E 150 -44.91 15.95 24.64
N SER E 151 -43.95 15.25 24.06
CA SER E 151 -44.01 14.90 22.65
C SER E 151 -44.56 13.47 22.58
N SER E 152 -43.80 12.56 21.94
CA SER E 152 -44.20 11.16 21.83
C SER E 152 -43.14 10.43 21.05
N MET E 153 -43.06 9.11 21.24
CA MET E 153 -42.13 8.35 20.40
C MET E 153 -42.59 8.44 18.95
N SER E 154 -43.85 8.84 18.76
CA SER E 154 -44.42 9.06 17.43
C SER E 154 -43.67 10.14 16.67
N SER E 155 -42.79 10.86 17.37
CA SER E 155 -41.97 11.85 16.69
C SER E 155 -40.97 11.18 15.76
N GLN E 156 -40.70 9.90 16.02
CA GLN E 156 -39.71 9.12 15.28
C GLN E 156 -40.29 8.07 14.37
N ILE E 157 -41.40 7.46 14.81
CA ILE E 157 -41.99 6.35 14.08
C ILE E 157 -43.46 6.54 13.84
N ILE E 158 -44.00 5.69 12.98
CA ILE E 158 -45.43 5.64 12.72
C ILE E 158 -45.97 4.45 13.51
N ASN E 159 -47.05 4.67 14.25
CA ASN E 159 -47.67 3.61 15.04
C ASN E 159 -48.43 2.60 14.20
N GLN E 160 -48.57 1.38 14.72
CA GLN E 160 -49.33 0.35 14.01
C GLN E 160 -50.66 0.06 14.68
N SER E 161 -51.65 -0.29 13.88
CA SER E 161 -52.94 -0.74 14.37
C SER E 161 -53.04 -2.26 14.21
N SER E 162 -52.26 -2.79 13.26
CA SER E 162 -52.23 -4.22 12.99
C SER E 162 -50.86 -4.53 12.40
N LEU E 163 -50.55 -5.81 12.24
CA LEU E 163 -49.27 -6.22 11.68
C LEU E 163 -48.97 -5.49 10.36
N ASN E 164 -47.86 -4.76 10.31
CA ASN E 164 -47.47 -4.04 9.10
C ASN E 164 -48.56 -3.08 8.62
N GLY E 165 -49.40 -2.63 9.54
CA GLY E 165 -50.52 -1.76 9.22
C GLY E 165 -50.54 -0.51 10.08
N SER E 166 -50.55 0.64 9.42
CA SER E 166 -50.52 1.90 10.14
C SER E 166 -51.75 2.22 10.98
N LEU E 167 -51.50 2.82 12.15
CA LEU E 167 -52.55 3.44 12.95
C LEU E 167 -52.61 4.79 12.27
N THR E 168 -53.61 4.99 11.41
CA THR E 168 -53.67 6.16 10.53
C THR E 168 -53.98 7.48 11.22
N GLN E 169 -52.94 8.26 11.44
CA GLN E 169 -53.08 9.57 12.07
C GLN E 169 -51.87 10.39 11.68
N VAL E 170 -51.66 10.58 10.38
CA VAL E 170 -50.41 11.21 9.97
C VAL E 170 -50.16 12.60 10.53
N PHE E 171 -51.22 13.34 10.85
CA PHE E 171 -51.05 14.67 11.42
C PHE E 171 -50.55 14.57 12.85
N TYR E 172 -50.94 13.51 13.55
CA TYR E 172 -50.45 13.34 14.92
C TYR E 172 -48.94 13.13 14.95
N ASN E 173 -48.48 12.08 14.27
CA ASN E 173 -47.05 11.76 14.29
C ASN E 173 -46.22 12.94 13.78
N SER E 174 -46.67 13.57 12.71
CA SER E 174 -45.90 14.68 12.16
C SER E 174 -45.91 15.89 13.09
N SER E 175 -47.00 16.09 13.82
CA SER E 175 -47.07 17.20 14.78
C SER E 175 -46.10 16.96 15.94
N LYS E 176 -45.88 15.69 16.29
CA LYS E 176 -44.97 15.39 17.38
C LYS E 176 -43.52 15.56 16.93
N ALA E 177 -43.24 15.24 15.66
CA ALA E 177 -41.91 15.48 15.14
C ALA E 177 -41.65 16.99 15.17
N ALA E 178 -42.66 17.77 14.82
CA ALA E 178 -42.54 19.22 14.84
C ALA E 178 -42.26 19.68 16.27
N CYS E 179 -43.01 19.13 17.22
CA CYS E 179 -42.87 19.47 18.62
C CYS E 179 -41.45 19.23 19.14
N SER E 180 -40.89 18.07 18.83
CA SER E 180 -39.55 17.74 19.30
C SER E 180 -38.48 18.64 18.70
N ASN E 181 -38.69 19.10 17.46
CA ASN E 181 -37.75 20.03 16.84
C ASN E 181 -37.94 21.44 17.42
N LEU E 182 -39.19 21.81 17.67
CA LEU E 182 -39.49 23.12 18.24
C LEU E 182 -38.76 23.28 19.57
N VAL E 183 -38.69 22.19 20.34
CA VAL E 183 -37.98 22.24 21.60
C VAL E 183 -36.51 22.65 21.40
N LYS E 184 -35.88 22.14 20.35
CA LYS E 184 -34.51 22.53 20.05
C LYS E 184 -34.44 24.01 19.69
N GLY E 185 -35.42 24.44 18.88
CA GLY E 185 -35.44 25.82 18.43
C GLY E 185 -35.60 26.81 19.57
N LEU E 186 -36.49 26.50 20.51
CA LEU E 186 -36.72 27.39 21.64
C LEU E 186 -35.54 27.32 22.58
N ALA E 187 -35.04 26.11 22.83
CA ALA E 187 -33.88 25.96 23.70
C ALA E 187 -32.70 26.80 23.21
N ALA E 188 -32.49 26.82 21.90
CA ALA E 188 -31.39 27.58 21.30
C ALA E 188 -31.48 29.07 21.62
N GLU E 189 -32.68 29.64 21.53
CA GLU E 189 -32.85 31.07 21.74
C GLU E 189 -32.88 31.49 23.19
N TRP E 190 -33.30 30.59 24.06
CA TRP E 190 -33.46 30.94 25.47
C TRP E 190 -32.35 30.45 26.40
N ALA E 191 -31.39 29.71 25.86
CA ALA E 191 -30.29 29.17 26.66
C ALA E 191 -29.52 30.21 27.45
N SER E 192 -29.19 31.32 26.80
CA SER E 192 -28.40 32.34 27.46
C SER E 192 -29.13 33.02 28.61
N ALA E 193 -30.45 32.90 28.62
CA ALA E 193 -31.28 33.51 29.66
C ALA E 193 -31.55 32.56 30.83
N GLY E 194 -30.91 31.40 30.83
CA GLY E 194 -31.12 30.46 31.91
C GLY E 194 -32.44 29.72 31.86
N ILE E 195 -32.97 29.57 30.65
CA ILE E 195 -34.21 28.86 30.43
C ILE E 195 -33.92 27.60 29.64
N ARG E 196 -34.33 26.46 30.18
CA ARG E 196 -34.11 25.18 29.51
C ARG E 196 -35.42 24.63 28.97
N VAL E 197 -35.35 23.97 27.81
CA VAL E 197 -36.53 23.39 27.17
C VAL E 197 -36.18 21.98 26.72
N ASN E 198 -36.98 20.99 27.09
CA ASN E 198 -36.71 19.61 26.71
C ASN E 198 -38.01 18.89 26.37
N ALA E 199 -37.90 17.85 25.54
CA ALA E 199 -39.05 17.06 25.17
C ALA E 199 -39.03 15.73 25.93
N LEU E 200 -40.20 15.29 26.38
CA LEU E 200 -40.35 14.00 27.04
C LEU E 200 -41.29 13.24 26.12
N SER E 201 -40.85 12.08 25.64
CA SER E 201 -41.61 11.37 24.62
C SER E 201 -42.04 9.96 25.03
N PRO E 202 -43.30 9.83 25.47
CA PRO E 202 -43.82 8.53 25.90
C PRO E 202 -44.06 7.54 24.77
N GLY E 203 -44.00 6.26 25.13
CA GLY E 203 -44.42 5.19 24.25
C GLY E 203 -45.90 4.96 24.51
N TYR E 204 -46.36 3.73 24.34
CA TYR E 204 -47.78 3.43 24.57
C TYR E 204 -48.09 3.50 26.07
N VAL E 205 -49.14 4.23 26.43
CA VAL E 205 -49.52 4.40 27.83
C VAL E 205 -50.98 4.00 28.06
N ASN E 206 -51.24 3.35 29.19
CA ASN E 206 -52.59 3.00 29.61
C ASN E 206 -53.28 4.21 30.23
N THR E 207 -54.33 4.70 29.57
CA THR E 207 -55.16 5.77 30.11
C THR E 207 -56.60 5.28 30.08
N ASP E 208 -57.53 6.14 30.45
CA ASP E 208 -58.93 5.74 30.49
C ASP E 208 -59.45 5.36 29.12
N GLN E 209 -58.89 5.96 28.08
CA GLN E 209 -59.31 5.65 26.71
C GLN E 209 -58.89 4.25 26.27
N THR E 210 -57.82 3.75 26.88
CA THR E 210 -57.32 2.42 26.56
C THR E 210 -58.32 1.31 26.80
N ALA E 211 -59.09 1.41 27.88
CA ALA E 211 -60.07 0.39 28.23
C ALA E 211 -61.24 0.33 27.26
N HIS E 212 -61.35 1.35 26.42
CA HIS E 212 -62.46 1.43 25.47
C HIS E 212 -62.04 1.30 24.00
N MET E 213 -60.74 1.14 23.75
CA MET E 213 -60.27 1.02 22.38
C MET E 213 -60.45 -0.39 21.86
N ASP E 214 -60.33 -0.56 20.55
CA ASP E 214 -60.42 -1.86 19.92
C ASP E 214 -59.35 -2.76 20.55
N LYS E 215 -59.83 -3.81 21.23
CA LYS E 215 -58.95 -4.76 21.90
C LYS E 215 -57.93 -5.39 20.97
N LYS E 216 -58.31 -5.60 19.72
CA LYS E 216 -57.40 -6.18 18.73
C LYS E 216 -56.18 -5.30 18.51
N ILE E 217 -56.43 -3.99 18.37
CA ILE E 217 -55.36 -3.03 18.16
C ILE E 217 -54.51 -2.93 19.41
N ARG E 218 -55.15 -2.83 20.56
CA ARG E 218 -54.45 -2.74 21.82
C ARG E 218 -53.49 -3.92 21.99
N ASP E 219 -54.02 -5.12 21.78
CA ASP E 219 -53.19 -6.32 21.92
C ASP E 219 -52.05 -6.32 20.92
N HIS E 220 -52.32 -5.89 19.69
CA HIS E 220 -51.26 -5.83 18.69
C HIS E 220 -50.15 -4.87 19.10
N GLN E 221 -50.54 -3.69 19.57
CA GLN E 221 -49.55 -2.71 19.97
C GLN E 221 -48.68 -3.24 21.11
N ALA E 222 -49.29 -3.94 22.06
CA ALA E 222 -48.52 -4.47 23.18
C ALA E 222 -47.60 -5.63 22.76
N SER E 223 -47.99 -6.33 21.71
CA SER E 223 -47.27 -7.52 21.26
C SER E 223 -45.83 -7.31 20.76
N ASN E 224 -45.48 -6.08 20.40
CA ASN E 224 -44.14 -5.78 19.88
C ASN E 224 -43.36 -4.77 20.73
N ILE E 225 -43.74 -4.63 21.99
CA ILE E 225 -43.02 -3.78 22.94
C ILE E 225 -42.13 -4.70 23.77
N PRO E 226 -40.81 -4.50 23.77
CA PRO E 226 -39.91 -5.37 24.54
C PRO E 226 -40.34 -5.63 25.99
N LEU E 227 -40.85 -4.62 26.67
CA LEU E 227 -41.31 -4.77 28.06
C LEU E 227 -42.68 -5.47 28.14
N ASN E 228 -43.27 -5.76 26.99
CA ASN E 228 -44.51 -6.55 26.91
C ASN E 228 -45.76 -5.94 27.54
N ARG E 229 -45.83 -4.62 27.61
CA ARG E 229 -46.99 -3.96 28.18
C ARG E 229 -46.94 -2.48 27.90
N PHE E 230 -48.10 -1.84 28.00
CA PHE E 230 -48.20 -0.38 27.91
C PHE E 230 -47.67 0.13 29.25
N ALA E 231 -47.29 1.40 29.29
CA ALA E 231 -46.81 1.99 30.52
C ALA E 231 -47.99 2.49 31.33
N GLN E 232 -47.76 2.66 32.64
CA GLN E 232 -48.73 3.36 33.48
C GLN E 232 -48.30 4.82 33.40
N PRO E 233 -49.24 5.76 33.47
CA PRO E 233 -48.86 7.18 33.35
C PRO E 233 -47.80 7.62 34.37
N GLU E 234 -47.82 7.03 35.56
CA GLU E 234 -46.82 7.35 36.58
C GLU E 234 -45.39 7.10 36.12
N GLU E 235 -45.22 6.18 35.17
CA GLU E 235 -43.88 5.85 34.68
C GLU E 235 -43.27 6.96 33.83
N MET E 236 -44.06 7.98 33.51
CA MET E 236 -43.56 9.13 32.75
C MET E 236 -43.03 10.25 33.65
N THR E 237 -43.37 10.20 34.93
CA THR E 237 -43.11 11.34 35.81
C THR E 237 -41.69 11.52 36.33
N GLY E 238 -40.95 10.43 36.53
CA GLY E 238 -39.59 10.54 37.03
C GLY E 238 -38.73 11.44 36.15
N GLN E 239 -38.77 11.18 34.86
CA GLN E 239 -37.98 11.96 33.92
C GLN E 239 -38.40 13.43 33.90
N ALA E 240 -39.69 13.69 34.02
CA ALA E 240 -40.17 15.08 34.07
C ALA E 240 -39.65 15.81 35.29
N ILE E 241 -39.76 15.18 36.46
CA ILE E 241 -39.25 15.77 37.69
C ILE E 241 -37.75 16.06 37.56
N LEU E 242 -37.02 15.11 36.99
CA LEU E 242 -35.58 15.34 36.82
C LEU E 242 -35.31 16.55 35.94
N LEU E 243 -35.97 16.63 34.78
CA LEU E 243 -35.75 17.72 33.84
C LEU E 243 -36.12 19.08 34.41
N LEU E 244 -37.14 19.12 35.27
CA LEU E 244 -37.57 20.38 35.88
C LEU E 244 -36.64 20.81 37.01
N SER E 245 -35.85 19.86 37.51
CA SER E 245 -35.00 20.11 38.69
C SER E 245 -33.66 20.74 38.36
N ASP E 246 -32.97 21.21 39.41
CA ASP E 246 -31.64 21.80 39.27
C ASP E 246 -30.57 20.77 38.96
N HIS E 247 -30.92 19.50 38.99
CA HIS E 247 -29.95 18.48 38.62
C HIS E 247 -29.77 18.41 37.11
N ALA E 248 -30.73 18.98 36.38
CA ALA E 248 -30.71 18.94 34.92
C ALA E 248 -30.17 20.21 34.28
N THR E 249 -29.29 20.91 35.00
CA THR E 249 -28.74 22.17 34.47
C THR E 249 -27.99 22.08 33.15
N TYR E 250 -27.52 20.88 32.77
CA TYR E 250 -26.80 20.78 31.50
C TYR E 250 -27.64 20.06 30.45
N MET E 251 -28.95 19.97 30.70
CA MET E 251 -29.86 19.31 29.78
C MET E 251 -30.81 20.29 29.14
N THR E 252 -30.63 20.52 27.83
CA THR E 252 -31.54 21.42 27.13
C THR E 252 -31.54 21.08 25.65
N GLY E 253 -32.72 21.20 25.03
CA GLY E 253 -32.89 20.90 23.62
C GLY E 253 -33.05 19.42 23.35
N GLY E 254 -33.02 18.62 24.41
CA GLY E 254 -33.04 17.18 24.26
C GLY E 254 -34.42 16.55 24.18
N GLU E 255 -34.45 15.30 23.71
CA GLU E 255 -35.68 14.54 23.66
C GLU E 255 -35.41 13.25 24.41
N TYR E 256 -36.21 13.02 25.44
CA TYR E 256 -36.03 11.90 26.34
C TYR E 256 -37.19 10.93 26.20
N PHE E 257 -36.89 9.76 25.65
CA PHE E 257 -37.91 8.75 25.36
C PHE E 257 -38.17 7.85 26.54
N ILE E 258 -39.44 7.47 26.71
CA ILE E 258 -39.86 6.55 27.76
C ILE E 258 -40.78 5.62 26.98
N ASP E 259 -40.17 4.74 26.19
CA ASP E 259 -40.89 3.97 25.20
C ASP E 259 -41.00 2.48 25.47
N GLY E 260 -40.46 2.01 26.58
CA GLY E 260 -40.55 0.60 26.93
C GLY E 260 -39.77 -0.30 25.98
N GLY E 261 -38.88 0.32 25.22
CA GLY E 261 -38.07 -0.40 24.24
C GLY E 261 -38.63 -0.42 22.84
N GLN E 262 -39.78 0.20 22.61
CA GLN E 262 -40.38 0.14 21.29
C GLN E 262 -39.44 0.60 20.16
N LEU E 263 -38.63 1.63 20.44
CA LEU E 263 -37.75 2.19 19.42
C LEU E 263 -36.54 1.31 19.12
N ILE E 264 -36.37 0.22 19.86
CA ILE E 264 -35.28 -0.71 19.61
C ILE E 264 -35.50 -1.41 18.27
N TRP E 265 -36.77 -1.70 17.96
CA TRP E 265 -37.11 -2.45 16.75
C TRP E 265 -37.21 -1.58 15.50
N PRO F 6 -21.87 2.05 -22.84
CA PRO F 6 -22.23 1.77 -21.42
C PRO F 6 -22.64 3.05 -20.70
N GLY F 7 -23.21 2.89 -19.51
CA GLY F 7 -23.65 4.01 -18.72
C GLY F 7 -24.89 3.67 -17.92
N PHE F 8 -25.10 4.43 -16.85
CA PHE F 8 -26.26 4.31 -16.00
C PHE F 8 -27.20 5.39 -16.49
N THR F 9 -28.35 5.00 -17.03
CA THR F 9 -29.28 5.98 -17.58
C THR F 9 -30.68 5.89 -17.00
N ILE F 10 -31.25 7.04 -16.73
CA ILE F 10 -32.62 7.14 -16.25
C ILE F 10 -33.35 8.00 -17.24
N SER F 11 -34.40 7.45 -17.86
CA SER F 11 -35.17 8.17 -18.86
C SER F 11 -36.59 8.39 -18.40
N PHE F 12 -37.05 9.63 -18.50
CA PHE F 12 -38.42 10.00 -18.16
C PHE F 12 -39.19 10.39 -19.42
N VAL F 13 -38.80 9.87 -20.58
CA VAL F 13 -39.53 10.19 -21.79
C VAL F 13 -40.94 9.62 -21.67
N ASN F 14 -41.93 10.41 -22.08
CA ASN F 14 -43.34 10.01 -21.98
C ASN F 14 -43.86 9.85 -20.57
N LYS F 15 -43.17 10.50 -19.63
CA LYS F 15 -43.59 10.49 -18.24
C LYS F 15 -43.82 11.93 -17.83
N THR F 16 -44.73 12.16 -16.89
CA THR F 16 -45.02 13.52 -16.43
C THR F 16 -44.71 13.67 -14.96
N ILE F 17 -43.98 14.73 -14.62
CA ILE F 17 -43.63 15.03 -13.24
C ILE F 17 -44.23 16.37 -12.86
N ILE F 18 -44.88 16.43 -11.70
CA ILE F 18 -45.43 17.67 -11.17
C ILE F 18 -44.39 18.24 -10.20
N VAL F 19 -44.10 19.52 -10.33
CA VAL F 19 -43.17 20.16 -9.38
C VAL F 19 -43.80 21.41 -8.79
N THR F 20 -44.12 21.39 -7.50
CA THR F 20 -44.69 22.60 -6.88
C THR F 20 -43.56 23.57 -6.54
N GLY F 21 -43.80 24.86 -6.73
CA GLY F 21 -42.74 25.83 -6.58
C GLY F 21 -41.65 25.54 -7.60
N GLY F 22 -42.05 25.05 -8.78
CA GLY F 22 -41.07 24.63 -9.76
C GLY F 22 -40.66 25.66 -10.77
N ASN F 23 -41.01 26.93 -10.53
CA ASN F 23 -40.71 28.01 -11.47
C ASN F 23 -39.49 28.83 -11.07
N ARG F 24 -38.98 28.62 -9.87
CA ARG F 24 -37.79 29.33 -9.44
C ARG F 24 -37.06 28.61 -8.31
N GLY F 25 -35.87 29.10 -7.97
CA GLY F 25 -35.09 28.51 -6.90
C GLY F 25 -34.78 27.03 -7.13
N ILE F 26 -34.82 26.26 -6.05
CA ILE F 26 -34.53 24.83 -6.14
C ILE F 26 -35.56 24.11 -6.98
N GLY F 27 -36.80 24.56 -6.91
CA GLY F 27 -37.87 23.95 -7.70
C GLY F 27 -37.57 24.03 -9.19
N LEU F 28 -37.04 25.15 -9.65
CA LEU F 28 -36.69 25.28 -11.06
C LEU F 28 -35.54 24.33 -11.41
N ALA F 29 -34.62 24.13 -10.49
CA ALA F 29 -33.53 23.20 -10.75
C ALA F 29 -34.10 21.80 -10.93
N PHE F 30 -35.09 21.44 -10.13
CA PHE F 30 -35.76 20.14 -10.26
C PHE F 30 -36.46 20.06 -11.61
N THR F 31 -37.20 21.12 -11.96
CA THR F 31 -37.92 21.19 -13.23
C THR F 31 -36.99 20.97 -14.42
N ARG F 32 -35.87 21.68 -14.42
CA ARG F 32 -34.91 21.58 -15.52
C ARG F 32 -34.25 20.20 -15.57
N ALA F 33 -33.95 19.64 -14.39
CA ALA F 33 -33.31 18.33 -14.32
C ALA F 33 -34.21 17.21 -14.83
N VAL F 34 -35.48 17.19 -14.42
CA VAL F 34 -36.37 16.15 -14.90
C VAL F 34 -36.68 16.34 -16.37
N ALA F 35 -36.76 17.60 -16.81
CA ALA F 35 -36.99 17.88 -18.24
C ALA F 35 -35.84 17.32 -19.08
N ALA F 36 -34.62 17.51 -18.59
CA ALA F 36 -33.44 17.01 -19.27
C ALA F 36 -33.45 15.50 -19.34
N ALA F 37 -34.08 14.87 -18.36
CA ALA F 37 -34.20 13.42 -18.34
C ALA F 37 -35.32 12.97 -19.27
N GLY F 38 -35.99 13.93 -19.90
CA GLY F 38 -37.06 13.65 -20.84
C GLY F 38 -38.50 13.77 -20.35
N ALA F 39 -38.70 14.12 -19.08
CA ALA F 39 -40.05 14.20 -18.55
C ALA F 39 -40.83 15.43 -19.00
N ASN F 40 -42.13 15.25 -19.14
CA ASN F 40 -43.02 16.36 -19.37
C ASN F 40 -43.20 16.96 -18.00
N VAL F 41 -43.32 18.28 -17.88
CA VAL F 41 -43.40 18.87 -16.54
C VAL F 41 -44.58 19.80 -16.31
N ALA F 42 -45.29 19.55 -15.21
CA ALA F 42 -46.39 20.42 -14.80
C ALA F 42 -45.82 21.24 -13.65
N VAL F 43 -45.75 22.55 -13.85
CA VAL F 43 -45.20 23.46 -12.84
C VAL F 43 -46.30 24.18 -12.08
N ILE F 44 -46.32 24.00 -10.76
CA ILE F 44 -47.29 24.68 -9.91
C ILE F 44 -46.60 25.84 -9.22
N TYR F 45 -47.23 27.02 -9.25
CA TYR F 45 -46.69 28.20 -8.63
C TYR F 45 -47.82 28.98 -7.97
N ARG F 46 -47.46 30.00 -7.19
CA ARG F 46 -48.46 30.80 -6.48
C ARG F 46 -48.80 32.14 -7.12
N SER F 47 -47.78 32.93 -7.47
CA SER F 47 -48.04 34.26 -8.02
C SER F 47 -46.97 34.88 -8.91
N ALA F 48 -45.84 34.20 -9.09
CA ALA F 48 -44.76 34.77 -9.89
C ALA F 48 -45.24 35.27 -11.25
N ALA F 49 -44.97 36.54 -11.53
CA ALA F 49 -45.39 37.15 -12.79
C ALA F 49 -44.80 36.49 -14.02
N ASP F 50 -43.65 35.86 -13.87
CA ASP F 50 -42.98 35.27 -15.02
C ASP F 50 -42.97 33.74 -15.03
N ALA F 51 -43.80 33.12 -14.19
CA ALA F 51 -43.84 31.66 -14.11
C ALA F 51 -44.17 30.98 -15.43
N VAL F 52 -45.14 31.53 -16.14
CA VAL F 52 -45.54 30.98 -17.43
C VAL F 52 -44.39 31.02 -18.43
N GLU F 53 -43.74 32.19 -18.52
CA GLU F 53 -42.61 32.35 -19.43
C GLU F 53 -41.50 31.34 -19.11
N VAL F 54 -41.12 31.27 -17.83
CA VAL F 54 -40.07 30.37 -17.39
C VAL F 54 -40.38 28.92 -17.76
N THR F 55 -41.60 28.50 -17.47
CA THR F 55 -42.01 27.12 -17.73
C THR F 55 -41.99 26.81 -19.23
N GLU F 56 -42.43 27.75 -20.04
CA GLU F 56 -42.45 27.55 -21.49
C GLU F 56 -41.03 27.42 -22.04
N LYS F 57 -40.13 28.24 -21.50
CA LYS F 57 -38.74 28.21 -21.93
C LYS F 57 -38.05 26.88 -21.61
N VAL F 58 -38.48 26.22 -20.54
CA VAL F 58 -37.92 24.92 -20.18
C VAL F 58 -38.37 23.87 -21.20
N GLY F 59 -39.65 23.91 -21.54
CA GLY F 59 -40.20 22.99 -22.52
C GLY F 59 -39.50 23.10 -23.87
N LYS F 60 -39.22 24.33 -24.26
CA LYS F 60 -38.53 24.57 -25.53
C LYS F 60 -37.08 24.14 -25.48
N GLU F 61 -36.43 24.40 -24.34
CA GLU F 61 -35.02 24.05 -24.19
C GLU F 61 -34.74 22.55 -24.29
N PHE F 62 -35.57 21.75 -23.63
CA PHE F 62 -35.35 20.30 -23.59
C PHE F 62 -36.29 19.48 -24.48
N GLY F 63 -37.11 20.15 -25.28
CA GLY F 63 -38.01 19.47 -26.19
C GLY F 63 -39.02 18.58 -25.48
N VAL F 64 -39.63 19.12 -24.43
CA VAL F 64 -40.65 18.37 -23.70
C VAL F 64 -41.89 19.24 -23.55
N LYS F 65 -42.99 18.62 -23.16
CA LYS F 65 -44.22 19.35 -22.94
C LYS F 65 -44.20 19.89 -21.52
N THR F 66 -44.47 21.18 -21.37
CA THR F 66 -44.55 21.79 -20.05
C THR F 66 -45.76 22.72 -20.00
N LYS F 67 -46.23 22.95 -18.79
CA LYS F 67 -47.33 23.86 -18.56
C LYS F 67 -47.30 24.32 -17.12
N ALA F 68 -47.64 25.59 -16.91
CA ALA F 68 -47.66 26.17 -15.58
C ALA F 68 -49.10 26.30 -15.09
N TYR F 69 -49.29 26.01 -13.80
CA TYR F 69 -50.61 26.09 -13.19
C TYR F 69 -50.54 26.92 -11.94
N GLN F 70 -51.32 28.00 -11.89
CA GLN F 70 -51.40 28.82 -10.69
C GLN F 70 -52.25 28.06 -9.68
N CYS F 71 -51.64 27.66 -8.57
CA CYS F 71 -52.34 26.80 -7.63
C CYS F 71 -51.77 26.92 -6.23
N ASP F 72 -52.54 27.54 -5.33
CA ASP F 72 -52.12 27.69 -3.94
C ASP F 72 -52.21 26.32 -3.27
N VAL F 73 -51.07 25.74 -2.93
CA VAL F 73 -51.06 24.38 -2.38
C VAL F 73 -51.72 24.25 -1.00
N SER F 74 -51.99 25.39 -0.37
CA SER F 74 -52.62 25.37 0.96
C SER F 74 -54.14 25.24 0.88
N ASN F 75 -54.69 25.25 -0.33
CA ASN F 75 -56.13 25.15 -0.50
C ASN F 75 -56.51 23.78 -1.08
N THR F 76 -57.37 23.07 -0.37
CA THR F 76 -57.75 21.71 -0.77
C THR F 76 -58.33 21.63 -2.16
N ASP F 77 -59.39 22.38 -2.41
CA ASP F 77 -60.11 22.25 -3.68
C ASP F 77 -59.33 22.70 -4.91
N ILE F 78 -58.55 23.76 -4.79
CA ILE F 78 -57.79 24.21 -5.97
C ILE F 78 -56.73 23.17 -6.34
N VAL F 79 -56.16 22.53 -5.33
CA VAL F 79 -55.19 21.48 -5.60
C VAL F 79 -55.87 20.25 -6.22
N THR F 80 -57.03 19.87 -5.70
CA THR F 80 -57.76 18.76 -6.30
C THR F 80 -58.03 19.05 -7.77
N LYS F 81 -58.57 20.24 -8.05
CA LYS F 81 -58.91 20.62 -9.42
C LYS F 81 -57.67 20.72 -10.31
N THR F 82 -56.57 21.20 -9.74
CA THR F 82 -55.35 21.34 -10.53
C THR F 82 -54.76 19.99 -10.89
N ILE F 83 -54.79 19.04 -9.96
CA ILE F 83 -54.27 17.70 -10.24
C ILE F 83 -55.10 17.04 -11.32
N GLN F 84 -56.41 17.22 -11.26
CA GLN F 84 -57.28 16.64 -12.28
C GLN F 84 -56.95 17.22 -13.64
N GLN F 85 -56.75 18.54 -13.67
CA GLN F 85 -56.41 19.23 -14.91
C GLN F 85 -55.07 18.74 -15.48
N ILE F 86 -54.09 18.56 -14.59
CA ILE F 86 -52.79 18.08 -15.03
C ILE F 86 -52.91 16.69 -15.63
N ASP F 87 -53.71 15.84 -14.99
CA ASP F 87 -53.92 14.48 -15.49
C ASP F 87 -54.60 14.48 -16.85
N ALA F 88 -55.51 15.44 -17.05
CA ALA F 88 -56.21 15.55 -18.34
C ALA F 88 -55.27 16.09 -19.42
N ASP F 89 -54.41 17.02 -19.03
CA ASP F 89 -53.49 17.67 -19.95
C ASP F 89 -52.28 16.81 -20.30
N LEU F 90 -51.64 16.26 -19.28
CA LEU F 90 -50.38 15.54 -19.44
C LEU F 90 -50.33 14.15 -18.79
N GLY F 91 -51.48 13.60 -18.41
CA GLY F 91 -51.51 12.30 -17.78
C GLY F 91 -50.95 11.19 -18.65
N PRO F 92 -50.58 10.06 -18.04
CA PRO F 92 -50.62 9.89 -16.58
C PRO F 92 -49.49 10.60 -15.84
N ILE F 93 -49.75 10.93 -14.58
CA ILE F 93 -48.75 11.56 -13.72
C ILE F 93 -47.86 10.45 -13.21
N SER F 94 -46.56 10.60 -13.38
CA SER F 94 -45.59 9.58 -12.98
C SER F 94 -44.93 9.86 -11.65
N GLY F 95 -44.80 11.13 -11.32
CA GLY F 95 -44.14 11.50 -10.08
C GLY F 95 -44.49 12.91 -9.65
N LEU F 96 -44.19 13.21 -8.41
CA LEU F 96 -44.46 14.52 -7.85
C LEU F 96 -43.29 14.95 -6.99
N ILE F 97 -42.92 16.21 -7.10
CA ILE F 97 -41.93 16.79 -6.22
C ILE F 97 -42.65 17.92 -5.49
N ALA F 98 -42.97 17.66 -4.23
CA ALA F 98 -43.70 18.63 -3.40
C ALA F 98 -42.62 19.49 -2.77
N ASN F 99 -42.30 20.57 -3.47
CA ASN F 99 -41.18 21.43 -3.14
C ASN F 99 -41.54 22.82 -2.58
N ALA F 100 -42.73 23.32 -2.88
CA ALA F 100 -43.12 24.66 -2.40
C ALA F 100 -42.92 24.79 -0.89
N GLY F 101 -42.33 25.89 -0.45
CA GLY F 101 -42.10 26.09 0.97
C GLY F 101 -41.80 27.55 1.25
N VAL F 102 -41.98 27.95 2.51
CA VAL F 102 -41.78 29.33 2.94
C VAL F 102 -41.17 29.36 4.34
N SER F 103 -40.76 30.55 4.77
CA SER F 103 -40.26 30.70 6.13
C SER F 103 -40.65 32.06 6.71
N VAL F 104 -40.53 32.19 8.02
CA VAL F 104 -40.70 33.46 8.71
C VAL F 104 -39.54 33.55 9.70
N VAL F 105 -38.72 34.58 9.56
CA VAL F 105 -37.57 34.80 10.42
C VAL F 105 -37.87 35.91 11.44
N LYS F 106 -38.06 35.53 12.70
CA LYS F 106 -38.34 36.45 13.81
C LYS F 106 -37.95 35.75 15.10
N PRO F 107 -37.58 36.51 16.14
CA PRO F 107 -37.30 35.89 17.44
C PRO F 107 -38.54 35.10 17.85
N ALA F 108 -38.34 33.94 18.46
CA ALA F 108 -39.45 33.07 18.83
C ALA F 108 -40.53 33.78 19.65
N THR F 109 -40.13 34.62 20.60
CA THR F 109 -41.13 35.30 21.43
C THR F 109 -42.08 36.19 20.63
N GLU F 110 -41.65 36.63 19.46
CA GLU F 110 -42.44 37.55 18.63
C GLU F 110 -43.30 36.88 17.56
N LEU F 111 -43.13 35.57 17.38
CA LEU F 111 -43.91 34.85 16.36
C LEU F 111 -45.39 34.82 16.73
N THR F 112 -46.25 34.90 15.72
CA THR F 112 -47.69 34.91 15.94
C THR F 112 -48.38 33.68 15.40
N HIS F 113 -49.67 33.55 15.71
CA HIS F 113 -50.47 32.45 15.18
C HIS F 113 -50.57 32.63 13.67
N GLU F 114 -50.61 33.87 13.23
CA GLU F 114 -50.65 34.18 11.80
C GLU F 114 -49.37 33.67 11.13
N ASP F 115 -48.23 33.89 11.78
CA ASP F 115 -46.97 33.38 11.23
C ASP F 115 -46.98 31.85 11.18
N PHE F 116 -47.55 31.24 12.22
CA PHE F 116 -47.65 29.78 12.29
C PHE F 116 -48.46 29.25 11.13
N ALA F 117 -49.63 29.85 10.90
CA ALA F 117 -50.49 29.41 9.82
C ALA F 117 -49.77 29.57 8.48
N PHE F 118 -49.13 30.72 8.29
CA PHE F 118 -48.44 31.01 7.05
C PHE F 118 -47.42 29.92 6.70
N VAL F 119 -46.57 29.59 7.64
CA VAL F 119 -45.54 28.58 7.42
C VAL F 119 -46.11 27.17 7.32
N TYR F 120 -46.94 26.78 8.28
CA TYR F 120 -47.45 25.42 8.29
C TYR F 120 -48.45 25.09 7.18
N ASP F 121 -49.22 26.08 6.74
CA ASP F 121 -50.18 25.80 5.67
C ASP F 121 -49.50 25.43 4.37
N VAL F 122 -48.29 25.93 4.13
CA VAL F 122 -47.57 25.59 2.91
C VAL F 122 -46.62 24.43 3.15
N ASN F 123 -45.81 24.55 4.20
CA ASN F 123 -44.76 23.56 4.46
C ASN F 123 -45.22 22.18 4.91
N VAL F 124 -46.39 22.10 5.53
CA VAL F 124 -46.88 20.83 6.01
C VAL F 124 -48.22 20.51 5.37
N PHE F 125 -49.23 21.36 5.58
CA PHE F 125 -50.51 21.07 4.96
C PHE F 125 -50.38 21.06 3.44
N GLY F 126 -49.68 22.05 2.88
CA GLY F 126 -49.50 22.12 1.45
C GLY F 126 -48.85 20.86 0.88
N VAL F 127 -47.84 20.37 1.57
CA VAL F 127 -47.18 19.13 1.17
C VAL F 127 -48.18 17.99 1.22
N PHE F 128 -48.84 17.84 2.38
CA PHE F 128 -49.83 16.79 2.53
C PHE F 128 -50.91 16.86 1.46
N ASN F 129 -51.43 18.05 1.23
CA ASN F 129 -52.54 18.28 0.30
C ASN F 129 -52.15 17.88 -1.12
N THR F 130 -50.97 18.31 -1.56
CA THR F 130 -50.47 17.98 -2.89
C THR F 130 -50.25 16.47 -3.01
N CYS F 131 -49.62 15.89 -2.01
CA CYS F 131 -49.38 14.44 -2.04
C CYS F 131 -50.69 13.66 -2.08
N ARG F 132 -51.64 14.07 -1.23
CA ARG F 132 -52.92 13.41 -1.14
C ARG F 132 -53.71 13.46 -2.44
N ALA F 133 -53.72 14.62 -3.09
CA ALA F 133 -54.46 14.76 -4.34
C ALA F 133 -53.93 13.82 -5.42
N VAL F 134 -52.61 13.77 -5.55
CA VAL F 134 -51.99 12.90 -6.55
C VAL F 134 -52.21 11.45 -6.17
N ALA F 135 -52.01 11.11 -4.90
CA ALA F 135 -52.19 9.72 -4.47
C ALA F 135 -53.62 9.24 -4.68
N LYS F 136 -54.60 10.10 -4.41
CA LYS F 136 -55.99 9.71 -4.63
C LYS F 136 -56.24 9.37 -6.10
N LEU F 137 -55.67 10.18 -6.98
CA LEU F 137 -55.81 9.95 -8.41
C LEU F 137 -55.18 8.60 -8.78
N TRP F 138 -53.97 8.36 -8.27
CA TRP F 138 -53.28 7.11 -8.54
C TRP F 138 -54.07 5.91 -8.03
N LEU F 139 -54.60 6.03 -6.83
CA LEU F 139 -55.36 4.93 -6.23
C LEU F 139 -56.62 4.65 -7.05
N GLN F 140 -57.26 5.72 -7.51
CA GLN F 140 -58.48 5.61 -8.30
C GLN F 140 -58.22 4.92 -9.64
N LYS F 141 -57.08 5.23 -10.24
CA LYS F 141 -56.73 4.69 -11.56
C LYS F 141 -55.80 3.47 -11.49
N GLN F 142 -55.56 2.98 -10.28
CA GLN F 142 -54.69 1.83 -10.06
C GLN F 142 -53.32 2.06 -10.72
N GLN F 143 -52.78 3.25 -10.53
CA GLN F 143 -51.48 3.61 -11.06
C GLN F 143 -50.44 3.66 -9.93
N LYS F 144 -49.18 3.44 -10.27
CA LYS F 144 -48.09 3.52 -9.30
C LYS F 144 -47.40 4.85 -9.47
N GLY F 145 -46.66 5.29 -8.45
CA GLY F 145 -45.98 6.57 -8.55
C GLY F 145 -44.96 6.78 -7.47
N SER F 146 -44.17 7.82 -7.62
CA SER F 146 -43.13 8.15 -6.65
C SER F 146 -43.22 9.62 -6.29
N ILE F 147 -43.19 9.91 -4.99
CA ILE F 147 -43.29 11.27 -4.49
C ILE F 147 -42.02 11.65 -3.73
N VAL F 148 -41.47 12.81 -4.08
CA VAL F 148 -40.32 13.36 -3.37
C VAL F 148 -40.76 14.66 -2.74
N VAL F 149 -40.51 14.81 -1.44
CA VAL F 149 -40.87 16.03 -0.73
C VAL F 149 -39.60 16.78 -0.35
N THR F 150 -39.54 18.08 -0.68
CA THR F 150 -38.38 18.87 -0.30
C THR F 150 -38.50 19.27 1.16
N SER F 151 -37.71 18.64 2.00
CA SER F 151 -37.69 19.01 3.41
C SER F 151 -36.50 19.94 3.62
N SER F 152 -35.60 19.58 4.54
CA SER F 152 -34.41 20.39 4.81
C SER F 152 -33.63 19.74 5.92
N MET F 153 -32.31 19.98 5.96
CA MET F 153 -31.51 19.50 7.08
C MET F 153 -32.02 20.13 8.37
N SER F 154 -32.79 21.21 8.23
CA SER F 154 -33.41 21.89 9.38
C SER F 154 -34.41 20.98 10.10
N SER F 155 -34.71 19.83 9.51
CA SER F 155 -35.58 18.88 10.17
C SER F 155 -34.86 18.27 11.38
N GLN F 156 -33.53 18.37 11.39
CA GLN F 156 -32.71 17.75 12.43
C GLN F 156 -32.02 18.76 13.34
N ILE F 157 -31.67 19.92 12.80
CA ILE F 157 -30.91 20.90 13.56
C ILE F 157 -31.52 22.29 13.44
N ILE F 158 -31.06 23.20 14.29
CA ILE F 158 -31.44 24.60 14.21
C ILE F 158 -30.29 25.32 13.54
N ASN F 159 -30.60 26.18 12.59
CA ASN F 159 -29.59 26.91 11.84
C ASN F 159 -29.02 28.06 12.65
N GLN F 160 -27.82 28.51 12.29
CA GLN F 160 -27.19 29.62 13.00
C GLN F 160 -27.08 30.83 12.12
N SER F 161 -27.17 32.00 12.74
CA SER F 161 -26.94 33.27 12.05
C SER F 161 -25.56 33.81 12.41
N SER F 162 -25.08 33.41 13.59
CA SER F 162 -23.77 33.81 14.09
C SER F 162 -23.26 32.70 15.01
N LEU F 163 -22.03 32.84 15.50
CA LEU F 163 -21.46 31.82 16.37
C LEU F 163 -22.35 31.57 17.59
N ASN F 164 -22.80 30.33 17.76
CA ASN F 164 -23.64 29.98 18.89
C ASN F 164 -24.92 30.80 18.93
N GLY F 165 -25.34 31.31 17.78
CA GLY F 165 -26.51 32.16 17.70
C GLY F 165 -27.49 31.70 16.64
N SER F 166 -28.71 31.43 17.06
CA SER F 166 -29.72 30.88 16.15
C SER F 166 -30.15 31.82 15.02
N LEU F 167 -30.42 31.21 13.86
CA LEU F 167 -31.10 31.89 12.77
C LEU F 167 -32.54 31.67 13.21
N THR F 168 -33.14 32.68 13.79
CA THR F 168 -34.44 32.52 14.45
C THR F 168 -35.61 32.33 13.51
N GLN F 169 -36.07 31.08 13.41
CA GLN F 169 -37.20 30.75 12.55
C GLN F 169 -37.76 29.42 13.02
N VAL F 170 -38.16 29.36 14.30
CA VAL F 170 -38.56 28.06 14.87
C VAL F 170 -39.69 27.36 14.14
N PHE F 171 -40.59 28.11 13.49
CA PHE F 171 -41.67 27.48 12.75
C PHE F 171 -41.16 26.80 11.48
N TYR F 172 -40.11 27.36 10.89
CA TYR F 172 -39.53 26.76 9.71
C TYR F 172 -38.92 25.40 10.04
N ASN F 173 -37.97 25.38 10.97
CA ASN F 173 -37.30 24.12 11.29
C ASN F 173 -38.29 23.08 11.76
N SER F 174 -39.26 23.49 12.57
CA SER F 174 -40.23 22.52 13.08
C SER F 174 -41.16 22.01 11.98
N SER F 175 -41.48 22.89 11.03
CA SER F 175 -42.33 22.46 9.91
C SER F 175 -41.62 21.41 9.05
N LYS F 176 -40.29 21.53 8.95
CA LYS F 176 -39.53 20.59 8.16
C LYS F 176 -39.41 19.25 8.88
N ALA F 177 -39.31 19.29 10.22
CA ALA F 177 -39.32 18.04 10.95
C ALA F 177 -40.67 17.35 10.76
N ALA F 178 -41.73 18.14 10.75
CA ALA F 178 -43.07 17.57 10.54
C ALA F 178 -43.14 16.93 9.15
N CYS F 179 -42.61 17.65 8.17
CA CYS F 179 -42.60 17.17 6.79
C CYS F 179 -41.89 15.84 6.63
N SER F 180 -40.73 15.70 7.26
CA SER F 180 -39.98 14.46 7.13
C SER F 180 -40.68 13.29 7.83
N ASN F 181 -41.41 13.57 8.90
CA ASN F 181 -42.18 12.52 9.55
C ASN F 181 -43.42 12.19 8.73
N LEU F 182 -44.03 13.21 8.14
CA LEU F 182 -45.23 13.01 7.31
C LEU F 182 -44.92 12.06 6.17
N VAL F 183 -43.72 12.19 5.60
CA VAL F 183 -43.30 11.28 4.55
C VAL F 183 -43.36 9.81 5.00
N LYS F 184 -42.99 9.55 6.25
CA LYS F 184 -43.08 8.19 6.78
C LYS F 184 -44.53 7.74 6.91
N GLY F 185 -45.38 8.64 7.40
CA GLY F 185 -46.78 8.29 7.58
C GLY F 185 -47.50 8.00 6.28
N LEU F 186 -47.23 8.80 5.27
CA LEU F 186 -47.86 8.59 3.96
C LEU F 186 -47.29 7.34 3.29
N ALA F 187 -45.97 7.15 3.40
CA ALA F 187 -45.33 5.98 2.82
C ALA F 187 -45.91 4.71 3.43
N ALA F 188 -46.20 4.76 4.73
CA ALA F 188 -46.76 3.60 5.43
C ALA F 188 -48.12 3.20 4.89
N GLU F 189 -48.96 4.18 4.61
CA GLU F 189 -50.30 3.88 4.14
C GLU F 189 -50.38 3.54 2.66
N TRP F 190 -49.44 4.05 1.86
CA TRP F 190 -49.54 3.88 0.42
C TRP F 190 -48.58 2.83 -0.16
N ALA F 191 -47.77 2.24 0.70
CA ALA F 191 -46.80 1.22 0.27
C ALA F 191 -47.45 0.06 -0.50
N SER F 192 -48.54 -0.47 0.04
CA SER F 192 -49.20 -1.62 -0.59
C SER F 192 -49.74 -1.29 -1.98
N ALA F 193 -49.97 0.00 -2.26
CA ALA F 193 -50.51 0.42 -3.55
C ALA F 193 -49.43 0.74 -4.57
N GLY F 194 -48.18 0.50 -4.21
CA GLY F 194 -47.07 0.78 -5.13
C GLY F 194 -46.72 2.25 -5.25
N ILE F 195 -47.02 3.00 -4.20
CA ILE F 195 -46.72 4.43 -4.18
C ILE F 195 -45.63 4.68 -3.15
N ARG F 196 -44.51 5.25 -3.58
CA ARG F 196 -43.40 5.53 -2.67
C ARG F 196 -43.35 7.01 -2.34
N VAL F 197 -42.92 7.32 -1.12
CA VAL F 197 -42.83 8.71 -0.69
C VAL F 197 -41.53 8.87 0.09
N ASN F 198 -40.73 9.85 -0.29
CA ASN F 198 -39.43 10.09 0.36
C ASN F 198 -39.16 11.56 0.51
N ALA F 199 -38.30 11.91 1.47
CA ALA F 199 -37.92 13.28 1.71
C ALA F 199 -36.51 13.53 1.20
N LEU F 200 -36.31 14.70 0.58
CA LEU F 200 -34.99 15.13 0.13
C LEU F 200 -34.71 16.38 0.95
N SER F 201 -33.63 16.36 1.72
CA SER F 201 -33.36 17.46 2.66
C SER F 201 -32.07 18.22 2.37
N PRO F 202 -32.18 19.36 1.71
CA PRO F 202 -30.99 20.17 1.38
C PRO F 202 -30.36 20.86 2.59
N GLY F 203 -29.07 21.13 2.46
CA GLY F 203 -28.35 21.98 3.40
C GLY F 203 -28.45 23.40 2.87
N TYR F 204 -27.44 24.21 3.15
CA TYR F 204 -27.44 25.59 2.67
C TYR F 204 -27.28 25.64 1.16
N VAL F 205 -28.20 26.30 0.48
CA VAL F 205 -28.16 26.41 -0.98
C VAL F 205 -28.08 27.86 -1.45
N ASN F 206 -27.31 28.11 -2.51
CA ASN F 206 -27.23 29.44 -3.11
C ASN F 206 -28.41 29.66 -4.04
N THR F 207 -29.23 30.67 -3.73
CA THR F 207 -30.36 31.04 -4.58
C THR F 207 -30.27 32.54 -4.80
N ASP F 208 -31.19 33.09 -5.59
CA ASP F 208 -31.17 34.53 -5.84
C ASP F 208 -31.24 35.31 -4.55
N GLN F 209 -31.98 34.80 -3.57
CA GLN F 209 -32.13 35.47 -2.29
C GLN F 209 -30.81 35.56 -1.52
N THR F 210 -29.94 34.58 -1.74
CA THR F 210 -28.65 34.52 -1.05
C THR F 210 -27.81 35.75 -1.35
N ALA F 211 -27.91 36.25 -2.58
CA ALA F 211 -27.12 37.41 -2.99
C ALA F 211 -27.63 38.70 -2.38
N HIS F 212 -28.73 38.62 -1.62
CA HIS F 212 -29.29 39.83 -1.02
C HIS F 212 -29.32 39.75 0.50
N MET F 213 -28.87 38.64 1.04
CA MET F 213 -28.88 38.44 2.48
C MET F 213 -27.66 39.07 3.13
N ASP F 214 -27.69 39.19 4.46
CA ASP F 214 -26.58 39.75 5.20
C ASP F 214 -25.36 38.88 4.94
N LYS F 215 -24.33 39.49 4.34
CA LYS F 215 -23.09 38.79 4.03
C LYS F 215 -22.46 38.17 5.28
N LYS F 216 -22.56 38.87 6.41
CA LYS F 216 -21.98 38.33 7.64
C LYS F 216 -22.60 37.00 7.99
N ILE F 217 -23.92 36.90 7.84
CA ILE F 217 -24.63 35.65 8.15
C ILE F 217 -24.24 34.55 7.16
N ARG F 218 -24.28 34.89 5.88
CA ARG F 218 -23.91 33.96 4.83
C ARG F 218 -22.51 33.40 5.04
N ASP F 219 -21.56 34.29 5.33
CA ASP F 219 -20.19 33.88 5.56
C ASP F 219 -20.07 33.02 6.82
N HIS F 220 -20.83 33.35 7.86
CA HIS F 220 -20.78 32.53 9.06
C HIS F 220 -21.27 31.13 8.75
N GLN F 221 -22.40 31.05 8.07
CA GLN F 221 -23.01 29.77 7.74
C GLN F 221 -22.09 28.87 6.90
N ALA F 222 -21.38 29.46 5.94
CA ALA F 222 -20.45 28.69 5.10
C ALA F 222 -19.22 28.26 5.87
N SER F 223 -18.89 29.01 6.92
CA SER F 223 -17.68 28.77 7.71
C SER F 223 -17.63 27.44 8.47
N ASN F 224 -18.78 26.83 8.71
CA ASN F 224 -18.84 25.57 9.47
C ASN F 224 -19.41 24.40 8.67
N ILE F 225 -19.37 24.51 7.34
CA ILE F 225 -19.77 23.42 6.45
C ILE F 225 -18.49 22.74 6.01
N PRO F 226 -18.35 21.43 6.22
CA PRO F 226 -17.12 20.73 5.81
C PRO F 226 -16.68 21.00 4.37
N LEU F 227 -17.62 21.06 3.45
CA LEU F 227 -17.30 21.34 2.06
C LEU F 227 -16.94 22.80 1.80
N ASN F 228 -17.09 23.65 2.81
CA ASN F 228 -16.69 25.06 2.75
C ASN F 228 -17.46 25.94 1.78
N ARG F 229 -18.70 25.60 1.50
CA ARG F 229 -19.51 26.39 0.59
C ARG F 229 -20.97 25.98 0.64
N PHE F 230 -21.83 26.86 0.14
CA PHE F 230 -23.24 26.56 -0.04
C PHE F 230 -23.31 25.71 -1.30
N ALA F 231 -24.40 24.97 -1.45
CA ALA F 231 -24.56 24.15 -2.65
C ALA F 231 -25.20 24.97 -3.75
N GLN F 232 -25.07 24.49 -4.98
CA GLN F 232 -25.81 25.07 -6.10
C GLN F 232 -27.09 24.24 -6.17
N PRO F 233 -28.20 24.84 -6.58
CA PRO F 233 -29.47 24.09 -6.63
C PRO F 233 -29.35 22.80 -7.45
N GLU F 234 -28.54 22.83 -8.50
CA GLU F 234 -28.35 21.64 -9.34
C GLU F 234 -27.84 20.43 -8.55
N GLU F 235 -27.16 20.68 -7.44
CA GLU F 235 -26.62 19.59 -6.63
C GLU F 235 -27.68 18.82 -5.85
N MET F 236 -28.92 19.28 -5.92
CA MET F 236 -30.02 18.61 -5.23
C MET F 236 -30.75 17.66 -6.18
N THR F 237 -30.48 17.78 -7.47
CA THR F 237 -31.30 17.07 -8.46
C THR F 237 -31.01 15.58 -8.66
N GLY F 238 -29.75 15.17 -8.56
CA GLY F 238 -29.42 13.77 -8.76
C GLY F 238 -30.22 12.86 -7.84
N GLN F 239 -30.26 13.19 -6.56
CA GLN F 239 -31.00 12.37 -5.61
C GLN F 239 -32.50 12.32 -5.93
N ALA F 240 -33.05 13.44 -6.38
CA ALA F 240 -34.46 13.50 -6.74
C ALA F 240 -34.75 12.60 -7.93
N ILE F 241 -33.90 12.66 -8.95
CA ILE F 241 -34.08 11.83 -10.12
C ILE F 241 -34.01 10.35 -9.73
N LEU F 242 -33.06 9.99 -8.88
CA LEU F 242 -32.95 8.61 -8.44
C LEU F 242 -34.23 8.14 -7.73
N LEU F 243 -34.70 8.94 -6.77
CA LEU F 243 -35.89 8.59 -5.99
C LEU F 243 -37.15 8.44 -6.85
N LEU F 244 -37.23 9.25 -7.90
CA LEU F 244 -38.38 9.19 -8.80
C LEU F 244 -38.31 8.01 -9.77
N SER F 245 -37.10 7.46 -9.94
CA SER F 245 -36.86 6.37 -10.89
C SER F 245 -37.16 4.97 -10.38
N ASP F 246 -37.24 4.03 -11.30
CA ASP F 246 -37.50 2.63 -10.95
C ASP F 246 -36.32 1.96 -10.26
N HIS F 247 -35.19 2.68 -10.17
CA HIS F 247 -34.04 2.16 -9.46
C HIS F 247 -34.26 2.26 -7.97
N ALA F 248 -35.21 3.10 -7.59
CA ALA F 248 -35.48 3.33 -6.16
C ALA F 248 -36.67 2.54 -5.63
N THR F 249 -36.97 1.39 -6.25
CA THR F 249 -38.11 0.56 -5.83
C THR F 249 -38.13 0.11 -4.38
N TYR F 250 -36.96 0.06 -3.73
CA TYR F 250 -36.92 -0.38 -2.34
C TYR F 250 -36.71 0.80 -1.40
N MET F 251 -36.89 2.01 -1.93
CA MET F 251 -36.71 3.20 -1.12
C MET F 251 -38.02 3.92 -0.85
N THR F 252 -38.45 3.90 0.40
CA THR F 252 -39.67 4.60 0.74
C THR F 252 -39.67 4.94 2.22
N GLY F 253 -40.23 6.09 2.54
CA GLY F 253 -40.28 6.58 3.91
C GLY F 253 -38.99 7.20 4.39
N GLY F 254 -37.99 7.24 3.52
CA GLY F 254 -36.69 7.74 3.94
C GLY F 254 -36.48 9.23 3.78
N GLU F 255 -35.44 9.72 4.44
CA GLU F 255 -35.03 11.12 4.36
C GLU F 255 -33.59 11.10 3.86
N TYR F 256 -33.34 11.78 2.75
CA TYR F 256 -32.04 11.77 2.09
C TYR F 256 -31.44 13.16 2.15
N PHE F 257 -30.38 13.29 2.95
CA PHE F 257 -29.76 14.61 3.18
C PHE F 257 -28.72 14.92 2.12
N ILE F 258 -28.67 16.19 1.74
CA ILE F 258 -27.70 16.71 0.78
C ILE F 258 -27.18 17.97 1.46
N ASP F 259 -26.38 17.75 2.51
CA ASP F 259 -26.02 18.82 3.44
C ASP F 259 -24.59 19.30 3.41
N GLY F 260 -23.76 18.79 2.50
CA GLY F 260 -22.38 19.22 2.40
C GLY F 260 -21.57 18.89 3.64
N GLY F 261 -22.10 18.01 4.48
CA GLY F 261 -21.41 17.61 5.68
C GLY F 261 -21.81 18.37 6.94
N GLN F 262 -22.73 19.31 6.83
CA GLN F 262 -23.13 20.11 8.00
C GLN F 262 -23.58 19.25 9.18
N LEU F 263 -24.27 18.16 8.91
CA LEU F 263 -24.79 17.28 9.97
C LEU F 263 -23.70 16.46 10.66
N ILE F 264 -22.46 16.55 10.18
CA ILE F 264 -21.34 15.84 10.79
C ILE F 264 -21.03 16.43 12.15
N TRP F 265 -21.14 17.75 12.26
CA TRP F 265 -20.78 18.47 13.46
C TRP F 265 -21.91 18.54 14.49
N PRO G 6 -33.03 12.37 -25.01
CA PRO G 6 -32.92 12.90 -23.62
C PRO G 6 -32.64 11.79 -22.61
N GLY G 7 -32.35 12.17 -21.38
CA GLY G 7 -32.06 11.20 -20.35
C GLY G 7 -31.04 11.65 -19.33
N PHE G 8 -31.10 11.05 -18.16
CA PHE G 8 -30.14 11.31 -17.08
C PHE G 8 -29.11 10.20 -17.17
N THR G 9 -27.86 10.55 -17.47
CA THR G 9 -26.84 9.50 -17.58
C THR G 9 -25.60 9.75 -16.74
N ILE G 10 -25.17 8.69 -16.05
CA ILE G 10 -23.92 8.68 -15.29
C ILE G 10 -22.98 7.69 -15.97
N SER G 11 -21.84 8.18 -16.44
CA SER G 11 -20.87 7.31 -17.12
C SER G 11 -19.57 7.21 -16.33
N PHE G 12 -19.10 5.99 -16.12
CA PHE G 12 -17.86 5.75 -15.41
C PHE G 12 -16.76 5.23 -16.35
N VAL G 13 -16.92 5.47 -17.65
CA VAL G 13 -15.92 5.00 -18.60
C VAL G 13 -14.58 5.62 -18.23
N ASN G 14 -13.53 4.80 -18.27
CA ASN G 14 -12.16 5.23 -17.97
C ASN G 14 -11.98 5.60 -16.51
N LYS G 15 -12.82 5.01 -15.66
CA LYS G 15 -12.71 5.20 -14.22
C LYS G 15 -12.64 3.84 -13.58
N THR G 16 -11.94 3.75 -12.47
CA THR G 16 -11.82 2.49 -11.76
C THR G 16 -12.48 2.53 -10.38
N ILE G 17 -13.26 1.49 -10.08
CA ILE G 17 -13.93 1.38 -8.79
C ILE G 17 -13.48 0.11 -8.10
N ILE G 18 -13.09 0.22 -6.84
CA ILE G 18 -12.70 -0.94 -6.04
C ILE G 18 -13.93 -1.36 -5.26
N VAL G 19 -14.20 -2.66 -5.24
CA VAL G 19 -15.33 -3.17 -4.47
C VAL G 19 -14.85 -4.30 -3.59
N THR G 20 -14.89 -4.11 -2.27
CA THR G 20 -14.49 -5.22 -1.38
C THR G 20 -15.67 -6.15 -1.20
N GLY G 21 -15.39 -7.44 -1.19
CA GLY G 21 -16.46 -8.42 -1.14
C GLY G 21 -17.27 -8.29 -2.41
N GLY G 22 -16.61 -7.94 -3.51
CA GLY G 22 -17.32 -7.67 -4.75
C GLY G 22 -17.56 -8.85 -5.67
N ASN G 23 -17.27 -10.05 -5.17
CA ASN G 23 -17.38 -11.26 -5.97
C ASN G 23 -18.68 -12.04 -5.77
N ARG G 24 -19.46 -11.70 -4.74
CA ARG G 24 -20.74 -12.36 -4.50
C ARG G 24 -21.66 -11.48 -3.65
N GLY G 25 -22.91 -11.92 -3.50
CA GLY G 25 -23.87 -11.18 -2.71
C GLY G 25 -24.11 -9.79 -3.22
N ILE G 26 -24.29 -8.85 -2.30
CA ILE G 26 -24.54 -7.46 -2.68
C ILE G 26 -23.31 -6.89 -3.36
N GLY G 27 -22.13 -7.30 -2.93
CA GLY G 27 -20.90 -6.81 -3.53
C GLY G 27 -20.86 -7.06 -5.02
N LEU G 28 -21.29 -8.26 -5.44
CA LEU G 28 -21.33 -8.59 -6.86
C LEU G 28 -22.33 -7.68 -7.60
N ALA G 29 -23.44 -7.34 -6.95
CA ALA G 29 -24.41 -6.44 -7.58
C ALA G 29 -23.77 -5.08 -7.83
N PHE G 30 -22.99 -4.59 -6.87
CA PHE G 30 -22.31 -3.32 -7.02
C PHE G 30 -21.31 -3.40 -8.16
N THR G 31 -20.57 -4.50 -8.19
CA THR G 31 -19.56 -4.73 -9.23
C THR G 31 -20.15 -4.68 -10.62
N ARG G 32 -21.26 -5.38 -10.80
CA ARG G 32 -21.93 -5.43 -12.09
C ARG G 32 -22.55 -4.10 -12.48
N ALA G 33 -23.10 -3.40 -11.49
CA ALA G 33 -23.72 -2.11 -11.73
C ALA G 33 -22.70 -1.07 -12.18
N VAL G 34 -21.57 -0.99 -11.47
CA VAL G 34 -20.57 -0.01 -11.87
C VAL G 34 -19.92 -0.39 -13.20
N ALA G 35 -19.81 -1.70 -13.46
CA ALA G 35 -19.29 -2.18 -14.74
C ALA G 35 -20.22 -1.76 -15.88
N ALA G 36 -21.52 -1.94 -15.66
CA ALA G 36 -22.53 -1.58 -16.65
C ALA G 36 -22.49 -0.08 -16.92
N ALA G 37 -22.11 0.69 -15.89
CA ALA G 37 -22.01 2.13 -16.02
C ALA G 37 -20.72 2.50 -16.75
N GLY G 38 -19.87 1.50 -17.00
CA GLY G 38 -18.64 1.70 -17.75
C GLY G 38 -17.32 1.67 -16.98
N ALA G 39 -17.38 1.46 -15.67
CA ALA G 39 -16.17 1.45 -14.87
C ALA G 39 -15.36 0.16 -14.96
N ASN G 40 -14.05 0.30 -14.84
CA ASN G 40 -13.17 -0.85 -14.68
C ASN G 40 -13.34 -1.22 -13.22
N VAL G 41 -13.22 -2.50 -12.87
CA VAL G 41 -13.48 -2.91 -11.50
C VAL G 41 -12.39 -3.77 -10.89
N ALA G 42 -11.93 -3.36 -9.72
CA ALA G 42 -10.98 -4.13 -8.94
C ALA G 42 -11.80 -4.79 -7.85
N VAL G 43 -11.87 -6.11 -7.87
CA VAL G 43 -12.65 -6.87 -6.91
C VAL G 43 -11.76 -7.45 -5.81
N ILE G 44 -12.03 -7.09 -4.57
CA ILE G 44 -11.30 -7.62 -3.42
C ILE G 44 -12.13 -8.72 -2.77
N TYR G 45 -11.49 -9.86 -2.49
CA TYR G 45 -12.20 -10.98 -1.87
C TYR G 45 -11.27 -11.66 -0.88
N ARG G 46 -11.80 -12.56 -0.06
CA ARG G 46 -11.00 -13.23 0.95
C ARG G 46 -10.59 -14.65 0.58
N SER G 47 -11.51 -15.46 0.10
CA SER G 47 -11.16 -16.86 -0.20
C SER G 47 -12.02 -17.58 -1.23
N ALA G 48 -13.05 -16.93 -1.74
CA ALA G 48 -13.95 -17.58 -2.69
C ALA G 48 -13.18 -18.28 -3.82
N ALA G 49 -13.40 -19.57 -3.97
CA ALA G 49 -12.69 -20.36 -4.96
C ALA G 49 -12.93 -19.90 -6.40
N ASP G 50 -14.07 -19.26 -6.65
CA ASP G 50 -14.40 -18.83 -8.00
C ASP G 50 -14.37 -17.32 -8.19
N ALA G 51 -13.79 -16.59 -7.24
CA ALA G 51 -13.73 -15.13 -7.35
C ALA G 51 -13.06 -14.64 -8.63
N VAL G 52 -11.99 -15.30 -9.04
CA VAL G 52 -11.29 -14.89 -10.25
C VAL G 52 -12.16 -15.07 -11.49
N GLU G 53 -12.79 -16.24 -11.60
CA GLU G 53 -13.67 -16.55 -12.74
C GLU G 53 -14.82 -15.55 -12.83
N VAL G 54 -15.49 -15.35 -11.71
CA VAL G 54 -16.62 -14.44 -11.62
C VAL G 54 -16.21 -13.05 -12.09
N THR G 55 -15.09 -12.58 -11.57
CA THR G 55 -14.60 -11.24 -11.90
C THR G 55 -14.24 -11.11 -13.38
N GLU G 56 -13.70 -12.18 -13.95
CA GLU G 56 -13.32 -12.15 -15.36
C GLU G 56 -14.58 -12.09 -16.21
N LYS G 57 -15.59 -12.86 -15.82
CA LYS G 57 -16.85 -12.89 -16.58
C LYS G 57 -17.52 -11.52 -16.61
N VAL G 58 -17.49 -10.80 -15.49
CA VAL G 58 -18.08 -9.46 -15.45
C VAL G 58 -17.39 -8.57 -16.48
N GLY G 59 -16.05 -8.64 -16.49
CA GLY G 59 -15.28 -7.84 -17.43
C GLY G 59 -15.62 -8.10 -18.88
N LYS G 60 -15.81 -9.37 -19.21
CA LYS G 60 -16.15 -9.74 -20.58
C LYS G 60 -17.56 -9.29 -20.93
N GLU G 61 -18.48 -9.52 -19.99
CA GLU G 61 -19.89 -9.19 -20.20
C GLU G 61 -20.13 -7.70 -20.47
N PHE G 62 -19.37 -6.85 -19.79
CA PHE G 62 -19.59 -5.40 -19.93
C PHE G 62 -18.50 -4.66 -20.70
N GLY G 63 -17.51 -5.39 -21.21
CA GLY G 63 -16.43 -4.77 -21.97
C GLY G 63 -15.59 -3.76 -21.21
N VAL G 64 -15.27 -4.10 -19.95
CA VAL G 64 -14.45 -3.26 -19.10
C VAL G 64 -13.29 -4.07 -18.54
N LYS G 65 -12.28 -3.39 -18.01
CA LYS G 65 -11.14 -4.08 -17.41
C LYS G 65 -11.47 -4.44 -15.98
N THR G 66 -11.17 -5.67 -15.58
CA THR G 66 -11.39 -6.09 -14.20
C THR G 66 -10.29 -7.03 -13.77
N LYS G 67 -10.05 -7.03 -12.47
CA LYS G 67 -9.06 -7.92 -11.89
C LYS G 67 -9.48 -8.21 -10.46
N ALA G 68 -9.24 -9.44 -10.04
CA ALA G 68 -9.57 -9.88 -8.68
C ALA G 68 -8.30 -9.89 -7.82
N TYR G 69 -8.45 -9.50 -6.56
CA TYR G 69 -7.32 -9.44 -5.64
C TYR G 69 -7.69 -10.09 -4.33
N GLN G 70 -6.99 -11.15 -3.96
CA GLN G 70 -7.24 -11.80 -2.68
C GLN G 70 -6.59 -10.93 -1.64
N CYS G 71 -7.42 -10.38 -0.74
CA CYS G 71 -6.91 -9.40 0.20
C CYS G 71 -7.80 -9.31 1.45
N ASP G 72 -7.28 -9.79 2.57
CA ASP G 72 -8.00 -9.74 3.83
C ASP G 72 -8.06 -8.30 4.30
N VAL G 73 -9.25 -7.70 4.29
CA VAL G 73 -9.37 -6.29 4.62
C VAL G 73 -9.01 -5.97 6.07
N SER G 74 -8.92 -6.99 6.91
CA SER G 74 -8.58 -6.78 8.31
C SER G 74 -7.07 -6.63 8.53
N ASN G 75 -6.27 -6.85 7.49
CA ASN G 75 -4.81 -6.74 7.62
C ASN G 75 -4.29 -5.45 6.98
N THR G 76 -3.58 -4.65 7.75
CA THR G 76 -3.11 -3.35 7.27
C THR G 76 -2.23 -3.44 6.03
N ASP G 77 -1.14 -4.17 6.15
CA ASP G 77 -0.16 -4.22 5.07
C ASP G 77 -0.65 -4.84 3.78
N ILE G 78 -1.49 -5.87 3.86
CA ILE G 78 -1.98 -6.49 2.61
C ILE G 78 -2.89 -5.51 1.88
N VAL G 79 -3.65 -4.72 2.64
CA VAL G 79 -4.52 -3.73 2.03
C VAL G 79 -3.69 -2.63 1.37
N THR G 80 -2.70 -2.13 2.08
CA THR G 80 -1.82 -1.09 1.54
C THR G 80 -1.21 -1.58 0.23
N LYS G 81 -0.68 -2.79 0.25
CA LYS G 81 -0.04 -3.34 -0.94
C LYS G 81 -1.04 -3.58 -2.06
N THR G 82 -2.24 -4.03 -1.71
CA THR G 82 -3.25 -4.31 -2.71
C THR G 82 -3.73 -3.03 -3.39
N ILE G 83 -3.94 -1.99 -2.60
CA ILE G 83 -4.36 -0.72 -3.19
C ILE G 83 -3.30 -0.20 -4.13
N GLN G 84 -2.03 -0.33 -3.75
CA GLN G 84 -0.94 0.13 -4.61
C GLN G 84 -0.94 -0.64 -5.92
N GLN G 85 -1.15 -1.96 -5.84
CA GLN G 85 -1.20 -2.79 -7.03
C GLN G 85 -2.38 -2.41 -7.93
N ILE G 86 -3.52 -2.11 -7.32
CA ILE G 86 -4.71 -1.74 -8.09
C ILE G 86 -4.44 -0.44 -8.84
N ASP G 87 -3.82 0.51 -8.16
CA ASP G 87 -3.47 1.77 -8.79
C ASP G 87 -2.49 1.55 -9.93
N ALA G 88 -1.59 0.58 -9.77
CA ALA G 88 -0.62 0.33 -10.82
C ALA G 88 -1.26 -0.41 -12.00
N ASP G 89 -2.18 -1.33 -11.72
CA ASP G 89 -2.84 -2.12 -12.75
C ASP G 89 -3.96 -1.36 -13.45
N LEU G 90 -4.71 -0.58 -12.66
CA LEU G 90 -5.91 0.12 -13.15
C LEU G 90 -6.05 1.59 -12.76
N GLY G 91 -5.01 2.20 -12.21
CA GLY G 91 -5.10 3.59 -11.81
C GLY G 91 -5.52 4.48 -12.97
N PRO G 92 -6.05 5.66 -12.66
CA PRO G 92 -6.30 6.09 -11.28
C PRO G 92 -7.60 5.53 -10.70
N ILE G 93 -7.61 5.36 -9.38
CA ILE G 93 -8.76 4.88 -8.65
C ILE G 93 -9.71 6.05 -8.46
N SER G 94 -10.94 5.90 -8.92
CA SER G 94 -11.93 6.98 -8.85
C SER G 94 -12.85 6.84 -7.65
N GLY G 95 -13.12 5.60 -7.24
CA GLY G 95 -14.02 5.38 -6.11
C GLY G 95 -13.82 4.05 -5.44
N LEU G 96 -14.43 3.91 -4.27
CA LEU G 96 -14.33 2.68 -3.49
C LEU G 96 -15.66 2.34 -2.85
N ILE G 97 -16.03 1.07 -2.90
CA ILE G 97 -17.18 0.55 -2.18
C ILE G 97 -16.69 -0.44 -1.13
N ALA G 98 -16.60 0.02 0.11
CA ALA G 98 -16.14 -0.81 1.22
C ALA G 98 -17.33 -1.60 1.70
N ASN G 99 -17.51 -2.78 1.09
CA ASN G 99 -18.69 -3.60 1.27
C ASN G 99 -18.49 -4.87 2.08
N ALA G 100 -17.27 -5.39 2.13
CA ALA G 100 -17.03 -6.63 2.88
C ALA G 100 -17.55 -6.55 4.31
N GLY G 101 -18.25 -7.59 4.75
CA GLY G 101 -18.79 -7.61 6.10
C GLY G 101 -19.16 -9.02 6.52
N VAL G 102 -19.27 -9.23 7.83
CA VAL G 102 -19.59 -10.54 8.41
C VAL G 102 -20.48 -10.36 9.62
N SER G 103 -20.97 -11.48 10.16
CA SER G 103 -21.77 -11.44 11.38
C SER G 103 -21.58 -12.71 12.19
N VAL G 104 -22.00 -12.66 13.45
CA VAL G 104 -22.01 -13.80 14.35
C VAL G 104 -23.34 -13.75 15.08
N VAL G 105 -24.12 -14.82 14.94
CA VAL G 105 -25.43 -14.92 15.57
C VAL G 105 -25.41 -15.86 16.76
N LYS G 106 -25.50 -15.29 17.95
CA LYS G 106 -25.51 -16.04 19.21
C LYS G 106 -26.15 -15.16 20.25
N PRO G 107 -26.76 -15.75 21.26
CA PRO G 107 -27.30 -14.95 22.37
C PRO G 107 -26.18 -14.11 22.94
N ALA G 108 -26.51 -12.87 23.29
CA ALA G 108 -25.50 -11.94 23.80
C ALA G 108 -24.66 -12.52 24.95
N THR G 109 -25.28 -13.21 25.89
CA THR G 109 -24.52 -13.75 27.02
C THR G 109 -23.44 -14.73 26.62
N GLU G 110 -23.56 -15.33 25.43
CA GLU G 110 -22.62 -16.35 24.99
C GLU G 110 -21.53 -15.83 24.06
N LEU G 111 -21.63 -14.57 23.63
CA LEU G 111 -20.64 -14.00 22.73
C LEU G 111 -19.29 -13.89 23.43
N THR G 112 -18.21 -14.09 22.66
CA THR G 112 -16.86 -14.04 23.22
C THR G 112 -16.03 -12.91 22.62
N HIS G 113 -14.84 -12.73 23.19
CA HIS G 113 -13.90 -11.74 22.66
C HIS G 113 -13.48 -12.12 21.25
N GLU G 114 -13.39 -13.41 21.00
CA GLU G 114 -13.03 -13.86 19.66
C GLU G 114 -14.13 -13.52 18.65
N ASP G 115 -15.39 -13.65 19.08
CA ASP G 115 -16.50 -13.28 18.23
C ASP G 115 -16.43 -11.78 17.96
N PHE G 116 -16.09 -11.02 18.99
CA PHE G 116 -15.98 -9.57 18.85
C PHE G 116 -14.94 -9.20 17.81
N ALA G 117 -13.76 -9.80 17.94
CA ALA G 117 -12.67 -9.54 17.00
C ALA G 117 -13.09 -9.93 15.59
N PHE G 118 -13.70 -11.10 15.45
CA PHE G 118 -14.10 -11.57 14.13
C PHE G 118 -14.98 -10.56 13.39
N VAL G 119 -15.99 -10.04 14.06
CA VAL G 119 -16.92 -9.10 13.45
C VAL G 119 -16.32 -7.72 13.29
N TYR G 120 -15.72 -7.21 14.37
CA TYR G 120 -15.19 -5.85 14.32
C TYR G 120 -13.97 -5.65 13.41
N ASP G 121 -13.13 -6.66 13.29
CA ASP G 121 -11.96 -6.53 12.43
C ASP G 121 -12.33 -6.33 10.97
N VAL G 122 -13.46 -6.90 10.56
CA VAL G 122 -13.89 -6.74 9.18
C VAL G 122 -14.86 -5.57 9.00
N ASN G 123 -15.89 -5.54 9.83
CA ASN G 123 -16.96 -4.55 9.73
C ASN G 123 -16.58 -3.13 10.08
N VAL G 124 -15.57 -2.97 10.94
CA VAL G 124 -15.18 -1.63 11.34
C VAL G 124 -13.73 -1.38 10.96
N PHE G 125 -12.82 -2.18 11.49
CA PHE G 125 -11.43 -1.94 11.13
C PHE G 125 -11.19 -2.14 9.64
N GLY G 126 -11.81 -3.19 9.07
CA GLY G 126 -11.65 -3.50 7.65
C GLY G 126 -12.13 -2.35 6.79
N VAL G 127 -13.23 -1.73 7.20
CA VAL G 127 -13.75 -0.59 6.48
C VAL G 127 -12.78 0.57 6.61
N PHE G 128 -12.38 0.86 7.85
CA PHE G 128 -11.42 1.92 8.08
C PHE G 128 -10.15 1.71 7.28
N ASN G 129 -9.61 0.50 7.36
CA ASN G 129 -8.33 0.17 6.74
C ASN G 129 -8.37 0.37 5.23
N THR G 130 -9.44 -0.14 4.60
CA THR G 130 -9.60 0.01 3.16
C THR G 130 -9.76 1.47 2.75
N CYS G 131 -10.62 2.19 3.47
CA CYS G 131 -10.83 3.61 3.21
C CYS G 131 -9.54 4.40 3.34
N ARG G 132 -8.79 4.09 4.40
CA ARG G 132 -7.52 4.78 4.68
C ARG G 132 -6.48 4.55 3.60
N ALA G 133 -6.37 3.31 3.13
CA ALA G 133 -5.39 2.98 2.12
C ALA G 133 -5.67 3.76 0.83
N VAL G 134 -6.93 3.78 0.43
CA VAL G 134 -7.30 4.50 -0.79
C VAL G 134 -7.13 6.01 -0.59
N ALA G 135 -7.60 6.52 0.54
CA ALA G 135 -7.49 7.94 0.84
C ALA G 135 -6.04 8.43 0.86
N LYS G 136 -5.16 7.65 1.50
CA LYS G 136 -3.75 8.03 1.54
C LYS G 136 -3.16 8.14 0.12
N LEU G 137 -3.58 7.23 -0.75
CA LEU G 137 -3.10 7.24 -2.13
C LEU G 137 -3.63 8.49 -2.84
N TRP G 138 -4.91 8.80 -2.64
CA TRP G 138 -5.48 9.99 -3.24
C TRP G 138 -4.77 11.24 -2.74
N LEU G 139 -4.54 11.33 -1.44
CA LEU G 139 -3.87 12.49 -0.86
C LEU G 139 -2.46 12.67 -1.44
N GLN G 140 -1.72 11.57 -1.56
CA GLN G 140 -0.38 11.62 -2.10
C GLN G 140 -0.37 12.13 -3.53
N LYS G 141 -1.29 11.62 -4.34
CA LYS G 141 -1.34 12.00 -5.74
C LYS G 141 -2.24 13.21 -6.04
N GLN G 142 -2.71 13.87 -4.98
CA GLN G 142 -3.58 15.03 -5.11
C GLN G 142 -4.80 14.73 -5.97
N GLN G 143 -5.44 13.60 -5.68
CA GLN G 143 -6.62 13.18 -6.42
C GLN G 143 -7.89 13.25 -5.57
N LYS G 144 -9.02 13.50 -6.22
CA LYS G 144 -10.30 13.52 -5.53
C LYS G 144 -10.92 12.15 -5.69
N GLY G 145 -11.92 11.84 -4.87
CA GLY G 145 -12.57 10.55 -4.98
C GLY G 145 -13.79 10.45 -4.10
N SER G 146 -14.56 9.38 -4.30
CA SER G 146 -15.77 9.14 -3.53
C SER G 146 -15.76 7.72 -2.96
N ILE G 147 -16.15 7.59 -1.69
CA ILE G 147 -16.17 6.31 -1.03
C ILE G 147 -17.57 6.02 -0.51
N VAL G 148 -18.06 4.82 -0.81
CA VAL G 148 -19.33 4.33 -0.30
C VAL G 148 -19.06 3.14 0.60
N VAL G 149 -19.58 3.19 1.82
CA VAL G 149 -19.41 2.10 2.76
C VAL G 149 -20.74 1.40 2.93
N THR G 150 -20.76 0.08 2.80
CA THR G 150 -22.01 -0.65 3.01
C THR G 150 -22.20 -0.85 4.50
N SER G 151 -23.16 -0.12 5.06
CA SER G 151 -23.47 -0.29 6.47
C SER G 151 -24.68 -1.19 6.55
N SER G 152 -25.77 -0.73 7.17
CA SER G 152 -26.99 -1.50 7.28
C SER G 152 -28.01 -0.70 8.08
N MET G 153 -29.29 -0.95 7.87
CA MET G 153 -30.31 -0.29 8.69
C MET G 153 -30.11 -0.75 10.14
N SER G 154 -29.33 -1.81 10.33
CA SER G 154 -29.02 -2.33 11.66
C SER G 154 -28.22 -1.30 12.47
N SER G 155 -27.76 -0.26 11.80
CA SER G 155 -27.05 0.81 12.51
C SER G 155 -28.03 1.57 13.43
N GLN G 156 -29.33 1.47 13.13
CA GLN G 156 -30.37 2.22 13.87
C GLN G 156 -31.23 1.33 14.75
N ILE G 157 -31.47 0.10 14.30
CA ILE G 157 -32.38 -0.79 15.00
C ILE G 157 -31.78 -2.16 15.23
N ILE G 158 -32.45 -2.93 16.08
CA ILE G 158 -32.10 -4.32 16.31
C ILE G 158 -33.07 -5.15 15.49
N ASN G 159 -32.54 -6.13 14.77
CA ASN G 159 -33.39 -6.98 13.94
C ASN G 159 -34.15 -8.01 14.75
N GLN G 160 -35.25 -8.51 14.20
CA GLN G 160 -36.04 -9.53 14.86
C GLN G 160 -35.94 -10.87 14.15
N SER G 161 -36.04 -11.95 14.94
CA SER G 161 -36.09 -13.31 14.39
C SER G 161 -37.51 -13.87 14.56
N SER G 162 -38.28 -13.26 15.46
CA SER G 162 -39.65 -13.66 15.74
C SER G 162 -40.35 -12.46 16.40
N LEU G 163 -41.65 -12.59 16.63
CA LEU G 163 -42.44 -11.53 17.26
C LEU G 163 -41.83 -11.06 18.58
N ASN G 164 -41.44 -9.79 18.62
CA ASN G 164 -40.86 -9.19 19.82
C ASN G 164 -39.61 -9.95 20.28
N GLY G 165 -38.95 -10.64 19.34
CA GLY G 165 -37.80 -11.44 19.66
C GLY G 165 -36.61 -11.07 18.81
N SER G 166 -35.49 -10.76 19.46
CA SER G 166 -34.31 -10.33 18.73
C SER G 166 -33.65 -11.40 17.88
N LEU G 167 -33.12 -10.97 16.74
CA LEU G 167 -32.23 -11.79 15.93
C LEU G 167 -30.93 -11.47 16.63
N THR G 168 -30.49 -12.39 17.49
CA THR G 168 -29.34 -12.12 18.36
C THR G 168 -27.99 -12.03 17.68
N GLN G 169 -27.51 -10.81 17.50
CA GLN G 169 -26.21 -10.59 16.87
C GLN G 169 -25.75 -9.19 17.29
N VAL G 170 -25.66 -8.96 18.60
CA VAL G 170 -25.37 -7.59 19.03
C VAL G 170 -24.09 -6.98 18.47
N PHE G 171 -23.09 -7.81 18.16
CA PHE G 171 -21.86 -7.29 17.60
C PHE G 171 -22.06 -6.83 16.16
N TYR G 172 -22.98 -7.46 15.45
CA TYR G 172 -23.27 -7.04 14.07
C TYR G 172 -23.89 -5.65 14.06
N ASN G 173 -25.03 -5.50 14.74
CA ASN G 173 -25.72 -4.21 14.75
C ASN G 173 -24.83 -3.08 15.25
N SER G 174 -24.10 -3.34 16.32
CA SER G 174 -23.24 -2.29 16.88
C SER G 174 -22.07 -1.97 15.94
N SER G 175 -21.58 -2.96 15.22
CA SER G 175 -20.50 -2.70 14.26
C SER G 175 -20.99 -1.82 13.13
N LYS G 176 -22.26 -1.99 12.76
CA LYS G 176 -22.81 -1.17 11.68
C LYS G 176 -23.06 0.26 12.17
N ALA G 177 -23.46 0.41 13.43
CA ALA G 177 -23.57 1.75 14.00
C ALA G 177 -22.19 2.43 13.99
N ALA G 178 -21.16 1.67 14.31
CA ALA G 178 -19.81 2.24 14.32
C ALA G 178 -19.44 2.66 12.91
N CYS G 179 -19.73 1.80 11.96
CA CYS G 179 -19.46 2.08 10.56
C CYS G 179 -20.09 3.38 10.07
N SER G 180 -21.37 3.59 10.39
CA SER G 180 -22.05 4.78 9.92
C SER G 180 -21.50 6.04 10.58
N ASN G 181 -21.00 5.91 11.80
CA ASN G 181 -20.38 7.05 12.47
C ASN G 181 -18.98 7.29 11.89
N LEU G 182 -18.25 6.20 11.64
CA LEU G 182 -16.91 6.30 11.06
C LEU G 182 -16.93 7.10 9.75
N VAL G 183 -17.99 6.89 8.96
CA VAL G 183 -18.15 7.62 7.72
C VAL G 183 -18.16 9.14 7.96
N LYS G 184 -18.80 9.56 9.05
CA LYS G 184 -18.84 10.98 9.40
C LYS G 184 -17.43 11.44 9.78
N GLY G 185 -16.75 10.63 10.58
CA GLY G 185 -15.41 10.96 11.03
C GLY G 185 -14.43 11.12 9.89
N LEU G 186 -14.45 10.17 8.96
CA LEU G 186 -13.54 10.23 7.81
C LEU G 186 -13.92 11.38 6.88
N ALA G 187 -15.22 11.55 6.65
CA ALA G 187 -15.68 12.65 5.79
C ALA G 187 -15.22 14.00 6.34
N ALA G 188 -15.25 14.14 7.66
CA ALA G 188 -14.84 15.40 8.30
C ALA G 188 -13.39 15.75 8.04
N GLU G 189 -12.53 14.74 8.04
CA GLU G 189 -11.11 14.98 7.87
C GLU G 189 -10.68 15.11 6.41
N TRP G 190 -11.43 14.48 5.52
CA TRP G 190 -11.02 14.45 4.12
C TRP G 190 -11.79 15.39 3.20
N ALA G 191 -12.77 16.11 3.77
CA ALA G 191 -13.61 17.02 3.00
C ALA G 191 -12.81 18.08 2.23
N SER G 192 -11.85 18.71 2.93
CA SER G 192 -11.07 19.77 2.31
C SER G 192 -10.21 19.27 1.17
N ALA G 193 -9.92 17.97 1.16
CA ALA G 193 -9.11 17.39 0.10
C ALA G 193 -9.93 16.93 -1.09
N GLY G 194 -11.24 17.13 -1.05
CA GLY G 194 -12.10 16.73 -2.14
C GLY G 194 -12.43 15.26 -2.15
N ILE G 195 -12.43 14.65 -0.96
CA ILE G 195 -12.76 13.24 -0.85
C ILE G 195 -14.05 13.12 -0.07
N ARG G 196 -15.05 12.47 -0.66
CA ARG G 196 -16.35 12.29 -0.01
C ARG G 196 -16.49 10.86 0.51
N VAL G 197 -17.19 10.70 1.64
CA VAL G 197 -17.40 9.39 2.23
C VAL G 197 -18.84 9.33 2.72
N ASN G 198 -19.57 8.30 2.29
CA ASN G 198 -20.97 8.16 2.65
C ASN G 198 -21.29 6.70 2.95
N ALA G 199 -22.32 6.47 3.76
CA ALA G 199 -22.75 5.12 4.07
C ALA G 199 -24.03 4.77 3.32
N LEU G 200 -24.10 3.55 2.82
CA LEU G 200 -25.28 3.05 2.14
C LEU G 200 -25.77 1.92 3.05
N SER G 201 -27.00 2.03 3.52
CA SER G 201 -27.50 1.08 4.52
C SER G 201 -28.72 0.27 4.06
N PRO G 202 -28.49 -0.95 3.61
CA PRO G 202 -29.62 -1.78 3.16
C PRO G 202 -30.51 -2.32 4.27
N GLY G 203 -31.74 -2.66 3.89
CA GLY G 203 -32.66 -3.38 4.75
C GLY G 203 -32.43 -4.86 4.48
N TYR G 204 -33.46 -5.67 4.69
CA TYR G 204 -33.35 -7.11 4.41
C TYR G 204 -33.19 -7.36 2.92
N VAL G 205 -32.16 -8.10 2.53
CA VAL G 205 -31.90 -8.37 1.14
C VAL G 205 -31.85 -9.87 0.87
N ASN G 206 -32.43 -10.30 -0.25
CA ASN G 206 -32.37 -11.70 -0.67
C ASN G 206 -31.03 -12.01 -1.31
N THR G 207 -30.27 -12.93 -0.72
CA THR G 207 -29.00 -13.38 -1.26
C THR G 207 -29.02 -14.91 -1.29
N ASP G 208 -27.93 -15.52 -1.75
CA ASP G 208 -27.84 -16.97 -1.81
C ASP G 208 -28.10 -17.61 -0.46
N GLN G 209 -27.62 -16.98 0.60
CA GLN G 209 -27.77 -17.52 1.94
C GLN G 209 -29.21 -17.41 2.47
N THR G 210 -30.02 -16.59 1.81
CA THR G 210 -31.40 -16.40 2.25
C THR G 210 -32.21 -17.67 2.05
N ALA G 211 -32.07 -18.28 0.89
CA ALA G 211 -32.81 -19.49 0.54
C ALA G 211 -32.51 -20.66 1.48
N HIS G 212 -31.43 -20.55 2.25
CA HIS G 212 -31.03 -21.62 3.16
C HIS G 212 -31.26 -21.28 4.63
N MET G 213 -31.78 -20.08 4.89
CA MET G 213 -32.06 -19.66 6.27
C MET G 213 -33.40 -20.19 6.73
N ASP G 214 -33.62 -20.17 8.04
CA ASP G 214 -34.88 -20.63 8.62
C ASP G 214 -36.03 -19.83 8.01
N LYS G 215 -36.92 -20.54 7.33
CA LYS G 215 -38.06 -19.91 6.64
C LYS G 215 -38.96 -19.12 7.58
N LYS G 216 -39.16 -19.62 8.80
CA LYS G 216 -40.00 -18.92 9.76
C LYS G 216 -39.44 -17.53 10.03
N ILE G 217 -38.13 -17.47 10.26
CA ILE G 217 -37.45 -16.21 10.54
C ILE G 217 -37.55 -15.28 9.33
N ARG G 218 -37.24 -15.82 8.17
CA ARG G 218 -37.32 -15.07 6.93
C ARG G 218 -38.74 -14.52 6.75
N ASP G 219 -39.74 -15.36 6.99
CA ASP G 219 -41.13 -14.95 6.86
C ASP G 219 -41.51 -13.88 7.87
N HIS G 220 -41.09 -14.08 9.11
CA HIS G 220 -41.38 -13.07 10.13
C HIS G 220 -40.77 -11.72 9.75
N GLN G 221 -39.51 -11.74 9.35
CA GLN G 221 -38.84 -10.50 8.97
C GLN G 221 -39.55 -9.80 7.81
N ALA G 222 -40.08 -10.56 6.88
CA ALA G 222 -40.77 -9.95 5.75
C ALA G 222 -42.15 -9.40 6.13
N SER G 223 -42.75 -9.99 7.15
CA SER G 223 -44.11 -9.65 7.56
C SER G 223 -44.28 -8.23 8.08
N ASN G 224 -43.20 -7.58 8.52
CA ASN G 224 -43.30 -6.24 9.05
C ASN G 224 -42.57 -5.19 8.21
N ILE G 225 -42.35 -5.50 6.93
CA ILE G 225 -41.75 -4.56 5.99
C ILE G 225 -42.87 -3.96 5.16
N PRO G 226 -43.01 -2.63 5.13
CA PRO G 226 -44.09 -2.02 4.34
C PRO G 226 -44.18 -2.50 2.88
N LEU G 227 -43.04 -2.69 2.23
CA LEU G 227 -43.02 -3.17 0.85
C LEU G 227 -43.31 -4.67 0.75
N ASN G 228 -43.48 -5.33 1.89
CA ASN G 228 -43.89 -6.74 1.92
C ASN G 228 -42.92 -7.75 1.32
N ARG G 229 -41.63 -7.42 1.29
CA ARG G 229 -40.65 -8.33 0.73
C ARG G 229 -39.24 -7.86 1.02
N PHE G 230 -38.28 -8.79 0.88
CA PHE G 230 -36.87 -8.48 0.98
C PHE G 230 -36.50 -7.79 -0.33
N ALA G 231 -35.38 -7.08 -0.33
CA ALA G 231 -34.94 -6.43 -1.56
C ALA G 231 -34.13 -7.41 -2.40
N GLN G 232 -33.99 -7.11 -3.68
CA GLN G 232 -33.07 -7.84 -4.53
C GLN G 232 -31.79 -7.02 -4.45
N PRO G 233 -30.63 -7.65 -4.52
CA PRO G 233 -29.38 -6.88 -4.42
C PRO G 233 -29.26 -5.72 -5.43
N GLU G 234 -29.85 -5.85 -6.60
CA GLU G 234 -29.77 -4.79 -7.60
C GLU G 234 -30.43 -3.50 -7.12
N GLU G 235 -31.35 -3.61 -6.17
CA GLU G 235 -32.06 -2.44 -5.66
C GLU G 235 -31.18 -1.54 -4.79
N MET G 236 -29.97 -2.01 -4.49
CA MET G 236 -29.02 -1.24 -3.70
C MET G 236 -28.09 -0.40 -4.56
N THR G 237 -28.02 -0.73 -5.85
CA THR G 237 -27.00 -0.14 -6.71
C THR G 237 -27.23 1.28 -7.19
N GLY G 238 -28.48 1.68 -7.38
CA GLY G 238 -28.77 3.03 -7.86
C GLY G 238 -28.16 4.08 -6.94
N GLN G 239 -28.42 3.95 -5.65
CA GLN G 239 -27.89 4.91 -4.69
C GLN G 239 -26.37 4.92 -4.68
N ALA G 240 -25.76 3.75 -4.83
CA ALA G 240 -24.31 3.67 -4.84
C ALA G 240 -23.72 4.41 -6.05
N ILE G 241 -24.29 4.17 -7.22
CA ILE G 241 -23.83 4.87 -8.42
C ILE G 241 -23.97 6.39 -8.25
N LEU G 242 -25.11 6.84 -7.72
CA LEU G 242 -25.28 8.26 -7.51
C LEU G 242 -24.19 8.81 -6.59
N LEU G 243 -23.96 8.17 -5.45
CA LEU G 243 -22.97 8.65 -4.50
C LEU G 243 -21.55 8.70 -5.05
N LEU G 244 -21.22 7.78 -5.95
CA LEU G 244 -19.89 7.73 -6.55
C LEU G 244 -19.73 8.78 -7.64
N SER G 245 -20.85 9.26 -8.16
CA SER G 245 -20.85 10.19 -9.30
C SER G 245 -20.65 11.66 -8.93
N ASP G 246 -20.36 12.48 -9.93
CA ASP G 246 -20.19 13.91 -9.69
C ASP G 246 -21.51 14.62 -9.43
N HIS G 247 -22.61 13.88 -9.48
CA HIS G 247 -23.90 14.47 -9.14
C HIS G 247 -24.05 14.57 -7.62
N ALA G 248 -23.19 13.87 -6.90
CA ALA G 248 -23.24 13.83 -5.44
C ALA G 248 -22.17 14.71 -4.80
N THR G 249 -21.75 15.76 -5.49
CA THR G 249 -20.71 16.66 -4.98
C THR G 249 -21.03 17.34 -3.64
N TYR G 250 -22.30 17.43 -3.27
CA TYR G 250 -22.65 18.06 -2.00
C TYR G 250 -23.10 17.01 -0.97
N MET G 251 -22.80 15.75 -1.25
CA MET G 251 -23.19 14.66 -0.37
C MET G 251 -21.98 14.03 0.28
N THR G 252 -21.83 14.25 1.58
CA THR G 252 -20.70 13.63 2.29
C THR G 252 -21.04 13.50 3.77
N GLY G 253 -20.55 12.41 4.37
CA GLY G 253 -20.81 12.13 5.77
C GLY G 253 -22.21 11.59 6.02
N GLY G 254 -22.98 11.38 4.97
CA GLY G 254 -24.35 10.94 5.13
C GLY G 254 -24.58 9.45 5.14
N GLU G 255 -25.74 9.05 5.64
CA GLU G 255 -26.16 7.66 5.65
C GLU G 255 -27.44 7.59 4.84
N TYR G 256 -27.43 6.75 3.80
CA TYR G 256 -28.55 6.63 2.88
C TYR G 256 -29.18 5.25 2.98
N PHE G 257 -30.38 5.21 3.56
CA PHE G 257 -31.10 3.96 3.79
C PHE G 257 -31.88 3.43 2.59
N ILE G 258 -31.82 2.12 2.39
CA ILE G 258 -32.56 1.43 1.33
C ILE G 258 -33.23 0.28 2.06
N ASP G 259 -34.22 0.63 2.88
CA ASP G 259 -34.81 -0.30 3.84
C ASP G 259 -36.23 -0.78 3.54
N GLY G 260 -36.82 -0.37 2.42
CA GLY G 260 -38.14 -0.82 2.05
C GLY G 260 -39.22 -0.35 3.01
N GLY G 261 -38.89 0.66 3.80
CA GLY G 261 -39.82 1.21 4.78
C GLY G 261 -39.73 0.60 6.17
N GLN G 262 -38.78 -0.30 6.40
CA GLN G 262 -38.68 -0.92 7.70
C GLN G 262 -38.52 0.09 8.84
N LEU G 263 -37.75 1.15 8.60
CA LEU G 263 -37.49 2.15 9.62
C LEU G 263 -38.69 3.05 9.91
N ILE G 264 -39.77 2.89 9.17
CA ILE G 264 -40.99 3.64 9.41
C ILE G 264 -41.62 3.25 10.74
N TRP G 265 -41.57 1.96 11.05
CA TRP G 265 -42.18 1.42 12.25
C TRP G 265 -41.28 1.53 13.47
N PRO H 6 -42.39 17.02 52.22
CA PRO H 6 -42.51 16.19 50.98
C PRO H 6 -41.32 16.37 50.08
N GLY H 7 -41.35 15.70 48.92
CA GLY H 7 -40.26 15.76 47.97
C GLY H 7 -40.15 14.46 47.22
N PHE H 8 -39.39 14.49 46.14
CA PHE H 8 -39.15 13.32 45.31
C PHE H 8 -37.83 12.75 45.80
N THR H 9 -37.84 11.51 46.28
CA THR H 9 -36.60 10.93 46.79
C THR H 9 -36.31 9.56 46.20
N ILE H 10 -35.04 9.34 45.88
CA ILE H 10 -34.57 8.04 45.40
C ILE H 10 -33.51 7.61 46.39
N SER H 11 -33.74 6.47 47.04
CA SER H 11 -32.80 5.94 48.02
C SER H 11 -32.20 4.63 47.57
N PHE H 12 -30.87 4.53 47.69
CA PHE H 12 -30.13 3.33 47.36
C PHE H 12 -29.56 2.71 48.64
N VAL H 13 -30.16 3.02 49.79
CA VAL H 13 -29.68 2.45 51.05
C VAL H 13 -29.73 0.93 50.99
N ASN H 14 -28.64 0.29 51.40
CA ASN H 14 -28.53 -1.17 51.38
C ASN H 14 -28.56 -1.76 49.97
N LYS H 15 -28.26 -0.94 48.97
CA LYS H 15 -28.20 -1.39 47.59
C LYS H 15 -26.77 -1.23 47.11
N THR H 16 -26.34 -2.13 46.23
CA THR H 16 -24.97 -2.07 45.73
C THR H 16 -24.91 -1.71 44.26
N ILE H 17 -24.11 -0.70 43.95
CA ILE H 17 -23.92 -0.27 42.57
C ILE H 17 -22.46 -0.47 42.19
N ILE H 18 -22.22 -1.01 41.00
CA ILE H 18 -20.87 -1.16 40.49
C ILE H 18 -20.62 -0.02 39.52
N VAL H 19 -19.47 0.62 39.64
CA VAL H 19 -19.10 1.68 38.68
C VAL H 19 -17.75 1.39 38.09
N THR H 20 -17.66 1.12 36.80
CA THR H 20 -16.34 0.89 36.19
C THR H 20 -15.72 2.24 35.87
N GLY H 21 -14.41 2.37 36.10
CA GLY H 21 -13.75 3.63 35.96
C GLY H 21 -14.34 4.59 36.97
N GLY H 22 -14.69 4.05 38.15
CA GLY H 22 -15.40 4.86 39.13
C GLY H 22 -14.51 5.55 40.13
N ASN H 23 -13.21 5.54 39.87
CA ASN H 23 -12.22 6.12 40.78
C ASN H 23 -11.76 7.53 40.44
N ARG H 24 -12.11 8.01 39.25
CA ARG H 24 -11.72 9.36 38.84
C ARG H 24 -12.59 9.85 37.69
N GLY H 25 -12.48 11.14 37.37
CA GLY H 25 -13.26 11.70 36.29
C GLY H 25 -14.76 11.58 36.50
N ILE H 26 -15.49 11.38 35.41
CA ILE H 26 -16.93 11.30 35.50
C ILE H 26 -17.33 10.10 36.35
N GLY H 27 -16.58 9.01 36.25
CA GLY H 27 -16.89 7.84 37.04
C GLY H 27 -16.94 8.12 38.53
N LEU H 28 -15.98 8.92 39.02
CA LEU H 28 -15.96 9.28 40.44
C LEU H 28 -17.20 10.09 40.80
N ALA H 29 -17.66 10.93 39.87
CA ALA H 29 -18.87 11.70 40.09
C ALA H 29 -20.03 10.75 40.29
N PHE H 30 -20.11 9.71 39.45
CA PHE H 30 -21.19 8.72 39.60
C PHE H 30 -21.09 8.03 40.95
N THR H 31 -19.87 7.58 41.30
CA THR H 31 -19.63 6.92 42.57
C THR H 31 -20.09 7.77 43.74
N ARG H 32 -19.68 9.04 43.75
CA ARG H 32 -20.05 9.93 44.83
C ARG H 32 -21.54 10.20 44.88
N ALA H 33 -22.18 10.28 43.71
CA ALA H 33 -23.60 10.56 43.65
C ALA H 33 -24.42 9.39 44.18
N VAL H 34 -24.11 8.17 43.75
CA VAL H 34 -24.87 7.04 44.26
C VAL H 34 -24.56 6.78 45.74
N ALA H 35 -23.33 7.06 46.16
CA ALA H 35 -22.99 6.91 47.57
C ALA H 35 -23.81 7.88 48.41
N ALA H 36 -23.91 9.12 47.92
CA ALA H 36 -24.69 10.15 48.59
C ALA H 36 -26.16 9.75 48.71
N ALA H 37 -26.61 8.95 47.74
CA ALA H 37 -27.98 8.46 47.71
C ALA H 37 -28.15 7.22 48.59
N GLY H 38 -27.04 6.77 49.20
CA GLY H 38 -27.07 5.67 50.14
C GLY H 38 -26.51 4.33 49.68
N ALA H 39 -26.05 4.28 48.43
CA ALA H 39 -25.57 3.01 47.88
C ALA H 39 -24.19 2.62 48.38
N ASN H 40 -24.01 1.30 48.52
CA ASN H 40 -22.70 0.75 48.73
C ASN H 40 -22.12 0.72 47.32
N VAL H 41 -20.83 0.99 47.16
CA VAL H 41 -20.27 1.07 45.82
C VAL H 41 -19.03 0.22 45.62
N ALA H 42 -19.06 -0.56 44.55
CA ALA H 42 -17.93 -1.38 44.11
C ALA H 42 -17.30 -0.63 42.96
N VAL H 43 -16.08 -0.15 43.16
CA VAL H 43 -15.37 0.65 42.17
C VAL H 43 -14.36 -0.20 41.41
N ILE H 44 -14.56 -0.30 40.10
CA ILE H 44 -13.64 -1.04 39.24
C ILE H 44 -12.71 -0.06 38.56
N TYR H 45 -11.41 -0.36 38.57
CA TYR H 45 -10.42 0.49 37.97
C TYR H 45 -9.38 -0.36 37.26
N ARG H 46 -8.49 0.28 36.51
CA ARG H 46 -7.49 -0.45 35.73
C ARG H 46 -6.09 -0.38 36.34
N SER H 47 -5.59 0.82 36.59
CA SER H 47 -4.22 0.95 37.06
C SER H 47 -3.90 2.23 37.84
N ALA H 48 -4.90 3.04 38.16
CA ALA H 48 -4.64 4.25 38.93
C ALA H 48 -3.96 3.92 40.25
N ALA H 49 -2.90 4.65 40.56
CA ALA H 49 -2.15 4.40 41.77
C ALA H 49 -2.93 4.65 43.06
N ASP H 50 -3.86 5.60 43.02
CA ASP H 50 -4.61 5.97 44.23
C ASP H 50 -6.07 5.55 44.27
N ALA H 51 -6.47 4.64 43.39
CA ALA H 51 -7.85 4.17 43.33
C ALA H 51 -8.38 3.59 44.66
N VAL H 52 -7.57 2.80 45.35
CA VAL H 52 -8.03 2.21 46.60
C VAL H 52 -8.29 3.28 47.64
N GLU H 53 -7.36 4.24 47.77
CA GLU H 53 -7.51 5.33 48.73
C GLU H 53 -8.73 6.18 48.42
N VAL H 54 -8.87 6.55 47.15
CA VAL H 54 -9.99 7.40 46.74
C VAL H 54 -11.31 6.71 47.08
N THR H 55 -11.37 5.41 46.82
CA THR H 55 -12.58 4.64 47.07
C THR H 55 -12.89 4.54 48.56
N GLU H 56 -11.87 4.32 49.36
CA GLU H 56 -12.05 4.22 50.80
C GLU H 56 -12.59 5.52 51.37
N LYS H 57 -12.06 6.64 50.88
CA LYS H 57 -12.50 7.96 51.35
C LYS H 57 -13.97 8.22 51.02
N VAL H 58 -14.44 7.75 49.86
CA VAL H 58 -15.83 7.95 49.51
C VAL H 58 -16.71 7.22 50.53
N GLY H 59 -16.34 5.99 50.86
CA GLY H 59 -17.10 5.22 51.82
C GLY H 59 -17.20 5.90 53.17
N LYS H 60 -16.09 6.48 53.62
CA LYS H 60 -16.08 7.17 54.90
C LYS H 60 -16.85 8.50 54.83
N GLU H 61 -16.71 9.21 53.72
CA GLU H 61 -17.35 10.50 53.55
C GLU H 61 -18.87 10.38 53.55
N PHE H 62 -19.39 9.31 52.98
CA PHE H 62 -20.83 9.13 52.88
C PHE H 62 -21.42 8.06 53.79
N GLY H 63 -20.58 7.43 54.61
CA GLY H 63 -21.05 6.42 55.54
C GLY H 63 -21.66 5.21 54.86
N VAL H 64 -21.01 4.76 53.79
CA VAL H 64 -21.47 3.57 53.08
C VAL H 64 -20.29 2.64 52.90
N LYS H 65 -20.59 1.41 52.51
CA LYS H 65 -19.54 0.43 52.27
C LYS H 65 -19.03 0.57 50.84
N THR H 66 -17.72 0.58 50.69
CA THR H 66 -17.09 0.62 49.37
C THR H 66 -15.90 -0.33 49.34
N LYS H 67 -15.49 -0.66 48.13
CA LYS H 67 -14.34 -1.49 47.89
C LYS H 67 -13.93 -1.30 46.44
N ALA H 68 -12.62 -1.26 46.21
CA ALA H 68 -12.07 -1.10 44.88
C ALA H 68 -11.57 -2.43 44.36
N TYR H 69 -11.76 -2.65 43.06
CA TYR H 69 -11.35 -3.88 42.42
C TYR H 69 -10.58 -3.56 41.16
N GLN H 70 -9.33 -4.02 41.11
CA GLN H 70 -8.52 -3.82 39.92
C GLN H 70 -9.00 -4.85 38.92
N CYS H 71 -9.53 -4.40 37.81
CA CYS H 71 -10.15 -5.29 36.85
C CYS H 71 -10.19 -4.67 35.46
N ASP H 72 -9.36 -5.19 34.56
CA ASP H 72 -9.33 -4.74 33.18
C ASP H 72 -10.63 -5.22 32.54
N VAL H 73 -11.51 -4.28 32.22
CA VAL H 73 -12.83 -4.61 31.67
C VAL H 73 -12.79 -5.30 30.32
N SER H 74 -11.63 -5.29 29.66
CA SER H 74 -11.52 -5.96 28.36
C SER H 74 -11.18 -7.43 28.50
N ASN H 75 -10.97 -7.88 29.74
CA ASN H 75 -10.61 -9.27 29.96
C ASN H 75 -11.82 -10.04 30.49
N THR H 76 -12.22 -11.06 29.74
CA THR H 76 -13.42 -11.85 30.07
C THR H 76 -13.38 -12.48 31.46
N ASP H 77 -12.38 -13.31 31.72
CA ASP H 77 -12.34 -14.00 33.00
C ASP H 77 -12.12 -13.11 34.21
N ILE H 78 -11.31 -12.07 34.08
CA ILE H 78 -11.11 -11.17 35.22
C ILE H 78 -12.42 -10.47 35.57
N VAL H 79 -13.20 -10.11 34.57
CA VAL H 79 -14.50 -9.48 34.83
C VAL H 79 -15.46 -10.47 35.50
N THR H 80 -15.52 -11.69 34.99
CA THR H 80 -16.39 -12.71 35.58
C THR H 80 -16.04 -12.92 37.04
N LYS H 81 -14.76 -13.06 37.33
CA LYS H 81 -14.31 -13.29 38.69
C LYS H 81 -14.57 -12.10 39.59
N THR H 82 -14.37 -10.91 39.04
CA THR H 82 -14.58 -9.68 39.81
C THR H 82 -16.05 -9.51 40.19
N ILE H 83 -16.95 -9.77 39.23
CA ILE H 83 -18.38 -9.66 39.50
C ILE H 83 -18.76 -10.65 40.60
N GLN H 84 -18.26 -11.88 40.51
CA GLN H 84 -18.55 -12.89 41.53
C GLN H 84 -18.06 -12.42 42.90
N GLN H 85 -16.87 -11.82 42.93
CA GLN H 85 -16.30 -11.34 44.18
C GLN H 85 -17.12 -10.18 44.74
N ILE H 86 -17.56 -9.27 43.86
CA ILE H 86 -18.39 -8.16 44.30
C ILE H 86 -19.69 -8.68 44.89
N ASP H 87 -20.27 -9.69 44.25
CA ASP H 87 -21.51 -10.28 44.75
C ASP H 87 -21.28 -10.90 46.13
N ALA H 88 -20.14 -11.57 46.29
CA ALA H 88 -19.84 -12.19 47.57
C ALA H 88 -19.59 -11.14 48.65
N ASP H 89 -18.88 -10.07 48.28
CA ASP H 89 -18.51 -9.02 49.22
C ASP H 89 -19.65 -8.09 49.56
N LEU H 90 -20.37 -7.65 48.53
CA LEU H 90 -21.42 -6.65 48.68
C LEU H 90 -22.77 -7.00 48.05
N GLY H 91 -22.98 -8.25 47.67
CA GLY H 91 -24.21 -8.65 47.00
C GLY H 91 -25.46 -8.47 47.87
N PRO H 92 -26.63 -8.44 47.24
CA PRO H 92 -26.78 -8.51 45.78
C PRO H 92 -26.50 -7.20 45.06
N ILE H 93 -26.10 -7.32 43.80
CA ILE H 93 -25.82 -6.16 42.97
C ILE H 93 -27.13 -5.62 42.40
N SER H 94 -27.41 -4.34 42.63
CA SER H 94 -28.66 -3.73 42.19
C SER H 94 -28.53 -2.98 40.87
N GLY H 95 -27.32 -2.53 40.56
CA GLY H 95 -27.16 -1.74 39.36
C GLY H 95 -25.73 -1.66 38.93
N LEU H 96 -25.53 -1.29 37.67
CA LEU H 96 -24.19 -1.16 37.10
C LEU H 96 -24.10 0.11 36.26
N ILE H 97 -22.99 0.84 36.44
CA ILE H 97 -22.66 1.95 35.56
C ILE H 97 -21.38 1.56 34.86
N ALA H 98 -21.52 1.17 33.58
CA ALA H 98 -20.40 0.78 32.74
C ALA H 98 -19.87 2.06 32.12
N ASN H 99 -18.89 2.66 32.81
CA ASN H 99 -18.40 3.99 32.47
C ASN H 99 -16.98 4.06 31.89
N ALA H 100 -16.14 3.06 32.20
CA ALA H 100 -14.75 3.05 31.72
C ALA H 100 -14.68 3.29 30.21
N GLY H 101 -13.77 4.17 29.78
CA GLY H 101 -13.61 4.45 28.38
C GLY H 101 -12.28 5.12 28.11
N VAL H 102 -11.84 5.06 26.86
CA VAL H 102 -10.57 5.66 26.43
C VAL H 102 -10.69 6.23 25.03
N SER H 103 -9.67 6.96 24.60
CA SER H 103 -9.63 7.48 23.25
C SER H 103 -8.21 7.48 22.73
N VAL H 104 -8.08 7.62 21.41
CA VAL H 104 -6.78 7.78 20.75
C VAL H 104 -6.96 8.92 19.78
N VAL H 105 -6.15 9.95 19.92
CA VAL H 105 -6.23 11.15 19.08
C VAL H 105 -5.08 11.19 18.09
N LYS H 106 -5.40 10.96 16.81
CA LYS H 106 -4.45 10.96 15.71
C LYS H 106 -5.22 11.21 14.44
N PRO H 107 -4.58 11.78 13.43
CA PRO H 107 -5.26 11.93 12.14
C PRO H 107 -5.68 10.53 11.71
N ALA H 108 -6.85 10.39 11.11
CA ALA H 108 -7.35 9.08 10.72
C ALA H 108 -6.36 8.25 9.91
N THR H 109 -5.67 8.88 8.96
CA THR H 109 -4.75 8.12 8.11
C THR H 109 -3.67 7.41 8.89
N GLU H 110 -3.34 7.95 10.08
CA GLU H 110 -2.22 7.42 10.87
C GLU H 110 -2.61 6.37 11.91
N LEU H 111 -3.91 6.16 12.10
CA LEU H 111 -4.35 5.19 13.10
C LEU H 111 -3.94 3.77 12.75
N THR H 112 -3.59 2.98 13.76
CA THR H 112 -3.16 1.60 13.55
C THR H 112 -4.18 0.61 14.06
N HIS H 113 -3.93 -0.67 13.75
CA HIS H 113 -4.79 -1.73 14.23
C HIS H 113 -4.68 -1.78 15.76
N GLU H 114 -3.48 -1.52 16.28
CA GLU H 114 -3.32 -1.49 17.73
C GLU H 114 -4.18 -0.39 18.37
N ASP H 115 -4.26 0.77 17.71
CA ASP H 115 -5.08 1.86 18.24
C ASP H 115 -6.54 1.44 18.23
N PHE H 116 -6.94 0.76 17.16
CA PHE H 116 -8.31 0.26 17.04
C PHE H 116 -8.67 -0.65 18.21
N ALA H 117 -7.79 -1.61 18.49
CA ALA H 117 -8.01 -2.54 19.58
C ALA H 117 -8.02 -1.80 20.92
N PHE H 118 -7.10 -0.86 21.10
CA PHE H 118 -7.01 -0.10 22.35
C PHE H 118 -8.35 0.56 22.69
N VAL H 119 -8.95 1.20 21.70
CA VAL H 119 -10.20 1.89 21.90
C VAL H 119 -11.40 0.94 21.99
N TYR H 120 -11.52 0.05 21.01
CA TYR H 120 -12.70 -0.83 20.98
C TYR H 120 -12.75 -1.89 22.06
N ASP H 121 -11.59 -2.37 22.51
CA ASP H 121 -11.60 -3.40 23.56
C ASP H 121 -12.18 -2.86 24.85
N VAL H 122 -12.04 -1.56 25.08
CA VAL H 122 -12.59 -0.95 26.28
C VAL H 122 -13.97 -0.36 26.05
N ASN H 123 -14.10 0.47 25.03
CA ASN H 123 -15.34 1.20 24.76
C ASN H 123 -16.52 0.37 24.26
N VAL H 124 -16.22 -0.77 23.66
CA VAL H 124 -17.28 -1.63 23.14
C VAL H 124 -17.23 -3.00 23.77
N PHE H 125 -16.15 -3.74 23.57
CA PHE H 125 -16.10 -5.05 24.20
C PHE H 125 -16.15 -4.95 25.73
N GLY H 126 -15.43 -3.99 26.29
CA GLY H 126 -15.38 -3.84 27.74
C GLY H 126 -16.75 -3.54 28.31
N VAL H 127 -17.51 -2.71 27.60
CA VAL H 127 -18.88 -2.42 28.00
C VAL H 127 -19.69 -3.70 27.92
N PHE H 128 -19.61 -4.38 26.78
CA PHE H 128 -20.31 -5.65 26.61
C PHE H 128 -20.00 -6.66 27.71
N ASN H 129 -18.70 -6.83 27.94
CA ASN H 129 -18.18 -7.80 28.88
C ASN H 129 -18.70 -7.53 30.29
N THR H 130 -18.61 -6.28 30.71
CA THR H 130 -19.09 -5.88 32.03
C THR H 130 -20.59 -6.12 32.16
N CYS H 131 -21.33 -5.69 31.15
CA CYS H 131 -22.77 -5.84 31.17
C CYS H 131 -23.16 -7.31 31.21
N ARG H 132 -22.48 -8.10 30.39
CA ARG H 132 -22.73 -9.53 30.28
C ARG H 132 -22.50 -10.25 31.60
N ALA H 133 -21.39 -9.95 32.27
CA ALA H 133 -21.09 -10.61 33.54
C ALA H 133 -22.18 -10.34 34.59
N VAL H 134 -22.58 -9.08 34.69
CA VAL H 134 -23.62 -8.73 35.64
C VAL H 134 -24.96 -9.34 35.26
N ALA H 135 -25.32 -9.26 33.98
CA ALA H 135 -26.59 -9.81 33.51
C ALA H 135 -26.67 -11.32 33.75
N LYS H 136 -25.56 -12.02 33.53
CA LYS H 136 -25.57 -13.46 33.74
C LYS H 136 -25.85 -13.80 35.19
N LEU H 137 -25.26 -13.01 36.08
CA LEU H 137 -25.49 -13.21 37.51
C LEU H 137 -26.96 -12.99 37.84
N TRP H 138 -27.52 -11.91 37.31
CA TRP H 138 -28.92 -11.58 37.52
C TRP H 138 -29.84 -12.65 36.94
N LEU H 139 -29.53 -13.12 35.74
CA LEU H 139 -30.37 -14.14 35.09
C LEU H 139 -30.37 -15.42 35.91
N GLN H 140 -29.19 -15.82 36.39
CA GLN H 140 -29.07 -17.03 37.19
C GLN H 140 -29.90 -16.92 38.45
N LYS H 141 -29.80 -15.78 39.14
CA LYS H 141 -30.50 -15.59 40.38
C LYS H 141 -31.93 -15.07 40.22
N GLN H 142 -32.35 -14.91 38.96
CA GLN H 142 -33.68 -14.41 38.63
C GLN H 142 -33.95 -13.08 39.34
N GLN H 143 -33.02 -12.17 39.17
CA GLN H 143 -33.09 -10.83 39.75
C GLN H 143 -33.26 -9.78 38.65
N LYS H 144 -34.04 -8.74 38.92
CA LYS H 144 -34.21 -7.63 37.99
C LYS H 144 -33.06 -6.67 38.23
N GLY H 145 -32.73 -5.85 37.24
CA GLY H 145 -31.64 -4.92 37.44
C GLY H 145 -31.63 -3.82 36.39
N SER H 146 -30.81 -2.81 36.64
CA SER H 146 -30.68 -1.68 35.73
C SER H 146 -29.21 -1.40 35.45
N ILE H 147 -28.90 -1.20 34.17
CA ILE H 147 -27.56 -0.90 33.72
C ILE H 147 -27.51 0.41 32.96
N VAL H 148 -26.60 1.29 33.35
CA VAL H 148 -26.38 2.55 32.65
C VAL H 148 -24.99 2.48 32.04
N VAL H 149 -24.89 2.79 30.76
CA VAL H 149 -23.61 2.77 30.05
C VAL H 149 -23.22 4.18 29.67
N THR H 150 -22.00 4.61 29.99
CA THR H 150 -21.59 5.95 29.60
C THR H 150 -21.14 5.92 28.15
N SER H 151 -21.92 6.50 27.26
CA SER H 151 -21.54 6.60 25.87
C SER H 151 -20.96 8.01 25.71
N SER H 152 -21.55 8.80 24.81
CA SER H 152 -21.11 10.18 24.57
C SER H 152 -21.97 10.79 23.48
N MET H 153 -22.05 12.12 23.43
CA MET H 153 -22.76 12.75 22.31
C MET H 153 -21.97 12.47 21.03
N SER H 154 -20.72 12.03 21.20
CA SER H 154 -19.87 11.65 20.07
C SER H 154 -20.44 10.46 19.30
N SER H 155 -21.46 9.81 19.86
CA SER H 155 -22.13 8.72 19.17
C SER H 155 -22.88 9.26 17.96
N GLN H 156 -23.18 10.55 17.97
CA GLN H 156 -23.97 11.18 16.90
C GLN H 156 -23.16 12.15 16.05
N ILE H 157 -22.19 12.82 16.67
CA ILE H 157 -21.47 13.86 15.95
C ILE H 157 -19.97 13.68 16.06
N ILE H 158 -19.25 14.39 15.20
CA ILE H 158 -17.79 14.41 15.26
C ILE H 158 -17.43 15.70 15.99
N ASN H 159 -16.54 15.61 16.96
CA ASN H 159 -16.13 16.78 17.72
C ASN H 159 -15.17 17.66 16.92
N GLN H 160 -15.09 18.93 17.28
CA GLN H 160 -14.17 19.85 16.60
C GLN H 160 -13.02 20.26 17.50
N SER H 161 -11.87 20.53 16.87
CA SER H 161 -10.71 21.05 17.58
C SER H 161 -10.55 22.53 17.21
N SER H 162 -11.13 22.91 16.08
CA SER H 162 -11.11 24.29 15.62
C SER H 162 -12.32 24.46 14.70
N LEU H 163 -12.60 25.68 14.29
CA LEU H 163 -13.73 25.93 13.40
C LEU H 163 -13.68 25.08 12.14
N ASN H 164 -14.72 24.27 11.94
CA ASN H 164 -14.82 23.40 10.77
C ASN H 164 -13.65 22.42 10.71
N GLY H 165 -13.06 22.13 11.86
CA GLY H 165 -11.90 21.25 11.96
C GLY H 165 -12.08 20.15 12.99
N SER H 166 -11.92 18.91 12.55
CA SER H 166 -12.17 17.77 13.40
C SER H 166 -11.18 17.59 14.55
N LEU H 167 -11.72 17.15 15.69
CA LEU H 167 -10.88 16.70 16.78
C LEU H 167 -10.68 15.26 16.31
N THR H 168 -9.49 14.97 15.78
CA THR H 168 -9.24 13.68 15.12
C THR H 168 -9.13 12.47 16.04
N GLN H 169 -10.21 11.71 16.11
CA GLN H 169 -10.26 10.50 16.95
C GLN H 169 -11.38 9.62 16.42
N VAL H 170 -11.30 9.25 15.15
CA VAL H 170 -12.42 8.53 14.55
C VAL H 170 -12.83 7.23 15.24
N PHE H 171 -11.86 6.55 15.86
CA PHE H 171 -12.20 5.32 16.58
C PHE H 171 -13.02 5.61 17.83
N TYR H 172 -12.77 6.76 18.46
CA TYR H 172 -13.54 7.15 19.65
C TYR H 172 -15.01 7.37 19.31
N ASN H 173 -15.29 8.28 18.37
CA ASN H 173 -16.67 8.57 18.01
C ASN H 173 -17.38 7.32 17.51
N SER H 174 -16.69 6.55 16.67
CA SER H 174 -17.35 5.36 16.13
C SER H 174 -17.58 4.30 17.21
N SER H 175 -16.67 4.19 18.18
CA SER H 175 -16.86 3.24 19.28
C SER H 175 -18.04 3.64 20.13
N LYS H 176 -18.30 4.94 20.23
CA LYS H 176 -19.42 5.39 21.05
C LYS H 176 -20.75 5.16 20.33
N ALA H 177 -20.75 5.29 19.01
CA ALA H 177 -21.93 4.95 18.24
C ALA H 177 -22.21 3.46 18.41
N ALA H 178 -21.16 2.65 18.36
CA ALA H 178 -21.32 1.22 18.59
C ALA H 178 -21.89 0.94 19.98
N CYS H 179 -21.37 1.64 20.98
CA CYS H 179 -21.81 1.48 22.35
C CYS H 179 -23.30 1.78 22.51
N SER H 180 -23.74 2.88 21.94
CA SER H 180 -25.15 3.24 22.07
C SER H 180 -26.08 2.23 21.38
N ASN H 181 -25.60 1.64 20.30
CA ASN H 181 -26.38 0.64 19.59
C ASN H 181 -26.37 -0.68 20.37
N LEU H 182 -25.20 -1.00 20.94
CA LEU H 182 -25.05 -2.19 21.77
C LEU H 182 -26.06 -2.17 22.91
N VAL H 183 -26.29 -0.98 23.48
CA VAL H 183 -27.28 -0.84 24.55
C VAL H 183 -28.66 -1.31 24.10
N LYS H 184 -29.03 -0.98 22.86
CA LYS H 184 -30.32 -1.40 22.30
C LYS H 184 -30.33 -2.91 22.13
N GLY H 185 -29.21 -3.46 21.66
CA GLY H 185 -29.11 -4.88 21.43
C GLY H 185 -29.26 -5.69 22.70
N LEU H 186 -28.56 -5.26 23.76
CA LEU H 186 -28.65 -5.98 25.03
C LEU H 186 -30.02 -5.79 25.66
N ALA H 187 -30.54 -4.57 25.60
CA ALA H 187 -31.88 -4.31 26.13
C ALA H 187 -32.92 -5.21 25.48
N ALA H 188 -32.79 -5.42 24.17
CA ALA H 188 -33.73 -6.25 23.44
C ALA H 188 -33.78 -7.68 23.97
N GLU H 189 -32.63 -8.25 24.26
CA GLU H 189 -32.56 -9.63 24.72
C GLU H 189 -32.85 -9.82 26.20
N TRP H 190 -32.66 -8.76 26.99
CA TRP H 190 -32.83 -8.89 28.44
C TRP H 190 -34.11 -8.27 29.00
N ALA H 191 -34.89 -7.62 28.14
CA ALA H 191 -36.14 -6.98 28.55
C ALA H 191 -37.11 -7.94 29.24
N SER H 192 -37.28 -9.14 28.68
CA SER H 192 -38.21 -10.11 29.27
C SER H 192 -37.78 -10.58 30.66
N ALA H 193 -36.50 -10.39 30.97
CA ALA H 193 -35.97 -10.79 32.27
C ALA H 193 -35.98 -9.65 33.28
N GLY H 194 -36.54 -8.51 32.90
CA GLY H 194 -36.62 -7.38 33.81
C GLY H 194 -35.30 -6.69 34.03
N ILE H 195 -34.41 -6.78 33.05
CA ILE H 195 -33.11 -6.13 33.11
C ILE H 195 -33.10 -5.01 32.09
N ARG H 196 -32.99 -3.77 32.55
CA ARG H 196 -32.99 -2.62 31.67
C ARG H 196 -31.57 -2.15 31.38
N VAL H 197 -31.35 -1.65 30.17
CA VAL H 197 -30.02 -1.17 29.78
C VAL H 197 -30.24 0.12 29.02
N ASN H 198 -29.53 1.18 29.42
CA ASN H 198 -29.68 2.49 28.79
C ASN H 198 -28.33 3.18 28.67
N ALA H 199 -28.22 4.07 27.69
CA ALA H 199 -26.99 4.84 27.51
C ALA H 199 -27.16 6.24 28.02
N LEU H 200 -26.12 6.77 28.66
CA LEU H 200 -26.09 8.14 29.15
C LEU H 200 -24.95 8.77 28.36
N SER H 201 -25.26 9.84 27.61
CA SER H 201 -24.28 10.40 26.68
C SER H 201 -23.92 11.85 26.97
N PRO H 202 -22.80 12.05 27.66
CA PRO H 202 -22.35 13.41 28.00
C PRO H 202 -21.86 14.21 26.81
N GLY H 203 -21.98 15.53 26.93
CA GLY H 203 -21.33 16.46 26.02
C GLY H 203 -19.95 16.77 26.57
N TYR H 204 -19.45 17.98 26.32
CA TYR H 204 -18.13 18.36 26.82
C TYR H 204 -18.17 18.53 28.34
N VAL H 205 -17.25 17.87 29.04
CA VAL H 205 -17.22 17.92 30.50
C VAL H 205 -15.84 18.39 31.00
N ASN H 206 -15.84 19.21 32.05
CA ASN H 206 -14.61 19.64 32.69
C ASN H 206 -14.06 18.54 33.60
N THR H 207 -12.87 18.02 33.27
CA THR H 207 -12.19 17.03 34.11
C THR H 207 -10.79 17.55 34.35
N ASP H 208 -10.02 16.82 35.16
CA ASP H 208 -8.65 17.26 35.45
C ASP H 208 -7.85 17.48 34.18
N GLN H 209 -8.09 16.64 33.18
CA GLN H 209 -7.38 16.74 31.92
C GLN H 209 -7.70 18.04 31.18
N THR H 210 -8.91 18.54 31.37
CA THR H 210 -9.35 19.78 30.70
C THR H 210 -8.41 20.93 30.97
N ALA H 211 -7.94 21.05 32.21
CA ALA H 211 -7.05 22.14 32.59
C ALA H 211 -5.68 22.04 31.90
N HIS H 212 -5.37 20.86 31.35
CA HIS H 212 -4.08 20.66 30.70
C HIS H 212 -4.14 20.55 29.18
N MET H 213 -5.31 20.75 28.59
CA MET H 213 -5.44 20.65 27.15
C MET H 213 -5.12 21.99 26.49
N ASP H 214 -4.94 21.97 25.17
CA ASP H 214 -4.69 23.17 24.40
C ASP H 214 -5.83 24.14 24.68
N LYS H 215 -5.51 25.30 25.24
CA LYS H 215 -6.52 26.29 25.59
C LYS H 215 -7.31 26.75 24.35
N LYS H 216 -6.65 26.80 23.21
CA LYS H 216 -7.33 27.19 21.98
C LYS H 216 -8.43 26.19 21.63
N ILE H 217 -8.13 24.90 21.81
CA ILE H 217 -9.13 23.88 21.52
C ILE H 217 -10.29 23.97 22.50
N ARG H 218 -9.95 24.09 23.77
CA ARG H 218 -10.95 24.16 24.83
C ARG H 218 -11.87 25.33 24.59
N ASP H 219 -11.28 26.49 24.25
CA ASP H 219 -12.07 27.68 24.01
C ASP H 219 -12.94 27.52 22.79
N HIS H 220 -12.42 26.87 21.76
CA HIS H 220 -13.22 26.66 20.57
C HIS H 220 -14.44 25.78 20.87
N GLN H 221 -14.19 24.66 21.54
CA GLN H 221 -15.28 23.75 21.87
C GLN H 221 -16.35 24.42 22.73
N ALA H 222 -15.95 25.28 23.66
CA ALA H 222 -16.93 25.93 24.50
C ALA H 222 -17.72 27.01 23.75
N SER H 223 -17.14 27.51 22.66
CA SER H 223 -17.73 28.62 21.93
C SER H 223 -19.02 28.33 21.16
N ASN H 224 -19.31 27.06 20.88
CA ASN H 224 -20.52 26.71 20.14
C ASN H 224 -21.47 25.82 20.96
N ILE H 225 -21.38 25.91 22.28
CA ILE H 225 -22.31 25.22 23.18
C ILE H 225 -23.34 26.25 23.63
N PRO H 226 -24.62 26.02 23.38
CA PRO H 226 -25.63 27.00 23.78
C PRO H 226 -25.54 27.44 25.25
N LEU H 227 -25.20 26.52 26.15
CA LEU H 227 -25.05 26.86 27.57
C LEU H 227 -23.76 27.60 27.87
N ASN H 228 -22.91 27.74 26.86
CA ASN H 228 -21.69 28.54 26.95
C ASN H 228 -20.62 28.06 27.92
N ARG H 229 -20.61 26.76 28.18
CA ARG H 229 -19.62 26.19 29.09
C ARG H 229 -19.63 24.67 29.00
N PHE H 230 -18.54 24.08 29.48
CA PHE H 230 -18.45 22.63 29.62
C PHE H 230 -19.25 22.29 30.86
N ALA H 231 -19.67 21.04 30.97
CA ALA H 231 -20.40 20.63 32.17
C ALA H 231 -19.43 20.30 33.29
N GLN H 232 -19.94 20.30 34.51
CA GLN H 232 -19.20 19.73 35.63
C GLN H 232 -19.62 18.26 35.68
N PRO H 233 -18.73 17.37 36.06
CA PRO H 233 -19.10 15.93 36.09
C PRO H 233 -20.36 15.64 36.90
N GLU H 234 -20.61 16.41 37.96
CA GLU H 234 -21.80 16.20 38.77
C GLU H 234 -23.09 16.35 37.97
N GLU H 235 -23.04 17.13 36.90
CA GLU H 235 -24.23 17.35 36.09
C GLU H 235 -24.66 16.14 35.27
N MET H 236 -23.86 15.08 35.30
CA MET H 236 -24.20 13.86 34.58
C MET H 236 -24.92 12.87 35.49
N THR H 237 -24.88 13.13 36.79
CA THR H 237 -25.35 12.12 37.75
C THR H 237 -26.85 11.97 37.94
N GLY H 238 -27.60 13.06 37.83
CA GLY H 238 -29.04 13.00 38.05
C GLY H 238 -29.69 11.99 37.12
N GLN H 239 -29.33 12.04 35.85
CA GLN H 239 -29.94 11.15 34.88
C GLN H 239 -29.58 9.69 35.18
N ALA H 240 -28.34 9.47 35.62
CA ALA H 240 -27.92 8.11 35.96
C ALA H 240 -28.71 7.56 37.14
N ILE H 241 -28.86 8.38 38.19
CA ILE H 241 -29.64 7.95 39.34
C ILE H 241 -31.07 7.62 38.94
N LEU H 242 -31.66 8.47 38.12
CA LEU H 242 -33.01 8.20 37.66
C LEU H 242 -33.08 6.84 36.94
N LEU H 243 -32.19 6.64 35.98
CA LEU H 243 -32.19 5.39 35.21
C LEU H 243 -32.00 4.14 36.06
N LEU H 244 -31.18 4.25 37.11
CA LEU H 244 -30.92 3.11 38.00
C LEU H 244 -32.09 2.87 38.93
N SER H 245 -32.93 3.88 39.09
CA SER H 245 -34.06 3.79 40.04
C SER H 245 -35.30 3.07 39.52
N ASP H 246 -36.22 2.79 40.44
CA ASP H 246 -37.46 2.14 40.08
C ASP H 246 -38.45 3.07 39.40
N HIS H 247 -38.10 4.34 39.28
CA HIS H 247 -38.94 5.29 38.56
C HIS H 247 -38.78 5.11 37.06
N ALA H 248 -37.71 4.42 36.65
CA ALA H 248 -37.38 4.24 35.25
C ALA H 248 -37.80 2.86 34.72
N THR H 249 -38.83 2.27 35.33
CA THR H 249 -39.29 0.96 34.89
C THR H 249 -39.68 0.83 33.42
N TYR H 250 -40.05 1.93 32.76
CA TYR H 250 -40.44 1.86 31.35
C TYR H 250 -39.36 2.43 30.43
N MET H 251 -38.13 2.57 30.95
CA MET H 251 -37.04 3.13 30.16
C MET H 251 -35.98 2.06 29.92
N THR H 252 -35.86 1.65 28.66
CA THR H 252 -34.83 0.69 28.30
C THR H 252 -34.48 0.83 26.83
N GLY H 253 -33.21 0.59 26.51
CA GLY H 253 -32.72 0.71 25.15
C GLY H 253 -32.49 2.16 24.73
N GLY H 254 -32.75 3.10 25.63
CA GLY H 254 -32.66 4.51 25.28
C GLY H 254 -31.28 5.13 25.42
N GLU H 255 -31.10 6.28 24.74
CA GLU H 255 -29.87 7.05 24.83
C GLU H 255 -30.27 8.42 25.34
N TYR H 256 -29.73 8.78 26.51
CA TYR H 256 -30.08 10.03 27.18
C TYR H 256 -28.93 11.00 27.14
N PHE H 257 -29.09 12.06 26.33
CA PHE H 257 -28.03 13.03 26.11
C PHE H 257 -28.01 14.11 27.17
N ILE H 258 -26.80 14.45 27.63
CA ILE H 258 -26.59 15.53 28.59
C ILE H 258 -25.52 16.39 27.93
N ASP H 259 -25.93 17.09 26.87
CA ASP H 259 -25.00 17.79 25.99
C ASP H 259 -24.95 19.31 26.08
N GLY H 260 -25.76 19.93 26.94
CA GLY H 260 -25.72 21.38 27.11
C GLY H 260 -26.21 22.12 25.88
N GLY H 261 -26.92 21.39 25.02
CA GLY H 261 -27.43 21.97 23.79
C GLY H 261 -26.55 21.81 22.56
N GLN H 262 -25.40 21.14 22.69
CA GLN H 262 -24.51 21.02 21.54
C GLN H 262 -25.17 20.37 20.33
N LEU H 263 -26.07 19.42 20.59
CA LEU H 263 -26.73 18.70 19.49
C LEU H 263 -27.84 19.51 18.81
N ILE H 264 -28.13 20.69 19.32
CA ILE H 264 -29.10 21.57 18.69
C ILE H 264 -28.59 22.06 17.34
N TRP H 265 -27.30 22.34 17.27
CA TRP H 265 -26.69 22.89 16.06
C TRP H 265 -26.29 21.82 15.04
N PRO I 6 -2.04 -50.32 1.23
CA PRO I 6 -0.93 -49.35 1.04
C PRO I 6 -0.06 -49.34 2.30
N GLY I 7 0.68 -48.27 2.55
CA GLY I 7 1.50 -48.24 3.74
C GLY I 7 2.95 -47.94 3.48
N PHE I 8 3.55 -47.23 4.42
CA PHE I 8 4.94 -46.82 4.37
C PHE I 8 5.80 -48.03 4.71
N THR I 9 6.68 -48.42 3.78
CA THR I 9 7.53 -49.56 4.04
C THR I 9 8.96 -49.24 3.73
N ILE I 10 9.86 -49.55 4.65
CA ILE I 10 11.29 -49.40 4.42
C ILE I 10 11.87 -50.79 4.29
N SER I 11 12.41 -51.11 3.12
CA SER I 11 12.97 -52.43 2.90
C SER I 11 14.47 -52.37 2.76
N PHE I 12 15.17 -53.21 3.52
CA PHE I 12 16.63 -53.26 3.45
C PHE I 12 17.08 -54.54 2.76
N VAL I 13 16.25 -55.07 1.88
CA VAL I 13 16.61 -56.25 1.10
C VAL I 13 17.81 -55.86 0.25
N ASN I 14 18.76 -56.77 0.12
CA ASN I 14 19.96 -56.51 -0.67
C ASN I 14 20.83 -55.40 -0.06
N LYS I 15 20.84 -55.33 1.27
CA LYS I 15 21.68 -54.36 1.98
C LYS I 15 22.31 -55.02 3.18
N THR I 16 23.46 -54.50 3.59
CA THR I 16 24.19 -55.01 4.74
C THR I 16 24.43 -53.90 5.74
N ILE I 17 24.11 -54.16 7.00
CA ILE I 17 24.33 -53.19 8.06
C ILE I 17 25.32 -53.78 9.05
N ILE I 18 26.28 -52.99 9.49
CA ILE I 18 27.21 -53.39 10.52
C ILE I 18 26.71 -52.85 11.83
N VAL I 19 26.65 -53.69 12.87
CA VAL I 19 26.23 -53.22 14.20
C VAL I 19 27.29 -53.58 15.22
N THR I 20 27.98 -52.58 15.78
CA THR I 20 28.96 -52.89 16.80
C THR I 20 28.25 -53.08 18.14
N GLY I 21 28.66 -54.07 18.90
CA GLY I 21 27.96 -54.41 20.12
C GLY I 21 26.57 -54.88 19.75
N GLY I 22 26.47 -55.55 18.60
CA GLY I 22 25.17 -55.96 18.08
C GLY I 22 24.69 -57.33 18.55
N ASN I 23 25.39 -57.89 19.54
CA ASN I 23 25.07 -59.24 20.03
C ASN I 23 24.23 -59.29 21.31
N ARG I 24 24.03 -58.16 21.97
CA ARG I 24 23.21 -58.13 23.18
C ARG I 24 22.76 -56.71 23.47
N GLY I 25 21.85 -56.57 24.44
CA GLY I 25 21.36 -55.26 24.81
C GLY I 25 20.70 -54.50 23.67
N ILE I 26 20.85 -53.18 23.67
CA ILE I 26 20.26 -52.37 22.61
C ILE I 26 20.81 -52.77 21.26
N GLY I 27 22.08 -53.12 21.21
CA GLY I 27 22.69 -53.55 19.96
C GLY I 27 21.95 -54.71 19.32
N LEU I 28 21.57 -55.70 20.12
CA LEU I 28 20.83 -56.83 19.59
C LEU I 28 19.46 -56.39 19.07
N ALA I 29 18.85 -55.39 19.69
CA ALA I 29 17.58 -54.89 19.19
C ALA I 29 17.77 -54.28 17.81
N PHE I 30 18.86 -53.54 17.64
CA PHE I 30 19.16 -52.97 16.33
C PHE I 30 19.36 -54.07 15.29
N THR I 31 20.18 -55.05 15.65
CA THR I 31 20.45 -56.19 14.79
C THR I 31 19.15 -56.85 14.34
N ARG I 32 18.29 -57.17 15.29
CA ARG I 32 17.02 -57.82 14.98
C ARG I 32 16.10 -56.94 14.13
N ALA I 33 16.09 -55.64 14.41
CA ALA I 33 15.23 -54.73 13.67
C ALA I 33 15.64 -54.61 12.20
N VAL I 34 16.93 -54.41 11.95
CA VAL I 34 17.37 -54.29 10.57
C VAL I 34 17.24 -55.62 9.82
N ALA I 35 17.47 -56.72 10.54
CA ALA I 35 17.30 -58.04 9.94
C ALA I 35 15.83 -58.24 9.52
N ALA I 36 14.91 -57.84 10.39
CA ALA I 36 13.49 -57.97 10.09
C ALA I 36 13.11 -57.11 8.89
N ALA I 37 13.85 -56.03 8.69
CA ALA I 37 13.61 -55.13 7.57
C ALA I 37 14.22 -55.71 6.30
N GLY I 38 14.98 -56.79 6.45
CA GLY I 38 15.57 -57.47 5.30
C GLY I 38 17.08 -57.37 5.13
N ALA I 39 17.75 -56.62 6.01
CA ALA I 39 19.18 -56.46 5.85
C ALA I 39 20.01 -57.64 6.35
N ASN I 40 21.15 -57.86 5.70
CA ASN I 40 22.13 -58.80 6.22
C ASN I 40 22.80 -58.05 7.34
N VAL I 41 23.32 -58.76 8.34
CA VAL I 41 23.93 -58.07 9.46
C VAL I 41 25.31 -58.62 9.84
N ALA I 42 26.27 -57.71 9.95
CA ALA I 42 27.60 -58.04 10.45
C ALA I 42 27.62 -57.56 11.89
N VAL I 43 27.71 -58.50 12.81
CA VAL I 43 27.70 -58.19 14.24
C VAL I 43 29.11 -58.16 14.79
N ILE I 44 29.53 -57.01 15.28
CA ILE I 44 30.84 -56.88 15.89
C ILE I 44 30.69 -56.96 17.41
N TYR I 45 31.53 -57.76 18.05
CA TYR I 45 31.48 -57.90 19.50
C TYR I 45 32.90 -57.92 20.04
N ARG I 46 33.05 -57.85 21.36
CA ARG I 46 34.38 -57.84 21.99
C ARG I 46 34.77 -59.19 22.59
N SER I 47 33.93 -59.72 23.46
CA SER I 47 34.30 -60.96 24.16
C SER I 47 33.17 -61.84 24.66
N ALA I 48 31.92 -61.49 24.36
CA ALA I 48 30.80 -62.32 24.80
C ALA I 48 31.00 -63.76 24.33
N ALA I 49 30.74 -64.71 25.21
CA ALA I 49 30.92 -66.11 24.89
C ALA I 49 29.91 -66.66 23.87
N ASP I 50 28.72 -66.09 23.83
CA ASP I 50 27.68 -66.61 22.95
C ASP I 50 27.37 -65.71 21.76
N ALA I 51 28.28 -64.78 21.45
CA ALA I 51 28.04 -63.84 20.36
C ALA I 51 27.78 -64.54 19.02
N VAL I 52 28.52 -65.60 18.73
CA VAL I 52 28.35 -66.29 17.46
C VAL I 52 26.99 -66.98 17.37
N GLU I 53 26.58 -67.65 18.44
CA GLU I 53 25.30 -68.37 18.47
C GLU I 53 24.13 -67.39 18.33
N VAL I 54 24.19 -66.30 19.10
CA VAL I 54 23.16 -65.28 19.06
C VAL I 54 22.99 -64.76 17.64
N THR I 55 24.11 -64.44 17.02
CA THR I 55 24.09 -63.89 15.67
C THR I 55 23.54 -64.88 14.66
N GLU I 56 23.93 -66.14 14.79
CA GLU I 56 23.44 -67.18 13.89
C GLU I 56 21.93 -67.32 13.99
N LYS I 57 21.41 -67.28 15.22
CA LYS I 57 19.97 -67.44 15.43
C LYS I 57 19.17 -66.29 14.80
N VAL I 58 19.74 -65.09 14.83
CA VAL I 58 19.09 -63.95 14.20
C VAL I 58 18.97 -64.20 12.71
N GLY I 59 20.06 -64.66 12.10
CA GLY I 59 20.04 -64.96 10.67
C GLY I 59 18.98 -65.98 10.32
N LYS I 60 18.87 -67.01 11.15
CA LYS I 60 17.88 -68.06 10.90
C LYS I 60 16.46 -67.56 11.09
N GLU I 61 16.24 -66.83 12.18
CA GLU I 61 14.92 -66.32 12.49
C GLU I 61 14.34 -65.42 11.40
N PHE I 62 15.17 -64.55 10.82
CA PHE I 62 14.68 -63.60 9.83
C PHE I 62 15.04 -63.91 8.38
N GLY I 63 15.70 -65.03 8.14
CA GLY I 63 16.07 -65.40 6.78
C GLY I 63 17.00 -64.43 6.07
N VAL I 64 18.02 -63.96 6.79
CA VAL I 64 19.02 -63.07 6.21
C VAL I 64 20.40 -63.61 6.54
N LYS I 65 21.41 -63.07 5.87
CA LYS I 65 22.78 -63.47 6.11
C LYS I 65 23.37 -62.70 7.30
N THR I 66 23.92 -63.43 8.26
CA THR I 66 24.59 -62.80 9.38
C THR I 66 25.94 -63.44 9.65
N LYS I 67 26.85 -62.67 10.20
CA LYS I 67 28.16 -63.18 10.59
C LYS I 67 28.64 -62.33 11.75
N ALA I 68 29.30 -62.99 12.71
CA ALA I 68 29.85 -62.32 13.89
C ALA I 68 31.34 -62.12 13.72
N TYR I 69 31.83 -60.97 14.18
CA TYR I 69 33.24 -60.65 14.09
C TYR I 69 33.75 -60.15 15.43
N GLN I 70 34.71 -60.87 16.01
CA GLN I 70 35.32 -60.43 17.26
C GLN I 70 36.27 -59.30 16.88
N CYS I 71 35.99 -58.11 17.37
CA CYS I 71 36.74 -56.93 16.95
C CYS I 71 36.65 -55.81 17.99
N ASP I 72 37.76 -55.57 18.68
CA ASP I 72 37.86 -54.50 19.65
C ASP I 72 37.81 -53.19 18.89
N VAL I 73 36.72 -52.44 19.04
CA VAL I 73 36.56 -51.20 18.29
C VAL I 73 37.61 -50.14 18.60
N SER I 74 38.32 -50.31 19.70
CA SER I 74 39.35 -49.32 20.05
C SER I 74 40.68 -49.57 19.34
N ASN I 75 40.76 -50.65 18.56
CA ASN I 75 41.99 -51.01 17.88
C ASN I 75 41.91 -50.64 16.41
N THR I 76 42.78 -49.73 15.98
CA THR I 76 42.79 -49.24 14.60
C THR I 76 42.89 -50.33 13.53
N ASP I 77 43.95 -51.11 13.58
CA ASP I 77 44.15 -52.13 12.55
C ASP I 77 43.15 -53.28 12.58
N ILE I 78 42.71 -53.70 13.75
CA ILE I 78 41.72 -54.79 13.77
C ILE I 78 40.41 -54.33 13.15
N VAL I 79 40.02 -53.07 13.41
CA VAL I 79 38.82 -52.54 12.81
C VAL I 79 38.98 -52.40 11.28
N THR I 80 40.14 -51.93 10.83
CA THR I 80 40.35 -51.81 9.39
C THR I 80 40.19 -53.18 8.73
N LYS I 81 40.84 -54.18 9.31
CA LYS I 81 40.81 -55.54 8.78
C LYS I 81 39.42 -56.14 8.82
N THR I 82 38.69 -55.88 9.91
CA THR I 82 37.36 -56.41 10.07
C THR I 82 36.40 -55.82 9.04
N ILE I 83 36.49 -54.51 8.83
CA ILE I 83 35.62 -53.86 7.85
C ILE I 83 35.89 -54.43 6.45
N GLN I 84 37.16 -54.65 6.13
CA GLN I 84 37.52 -55.22 4.83
C GLN I 84 36.93 -56.62 4.68
N GLN I 85 37.00 -57.40 5.76
CA GLN I 85 36.46 -58.76 5.75
C GLN I 85 34.94 -58.74 5.61
N ILE I 86 34.27 -57.79 6.28
CA ILE I 86 32.83 -57.68 6.18
C ILE I 86 32.42 -57.35 4.75
N ASP I 87 33.16 -56.44 4.13
CA ASP I 87 32.89 -56.07 2.74
C ASP I 87 33.06 -57.29 1.83
N ALA I 88 34.06 -58.10 2.09
CA ALA I 88 34.31 -59.28 1.29
C ALA I 88 33.26 -60.38 1.53
N ASP I 89 32.76 -60.49 2.76
CA ASP I 89 31.79 -61.54 3.09
C ASP I 89 30.35 -61.15 2.80
N LEU I 90 30.03 -59.88 3.02
CA LEU I 90 28.65 -59.40 2.95
C LEU I 90 28.48 -58.11 2.16
N GLY I 91 29.53 -57.61 1.53
CA GLY I 91 29.47 -56.34 0.81
C GLY I 91 28.45 -56.30 -0.33
N PRO I 92 28.05 -55.09 -0.74
CA PRO I 92 28.54 -53.83 -0.17
C PRO I 92 27.88 -53.49 1.18
N ILE I 93 28.61 -52.72 1.98
CA ILE I 93 28.10 -52.28 3.27
C ILE I 93 27.23 -51.07 3.00
N SER I 94 25.99 -51.11 3.48
CA SER I 94 25.04 -50.04 3.23
C SER I 94 24.93 -49.06 4.40
N GLY I 95 25.23 -49.54 5.59
CA GLY I 95 25.07 -48.71 6.77
C GLY I 95 25.82 -49.25 7.96
N LEU I 96 25.98 -48.39 8.97
CA LEU I 96 26.69 -48.75 10.19
C LEU I 96 25.97 -48.17 11.37
N ILE I 97 25.81 -48.98 12.40
CA ILE I 97 25.30 -48.52 13.69
C ILE I 97 26.45 -48.74 14.66
N ALA I 98 27.12 -47.64 15.02
CA ALA I 98 28.26 -47.65 15.94
C ALA I 98 27.66 -47.54 17.33
N ASN I 99 27.36 -48.69 17.90
CA ASN I 99 26.61 -48.79 19.14
C ASN I 99 27.42 -49.19 20.37
N ALA I 100 28.52 -49.92 20.19
CA ALA I 100 29.32 -50.37 21.33
C ALA I 100 29.64 -49.23 22.28
N GLY I 101 29.49 -49.48 23.58
CA GLY I 101 29.76 -48.46 24.59
C GLY I 101 29.89 -49.09 25.95
N VAL I 102 30.58 -48.37 26.85
CA VAL I 102 30.79 -48.85 28.22
C VAL I 102 30.69 -47.67 29.18
N SER I 103 30.68 -47.99 30.47
CA SER I 103 30.70 -46.95 31.49
C SER I 103 31.53 -47.41 32.69
N VAL I 104 31.88 -46.44 33.52
CA VAL I 104 32.57 -46.69 34.79
C VAL I 104 31.86 -45.85 35.81
N VAL I 105 31.35 -46.50 36.85
CA VAL I 105 30.60 -45.82 37.91
C VAL I 105 31.44 -45.75 39.19
N LYS I 106 31.90 -44.53 39.51
CA LYS I 106 32.68 -44.24 40.71
C LYS I 106 32.52 -42.78 41.02
N PRO I 107 32.66 -42.37 42.28
CA PRO I 107 32.62 -40.95 42.60
C PRO I 107 33.72 -40.30 41.76
N ALA I 108 33.46 -39.09 41.27
CA ALA I 108 34.40 -38.41 40.38
C ALA I 108 35.82 -38.32 40.94
N THR I 109 35.94 -38.02 42.22
CA THR I 109 37.27 -37.88 42.79
C THR I 109 38.10 -39.15 42.67
N GLU I 110 37.44 -40.30 42.58
CA GLU I 110 38.12 -41.59 42.57
C GLU I 110 38.47 -42.14 41.19
N LEU I 111 37.96 -41.51 40.14
CA LEU I 111 38.26 -41.99 38.79
C LEU I 111 39.74 -41.88 38.46
N THR I 112 40.25 -42.86 37.72
CA THR I 112 41.65 -42.88 37.33
C THR I 112 41.84 -42.61 35.83
N HIS I 113 43.09 -42.48 35.42
CA HIS I 113 43.41 -42.32 34.01
C HIS I 113 43.02 -43.59 33.25
N GLU I 114 43.18 -44.75 33.88
CA GLU I 114 42.78 -46.01 33.23
C GLU I 114 41.27 -46.04 33.00
N ASP I 115 40.51 -45.53 33.96
CA ASP I 115 39.05 -45.48 33.81
C ASP I 115 38.71 -44.58 32.63
N PHE I 116 39.43 -43.46 32.50
CA PHE I 116 39.23 -42.52 31.41
C PHE I 116 39.45 -43.19 30.07
N ALA I 117 40.58 -43.88 29.94
CA ALA I 117 40.90 -44.58 28.71
C ALA I 117 39.86 -45.67 28.41
N PHE I 118 39.48 -46.42 29.45
CA PHE I 118 38.47 -47.47 29.32
C PHE I 118 37.19 -46.96 28.65
N VAL I 119 36.67 -45.86 29.15
CA VAL I 119 35.44 -45.30 28.62
C VAL I 119 35.65 -44.62 27.26
N TYR I 120 36.62 -43.71 27.19
CA TYR I 120 36.82 -42.94 25.96
C TYR I 120 37.33 -43.72 24.76
N ASP I 121 38.14 -44.75 24.99
CA ASP I 121 38.64 -45.54 23.88
C ASP I 121 37.52 -46.25 23.16
N VAL I 122 36.45 -46.58 23.87
CA VAL I 122 35.31 -47.25 23.25
C VAL I 122 34.25 -46.26 22.79
N ASN I 123 33.83 -45.40 23.71
CA ASN I 123 32.73 -44.47 23.46
C ASN I 123 32.99 -43.36 22.47
N VAL I 124 34.26 -42.94 22.37
CA VAL I 124 34.61 -41.87 21.46
C VAL I 124 35.57 -42.36 20.39
N PHE I 125 36.75 -42.84 20.79
CA PHE I 125 37.68 -43.31 19.76
C PHE I 125 37.11 -44.51 19.00
N GLY I 126 36.49 -45.44 19.71
CA GLY I 126 35.91 -46.62 19.07
C GLY I 126 34.88 -46.22 18.04
N VAL I 127 34.04 -45.25 18.38
CA VAL I 127 33.05 -44.75 17.46
C VAL I 127 33.74 -44.14 16.26
N PHE I 128 34.68 -43.23 16.52
CA PHE I 128 35.43 -42.60 15.45
C PHE I 128 36.09 -43.64 14.55
N ASN I 129 36.77 -44.58 15.18
CA ASN I 129 37.54 -45.60 14.47
C ASN I 129 36.66 -46.42 13.53
N THR I 130 35.51 -46.85 14.04
CA THR I 130 34.56 -47.63 13.26
C THR I 130 33.99 -46.82 12.10
N CYS I 131 33.60 -45.58 12.38
CA CYS I 131 33.07 -44.69 11.35
C CYS I 131 34.10 -44.42 10.28
N ARG I 132 35.33 -44.19 10.71
CA ARG I 132 36.43 -43.89 9.80
C ARG I 132 36.74 -45.06 8.86
N ALA I 133 36.76 -46.27 9.39
CA ALA I 133 37.08 -47.43 8.57
C ALA I 133 36.01 -47.66 7.51
N VAL I 134 34.75 -47.53 7.90
CA VAL I 134 33.67 -47.69 6.95
C VAL I 134 33.67 -46.56 5.92
N ALA I 135 33.84 -45.33 6.37
CA ALA I 135 33.85 -44.18 5.47
C ALA I 135 35.00 -44.26 4.48
N LYS I 136 36.16 -44.70 4.93
CA LYS I 136 37.29 -44.79 4.01
C LYS I 136 36.98 -45.80 2.92
N LEU I 137 36.30 -46.87 3.28
CA LEU I 137 35.95 -47.90 2.30
C LEU I 137 34.96 -47.32 1.28
N TRP I 138 33.94 -46.64 1.78
CA TRP I 138 32.94 -46.01 0.92
C TRP I 138 33.57 -44.99 -0.01
N LEU I 139 34.47 -44.18 0.54
CA LEU I 139 35.16 -43.17 -0.26
C LEU I 139 35.97 -43.82 -1.36
N GLN I 140 36.69 -44.89 -1.01
CA GLN I 140 37.54 -45.59 -1.97
C GLN I 140 36.72 -46.17 -3.12
N LYS I 141 35.59 -46.79 -2.78
CA LYS I 141 34.74 -47.45 -3.77
C LYS I 141 33.62 -46.58 -4.31
N GLN I 142 33.67 -45.28 -3.99
CA GLN I 142 32.64 -44.33 -4.42
C GLN I 142 31.23 -44.82 -4.09
N GLN I 143 31.05 -45.26 -2.84
CA GLN I 143 29.76 -45.75 -2.39
C GLN I 143 29.17 -44.75 -1.41
N LYS I 144 27.84 -44.65 -1.37
CA LYS I 144 27.19 -43.78 -0.41
C LYS I 144 26.82 -44.60 0.82
N GLY I 145 26.54 -43.92 1.92
CA GLY I 145 26.18 -44.67 3.11
C GLY I 145 25.62 -43.81 4.21
N SER I 146 25.07 -44.48 5.21
CA SER I 146 24.48 -43.79 6.36
C SER I 146 25.01 -44.43 7.63
N ILE I 147 25.39 -43.58 8.58
CA ILE I 147 25.93 -44.03 9.85
C ILE I 147 25.10 -43.51 10.99
N VAL I 148 24.71 -44.41 11.89
CA VAL I 148 24.01 -44.03 13.09
C VAL I 148 24.91 -44.35 14.26
N VAL I 149 25.13 -43.39 15.15
CA VAL I 149 25.94 -43.63 16.34
C VAL I 149 25.03 -43.64 17.56
N THR I 150 25.14 -44.66 18.40
CA THR I 150 24.34 -44.65 19.61
C THR I 150 25.01 -43.79 20.66
N SER I 151 24.40 -42.64 20.92
CA SER I 151 24.91 -41.76 21.97
C SER I 151 24.08 -42.03 23.22
N SER I 152 23.44 -41.00 23.77
CA SER I 152 22.61 -41.13 24.96
C SER I 152 22.05 -39.78 25.33
N MET I 153 20.92 -39.77 26.03
CA MET I 153 20.42 -38.48 26.52
C MET I 153 21.42 -37.93 27.52
N SER I 154 22.32 -38.79 27.99
CA SER I 154 23.39 -38.43 28.90
C SER I 154 24.34 -37.42 28.26
N SER I 155 24.22 -37.22 26.94
CA SER I 155 25.01 -36.20 26.28
C SER I 155 24.59 -34.81 26.72
N GLN I 156 23.37 -34.70 27.25
CA GLN I 156 22.80 -33.42 27.65
C GLN I 156 22.66 -33.26 29.15
N ILE I 157 22.38 -34.35 29.85
CA ILE I 157 22.12 -34.28 31.29
C ILE I 157 22.95 -35.27 32.06
N ILE I 158 22.99 -35.07 33.37
CA ILE I 158 23.64 -35.99 34.28
C ILE I 158 22.52 -36.84 34.87
N ASN I 159 22.74 -38.15 34.89
CA ASN I 159 21.73 -39.08 35.42
C ASN I 159 21.71 -39.07 36.93
N GLN I 160 20.57 -39.44 37.50
CA GLN I 160 20.42 -39.51 38.95
C GLN I 160 20.35 -40.95 39.45
N SER I 161 20.90 -41.18 40.65
CA SER I 161 20.82 -42.47 41.31
C SER I 161 19.80 -42.36 42.46
N SER I 162 19.59 -41.13 42.93
CA SER I 162 18.62 -40.86 43.98
C SER I 162 18.16 -39.41 43.84
N LEU I 163 17.21 -39.00 44.67
CA LEU I 163 16.69 -37.63 44.60
C LEU I 163 17.82 -36.61 44.71
N ASN I 164 17.98 -35.80 43.67
CA ASN I 164 19.00 -34.75 43.67
C ASN I 164 20.40 -35.33 43.87
N GLY I 165 20.55 -36.60 43.51
CA GLY I 165 21.82 -37.30 43.69
C GLY I 165 22.30 -37.93 42.39
N SER I 166 23.52 -37.59 41.99
CA SER I 166 24.07 -38.08 40.74
C SER I 166 24.36 -39.58 40.67
N LEU I 167 24.10 -40.16 39.50
CA LEU I 167 24.59 -41.50 39.21
C LEU I 167 26.01 -41.17 38.75
N THR I 168 26.98 -41.41 39.62
CA THR I 168 28.35 -40.96 39.41
C THR I 168 29.12 -41.71 38.33
N GLN I 169 29.21 -41.09 37.16
CA GLN I 169 29.91 -41.70 36.03
C GLN I 169 30.29 -40.56 35.06
N VAL I 170 31.04 -39.59 35.55
CA VAL I 170 31.26 -38.39 34.74
C VAL I 170 31.92 -38.65 33.39
N PHE I 171 32.71 -39.72 33.30
CA PHE I 171 33.36 -40.00 32.03
C PHE I 171 32.34 -40.51 31.03
N TYR I 172 31.31 -41.21 31.52
CA TYR I 172 30.27 -41.70 30.63
C TYR I 172 29.50 -40.56 29.98
N ASN I 173 28.90 -39.71 30.80
CA ASN I 173 28.11 -38.62 30.24
C ASN I 173 28.96 -37.73 29.36
N SER I 174 30.18 -37.44 29.80
CA SER I 174 31.02 -36.56 28.99
C SER I 174 31.44 -37.21 27.67
N SER I 175 31.63 -38.53 27.68
CA SER I 175 31.97 -39.22 26.44
C SER I 175 30.81 -39.20 25.46
N LYS I 176 29.59 -39.22 25.97
CA LYS I 176 28.42 -39.17 25.09
C LYS I 176 28.25 -37.77 24.48
N ALA I 177 28.54 -36.73 25.27
CA ALA I 177 28.52 -35.38 24.71
C ALA I 177 29.57 -35.31 23.61
N ALA I 178 30.74 -35.89 23.85
CA ALA I 178 31.78 -35.90 22.83
C ALA I 178 31.29 -36.62 21.58
N CYS I 179 30.68 -37.79 21.78
CA CYS I 179 30.17 -38.59 20.69
C CYS I 179 29.15 -37.85 19.83
N SER I 180 28.25 -37.12 20.47
CA SER I 180 27.23 -36.40 19.71
C SER I 180 27.82 -35.24 18.91
N ASN I 181 28.88 -34.64 19.44
CA ASN I 181 29.54 -33.56 18.72
C ASN I 181 30.37 -34.14 17.57
N LEU I 182 31.01 -35.27 17.82
CA LEU I 182 31.80 -35.95 16.80
C LEU I 182 30.96 -36.22 15.56
N VAL I 183 29.70 -36.62 15.78
CA VAL I 183 28.80 -36.88 14.68
C VAL I 183 28.68 -35.65 13.79
N LYS I 184 28.62 -34.46 14.40
CA LYS I 184 28.55 -33.23 13.62
C LYS I 184 29.83 -33.05 12.82
N GLY I 185 30.97 -33.28 13.47
CA GLY I 185 32.24 -33.10 12.81
C GLY I 185 32.44 -34.02 11.61
N LEU I 186 32.09 -35.30 11.79
CA LEU I 186 32.21 -36.25 10.69
C LEU I 186 31.19 -35.96 9.60
N ALA I 187 29.98 -35.58 9.99
CA ALA I 187 28.95 -35.27 9.01
C ALA I 187 29.38 -34.10 8.12
N ALA I 188 30.05 -33.12 8.73
CA ALA I 188 30.50 -31.94 7.98
C ALA I 188 31.49 -32.31 6.89
N GLU I 189 32.43 -33.19 7.22
CA GLU I 189 33.47 -33.55 6.27
C GLU I 189 33.04 -34.53 5.21
N TRP I 190 32.06 -35.37 5.51
CA TRP I 190 31.66 -36.43 4.59
C TRP I 190 30.38 -36.17 3.80
N ALA I 191 29.73 -35.04 4.08
CA ALA I 191 28.48 -34.67 3.40
C ALA I 191 28.59 -34.66 1.88
N SER I 192 29.64 -34.06 1.36
CA SER I 192 29.79 -33.97 -0.09
C SER I 192 30.00 -35.32 -0.77
N ALA I 193 30.43 -36.32 -0.01
CA ALA I 193 30.67 -37.67 -0.54
C ALA I 193 29.43 -38.56 -0.43
N GLY I 194 28.32 -37.97 -0.02
CA GLY I 194 27.08 -38.74 0.09
C GLY I 194 27.05 -39.66 1.28
N ILE I 195 27.78 -39.29 2.33
CA ILE I 195 27.78 -40.08 3.54
C ILE I 195 27.12 -39.26 4.65
N ARG I 196 26.11 -39.83 5.30
CA ARG I 196 25.40 -39.13 6.36
C ARG I 196 25.77 -39.75 7.70
N VAL I 197 25.83 -38.92 8.73
CA VAL I 197 26.17 -39.38 10.08
C VAL I 197 25.24 -38.69 11.07
N ASN I 198 24.60 -39.48 11.92
CA ASN I 198 23.64 -38.96 12.90
C ASN I 198 23.77 -39.72 14.20
N ALA I 199 23.34 -39.08 15.29
CA ALA I 199 23.38 -39.69 16.62
C ALA I 199 21.96 -40.04 17.04
N LEU I 200 21.82 -41.22 17.64
CA LEU I 200 20.55 -41.68 18.20
C LEU I 200 20.82 -41.77 19.70
N SER I 201 20.05 -41.03 20.49
CA SER I 201 20.31 -40.92 21.93
C SER I 201 19.19 -41.45 22.83
N PRO I 202 19.32 -42.70 23.27
CA PRO I 202 18.32 -43.31 24.15
C PRO I 202 18.25 -42.71 25.54
N GLY I 203 17.07 -42.82 26.12
CA GLY I 203 16.87 -42.51 27.53
C GLY I 203 17.11 -43.79 28.32
N TYR I 204 16.41 -43.93 29.43
CA TYR I 204 16.55 -45.14 30.25
C TYR I 204 15.92 -46.35 29.56
N VAL I 205 16.69 -47.42 29.41
CA VAL I 205 16.24 -48.62 28.72
C VAL I 205 16.35 -49.86 29.61
N ASN I 206 15.35 -50.73 29.51
CA ASN I 206 15.35 -52.01 30.21
C ASN I 206 16.23 -53.00 29.47
N THR I 207 17.35 -53.40 30.09
CA THR I 207 18.22 -54.43 29.54
C THR I 207 18.46 -55.47 30.62
N ASP I 208 19.20 -56.52 30.30
CA ASP I 208 19.47 -57.58 31.28
C ASP I 208 20.09 -57.07 32.57
N GLN I 209 20.92 -56.02 32.46
CA GLN I 209 21.58 -55.46 33.64
C GLN I 209 20.59 -54.75 34.55
N THR I 210 19.52 -54.23 33.95
CA THR I 210 18.48 -53.53 34.70
C THR I 210 17.88 -54.38 35.81
N ALA I 211 17.64 -55.66 35.53
CA ALA I 211 17.04 -56.55 36.51
C ALA I 211 17.96 -56.84 37.69
N HIS I 212 19.24 -56.48 37.55
CA HIS I 212 20.20 -56.78 38.61
C HIS I 212 20.74 -55.55 39.31
N MET I 213 20.28 -54.38 38.88
CA MET I 213 20.72 -53.14 39.52
C MET I 213 19.96 -52.89 40.81
N ASP I 214 20.47 -51.97 41.61
CA ASP I 214 19.84 -51.58 42.86
C ASP I 214 18.41 -51.19 42.55
N LYS I 215 17.46 -51.86 43.19
CA LYS I 215 16.05 -51.58 42.94
C LYS I 215 15.67 -50.15 43.28
N LYS I 216 16.32 -49.58 44.29
CA LYS I 216 16.03 -48.22 44.70
C LYS I 216 16.40 -47.26 43.58
N ILE I 217 17.57 -47.48 42.99
CA ILE I 217 18.04 -46.63 41.91
C ILE I 217 17.12 -46.75 40.70
N ARG I 218 16.78 -47.98 40.33
CA ARG I 218 15.91 -48.21 39.19
C ARG I 218 14.56 -47.54 39.38
N ASP I 219 13.98 -47.69 40.57
CA ASP I 219 12.70 -47.08 40.87
C ASP I 219 12.82 -45.54 40.83
N HIS I 220 13.91 -45.02 41.37
CA HIS I 220 14.07 -43.58 41.34
C HIS I 220 14.12 -43.08 39.89
N GLN I 221 14.91 -43.73 39.07
CA GLN I 221 15.06 -43.30 37.69
C GLN I 221 13.74 -43.35 36.93
N ALA I 222 12.93 -44.35 37.21
CA ALA I 222 11.65 -44.45 36.52
C ALA I 222 10.64 -43.42 37.02
N SER I 223 10.84 -42.94 38.25
CA SER I 223 9.90 -42.03 38.90
C SER I 223 9.75 -40.64 38.29
N ASN I 224 10.72 -40.19 37.49
CA ASN I 224 10.64 -38.86 36.91
C ASN I 224 10.64 -38.88 35.38
N ILE I 225 10.21 -40.00 34.79
CA ILE I 225 10.08 -40.10 33.33
C ILE I 225 8.60 -39.89 32.99
N PRO I 226 8.26 -38.88 32.19
CA PRO I 226 6.85 -38.65 31.85
C PRO I 226 6.07 -39.89 31.40
N LEU I 227 6.71 -40.79 30.68
CA LEU I 227 6.05 -42.01 30.23
C LEU I 227 5.95 -43.06 31.33
N ASN I 228 6.52 -42.77 32.49
CA ASN I 228 6.42 -43.62 33.68
C ASN I 228 7.06 -45.00 33.54
N ARG I 229 8.06 -45.14 32.69
CA ARG I 229 8.71 -46.43 32.52
C ARG I 229 9.98 -46.29 31.73
N PHE I 230 10.86 -47.27 31.87
CA PHE I 230 12.05 -47.37 31.04
C PHE I 230 11.54 -47.87 29.69
N ALA I 231 12.30 -47.63 28.64
CA ALA I 231 11.92 -48.13 27.32
C ALA I 231 12.32 -49.59 27.16
N GLN I 232 11.70 -50.25 26.20
CA GLN I 232 12.16 -51.58 25.80
C GLN I 232 13.16 -51.29 24.69
N PRO I 233 14.20 -52.10 24.54
CA PRO I 233 15.21 -51.82 23.52
C PRO I 233 14.62 -51.67 22.11
N GLU I 234 13.57 -52.42 21.80
CA GLU I 234 12.93 -52.34 20.48
C GLU I 234 12.45 -50.92 20.14
N GLU I 235 12.14 -50.12 21.17
CA GLU I 235 11.64 -48.77 20.93
C GLU I 235 12.72 -47.81 20.42
N MET I 236 13.96 -48.25 20.38
CA MET I 236 15.04 -47.43 19.87
C MET I 236 15.25 -47.65 18.39
N THR I 237 14.65 -48.70 17.85
CA THR I 237 14.96 -49.12 16.48
C THR I 237 14.31 -48.37 15.34
N GLY I 238 13.07 -47.89 15.52
CA GLY I 238 12.38 -47.19 14.45
C GLY I 238 13.18 -46.01 13.91
N GLN I 239 13.70 -45.20 14.83
CA GLN I 239 14.48 -44.03 14.43
C GLN I 239 15.75 -44.44 13.70
N ALA I 240 16.37 -45.54 14.12
CA ALA I 240 17.58 -46.02 13.47
C ALA I 240 17.28 -46.44 12.03
N ILE I 241 16.19 -47.17 11.83
CA ILE I 241 15.82 -47.61 10.50
C ILE I 241 15.56 -46.40 9.60
N LEU I 242 14.85 -45.42 10.14
CA LEU I 242 14.60 -44.22 9.35
C LEU I 242 15.92 -43.56 8.94
N LEU I 243 16.80 -43.34 9.90
CA LEU I 243 18.07 -42.67 9.62
C LEU I 243 18.95 -43.40 8.61
N LEU I 244 18.88 -44.73 8.62
CA LEU I 244 19.66 -45.54 7.69
C LEU I 244 19.04 -45.56 6.29
N SER I 245 17.75 -45.27 6.21
CA SER I 245 17.00 -45.35 4.96
C SER I 245 17.18 -44.15 4.03
N ASP I 246 16.72 -44.28 2.80
CA ASP I 246 16.82 -43.18 1.85
C ASP I 246 15.78 -42.09 2.10
N HIS I 247 14.93 -42.29 3.11
CA HIS I 247 13.96 -41.25 3.46
C HIS I 247 14.65 -40.15 4.25
N ALA I 248 15.83 -40.46 4.77
CA ALA I 248 16.56 -39.51 5.62
C ALA I 248 17.65 -38.76 4.87
N THR I 249 17.46 -38.58 3.56
CA THR I 249 18.47 -37.91 2.75
C THR I 249 18.83 -36.48 3.17
N TYR I 250 17.94 -35.80 3.90
CA TYR I 250 18.25 -34.44 4.33
C TYR I 250 18.58 -34.38 5.82
N MET I 251 18.86 -35.54 6.41
CA MET I 251 19.19 -35.63 7.82
C MET I 251 20.64 -36.02 8.03
N THR I 252 21.43 -35.09 8.53
CA THR I 252 22.83 -35.39 8.82
C THR I 252 23.36 -34.44 9.88
N GLY I 253 24.24 -34.96 10.73
CA GLY I 253 24.83 -34.20 11.82
C GLY I 253 23.90 -34.03 13.02
N GLY I 254 22.70 -34.60 12.92
CA GLY I 254 21.73 -34.40 13.99
C GLY I 254 21.79 -35.39 15.12
N GLU I 255 21.14 -35.04 16.21
CA GLU I 255 21.03 -35.92 17.38
C GLU I 255 19.53 -36.14 17.62
N TYR I 256 19.13 -37.40 17.62
CA TYR I 256 17.71 -37.76 17.74
C TYR I 256 17.46 -38.49 19.06
N PHE I 257 16.74 -37.82 19.94
CA PHE I 257 16.50 -38.35 21.29
C PHE I 257 15.29 -39.25 21.34
N ILE I 258 15.43 -40.34 22.10
CA ILE I 258 14.35 -41.28 22.32
C ILE I 258 14.36 -41.46 23.83
N ASP I 259 13.92 -40.40 24.51
CA ASP I 259 14.06 -40.28 25.97
C ASP I 259 12.80 -40.49 26.81
N GLY I 260 11.66 -40.74 26.20
CA GLY I 260 10.44 -40.95 26.97
C GLY I 260 9.99 -39.70 27.72
N GLY I 261 10.51 -38.55 27.31
CA GLY I 261 10.13 -37.29 27.94
C GLY I 261 11.07 -36.84 29.04
N GLN I 262 12.10 -37.62 29.37
CA GLN I 262 13.00 -37.24 30.45
C GLN I 262 13.59 -35.83 30.29
N LEU I 263 13.92 -35.46 29.05
CA LEU I 263 14.55 -34.16 28.80
C LEU I 263 13.58 -32.99 28.91
N ILE I 264 12.29 -33.28 29.09
CA ILE I 264 11.30 -32.23 29.27
C ILE I 264 11.55 -31.51 30.61
N TRP I 265 11.96 -32.26 31.63
CA TRP I 265 12.17 -31.69 32.95
C TRP I 265 13.54 -31.06 33.12
N PRO J 6 30.69 5.11 44.28
CA PRO J 6 29.98 3.81 44.38
C PRO J 6 30.35 2.92 43.21
N GLY J 7 30.03 1.64 43.28
CA GLY J 7 30.35 0.73 42.21
C GLY J 7 30.22 -0.72 42.60
N PHE J 8 30.32 -1.59 41.59
CA PHE J 8 30.27 -3.03 41.75
C PHE J 8 31.72 -3.51 41.84
N THR J 9 32.11 -4.07 42.97
CA THR J 9 33.49 -4.52 43.13
C THR J 9 33.62 -5.98 43.56
N ILE J 10 34.65 -6.62 43.01
CA ILE J 10 34.98 -7.99 43.36
C ILE J 10 36.43 -7.97 43.78
N SER J 11 36.70 -8.28 45.05
CA SER J 11 38.06 -8.30 45.56
C SER J 11 38.58 -9.70 45.78
N PHE J 12 39.73 -9.99 45.20
CA PHE J 12 40.39 -11.27 45.37
C PHE J 12 41.62 -11.12 46.27
N VAL J 13 41.67 -10.04 47.04
CA VAL J 13 42.79 -9.81 47.93
C VAL J 13 42.85 -10.97 48.91
N ASN J 14 44.04 -11.57 49.04
CA ASN J 14 44.24 -12.70 49.94
C ASN J 14 43.52 -13.95 49.49
N LYS J 15 43.41 -14.09 48.17
CA LYS J 15 42.82 -15.28 47.59
C LYS J 15 43.83 -15.76 46.57
N THR J 16 43.90 -17.07 46.34
CA THR J 16 44.85 -17.61 45.39
C THR J 16 44.12 -18.35 44.28
N ILE J 17 44.44 -18.01 43.03
CA ILE J 17 43.82 -18.66 41.88
C ILE J 17 44.86 -19.43 41.09
N ILE J 18 44.54 -20.67 40.74
CA ILE J 18 45.41 -21.47 39.89
C ILE J 18 44.93 -21.33 38.46
N VAL J 19 45.84 -21.08 37.52
CA VAL J 19 45.47 -21.01 36.12
C VAL J 19 46.37 -21.94 35.31
N THR J 20 45.80 -23.01 34.75
CA THR J 20 46.61 -23.90 33.90
C THR J 20 46.72 -23.29 32.51
N GLY J 21 47.91 -23.38 31.92
CA GLY J 21 48.17 -22.72 30.66
C GLY J 21 48.08 -21.22 30.88
N GLY J 22 48.45 -20.78 32.08
CA GLY J 22 48.28 -19.37 32.42
C GLY J 22 49.42 -18.45 32.06
N ASN J 23 50.39 -18.94 31.29
CA ASN J 23 51.60 -18.18 30.94
C ASN J 23 51.52 -17.49 29.58
N ARG J 24 50.53 -17.85 28.77
CA ARG J 24 50.36 -17.22 27.47
C ARG J 24 48.93 -17.37 26.98
N GLY J 25 48.62 -16.71 25.87
CA GLY J 25 47.30 -16.80 25.29
C GLY J 25 46.20 -16.33 26.22
N ILE J 26 45.03 -16.97 26.13
CA ILE J 26 43.90 -16.60 26.96
C ILE J 26 44.24 -16.81 28.44
N GLY J 27 45.01 -17.86 28.72
CA GLY J 27 45.43 -18.15 30.08
C GLY J 27 46.12 -16.96 30.74
N LEU J 28 47.01 -16.30 30.00
CA LEU J 28 47.71 -15.14 30.53
C LEU J 28 46.76 -13.97 30.83
N ALA J 29 45.75 -13.82 30.00
CA ALA J 29 44.73 -12.80 30.21
C ALA J 29 44.01 -13.06 31.52
N PHE J 30 43.68 -14.33 31.76
CA PHE J 30 43.04 -14.72 33.01
C PHE J 30 43.97 -14.39 34.18
N THR J 31 45.24 -14.81 34.05
CA THR J 31 46.25 -14.58 35.08
C THR J 31 46.36 -13.12 35.46
N ARG J 32 46.46 -12.27 34.44
CA ARG J 32 46.57 -10.84 34.66
C ARG J 32 45.31 -10.23 35.26
N ALA J 33 44.16 -10.72 34.81
CA ALA J 33 42.87 -10.21 35.29
C ALA J 33 42.65 -10.51 36.77
N VAL J 34 42.89 -11.75 37.18
CA VAL J 34 42.69 -12.10 38.57
C VAL J 34 43.76 -11.44 39.46
N ALA J 35 44.96 -11.26 38.94
CA ALA J 35 46.02 -10.58 39.67
C ALA J 35 45.61 -9.14 39.92
N ALA J 36 45.05 -8.52 38.89
CA ALA J 36 44.59 -7.14 38.98
C ALA J 36 43.49 -6.99 40.04
N ALA J 37 42.75 -8.08 40.26
CA ALA J 37 41.68 -8.10 41.26
C ALA J 37 42.22 -8.33 42.66
N GLY J 38 43.50 -8.65 42.76
CA GLY J 38 44.13 -8.85 44.07
C GLY J 38 44.59 -10.25 44.40
N ALA J 39 44.29 -11.21 43.53
CA ALA J 39 44.67 -12.60 43.81
C ALA J 39 46.12 -12.97 43.54
N ASN J 40 46.66 -13.85 44.37
CA ASN J 40 47.96 -14.44 44.09
C ASN J 40 47.65 -15.44 42.98
N VAL J 41 48.63 -15.74 42.14
CA VAL J 41 48.39 -16.67 41.05
C VAL J 41 49.43 -17.75 40.91
N ALA J 42 48.96 -19.00 40.86
CA ALA J 42 49.82 -20.15 40.59
C ALA J 42 49.62 -20.48 39.13
N VAL J 43 50.66 -20.29 38.34
CA VAL J 43 50.60 -20.52 36.89
C VAL J 43 51.17 -21.89 36.54
N ILE J 44 50.33 -22.75 35.97
CA ILE J 44 50.76 -24.07 35.54
C ILE J 44 51.01 -24.06 34.05
N TYR J 45 52.16 -24.59 33.64
CA TYR J 45 52.54 -24.64 32.24
C TYR J 45 53.22 -25.98 31.93
N ARG J 46 53.48 -26.23 30.65
CA ARG J 46 54.08 -27.50 30.23
C ARG J 46 55.56 -27.43 29.83
N SER J 47 55.93 -26.47 28.99
CA SER J 47 57.33 -26.37 28.55
C SER J 47 57.83 -24.98 28.15
N ALA J 48 56.97 -23.97 28.16
CA ALA J 48 57.39 -22.64 27.73
C ALA J 48 58.68 -22.18 28.42
N ALA J 49 59.69 -21.88 27.61
CA ALA J 49 61.00 -21.46 28.12
C ALA J 49 60.95 -20.20 28.99
N ASP J 50 59.95 -19.36 28.77
CA ASP J 50 59.86 -18.09 29.50
C ASP J 50 58.70 -18.02 30.50
N ALA J 51 58.07 -19.15 30.78
CA ALA J 51 56.92 -19.14 31.72
C ALA J 51 57.27 -18.54 33.08
N VAL J 52 58.46 -18.83 33.59
CA VAL J 52 58.84 -18.30 34.89
C VAL J 52 58.94 -16.77 34.85
N GLU J 53 59.65 -16.26 33.85
CA GLU J 53 59.82 -14.82 33.68
C GLU J 53 58.46 -14.11 33.60
N VAL J 54 57.62 -14.60 32.70
CA VAL J 54 56.30 -14.02 32.50
C VAL J 54 55.50 -13.96 33.79
N THR J 55 55.51 -15.07 34.54
CA THR J 55 54.76 -15.15 35.79
C THR J 55 55.30 -14.21 36.86
N GLU J 56 56.62 -14.07 36.91
CA GLU J 56 57.23 -13.17 37.88
C GLU J 56 56.85 -11.73 37.60
N LYS J 57 56.87 -11.35 36.34
CA LYS J 57 56.53 -9.99 35.95
C LYS J 57 55.09 -9.65 36.32
N VAL J 58 54.19 -10.60 36.17
CA VAL J 58 52.79 -10.37 36.53
C VAL J 58 52.69 -10.04 38.02
N GLY J 59 53.41 -10.80 38.83
CA GLY J 59 53.40 -10.59 40.27
C GLY J 59 53.87 -9.19 40.63
N LYS J 60 54.96 -8.77 40.00
CA LYS J 60 55.52 -7.46 40.27
C LYS J 60 54.60 -6.34 39.77
N GLU J 61 53.95 -6.58 38.63
CA GLU J 61 53.09 -5.56 38.03
C GLU J 61 51.88 -5.21 38.90
N PHE J 62 51.24 -6.22 39.48
CA PHE J 62 50.03 -6.01 40.25
C PHE J 62 50.19 -6.13 41.77
N GLY J 63 51.42 -6.34 42.22
CA GLY J 63 51.70 -6.42 43.65
C GLY J 63 51.12 -7.63 44.36
N VAL J 64 51.16 -8.78 43.72
CA VAL J 64 50.67 -10.02 44.32
C VAL J 64 51.74 -11.10 44.18
N LYS J 65 51.57 -12.19 44.92
CA LYS J 65 52.53 -13.28 44.83
C LYS J 65 52.15 -14.22 43.71
N THR J 66 53.12 -14.58 42.90
CA THR J 66 52.91 -15.53 41.82
C THR J 66 54.06 -16.52 41.80
N LYS J 67 53.79 -17.69 41.22
CA LYS J 67 54.79 -18.72 41.09
C LYS J 67 54.35 -19.58 39.93
N ALA J 68 55.32 -20.02 39.13
CA ALA J 68 55.05 -20.87 38.00
C ALA J 68 55.42 -22.30 38.35
N TYR J 69 54.63 -23.24 37.83
CA TYR J 69 54.85 -24.65 38.08
C TYR J 69 54.77 -25.44 36.78
N GLN J 70 55.86 -26.13 36.44
CA GLN J 70 55.87 -26.98 35.26
C GLN J 70 55.12 -28.24 35.66
N CYS J 71 53.97 -28.45 35.05
CA CYS J 71 53.09 -29.54 35.43
C CYS J 71 52.22 -30.00 34.28
N ASP J 72 52.49 -31.21 33.77
CA ASP J 72 51.72 -31.78 32.68
C ASP J 72 50.35 -32.19 33.23
N VAL J 73 49.31 -31.48 32.80
CA VAL J 73 47.97 -31.73 33.34
C VAL J 73 47.42 -33.11 33.02
N SER J 74 48.03 -33.82 32.07
CA SER J 74 47.58 -35.15 31.70
C SER J 74 48.10 -36.26 32.62
N ASN J 75 48.98 -35.92 33.56
CA ASN J 75 49.52 -36.91 34.50
C ASN J 75 48.94 -36.75 35.90
N THR J 76 48.34 -37.82 36.42
CA THR J 76 47.69 -37.80 37.72
C THR J 76 48.58 -37.32 38.85
N ASP J 77 49.69 -38.02 39.05
CA ASP J 77 50.56 -37.74 40.19
C ASP J 77 51.26 -36.38 40.16
N ILE J 78 51.66 -35.90 38.99
CA ILE J 78 52.34 -34.61 38.99
C ILE J 78 51.34 -33.52 39.35
N VAL J 79 50.09 -33.69 38.91
CA VAL J 79 49.06 -32.71 39.25
C VAL J 79 48.77 -32.75 40.75
N THR J 80 48.66 -33.94 41.31
CA THR J 80 48.42 -34.06 42.73
C THR J 80 49.53 -33.38 43.51
N LYS J 81 50.76 -33.66 43.13
CA LYS J 81 51.91 -33.08 43.82
C LYS J 81 51.96 -31.56 43.66
N THR J 82 51.69 -31.09 42.45
CA THR J 82 51.72 -29.65 42.17
C THR J 82 50.67 -28.90 42.97
N ILE J 83 49.47 -29.47 43.06
CA ILE J 83 48.42 -28.83 43.83
C ILE J 83 48.81 -28.74 45.31
N GLN J 84 49.40 -29.81 45.83
CA GLN J 84 49.85 -29.81 47.23
C GLN J 84 50.88 -28.72 47.46
N GLN J 85 51.80 -28.57 46.51
CA GLN J 85 52.85 -27.57 46.61
C GLN J 85 52.27 -26.16 46.52
N ILE J 86 51.34 -25.94 45.59
CA ILE J 86 50.71 -24.63 45.45
C ILE J 86 50.02 -24.27 46.75
N ASP J 87 49.36 -25.26 47.36
CA ASP J 87 48.67 -25.02 48.61
C ASP J 87 49.67 -24.63 49.69
N ALA J 88 50.87 -25.22 49.61
CA ALA J 88 51.91 -24.92 50.59
C ALA J 88 52.51 -23.54 50.36
N ASP J 89 52.76 -23.20 49.09
CA ASP J 89 53.37 -21.93 48.75
C ASP J 89 52.41 -20.76 48.78
N LEU J 90 51.15 -21.02 48.45
CA LEU J 90 50.15 -19.94 48.31
C LEU J 90 48.77 -20.24 48.88
N GLY J 91 48.59 -21.42 49.50
CA GLY J 91 47.29 -21.80 50.03
C GLY J 91 46.75 -20.84 51.07
N PRO J 92 45.45 -20.91 51.33
CA PRO J 92 44.55 -21.84 50.65
C PRO J 92 44.19 -21.40 49.24
N ILE J 93 43.89 -22.39 48.40
CA ILE J 93 43.50 -22.17 47.03
C ILE J 93 42.03 -21.75 47.05
N SER J 94 41.72 -20.65 46.39
CA SER J 94 40.38 -20.08 46.37
C SER J 94 39.61 -20.44 45.10
N GLY J 95 40.32 -20.56 43.99
CA GLY J 95 39.69 -20.88 42.73
C GLY J 95 40.65 -21.49 41.74
N LEU J 96 40.09 -22.03 40.67
CA LEU J 96 40.85 -22.67 39.63
C LEU J 96 40.28 -22.35 38.27
N ILE J 97 41.16 -22.03 37.33
CA ILE J 97 40.77 -21.88 35.93
C ILE J 97 41.52 -22.96 35.16
N ALA J 98 40.80 -24.02 34.80
CA ALA J 98 41.37 -25.12 34.06
C ALA J 98 41.26 -24.75 32.59
N ASN J 99 42.33 -24.12 32.10
CA ASN J 99 42.38 -23.51 30.79
C ASN J 99 43.28 -24.19 29.74
N ALA J 100 44.27 -24.96 30.17
CA ALA J 100 45.17 -25.60 29.21
C ALA J 100 44.39 -26.43 28.19
N GLY J 101 44.77 -26.32 26.92
CA GLY J 101 44.11 -27.07 25.87
C GLY J 101 44.99 -27.17 24.64
N VAL J 102 44.68 -28.13 23.78
CA VAL J 102 45.43 -28.34 22.55
C VAL J 102 44.48 -28.76 21.44
N SER J 103 45.01 -28.88 20.22
CA SER J 103 44.23 -29.34 19.08
C SER J 103 45.11 -30.04 18.07
N VAL J 104 44.46 -30.78 17.18
CA VAL J 104 45.13 -31.43 16.06
C VAL J 104 44.24 -31.18 14.86
N VAL J 105 44.79 -30.55 13.83
CA VAL J 105 44.05 -30.24 12.61
C VAL J 105 44.48 -31.16 11.48
N LYS J 106 43.60 -32.09 11.14
CA LYS J 106 43.81 -33.06 10.05
C LYS J 106 42.45 -33.51 9.57
N PRO J 107 42.34 -33.94 8.32
CA PRO J 107 41.08 -34.51 7.85
C PRO J 107 40.74 -35.70 8.76
N ALA J 108 39.46 -35.88 9.07
CA ALA J 108 39.04 -36.93 9.99
C ALA J 108 39.56 -38.31 9.63
N THR J 109 39.49 -38.69 8.35
CA THR J 109 39.96 -40.02 7.97
C THR J 109 41.42 -40.26 8.33
N GLU J 110 42.22 -39.21 8.49
CA GLU J 110 43.65 -39.37 8.74
C GLU J 110 44.03 -39.29 10.21
N LEU J 111 43.08 -38.94 11.07
CA LEU J 111 43.39 -38.86 12.50
C LEU J 111 43.73 -40.23 13.06
N THR J 112 44.68 -40.26 14.01
CA THR J 112 45.12 -41.52 14.61
C THR J 112 44.75 -41.62 16.08
N HIS J 113 44.96 -42.80 16.65
CA HIS J 113 44.70 -43.04 18.07
C HIS J 113 45.65 -42.16 18.88
N GLU J 114 46.84 -41.96 18.34
CA GLU J 114 47.84 -41.10 18.97
C GLU J 114 47.35 -39.66 19.03
N ASP J 115 46.72 -39.20 17.94
CA ASP J 115 46.16 -37.86 17.92
C ASP J 115 45.03 -37.77 18.94
N PHE J 116 44.23 -38.84 19.03
CA PHE J 116 43.12 -38.87 19.97
C PHE J 116 43.63 -38.73 21.40
N ALA J 117 44.63 -39.55 21.74
CA ALA J 117 45.22 -39.52 23.07
C ALA J 117 45.76 -38.11 23.38
N PHE J 118 46.47 -37.55 22.41
CA PHE J 118 47.07 -36.24 22.61
C PHE J 118 46.03 -35.18 22.99
N VAL J 119 44.98 -35.07 22.20
CA VAL J 119 43.97 -34.05 22.43
C VAL J 119 43.14 -34.33 23.68
N TYR J 120 42.66 -35.56 23.82
CA TYR J 120 41.80 -35.88 24.96
C TYR J 120 42.52 -35.94 26.31
N ASP J 121 43.80 -36.31 26.31
CA ASP J 121 44.53 -36.34 27.57
C ASP J 121 44.64 -34.96 28.19
N VAL J 122 44.72 -33.91 27.37
CA VAL J 122 44.83 -32.56 27.89
C VAL J 122 43.47 -31.89 28.04
N ASN J 123 42.67 -31.95 26.98
CA ASN J 123 41.40 -31.25 26.93
C ASN J 123 40.29 -31.81 27.81
N VAL J 124 40.35 -33.10 28.11
CA VAL J 124 39.31 -33.72 28.92
C VAL J 124 39.90 -34.33 30.19
N PHE J 125 40.82 -35.27 30.04
CA PHE J 125 41.41 -35.84 31.24
C PHE J 125 42.17 -34.79 32.03
N GLY J 126 42.93 -33.94 31.35
CA GLY J 126 43.68 -32.90 32.02
C GLY J 126 42.78 -31.97 32.82
N VAL J 127 41.65 -31.58 32.23
CA VAL J 127 40.67 -30.74 32.93
C VAL J 127 40.15 -31.50 34.13
N PHE J 128 39.70 -32.73 33.92
CA PHE J 128 39.20 -33.55 35.02
C PHE J 128 40.22 -33.67 36.15
N ASN J 129 41.44 -34.03 35.77
CA ASN J 129 42.54 -34.29 36.71
C ASN J 129 42.85 -33.05 37.56
N THR J 130 42.94 -31.90 36.90
CA THR J 130 43.18 -30.64 37.59
C THR J 130 42.02 -30.31 38.53
N CYS J 131 40.79 -30.42 38.03
CA CYS J 131 39.62 -30.15 38.87
C CYS J 131 39.57 -31.07 40.07
N ARG J 132 39.81 -32.35 39.85
CA ARG J 132 39.77 -33.36 40.91
C ARG J 132 40.80 -33.14 42.02
N ALA J 133 42.02 -32.78 41.62
CA ALA J 133 43.09 -32.54 42.59
C ALA J 133 42.72 -31.38 43.52
N VAL J 134 42.22 -30.31 42.93
CA VAL J 134 41.83 -29.15 43.73
C VAL J 134 40.63 -29.48 44.61
N ALA J 135 39.61 -30.09 44.02
CA ALA J 135 38.42 -30.46 44.78
C ALA J 135 38.73 -31.41 45.95
N LYS J 136 39.61 -32.38 45.74
CA LYS J 136 39.95 -33.31 46.81
C LYS J 136 40.60 -32.57 47.97
N LEU J 137 41.42 -31.59 47.64
CA LEU J 137 42.07 -30.77 48.66
C LEU J 137 41.01 -29.98 49.43
N TRP J 138 40.06 -29.39 48.70
CA TRP J 138 38.99 -28.62 49.32
C TRP J 138 38.09 -29.50 50.19
N LEU J 139 37.78 -30.70 49.72
CA LEU J 139 36.95 -31.61 50.51
C LEU J 139 37.65 -32.01 51.80
N GLN J 140 38.93 -32.30 51.70
CA GLN J 140 39.74 -32.69 52.86
C GLN J 140 39.79 -31.60 53.92
N LYS J 141 39.97 -30.36 53.47
CA LYS J 141 40.12 -29.22 54.38
C LYS J 141 38.82 -28.46 54.60
N GLN J 142 37.71 -29.04 54.13
CA GLN J 142 36.39 -28.42 54.27
C GLN J 142 36.41 -26.96 53.84
N GLN J 143 36.97 -26.73 52.65
CA GLN J 143 37.09 -25.40 52.08
C GLN J 143 36.12 -25.28 50.91
N LYS J 144 35.67 -24.06 50.65
CA LYS J 144 34.77 -23.81 49.53
C LYS J 144 35.59 -23.27 48.37
N GLY J 145 35.08 -23.40 47.16
CA GLY J 145 35.81 -22.88 46.01
C GLY J 145 34.99 -22.86 44.74
N SER J 146 35.55 -22.20 43.73
CA SER J 146 34.90 -22.07 42.44
C SER J 146 35.88 -22.47 41.36
N ILE J 147 35.38 -23.17 40.33
CA ILE J 147 36.23 -23.64 39.25
C ILE J 147 35.63 -23.20 37.93
N VAL J 148 36.47 -22.62 37.07
CA VAL J 148 36.07 -22.24 35.73
C VAL J 148 36.88 -23.06 34.77
N VAL J 149 36.22 -23.72 33.84
CA VAL J 149 36.89 -24.52 32.82
C VAL J 149 36.79 -23.81 31.48
N THR J 150 37.92 -23.64 30.80
CA THR J 150 37.87 -23.03 29.47
C THR J 150 37.48 -24.08 28.46
N SER J 151 36.25 -23.98 27.97
CA SER J 151 35.79 -24.90 26.94
C SER J 151 35.92 -24.16 25.63
N SER J 152 34.82 -23.98 24.88
CA SER J 152 34.86 -23.28 23.59
C SER J 152 33.47 -23.33 22.97
N MET J 153 33.17 -22.39 22.08
CA MET J 153 31.89 -22.46 21.39
C MET J 153 31.88 -23.70 20.49
N SER J 154 33.06 -24.27 20.27
CA SER J 154 33.22 -25.52 19.53
C SER J 154 32.53 -26.70 20.21
N SER J 155 32.06 -26.49 21.43
CA SER J 155 31.31 -27.52 22.12
C SER J 155 29.96 -27.71 21.45
N GLN J 156 29.51 -26.68 20.73
CA GLN J 156 28.19 -26.67 20.09
C GLN J 156 28.24 -26.79 18.58
N ILE J 157 29.29 -26.25 17.97
CA ILE J 157 29.38 -26.21 16.51
C ILE J 157 30.72 -26.68 16.00
N ILE J 158 30.78 -26.90 14.69
CA ILE J 158 32.01 -27.25 14.00
C ILE J 158 32.48 -25.97 13.33
N ASN J 159 33.75 -25.61 13.52
CA ASN J 159 34.29 -24.39 12.93
C ASN J 159 34.52 -24.54 11.44
N GLN J 160 34.56 -23.41 10.74
CA GLN J 160 34.83 -23.42 9.30
C GLN J 160 36.21 -22.86 8.96
N SER J 161 36.81 -23.39 7.91
CA SER J 161 38.08 -22.88 7.40
C SER J 161 37.81 -22.11 6.12
N SER J 162 36.68 -22.41 5.48
CA SER J 162 36.24 -21.74 4.25
C SER J 162 34.73 -21.90 4.15
N LEU J 163 34.11 -21.26 3.16
CA LEU J 163 32.65 -21.32 3.00
C LEU J 163 32.15 -22.77 2.94
N ASN J 164 31.31 -23.15 3.90
CA ASN J 164 30.74 -24.50 3.92
C ASN J 164 31.84 -25.56 4.00
N GLY J 165 33.00 -25.18 4.52
CA GLY J 165 34.12 -26.09 4.60
C GLY J 165 34.64 -26.15 6.02
N SER J 166 34.67 -27.35 6.58
CA SER J 166 35.09 -27.54 7.95
C SER J 166 36.57 -27.23 8.22
N LEU J 167 36.82 -26.66 9.39
CA LEU J 167 38.17 -26.53 9.90
C LEU J 167 38.30 -27.89 10.55
N THR J 168 39.02 -28.79 9.87
CA THR J 168 39.08 -30.20 10.27
C THR J 168 39.86 -30.51 11.54
N GLN J 169 39.13 -30.67 12.63
CA GLN J 169 39.76 -31.00 13.91
C GLN J 169 38.71 -31.67 14.78
N VAL J 170 38.15 -32.77 14.29
CA VAL J 170 37.01 -33.37 15.01
C VAL J 170 37.28 -33.74 16.46
N PHE J 171 38.54 -34.06 16.81
CA PHE J 171 38.83 -34.40 18.20
C PHE J 171 38.80 -33.17 19.08
N TYR J 172 39.13 -32.01 18.52
CA TYR J 172 39.07 -30.76 19.28
C TYR J 172 37.63 -30.42 19.67
N ASN J 173 36.76 -30.26 18.66
CA ASN J 173 35.38 -29.89 18.95
C ASN J 173 34.72 -30.91 19.87
N SER J 174 34.94 -32.19 19.60
CA SER J 174 34.30 -33.20 20.45
C SER J 174 34.86 -33.19 21.89
N SER J 175 36.15 -32.91 22.04
CA SER J 175 36.73 -32.81 23.38
C SER J 175 36.13 -31.63 24.16
N LYS J 176 35.79 -30.56 23.45
CA LYS J 176 35.19 -29.40 24.10
C LYS J 176 33.73 -29.71 24.51
N ALA J 177 33.02 -30.47 23.70
CA ALA J 177 31.69 -30.91 24.08
C ALA J 177 31.80 -31.75 25.34
N ALA J 178 32.78 -32.64 25.37
CA ALA J 178 33.00 -33.47 26.56
C ALA J 178 33.24 -32.61 27.79
N CYS J 179 34.08 -31.61 27.63
CA CYS J 179 34.45 -30.69 28.69
C CYS J 179 33.25 -29.98 29.29
N SER J 180 32.37 -29.48 28.42
CA SER J 180 31.23 -28.73 28.91
C SER J 180 30.23 -29.62 29.64
N ASN J 181 30.18 -30.90 29.27
CA ASN J 181 29.31 -31.85 29.95
C ASN J 181 29.96 -32.27 31.27
N LEU J 182 31.29 -32.44 31.24
CA LEU J 182 32.04 -32.81 32.43
C LEU J 182 31.80 -31.79 33.54
N VAL J 183 31.67 -30.53 33.16
CA VAL J 183 31.41 -29.46 34.13
C VAL J 183 30.09 -29.74 34.86
N LYS J 184 29.08 -30.21 34.12
CA LYS J 184 27.81 -30.56 34.74
C LYS J 184 27.97 -31.72 35.70
N GLY J 185 28.69 -32.74 35.27
CA GLY J 185 28.89 -33.91 36.11
C GLY J 185 29.62 -33.61 37.42
N LEU J 186 30.68 -32.81 37.32
CA LEU J 186 31.43 -32.44 38.52
C LEU J 186 30.61 -31.50 39.41
N ALA J 187 29.92 -30.55 38.79
CA ALA J 187 29.08 -29.62 39.55
C ALA J 187 28.04 -30.41 40.32
N ALA J 188 27.49 -31.46 39.71
CA ALA J 188 26.46 -32.26 40.37
C ALA J 188 26.96 -32.95 41.63
N GLU J 189 28.19 -33.48 41.60
CA GLU J 189 28.71 -34.20 42.74
C GLU J 189 29.27 -33.30 43.84
N TRP J 190 29.72 -32.11 43.46
CA TRP J 190 30.38 -31.25 44.44
C TRP J 190 29.54 -30.09 44.95
N ALA J 191 28.30 -29.99 44.47
CA ALA J 191 27.42 -28.89 44.88
C ALA J 191 27.19 -28.84 46.38
N SER J 192 26.92 -29.99 46.98
CA SER J 192 26.62 -30.02 48.42
C SER J 192 27.83 -29.62 49.27
N ALA J 193 29.02 -29.67 48.68
CA ALA J 193 30.24 -29.31 49.39
C ALA J 193 30.62 -27.85 49.21
N GLY J 194 29.75 -27.06 48.59
CA GLY J 194 30.01 -25.65 48.38
C GLY J 194 31.05 -25.38 47.31
N ILE J 195 31.18 -26.32 46.38
CA ILE J 195 32.14 -26.17 45.29
C ILE J 195 31.35 -26.01 44.00
N ARG J 196 31.60 -24.92 43.27
CA ARG J 196 30.90 -24.64 42.01
C ARG J 196 31.83 -24.87 40.83
N VAL J 197 31.28 -25.37 39.72
CA VAL J 197 32.07 -25.64 38.52
C VAL J 197 31.27 -25.16 37.32
N ASN J 198 31.90 -24.34 36.47
CA ASN J 198 31.22 -23.77 35.30
C ASN J 198 32.17 -23.74 34.11
N ALA J 199 31.62 -23.74 32.91
CA ALA J 199 32.39 -23.66 31.69
C ALA J 199 32.31 -22.27 31.11
N LEU J 200 33.43 -21.78 30.61
CA LEU J 200 33.49 -20.48 29.93
C LEU J 200 33.93 -20.87 28.53
N SER J 201 33.11 -20.53 27.54
CA SER J 201 33.36 -20.98 26.18
C SER J 201 33.56 -19.84 25.19
N PRO J 202 34.82 -19.52 24.90
CA PRO J 202 35.14 -18.44 23.97
C PRO J 202 34.81 -18.75 22.51
N GLY J 203 34.60 -17.68 21.74
CA GLY J 203 34.46 -17.80 20.29
C GLY J 203 35.86 -17.63 19.72
N TYR J 204 35.97 -17.12 18.50
CA TYR J 204 37.29 -16.88 17.90
C TYR J 204 38.04 -15.79 18.65
N VAL J 205 39.27 -16.08 19.07
CA VAL J 205 40.08 -15.11 19.82
C VAL J 205 41.40 -14.85 19.13
N ASN J 206 41.83 -13.60 19.13
CA ASN J 206 43.13 -13.18 18.59
C ASN J 206 44.24 -13.52 19.57
N THR J 207 45.16 -14.40 19.16
CA THR J 207 46.33 -14.75 19.97
C THR J 207 47.57 -14.59 19.12
N ASP J 208 48.73 -14.88 19.68
CA ASP J 208 49.97 -14.75 18.92
C ASP J 208 49.92 -15.59 17.64
N GLN J 209 49.33 -16.77 17.74
CA GLN J 209 49.23 -17.70 16.61
C GLN J 209 48.33 -17.18 15.49
N THR J 210 47.42 -16.27 15.84
CA THR J 210 46.50 -15.70 14.87
C THR J 210 47.24 -14.97 13.77
N ALA J 211 48.22 -14.16 14.17
CA ALA J 211 49.00 -13.38 13.22
C ALA J 211 49.75 -14.26 12.21
N HIS J 212 49.85 -15.55 12.52
CA HIS J 212 50.59 -16.46 11.65
C HIS J 212 49.74 -17.46 10.87
N MET J 213 48.44 -17.52 11.15
CA MET J 213 47.56 -18.47 10.48
C MET J 213 47.27 -18.03 9.04
N ASP J 214 46.69 -18.95 8.27
CA ASP J 214 46.32 -18.64 6.90
C ASP J 214 45.34 -17.47 6.91
N LYS J 215 45.71 -16.38 6.24
CA LYS J 215 44.87 -15.18 6.23
C LYS J 215 43.47 -15.39 5.63
N LYS J 216 43.38 -16.21 4.59
CA LYS J 216 42.09 -16.52 3.97
C LYS J 216 41.15 -17.16 5.00
N ILE J 217 41.70 -18.06 5.81
CA ILE J 217 40.90 -18.72 6.83
C ILE J 217 40.48 -17.71 7.89
N ARG J 218 41.44 -16.93 8.36
CA ARG J 218 41.19 -15.92 9.38
C ARG J 218 40.11 -14.94 8.93
N ASP J 219 40.20 -14.48 7.68
CA ASP J 219 39.22 -13.55 7.14
C ASP J 219 37.87 -14.21 7.02
N HIS J 220 37.86 -15.48 6.62
CA HIS J 220 36.60 -16.17 6.45
C HIS J 220 35.91 -16.35 7.78
N GLN J 221 36.66 -16.77 8.79
CA GLN J 221 36.07 -16.96 10.11
C GLN J 221 35.52 -15.63 10.64
N ALA J 222 36.26 -14.55 10.42
CA ALA J 222 35.78 -13.25 10.92
C ALA J 222 34.56 -12.73 10.14
N SER J 223 34.42 -13.16 8.90
CA SER J 223 33.37 -12.66 8.02
C SER J 223 31.95 -13.06 8.42
N ASN J 224 31.79 -14.08 9.26
CA ASN J 224 30.46 -14.53 9.67
C ASN J 224 30.21 -14.37 11.18
N ILE J 225 30.98 -13.50 11.82
CA ILE J 225 30.77 -13.19 13.23
C ILE J 225 29.99 -11.88 13.30
N PRO J 226 28.80 -11.86 13.90
CA PRO J 226 28.03 -10.61 13.94
C PRO J 226 28.84 -9.38 14.36
N LEU J 227 29.73 -9.55 15.33
CA LEU J 227 30.56 -8.44 15.80
C LEU J 227 31.68 -8.08 14.83
N ASN J 228 31.82 -8.86 13.76
CA ASN J 228 32.78 -8.55 12.68
C ASN J 228 34.25 -8.57 13.07
N ARG J 229 34.60 -9.32 14.11
CA ARG J 229 35.98 -9.36 14.56
C ARG J 229 36.19 -10.49 15.56
N PHE J 230 37.45 -10.92 15.69
CA PHE J 230 37.83 -11.90 16.69
C PHE J 230 37.85 -11.14 18.01
N ALA J 231 37.75 -11.86 19.12
CA ALA J 231 37.84 -11.22 20.42
C ALA J 231 39.30 -11.00 20.81
N GLN J 232 39.51 -10.09 21.74
CA GLN J 232 40.84 -9.96 22.33
C GLN J 232 40.75 -10.82 23.58
N PRO J 233 41.82 -11.48 23.99
CA PRO J 233 41.77 -12.35 25.16
C PRO J 233 41.19 -11.69 26.42
N GLU J 234 41.42 -10.39 26.59
CA GLU J 234 40.91 -9.67 27.75
C GLU J 234 39.38 -9.74 27.85
N GLU J 235 38.73 -9.86 26.70
CA GLU J 235 37.28 -9.90 26.67
C GLU J 235 36.69 -11.18 27.27
N MET J 236 37.55 -12.13 27.63
CA MET J 236 37.10 -13.38 28.24
C MET J 236 37.13 -13.31 29.75
N THR J 237 37.81 -12.27 30.27
CA THR J 237 38.09 -12.21 31.71
C THR J 237 36.96 -11.78 32.63
N GLY J 238 36.09 -10.90 32.15
CA GLY J 238 35.00 -10.44 32.98
C GLY J 238 34.14 -11.58 33.47
N GLN J 239 33.75 -12.46 32.57
CA GLN J 239 32.90 -13.59 32.94
C GLN J 239 33.62 -14.54 33.91
N ALA J 240 34.91 -14.74 33.73
CA ALA J 240 35.67 -15.62 34.61
C ALA J 240 35.72 -15.04 36.03
N ILE J 241 36.03 -13.75 36.14
CA ILE J 241 36.06 -13.11 37.44
C ILE J 241 34.71 -13.22 38.14
N LEU J 242 33.63 -12.98 37.39
CA LEU J 242 32.31 -13.10 37.96
C LEU J 242 32.07 -14.52 38.49
N LEU J 243 32.38 -15.52 37.68
CA LEU J 243 32.12 -16.92 38.07
C LEU J 243 32.93 -17.36 39.28
N LEU J 244 34.13 -16.81 39.43
CA LEU J 244 34.98 -17.13 40.58
C LEU J 244 34.55 -16.39 41.83
N SER J 245 33.80 -15.29 41.65
CA SER J 245 33.38 -14.44 42.77
C SER J 245 32.17 -14.95 43.55
N ASP J 246 31.95 -14.33 44.71
CA ASP J 246 30.81 -14.68 45.58
C ASP J 246 29.49 -14.17 45.03
N HIS J 247 29.53 -13.45 43.92
CA HIS J 247 28.31 -12.98 43.29
C HIS J 247 27.69 -14.10 42.49
N ALA J 248 28.47 -15.15 42.24
CA ALA J 248 28.01 -16.26 41.41
C ALA J 248 27.60 -17.47 42.23
N THR J 249 27.15 -17.24 43.47
CA THR J 249 26.75 -18.35 44.35
C THR J 249 25.63 -19.25 43.81
N TYR J 250 24.82 -18.75 42.88
CA TYR J 250 23.74 -19.57 42.33
C TYR J 250 24.06 -20.05 40.91
N MET J 251 25.33 -20.00 40.54
CA MET J 251 25.76 -20.38 39.20
C MET J 251 26.66 -21.59 39.25
N THR J 252 26.16 -22.73 38.79
CA THR J 252 26.98 -23.93 38.76
C THR J 252 26.47 -24.88 37.70
N GLY J 253 27.40 -25.60 37.08
CA GLY J 253 27.09 -26.54 36.01
C GLY J 253 26.82 -25.87 34.69
N GLY J 254 26.91 -24.55 34.63
CA GLY J 254 26.56 -23.83 33.43
C GLY J 254 27.68 -23.64 32.43
N GLU J 255 27.30 -23.28 31.20
CA GLU J 255 28.25 -22.98 30.14
C GLU J 255 27.96 -21.54 29.71
N TYR J 256 28.97 -20.69 29.82
CA TYR J 256 28.82 -19.26 29.54
C TYR J 256 29.61 -18.90 28.28
N PHE J 257 28.89 -18.59 27.21
CA PHE J 257 29.52 -18.29 25.93
C PHE J 257 29.93 -16.83 25.78
N ILE J 258 31.09 -16.64 25.17
CA ILE J 258 31.63 -15.32 24.87
C ILE J 258 32.03 -15.46 23.41
N ASP J 259 31.01 -15.49 22.55
CA ASP J 259 31.19 -15.86 21.15
C ASP J 259 31.03 -14.76 20.10
N GLY J 260 30.75 -13.53 20.52
CA GLY J 260 30.60 -12.41 19.60
C GLY J 260 29.42 -12.56 18.66
N GLY J 261 28.48 -13.43 19.04
CA GLY J 261 27.28 -13.67 18.25
C GLY J 261 27.39 -14.82 17.27
N GLN J 262 28.53 -15.50 17.22
CA GLN J 262 28.68 -16.59 16.26
C GLN J 262 27.59 -17.65 16.33
N LEU J 263 27.17 -17.96 17.56
CA LEU J 263 26.16 -18.99 17.76
C LEU J 263 24.75 -18.56 17.36
N ILE J 264 24.59 -17.30 16.96
CA ILE J 264 23.31 -16.79 16.47
C ILE J 264 22.93 -17.43 15.13
N TRP J 265 23.93 -17.66 14.27
CA TRP J 265 23.71 -18.20 12.95
C TRP J 265 23.70 -19.74 12.95
N PRO K 6 43.77 -2.86 45.01
CA PRO K 6 43.37 -3.73 43.88
C PRO K 6 41.89 -4.14 43.95
N GLY K 7 41.44 -4.82 42.92
CA GLY K 7 40.06 -5.25 42.82
C GLY K 7 39.53 -5.00 41.43
N PHE K 8 38.44 -5.68 41.11
CA PHE K 8 37.75 -5.55 39.85
C PHE K 8 36.56 -4.66 40.16
N THR K 9 36.39 -3.57 39.41
CA THR K 9 35.29 -2.66 39.72
C THR K 9 34.53 -2.23 38.48
N ILE K 10 33.21 -2.25 38.60
CA ILE K 10 32.33 -1.77 37.54
C ILE K 10 31.52 -0.64 38.15
N SER K 11 31.58 0.54 37.54
CA SER K 11 30.83 1.68 38.05
C SER K 11 29.94 2.24 36.96
N PHE K 12 28.71 2.58 37.33
CA PHE K 12 27.77 3.16 36.39
C PHE K 12 27.44 4.59 36.82
N VAL K 13 28.28 5.18 37.66
CA VAL K 13 28.00 6.55 38.11
C VAL K 13 27.77 7.46 36.92
N ASN K 14 26.73 8.29 37.03
CA ASN K 14 26.37 9.24 35.97
C ASN K 14 25.96 8.56 34.65
N LYS K 15 25.52 7.30 34.74
CA LYS K 15 25.00 6.57 33.60
C LYS K 15 23.57 6.17 33.94
N THR K 16 22.73 6.00 32.93
CA THR K 16 21.33 5.66 33.14
C THR K 16 20.94 4.26 32.65
N ILE K 17 20.27 3.52 33.52
CA ILE K 17 19.76 2.20 33.21
C ILE K 17 18.25 2.20 33.39
N ILE K 18 17.53 1.66 32.41
CA ILE K 18 16.08 1.52 32.50
C ILE K 18 15.79 0.09 32.93
N VAL K 19 14.90 -0.08 33.91
CA VAL K 19 14.51 -1.43 34.32
C VAL K 19 13.00 -1.56 34.32
N THR K 20 12.46 -2.41 33.45
CA THR K 20 11.02 -2.61 33.44
C THR K 20 10.62 -3.60 34.52
N GLY K 21 9.52 -3.32 35.20
CA GLY K 21 9.15 -4.13 36.35
C GLY K 21 10.23 -3.97 37.40
N GLY K 22 10.82 -2.78 37.47
CA GLY K 22 11.93 -2.55 38.38
C GLY K 22 11.57 -2.10 39.77
N ASN K 23 10.28 -2.12 40.10
CA ASN K 23 9.80 -1.67 41.41
C ASN K 23 9.58 -2.73 42.47
N ARG K 24 9.58 -4.01 42.06
CA ARG K 24 9.43 -5.11 43.00
C ARG K 24 10.02 -6.40 42.44
N GLY K 25 10.07 -7.44 43.27
CA GLY K 25 10.59 -8.73 42.85
C GLY K 25 12.01 -8.67 42.34
N ILE K 26 12.32 -9.49 41.34
CA ILE K 26 13.67 -9.51 40.79
C ILE K 26 14.01 -8.16 40.18
N GLY K 27 13.02 -7.51 39.59
CA GLY K 27 13.26 -6.20 39.02
C GLY K 27 13.81 -5.22 40.03
N LEU K 28 13.28 -5.24 41.25
CA LEU K 28 13.78 -4.33 42.29
C LEU K 28 15.23 -4.70 42.65
N ALA K 29 15.54 -5.99 42.64
CA ALA K 29 16.92 -6.41 42.90
C ALA K 29 17.84 -5.80 41.86
N PHE K 30 17.44 -5.84 40.58
CA PHE K 30 18.26 -5.25 39.53
C PHE K 30 18.42 -3.74 39.76
N THR K 31 17.31 -3.07 40.05
CA THR K 31 17.31 -1.64 40.32
C THR K 31 18.29 -1.29 41.43
N ARG K 32 18.17 -1.98 42.56
CA ARG K 32 19.05 -1.75 43.69
C ARG K 32 20.51 -2.06 43.36
N ALA K 33 20.73 -3.13 42.60
CA ALA K 33 22.09 -3.52 42.26
C ALA K 33 22.78 -2.49 41.37
N VAL K 34 22.09 -2.03 40.32
CA VAL K 34 22.69 -1.04 39.43
C VAL K 34 22.83 0.31 40.13
N ALA K 35 21.91 0.62 41.03
CA ALA K 35 21.98 1.86 41.82
C ALA K 35 23.20 1.79 42.74
N ALA K 36 23.37 0.64 43.40
CA ALA K 36 24.52 0.45 44.29
C ALA K 36 25.81 0.62 43.50
N ALA K 37 25.76 0.30 42.21
CA ALA K 37 26.91 0.43 41.33
C ALA K 37 27.05 1.87 40.81
N GLY K 38 26.17 2.76 41.26
CA GLY K 38 26.22 4.16 40.92
C GLY K 38 25.36 4.62 39.75
N ALA K 39 24.52 3.73 39.23
CA ALA K 39 23.69 4.10 38.09
C ALA K 39 22.47 4.91 38.47
N ASN K 40 22.10 5.83 37.59
CA ASN K 40 20.82 6.52 37.71
C ASN K 40 19.82 5.54 37.11
N VAL K 41 18.63 5.43 37.69
CA VAL K 41 17.70 4.41 37.22
C VAL K 41 16.30 4.93 36.92
N ALA K 42 15.80 4.52 35.75
CA ALA K 42 14.43 4.81 35.33
C ALA K 42 13.68 3.50 35.51
N VAL K 43 12.73 3.51 36.45
CA VAL K 43 11.94 2.33 36.75
C VAL K 43 10.58 2.39 36.06
N ILE K 44 10.29 1.39 35.23
CA ILE K 44 9.03 1.30 34.53
C ILE K 44 8.16 0.28 35.26
N TYR K 45 6.91 0.64 35.47
CA TYR K 45 5.97 -0.25 36.16
C TYR K 45 4.59 -0.12 35.52
N ARG K 46 3.66 -0.98 35.92
CA ARG K 46 2.32 -0.96 35.34
C ARG K 46 1.26 -0.31 36.22
N SER K 47 1.23 -0.66 37.51
CA SER K 47 0.18 -0.12 38.38
C SER K 47 0.46 -0.06 39.88
N ALA K 48 1.55 -0.67 40.33
CA ALA K 48 1.85 -0.70 41.77
C ALA K 48 1.64 0.66 42.40
N ALA K 49 0.84 0.71 43.46
CA ALA K 49 0.51 1.96 44.14
C ALA K 49 1.67 2.63 44.86
N ASP K 50 2.72 1.87 45.14
CA ASP K 50 3.88 2.40 45.86
C ASP K 50 5.15 2.45 45.00
N ALA K 51 5.02 2.27 43.70
CA ALA K 51 6.19 2.27 42.81
C ALA K 51 6.98 3.57 42.89
N VAL K 52 6.29 4.69 42.96
CA VAL K 52 6.96 5.97 43.04
C VAL K 52 7.76 6.05 44.33
N GLU K 53 7.12 5.67 45.45
CA GLU K 53 7.78 5.71 46.76
C GLU K 53 9.01 4.81 46.78
N VAL K 54 8.85 3.56 46.36
CA VAL K 54 9.96 2.61 46.36
C VAL K 54 11.12 3.12 45.51
N THR K 55 10.80 3.66 44.34
CA THR K 55 11.82 4.15 43.45
C THR K 55 12.56 5.34 44.06
N GLU K 56 11.83 6.24 44.70
CA GLU K 56 12.44 7.42 45.31
C GLU K 56 13.41 7.01 46.41
N LYS K 57 13.01 6.01 47.19
CA LYS K 57 13.83 5.54 48.30
C LYS K 57 15.15 4.95 47.81
N VAL K 58 15.12 4.31 46.65
CA VAL K 58 16.33 3.74 46.10
C VAL K 58 17.31 4.85 45.76
N GLY K 59 16.80 5.92 45.14
CA GLY K 59 17.64 7.04 44.76
C GLY K 59 18.33 7.68 45.95
N LYS K 60 17.57 7.84 47.03
CA LYS K 60 18.10 8.46 48.25
C LYS K 60 19.11 7.55 48.93
N GLU K 61 18.78 6.26 49.01
CA GLU K 61 19.63 5.29 49.67
C GLU K 61 21.02 5.17 49.03
N PHE K 62 21.07 5.27 47.71
CA PHE K 62 22.33 5.10 47.00
C PHE K 62 22.90 6.39 46.42
N GLY K 63 22.23 7.51 46.65
CA GLY K 63 22.70 8.79 46.16
C GLY K 63 22.78 8.88 44.65
N VAL K 64 21.75 8.38 43.99
CA VAL K 64 21.67 8.43 42.54
C VAL K 64 20.32 9.03 42.16
N LYS K 65 20.19 9.43 40.90
CA LYS K 65 18.94 9.99 40.39
C LYS K 65 18.05 8.85 39.93
N THR K 66 16.79 8.87 40.35
CA THR K 66 15.84 7.86 39.92
C THR K 66 14.49 8.49 39.65
N LYS K 67 13.71 7.81 38.82
CA LYS K 67 12.37 8.26 38.51
C LYS K 67 11.55 7.05 38.06
N ALA K 68 10.29 7.05 38.43
CA ALA K 68 9.38 5.97 38.06
C ALA K 68 8.47 6.41 36.93
N TYR K 69 8.20 5.50 36.01
CA TYR K 69 7.33 5.81 34.88
C TYR K 69 6.29 4.73 34.74
N GLN K 70 5.02 5.12 34.87
CA GLN K 70 3.92 4.19 34.66
C GLN K 70 3.83 3.99 33.16
N CYS K 71 4.07 2.77 32.70
CA CYS K 71 4.16 2.50 31.28
C CYS K 71 3.90 1.04 30.98
N ASP K 72 2.75 0.73 30.40
CA ASP K 72 2.40 -0.63 30.00
C ASP K 72 3.28 -1.03 28.83
N VAL K 73 4.18 -1.98 29.07
CA VAL K 73 5.12 -2.38 28.03
C VAL K 73 4.47 -3.04 26.82
N SER K 74 3.21 -3.44 26.94
CA SER K 74 2.50 -4.09 25.83
C SER K 74 1.95 -3.08 24.83
N ASN K 75 2.07 -1.79 25.12
CA ASN K 75 1.54 -0.76 24.25
C ASN K 75 2.64 0.01 23.53
N THR K 76 2.61 -0.01 22.21
CA THR K 76 3.65 0.61 21.39
C THR K 76 3.91 2.08 21.68
N ASP K 77 2.86 2.89 21.57
CA ASP K 77 3.04 4.33 21.71
C ASP K 77 3.42 4.79 23.12
N ILE K 78 2.87 4.18 24.16
CA ILE K 78 3.24 4.59 25.51
C ILE K 78 4.72 4.30 25.77
N VAL K 79 5.21 3.17 25.25
CA VAL K 79 6.62 2.86 25.42
C VAL K 79 7.49 3.86 24.64
N THR K 80 7.10 4.17 23.41
CA THR K 80 7.87 5.14 22.65
C THR K 80 7.96 6.47 23.37
N LYS K 81 6.82 6.95 23.87
CA LYS K 81 6.76 8.22 24.56
C LYS K 81 7.57 8.17 25.87
N THR K 82 7.46 7.05 26.58
CA THR K 82 8.16 6.90 27.85
C THR K 82 9.67 6.90 27.64
N ILE K 83 10.12 6.18 26.61
CA ILE K 83 11.55 6.15 26.32
C ILE K 83 12.07 7.55 25.97
N GLN K 84 11.27 8.31 25.24
CA GLN K 84 11.64 9.68 24.87
C GLN K 84 11.77 10.53 26.13
N GLN K 85 10.83 10.34 27.06
CA GLN K 85 10.81 11.09 28.31
C GLN K 85 12.02 10.73 29.17
N ILE K 86 12.35 9.45 29.25
CA ILE K 86 13.49 9.02 30.05
C ILE K 86 14.77 9.64 29.52
N ASP K 87 14.90 9.67 28.20
CA ASP K 87 16.07 10.28 27.59
C ASP K 87 16.13 11.77 27.93
N ALA K 88 14.97 12.41 27.96
CA ALA K 88 14.89 13.84 28.27
C ALA K 88 15.20 14.13 29.74
N ASP K 89 14.74 13.25 30.63
CA ASP K 89 14.93 13.44 32.06
C ASP K 89 16.30 12.98 32.54
N LEU K 90 16.75 11.84 32.01
CA LEU K 90 17.96 11.19 32.50
C LEU K 90 18.92 10.71 31.40
N GLY K 91 18.73 11.18 30.17
CA GLY K 91 19.58 10.72 29.08
C GLY K 91 21.03 11.15 29.24
N PRO K 92 21.96 10.51 28.53
CA PRO K 92 21.70 9.38 27.64
C PRO K 92 21.44 8.05 28.35
N ILE K 93 20.67 7.18 27.70
CA ILE K 93 20.38 5.86 28.24
C ILE K 93 21.54 4.94 27.89
N SER K 94 22.12 4.29 28.90
CA SER K 94 23.27 3.43 28.68
C SER K 94 22.89 1.97 28.60
N GLY K 95 21.82 1.58 29.28
CA GLY K 95 21.41 0.19 29.25
C GLY K 95 19.96 -0.02 29.59
N LEU K 96 19.46 -1.21 29.29
CA LEU K 96 18.07 -1.57 29.52
C LEU K 96 17.99 -2.99 30.05
N ILE K 97 17.21 -3.18 31.10
CA ILE K 97 16.89 -4.52 31.59
C ILE K 97 15.41 -4.69 31.37
N ALA K 98 15.06 -5.49 30.36
CA ALA K 98 13.66 -5.74 30.01
C ALA K 98 13.26 -6.94 30.83
N ASN K 99 12.70 -6.64 32.00
CA ASN K 99 12.42 -7.62 33.03
C ASN K 99 10.95 -7.94 33.30
N ALA K 100 10.03 -6.99 33.01
CA ALA K 100 8.61 -7.19 33.26
C ALA K 100 8.12 -8.51 32.64
N GLY K 101 7.39 -9.29 33.42
CA GLY K 101 6.87 -10.55 32.92
C GLY K 101 5.70 -11.02 33.75
N VAL K 102 4.88 -11.91 33.19
CA VAL K 102 3.70 -12.43 33.88
C VAL K 102 3.55 -13.92 33.56
N SER K 103 2.60 -14.58 34.22
CA SER K 103 2.31 -15.97 33.92
C SER K 103 0.85 -16.28 34.17
N VAL K 104 0.38 -17.41 33.62
CA VAL K 104 -0.96 -17.92 33.85
C VAL K 104 -0.78 -19.41 34.08
N VAL K 105 -1.25 -19.87 35.24
CA VAL K 105 -1.14 -21.27 35.63
C VAL K 105 -2.50 -21.93 35.55
N LYS K 106 -2.66 -22.81 34.56
CA LYS K 106 -3.89 -23.56 34.31
C LYS K 106 -3.53 -24.77 33.50
N PRO K 107 -4.28 -25.85 33.63
CA PRO K 107 -4.03 -27.02 32.77
C PRO K 107 -4.11 -26.57 31.32
N ALA K 108 -3.24 -27.10 30.49
CA ALA K 108 -3.18 -26.67 29.10
C ALA K 108 -4.53 -26.70 28.37
N THR K 109 -5.30 -27.76 28.57
CA THR K 109 -6.60 -27.86 27.88
C THR K 109 -7.53 -26.68 28.18
N GLU K 110 -7.32 -26.04 29.32
CA GLU K 110 -8.21 -24.96 29.75
C GLU K 110 -7.74 -23.57 29.39
N LEU K 111 -6.52 -23.44 28.87
CA LEU K 111 -6.01 -22.12 28.52
C LEU K 111 -6.79 -21.50 27.36
N THR K 112 -6.96 -20.18 27.40
CA THR K 112 -7.71 -19.48 26.36
C THR K 112 -6.84 -18.54 25.54
N HIS K 113 -7.43 -17.98 24.51
CA HIS K 113 -6.75 -17.03 23.66
C HIS K 113 -6.46 -15.78 24.49
N GLU K 114 -7.36 -15.47 25.40
CA GLU K 114 -7.16 -14.30 26.27
C GLU K 114 -5.96 -14.56 27.17
N ASP K 115 -5.80 -15.79 27.62
CA ASP K 115 -4.65 -16.13 28.45
C ASP K 115 -3.37 -15.98 27.62
N PHE K 116 -3.46 -16.41 26.36
CA PHE K 116 -2.32 -16.34 25.45
C PHE K 116 -1.87 -14.90 25.25
N ALA K 117 -2.83 -14.04 24.94
CA ALA K 117 -2.53 -12.62 24.74
C ALA K 117 -1.96 -12.00 26.01
N PHE K 118 -2.54 -12.33 27.16
CA PHE K 118 -2.05 -11.77 28.41
C PHE K 118 -0.57 -12.05 28.63
N VAL K 119 -0.18 -13.31 28.46
CA VAL K 119 1.20 -13.69 28.69
C VAL K 119 2.12 -13.18 27.61
N TYR K 120 1.75 -13.41 26.35
CA TYR K 120 2.63 -13.06 25.25
C TYR K 120 2.78 -11.56 25.01
N ASP K 121 1.76 -10.77 25.34
CA ASP K 121 1.88 -9.33 25.13
C ASP K 121 2.93 -8.72 26.04
N VAL K 122 3.12 -9.30 27.22
CA VAL K 122 4.12 -8.76 28.14
C VAL K 122 5.47 -9.44 27.96
N ASN K 123 5.44 -10.77 28.01
CA ASN K 123 6.66 -11.57 27.97
C ASN K 123 7.43 -11.57 26.66
N VAL K 124 6.72 -11.36 25.55
CA VAL K 124 7.37 -11.35 24.26
C VAL K 124 7.22 -10.00 23.55
N PHE K 125 5.98 -9.59 23.24
CA PHE K 125 5.86 -8.30 22.59
C PHE K 125 6.37 -7.19 23.49
N GLY K 126 6.07 -7.27 24.79
CA GLY K 126 6.52 -6.24 25.70
C GLY K 126 8.02 -6.11 25.72
N VAL K 127 8.71 -7.25 25.69
CA VAL K 127 10.17 -7.26 25.65
C VAL K 127 10.63 -6.65 24.32
N PHE K 128 10.07 -7.14 23.22
CA PHE K 128 10.41 -6.61 21.91
C PHE K 128 10.20 -5.10 21.84
N ASN K 129 9.02 -4.67 22.27
CA ASN K 129 8.63 -3.27 22.19
C ASN K 129 9.60 -2.37 22.97
N THR K 130 9.90 -2.76 24.19
CA THR K 130 10.82 -2.00 25.03
C THR K 130 12.22 -1.95 24.42
N CYS K 131 12.69 -3.10 23.93
CA CYS K 131 14.00 -3.18 23.30
C CYS K 131 14.06 -2.31 22.05
N ARG K 132 13.02 -2.39 21.24
CA ARG K 132 12.94 -1.62 19.99
C ARG K 132 12.90 -0.12 20.22
N ALA K 133 12.16 0.33 21.21
CA ALA K 133 12.07 1.76 21.46
C ALA K 133 13.43 2.33 21.84
N VAL K 134 14.15 1.59 22.69
CA VAL K 134 15.46 2.04 23.14
C VAL K 134 16.46 1.97 21.99
N ALA K 135 16.44 0.86 21.27
CA ALA K 135 17.35 0.69 20.13
C ALA K 135 17.13 1.76 19.07
N LYS K 136 15.88 2.09 18.79
CA LYS K 136 15.61 3.12 17.79
C LYS K 136 16.19 4.47 18.21
N LEU K 137 16.16 4.75 19.50
CA LEU K 137 16.72 6.00 20.01
C LEU K 137 18.22 5.97 19.86
N TRP K 138 18.84 4.85 20.23
CA TRP K 138 20.28 4.69 20.11
C TRP K 138 20.73 4.81 18.67
N LEU K 139 20.00 4.20 17.75
CA LEU K 139 20.34 4.29 16.33
C LEU K 139 20.27 5.73 15.84
N GLN K 140 19.20 6.44 16.21
CA GLN K 140 19.01 7.83 15.82
C GLN K 140 20.15 8.73 16.32
N LYS K 141 20.48 8.60 17.61
CA LYS K 141 21.50 9.45 18.20
C LYS K 141 22.92 8.89 18.08
N GLN K 142 23.06 7.81 17.32
CA GLN K 142 24.36 7.15 17.11
C GLN K 142 25.04 6.82 18.44
N GLN K 143 24.26 6.23 19.34
CA GLN K 143 24.76 5.83 20.66
C GLN K 143 24.86 4.32 20.73
N LYS K 144 25.75 3.83 21.58
CA LYS K 144 25.92 2.39 21.80
C LYS K 144 25.17 2.02 23.06
N GLY K 145 24.89 0.74 23.25
CA GLY K 145 24.15 0.33 24.41
C GLY K 145 24.14 -1.16 24.64
N SER K 146 23.68 -1.54 25.81
CA SER K 146 23.59 -2.95 26.19
C SER K 146 22.21 -3.25 26.73
N ILE K 147 21.61 -4.34 26.25
CA ILE K 147 20.28 -4.75 26.70
C ILE K 147 20.32 -6.14 27.30
N VAL K 148 19.75 -6.26 28.50
CA VAL K 148 19.59 -7.54 29.15
C VAL K 148 18.11 -7.83 29.27
N VAL K 149 17.69 -9.01 28.82
CA VAL K 149 16.30 -9.44 28.90
C VAL K 149 16.17 -10.53 29.96
N THR K 150 15.26 -10.37 30.91
CA THR K 150 15.05 -11.43 31.90
C THR K 150 14.20 -12.51 31.28
N SER K 151 14.81 -13.65 30.99
CA SER K 151 14.07 -14.78 30.46
C SER K 151 13.80 -15.71 31.62
N SER K 152 14.24 -16.96 31.52
CA SER K 152 14.06 -17.95 32.57
C SER K 152 14.66 -19.27 32.12
N MET K 153 15.02 -20.13 33.07
CA MET K 153 15.47 -21.47 32.68
C MET K 153 14.30 -22.23 32.06
N SER K 154 13.10 -21.69 32.22
CA SER K 154 11.89 -22.24 31.62
C SER K 154 11.94 -22.16 30.10
N SER K 155 12.93 -21.46 29.56
CA SER K 155 13.11 -21.42 28.12
C SER K 155 13.54 -22.79 27.60
N GLN K 156 14.10 -23.60 28.49
CA GLN K 156 14.67 -24.91 28.15
C GLN K 156 13.88 -26.09 28.67
N ILE K 157 13.23 -25.92 29.81
CA ILE K 157 12.55 -27.04 30.46
C ILE K 157 11.16 -26.65 30.92
N ILE K 158 10.37 -27.66 31.26
CA ILE K 158 9.05 -27.44 31.83
C ILE K 158 9.23 -27.64 33.33
N ASN K 159 8.67 -26.73 34.12
CA ASN K 159 8.80 -26.82 35.57
C ASN K 159 7.86 -27.85 36.15
N GLN K 160 8.18 -28.33 37.35
CA GLN K 160 7.35 -29.32 38.03
C GLN K 160 6.67 -28.70 39.24
N SER K 161 5.49 -29.23 39.55
CA SER K 161 4.74 -28.84 40.74
C SER K 161 4.78 -29.99 41.76
N SER K 162 4.99 -31.20 41.25
CA SER K 162 5.10 -32.41 42.05
C SER K 162 5.96 -33.40 41.27
N LEU K 163 6.27 -34.53 41.89
CA LEU K 163 7.11 -35.55 41.25
C LEU K 163 6.54 -35.96 39.90
N ASN K 164 7.32 -35.77 38.85
CA ASN K 164 6.91 -36.13 37.49
C ASN K 164 5.62 -35.42 37.10
N GLY K 165 5.35 -34.27 37.71
CA GLY K 165 4.11 -33.58 37.44
C GLY K 165 4.36 -32.13 37.12
N SER K 166 3.85 -31.69 35.98
CA SER K 166 4.09 -30.34 35.50
C SER K 166 3.46 -29.20 36.31
N LEU K 167 4.20 -28.11 36.44
CA LEU K 167 3.65 -26.85 36.91
C LEU K 167 3.03 -26.34 35.63
N THR K 168 1.71 -26.49 35.51
CA THR K 168 1.00 -26.22 34.27
C THR K 168 0.89 -24.74 33.91
N GLN K 169 1.75 -24.31 32.99
CA GLN K 169 1.76 -22.92 32.55
C GLN K 169 2.44 -22.88 31.18
N VAL K 170 1.91 -23.64 30.24
CA VAL K 170 2.62 -23.77 28.95
C VAL K 170 2.91 -22.48 28.19
N PHE K 171 2.06 -21.47 28.38
CA PHE K 171 2.29 -20.19 27.71
C PHE K 171 3.48 -19.48 28.32
N TYR K 172 3.69 -19.67 29.62
CA TYR K 172 4.83 -19.05 30.28
C TYR K 172 6.13 -19.62 29.74
N ASN K 173 6.32 -20.92 29.84
CA ASN K 173 7.55 -21.53 29.39
C ASN K 173 7.82 -21.25 27.93
N SER K 174 6.77 -21.34 27.11
CA SER K 174 6.98 -21.10 25.69
C SER K 174 7.29 -19.65 25.38
N SER K 175 6.73 -18.72 26.16
CA SER K 175 7.02 -17.30 25.97
C SER K 175 8.48 -17.01 26.32
N LYS K 176 9.04 -17.76 27.26
CA LYS K 176 10.43 -17.53 27.62
C LYS K 176 11.35 -18.13 26.56
N ALA K 177 10.96 -19.26 25.98
CA ALA K 177 11.75 -19.76 24.86
C ALA K 177 11.76 -18.73 23.73
N ALA K 178 10.60 -18.12 23.49
CA ALA K 178 10.51 -17.11 22.44
C ALA K 178 11.42 -15.94 22.77
N CYS K 179 11.40 -15.53 24.03
CA CYS K 179 12.23 -14.45 24.51
C CYS K 179 13.71 -14.67 24.28
N SER K 180 14.20 -15.86 24.60
CA SER K 180 15.60 -16.16 24.45
C SER K 180 16.03 -16.21 22.98
N ASN K 181 15.11 -16.62 22.11
CA ASN K 181 15.40 -16.62 20.68
C ASN K 181 15.34 -15.20 20.13
N LEU K 182 14.37 -14.42 20.63
CA LEU K 182 14.23 -13.03 20.21
C LEU K 182 15.53 -12.27 20.46
N VAL K 183 16.16 -12.54 21.59
CA VAL K 183 17.44 -11.92 21.89
C VAL K 183 18.46 -12.16 20.78
N LYS K 184 18.49 -13.36 20.22
CA LYS K 184 19.41 -13.66 19.12
C LYS K 184 19.05 -12.84 17.88
N GLY K 185 17.76 -12.76 17.61
CA GLY K 185 17.28 -12.06 16.44
C GLY K 185 17.60 -10.58 16.47
N LEU K 186 17.39 -9.97 17.64
CA LEU K 186 17.67 -8.56 17.79
C LEU K 186 19.18 -8.32 17.78
N ALA K 187 19.92 -9.17 18.46
CA ALA K 187 21.37 -9.04 18.51
C ALA K 187 21.97 -9.08 17.12
N ALA K 188 21.42 -9.93 16.27
CA ALA K 188 21.92 -10.10 14.90
C ALA K 188 21.78 -8.80 14.11
N GLU K 189 20.64 -8.15 14.26
CA GLU K 189 20.38 -6.92 13.51
C GLU K 189 21.07 -5.69 14.05
N TRP K 190 21.35 -5.64 15.35
CA TRP K 190 21.89 -4.45 15.96
C TRP K 190 23.38 -4.54 16.28
N ALA K 191 23.98 -5.69 16.00
CA ALA K 191 25.40 -5.88 16.27
C ALA K 191 26.29 -4.81 15.60
N SER K 192 26.05 -4.52 14.33
CA SER K 192 26.88 -3.55 13.61
C SER K 192 26.77 -2.13 14.16
N ALA K 193 25.70 -1.86 14.88
CA ALA K 193 25.47 -0.53 15.47
C ALA K 193 26.04 -0.41 16.89
N GLY K 194 26.75 -1.44 17.34
CA GLY K 194 27.34 -1.43 18.67
C GLY K 194 26.32 -1.59 19.78
N ILE K 195 25.24 -2.29 19.49
CA ILE K 195 24.21 -2.54 20.48
C ILE K 195 24.20 -4.02 20.77
N ARG K 196 24.37 -4.40 22.03
CA ARG K 196 24.37 -5.80 22.42
C ARG K 196 23.07 -6.18 23.12
N VAL K 197 22.64 -7.42 22.90
CA VAL K 197 21.40 -7.91 23.49
C VAL K 197 21.64 -9.32 23.99
N ASN K 198 21.33 -9.57 25.26
CA ASN K 198 21.55 -10.88 25.87
C ASN K 198 20.41 -11.22 26.82
N ALA K 199 20.21 -12.52 27.05
CA ALA K 199 19.20 -13.01 27.98
C ALA K 199 19.83 -13.50 29.26
N LEU K 200 19.17 -13.19 30.37
CA LEU K 200 19.59 -13.65 31.67
C LEU K 200 18.44 -14.52 32.15
N SER K 201 18.72 -15.79 32.42
CA SER K 201 17.66 -16.74 32.73
C SER K 201 17.73 -17.36 34.11
N PRO K 202 16.94 -16.80 35.04
CA PRO K 202 16.90 -17.32 36.41
C PRO K 202 16.26 -18.69 36.59
N GLY K 203 16.71 -19.38 37.64
CA GLY K 203 16.09 -20.61 38.07
C GLY K 203 15.02 -20.21 39.07
N TYR K 204 14.77 -21.06 40.05
CA TYR K 204 13.76 -20.74 41.07
C TYR K 204 14.29 -19.67 42.01
N VAL K 205 13.51 -18.59 42.19
CA VAL K 205 13.90 -17.50 43.06
C VAL K 205 12.87 -17.24 44.16
N ASN K 206 13.34 -16.93 45.36
CA ASN K 206 12.46 -16.55 46.46
C ASN K 206 12.02 -15.10 46.28
N THR K 207 10.71 -14.89 46.10
CA THR K 207 10.16 -13.54 46.04
C THR K 207 9.07 -13.51 47.07
N ASP K 208 8.42 -12.36 47.23
CA ASP K 208 7.34 -12.26 48.21
C ASP K 208 6.24 -13.29 47.97
N GLN K 209 5.96 -13.57 46.70
CA GLN K 209 4.92 -14.54 46.34
C GLN K 209 5.28 -15.95 46.78
N THR K 210 6.57 -16.22 46.92
CA THR K 210 7.04 -17.54 47.32
C THR K 210 6.54 -17.94 48.69
N ALA K 211 6.55 -16.99 49.62
CA ALA K 211 6.12 -17.26 50.99
C ALA K 211 4.63 -17.60 51.06
N HIS K 212 3.91 -17.36 49.98
CA HIS K 212 2.46 -17.59 49.96
C HIS K 212 2.01 -18.72 49.04
N MET K 213 2.94 -19.38 48.37
CA MET K 213 2.58 -20.49 47.49
C MET K 213 2.39 -21.77 48.29
N ASP K 214 1.82 -22.80 47.65
CA ASP K 214 1.64 -24.10 48.28
C ASP K 214 3.01 -24.58 48.72
N LYS K 215 3.11 -24.93 50.00
CA LYS K 215 4.38 -25.37 50.56
C LYS K 215 4.85 -26.68 49.95
N LYS K 216 3.90 -27.55 49.62
CA LYS K 216 4.24 -28.83 49.01
C LYS K 216 4.95 -28.62 47.67
N ILE K 217 4.45 -27.67 46.88
CA ILE K 217 5.04 -27.37 45.58
C ILE K 217 6.42 -26.77 45.78
N ARG K 218 6.52 -25.79 46.67
CA ARG K 218 7.78 -25.13 46.98
C ARG K 218 8.84 -26.14 47.44
N ASP K 219 8.47 -27.01 48.37
CA ASP K 219 9.38 -28.02 48.86
C ASP K 219 9.79 -28.96 47.73
N HIS K 220 8.83 -29.33 46.88
CA HIS K 220 9.19 -30.22 45.78
C HIS K 220 10.20 -29.56 44.84
N GLN K 221 9.93 -28.31 44.47
CA GLN K 221 10.80 -27.61 43.54
C GLN K 221 12.21 -27.43 44.07
N ALA K 222 12.34 -27.28 45.39
CA ALA K 222 13.66 -27.12 45.97
C ALA K 222 14.39 -28.46 46.11
N SER K 223 13.63 -29.55 46.11
CA SER K 223 14.19 -30.88 46.37
C SER K 223 15.08 -31.43 45.27
N ASN K 224 14.99 -30.88 44.06
CA ASN K 224 15.79 -31.38 42.94
C ASN K 224 16.75 -30.33 42.39
N ILE K 225 17.08 -29.32 43.18
CA ILE K 225 18.05 -28.31 42.80
C ILE K 225 19.38 -28.66 43.46
N PRO K 226 20.44 -28.85 42.68
CA PRO K 226 21.73 -29.23 43.27
C PRO K 226 22.18 -28.35 44.44
N LEU K 227 21.92 -27.05 44.35
CA LEU K 227 22.29 -26.16 45.46
C LEU K 227 21.34 -26.24 46.66
N ASN K 228 20.30 -27.05 46.54
CA ASN K 228 19.35 -27.33 47.62
C ASN K 228 18.55 -26.14 48.14
N ARG K 229 18.32 -25.15 47.29
CA ARG K 229 17.58 -23.97 47.71
C ARG K 229 17.22 -23.09 46.52
N PHE K 230 16.21 -22.25 46.72
CA PHE K 230 15.84 -21.24 45.72
C PHE K 230 16.89 -20.14 45.85
N ALA K 231 17.04 -19.36 44.78
CA ALA K 231 17.98 -18.23 44.82
C ALA K 231 17.37 -17.02 45.51
N GLN K 232 18.22 -16.13 46.00
CA GLN K 232 17.74 -14.85 46.48
C GLN K 232 17.83 -13.96 45.27
N PRO K 233 16.91 -13.00 45.12
CA PRO K 233 16.92 -12.15 43.92
C PRO K 233 18.28 -11.50 43.64
N GLU K 234 19.03 -11.14 44.68
CA GLU K 234 20.33 -10.51 44.53
C GLU K 234 21.32 -11.36 43.73
N GLU K 235 21.15 -12.67 43.79
CA GLU K 235 22.04 -13.59 43.10
C GLU K 235 21.89 -13.55 41.58
N MET K 236 20.91 -12.79 41.10
CA MET K 236 20.70 -12.61 39.66
C MET K 236 21.44 -11.40 39.13
N THR K 237 21.85 -10.50 40.04
CA THR K 237 22.36 -9.20 39.62
C THR K 237 23.78 -9.14 39.09
N GLY K 238 24.66 -10.00 39.59
CA GLY K 238 26.04 -10.00 39.18
C GLY K 238 26.18 -10.16 37.67
N GLN K 239 25.48 -11.14 37.12
CA GLN K 239 25.54 -11.37 35.69
C GLN K 239 24.97 -10.21 34.89
N ALA K 240 23.90 -9.59 35.40
CA ALA K 240 23.30 -8.46 34.71
C ALA K 240 24.27 -7.29 34.65
N ILE K 241 24.92 -7.00 35.77
CA ILE K 241 25.91 -5.94 35.81
C ILE K 241 27.06 -6.21 34.82
N LEU K 242 27.54 -7.45 34.77
CA LEU K 242 28.59 -7.76 33.83
C LEU K 242 28.13 -7.52 32.39
N LEU K 243 26.94 -8.03 32.05
CA LEU K 243 26.44 -7.88 30.68
C LEU K 243 26.24 -6.42 30.27
N LEU K 244 25.83 -5.59 31.21
CA LEU K 244 25.62 -4.17 30.95
C LEU K 244 26.93 -3.41 30.88
N SER K 245 28.00 -4.01 31.39
CA SER K 245 29.30 -3.34 31.45
C SER K 245 30.13 -3.45 30.17
N ASP K 246 31.18 -2.63 30.10
CA ASP K 246 32.09 -2.65 28.96
C ASP K 246 33.01 -3.87 28.97
N HIS K 247 32.91 -4.69 30.00
CA HIS K 247 33.67 -5.93 30.05
C HIS K 247 33.03 -7.00 29.19
N ALA K 248 31.78 -6.77 28.80
CA ALA K 248 31.03 -7.76 28.03
C ALA K 248 30.93 -7.41 26.54
N THR K 249 31.94 -6.72 26.02
CA THR K 249 31.94 -6.28 24.62
C THR K 249 31.89 -7.40 23.58
N TYR K 250 32.23 -8.63 23.98
CA TYR K 250 32.18 -9.72 23.03
C TYR K 250 31.02 -10.66 23.34
N MET K 251 30.08 -10.18 24.15
CA MET K 251 28.96 -10.99 24.56
C MET K 251 27.67 -10.44 23.99
N THR K 252 27.09 -11.17 23.04
CA THR K 252 25.82 -10.75 22.47
C THR K 252 25.08 -11.95 21.88
N GLY K 253 23.76 -11.93 21.98
CA GLY K 253 22.93 -13.01 21.49
C GLY K 253 22.90 -14.21 22.42
N GLY K 254 23.61 -14.13 23.53
CA GLY K 254 23.70 -15.26 24.44
C GLY K 254 22.61 -15.34 25.48
N GLU K 255 22.49 -16.52 26.08
CA GLU K 255 21.56 -16.77 27.17
C GLU K 255 22.39 -17.26 28.34
N TYR K 256 22.30 -16.54 29.46
CA TYR K 256 23.12 -16.79 30.64
C TYR K 256 22.25 -17.28 31.79
N PHE K 257 22.38 -18.57 32.09
CA PHE K 257 21.58 -19.21 33.13
C PHE K 257 22.12 -19.02 34.53
N ILE K 258 21.21 -18.78 35.47
CA ILE K 258 21.54 -18.66 36.89
C ILE K 258 20.52 -19.58 37.55
N ASP K 259 20.73 -20.87 37.35
CA ASP K 259 19.75 -21.91 37.72
C ASP K 259 20.06 -22.76 38.93
N GLY K 260 21.18 -22.53 39.61
CA GLY K 260 21.51 -23.29 40.81
C GLY K 260 21.78 -24.74 40.50
N GLY K 261 22.01 -25.05 39.22
CA GLY K 261 22.28 -26.41 38.81
C GLY K 261 21.07 -27.20 38.33
N GLN K 262 19.90 -26.59 38.35
CA GLN K 262 18.69 -27.32 37.94
C GLN K 262 18.80 -27.95 36.55
N LEU K 263 19.45 -27.23 35.64
CA LEU K 263 19.58 -27.72 34.26
C LEU K 263 20.56 -28.89 34.10
N ILE K 264 21.26 -29.24 35.18
CA ILE K 264 22.15 -30.39 35.15
C ILE K 264 21.36 -31.68 34.99
N TRP K 265 20.18 -31.74 35.62
CA TRP K 265 19.37 -32.95 35.62
C TRP K 265 18.47 -33.06 34.39
N PRO L 6 10.35 -58.88 3.33
CA PRO L 6 10.74 -58.28 4.64
C PRO L 6 10.72 -56.77 4.58
N GLY L 7 10.43 -56.14 5.71
CA GLY L 7 10.40 -54.70 5.73
C GLY L 7 9.87 -54.12 7.02
N PHE L 8 10.20 -52.86 7.22
CA PHE L 8 9.75 -52.10 8.35
C PHE L 8 8.52 -51.39 7.82
N THR L 9 7.37 -51.54 8.48
CA THR L 9 6.13 -51.00 7.96
C THR L 9 5.32 -50.13 8.91
N ILE L 10 4.75 -49.08 8.35
CA ILE L 10 3.86 -48.18 9.07
C ILE L 10 2.66 -48.00 8.17
N SER L 11 1.54 -48.60 8.55
CA SER L 11 0.31 -48.46 7.80
C SER L 11 -0.74 -47.61 8.51
N PHE L 12 -1.36 -46.70 7.75
CA PHE L 12 -2.42 -45.86 8.28
C PHE L 12 -3.77 -46.25 7.68
N VAL L 13 -3.86 -47.47 7.15
CA VAL L 13 -5.12 -47.92 6.58
C VAL L 13 -6.23 -47.85 7.61
N ASN L 14 -7.36 -47.26 7.22
CA ASN L 14 -8.52 -47.10 8.10
C ASN L 14 -8.24 -46.18 9.27
N LYS L 15 -7.24 -45.31 9.13
CA LYS L 15 -6.91 -44.35 10.17
C LYS L 15 -6.95 -42.95 9.56
N THR L 16 -7.22 -41.96 10.40
CA THR L 16 -7.34 -40.59 9.93
C THR L 16 -6.27 -39.68 10.50
N ILE L 17 -5.63 -38.91 9.62
CA ILE L 17 -4.63 -37.94 10.02
C ILE L 17 -5.13 -36.56 9.62
N ILE L 18 -5.04 -35.61 10.55
CA ILE L 18 -5.39 -34.22 10.26
C ILE L 18 -4.11 -33.48 9.95
N VAL L 19 -4.11 -32.70 8.87
CA VAL L 19 -2.94 -31.88 8.53
C VAL L 19 -3.38 -30.43 8.35
N THR L 20 -2.91 -29.54 9.23
CA THR L 20 -3.25 -28.14 9.05
C THR L 20 -2.27 -27.52 8.05
N GLY L 21 -2.78 -26.67 7.17
CA GLY L 21 -1.97 -26.15 6.08
C GLY L 21 -1.59 -27.32 5.18
N GLY L 22 -2.48 -28.30 5.09
CA GLY L 22 -2.17 -29.51 4.34
C GLY L 22 -2.43 -29.48 2.86
N ASN L 23 -2.79 -28.31 2.33
CA ASN L 23 -3.17 -28.16 0.94
C ASN L 23 -2.07 -27.67 0.00
N ARG L 24 -0.97 -27.20 0.56
CA ARG L 24 0.15 -26.76 -0.28
C ARG L 24 1.44 -26.75 0.52
N GLY L 25 2.54 -26.55 -0.19
CA GLY L 25 3.83 -26.50 0.48
C GLY L 25 4.20 -27.77 1.21
N ILE L 26 4.89 -27.62 2.33
CA ILE L 26 5.30 -28.79 3.12
C ILE L 26 4.09 -29.57 3.61
N GLY L 27 3.02 -28.86 3.94
CA GLY L 27 1.81 -29.51 4.41
C GLY L 27 1.27 -30.49 3.39
N LEU L 28 1.29 -30.11 2.11
CA LEU L 28 0.79 -31.00 1.06
C LEU L 28 1.68 -32.23 0.96
N ALA L 29 2.98 -32.06 1.19
CA ALA L 29 3.88 -33.20 1.18
C ALA L 29 3.49 -34.18 2.29
N PHE L 30 3.15 -33.65 3.46
CA PHE L 30 2.73 -34.51 4.56
C PHE L 30 1.44 -35.24 4.18
N THR L 31 0.48 -34.49 3.65
CA THR L 31 -0.78 -35.07 3.20
C THR L 31 -0.57 -36.21 2.24
N ARG L 32 0.24 -35.97 1.21
CA ARG L 32 0.49 -36.97 0.21
C ARG L 32 1.20 -38.20 0.79
N ALA L 33 2.16 -37.98 1.68
CA ALA L 33 2.91 -39.08 2.26
C ALA L 33 2.04 -39.97 3.14
N VAL L 34 1.23 -39.38 4.02
CA VAL L 34 0.37 -40.21 4.85
C VAL L 34 -0.69 -40.90 4.00
N ALA L 35 -1.18 -40.20 2.97
CA ALA L 35 -2.16 -40.79 2.06
C ALA L 35 -1.56 -42.01 1.37
N ALA L 36 -0.32 -41.88 0.91
CA ALA L 36 0.37 -42.98 0.26
C ALA L 36 0.51 -44.17 1.20
N ALA L 37 0.60 -43.88 2.50
CA ALA L 37 0.70 -44.90 3.52
C ALA L 37 -0.66 -45.46 3.96
N GLY L 38 -1.71 -45.05 3.26
CA GLY L 38 -3.05 -45.58 3.51
C GLY L 38 -3.98 -44.75 4.37
N ALA L 39 -3.51 -43.59 4.84
CA ALA L 39 -4.35 -42.77 5.71
C ALA L 39 -5.44 -41.99 5.00
N ASN L 40 -6.58 -41.89 5.66
CA ASN L 40 -7.61 -40.95 5.26
C ASN L 40 -7.11 -39.62 5.81
N VAL L 41 -7.33 -38.54 5.06
CA VAL L 41 -6.77 -37.27 5.49
C VAL L 41 -7.76 -36.13 5.51
N ALA L 42 -7.77 -35.44 6.65
CA ALA L 42 -8.57 -34.24 6.83
C ALA L 42 -7.60 -33.09 6.67
N VAL L 43 -7.81 -32.29 5.62
CA VAL L 43 -6.93 -31.16 5.32
C VAL L 43 -7.55 -29.85 5.78
N ILE L 44 -6.88 -29.19 6.72
CA ILE L 44 -7.33 -27.89 7.20
C ILE L 44 -6.58 -26.80 6.45
N TYR L 45 -7.30 -25.82 5.94
CA TYR L 45 -6.69 -24.71 5.22
C TYR L 45 -7.35 -23.40 5.66
N ARG L 46 -6.77 -22.29 5.24
CA ARG L 46 -7.31 -20.98 5.64
C ARG L 46 -8.10 -20.29 4.53
N SER L 47 -7.47 -20.14 3.37
CA SER L 47 -8.12 -19.39 2.30
C SER L 47 -7.68 -19.66 0.88
N ALA L 48 -6.82 -20.67 0.67
CA ALA L 48 -6.36 -20.96 -0.69
C ALA L 48 -7.56 -21.28 -1.57
N ALA L 49 -7.62 -20.65 -2.74
CA ALA L 49 -8.74 -20.84 -3.66
C ALA L 49 -8.91 -22.28 -4.14
N ASP L 50 -7.83 -23.03 -4.25
CA ASP L 50 -7.89 -24.37 -4.78
C ASP L 50 -7.71 -25.50 -3.75
N ALA L 51 -7.85 -25.19 -2.47
CA ALA L 51 -7.64 -26.20 -1.43
C ALA L 51 -8.56 -27.42 -1.56
N VAL L 52 -9.83 -27.19 -1.86
CA VAL L 52 -10.77 -28.30 -2.02
C VAL L 52 -10.38 -29.21 -3.20
N GLU L 53 -10.05 -28.60 -4.34
CA GLU L 53 -9.65 -29.35 -5.54
C GLU L 53 -8.40 -30.19 -5.29
N VAL L 54 -7.39 -29.55 -4.73
CA VAL L 54 -6.13 -30.21 -4.44
C VAL L 54 -6.38 -31.41 -3.53
N THR L 55 -7.18 -31.19 -2.49
CA THR L 55 -7.49 -32.25 -1.53
C THR L 55 -8.24 -33.42 -2.17
N GLU L 56 -9.20 -33.12 -3.03
CA GLU L 56 -9.96 -34.20 -3.69
C GLU L 56 -9.03 -35.01 -4.58
N LYS L 57 -8.12 -34.33 -5.26
CA LYS L 57 -7.18 -35.01 -6.16
C LYS L 57 -6.25 -35.97 -5.43
N VAL L 58 -5.91 -35.64 -4.18
CA VAL L 58 -5.05 -36.51 -3.39
C VAL L 58 -5.79 -37.80 -3.08
N GLY L 59 -7.05 -37.65 -2.68
CA GLY L 59 -7.89 -38.81 -2.37
C GLY L 59 -8.00 -39.74 -3.56
N LYS L 60 -8.16 -39.17 -4.75
CA LYS L 60 -8.29 -39.98 -5.96
C LYS L 60 -6.97 -40.63 -6.35
N GLU L 61 -5.89 -39.86 -6.26
CA GLU L 61 -4.58 -40.38 -6.63
C GLU L 61 -4.16 -41.58 -5.78
N PHE L 62 -4.42 -41.49 -4.48
CA PHE L 62 -4.00 -42.53 -3.56
C PHE L 62 -5.09 -43.50 -3.11
N GLY L 63 -6.31 -43.31 -3.61
CA GLY L 63 -7.40 -44.19 -3.25
C GLY L 63 -7.73 -44.20 -1.77
N VAL L 64 -7.81 -43.02 -1.17
CA VAL L 64 -8.17 -42.90 0.24
C VAL L 64 -9.19 -41.79 0.36
N LYS L 65 -9.83 -41.69 1.53
CA LYS L 65 -10.82 -40.65 1.77
C LYS L 65 -10.12 -39.38 2.23
N THR L 66 -10.51 -38.26 1.64
CA THR L 66 -10.01 -36.96 2.04
C THR L 66 -11.16 -35.96 2.06
N LYS L 67 -11.02 -34.95 2.90
CA LYS L 67 -11.97 -33.87 2.96
C LYS L 67 -11.20 -32.65 3.41
N ALA L 68 -11.52 -31.50 2.83
CA ALA L 68 -10.89 -30.23 3.16
C ALA L 68 -11.82 -29.42 4.04
N TYR L 69 -11.25 -28.77 5.04
CA TYR L 69 -12.02 -27.97 5.99
C TYR L 69 -11.40 -26.60 6.10
N GLN L 70 -12.18 -25.56 5.76
CA GLN L 70 -11.71 -24.20 5.90
C GLN L 70 -11.78 -23.88 7.38
N CYS L 71 -10.65 -23.61 8.00
CA CYS L 71 -10.59 -23.45 9.44
C CYS L 71 -9.37 -22.64 9.87
N ASP L 72 -9.62 -21.39 10.29
CA ASP L 72 -8.58 -20.51 10.77
C ASP L 72 -8.11 -21.04 12.11
N VAL L 73 -6.92 -21.62 12.13
CA VAL L 73 -6.41 -22.23 13.36
C VAL L 73 -6.24 -21.27 14.54
N SER L 74 -6.29 -19.97 14.29
CA SER L 74 -6.16 -19.00 15.39
C SER L 74 -7.50 -18.78 16.10
N ASN L 75 -8.56 -19.39 15.60
CA ASN L 75 -9.88 -19.20 16.18
C ASN L 75 -10.30 -20.41 17.00
N THR L 76 -10.54 -20.21 18.30
CA THR L 76 -10.88 -21.31 19.19
C THR L 76 -12.11 -22.12 18.76
N ASP L 77 -13.25 -21.45 18.65
CA ASP L 77 -14.48 -22.17 18.33
C ASP L 77 -14.50 -22.79 16.95
N ILE L 78 -13.92 -22.14 15.95
CA ILE L 78 -13.90 -22.75 14.62
C ILE L 78 -13.09 -24.03 14.64
N VAL L 79 -11.99 -24.02 15.40
CA VAL L 79 -11.18 -25.22 15.51
C VAL L 79 -11.92 -26.33 16.27
N THR L 80 -12.55 -26.00 17.39
CA THR L 80 -13.30 -26.99 18.15
C THR L 80 -14.36 -27.63 17.26
N LYS L 81 -15.10 -26.80 16.53
CA LYS L 81 -16.16 -27.31 15.66
C LYS L 81 -15.62 -28.14 14.50
N THR L 82 -14.49 -27.73 13.95
CA THR L 82 -13.88 -28.45 12.83
C THR L 82 -13.39 -29.84 13.25
N ILE L 83 -12.77 -29.92 14.41
CA ILE L 83 -12.28 -31.21 14.92
C ILE L 83 -13.48 -32.14 15.16
N GLN L 84 -14.56 -31.57 15.68
CA GLN L 84 -15.77 -32.36 15.90
C GLN L 84 -16.31 -32.89 14.57
N GLN L 85 -16.30 -32.03 13.56
CA GLN L 85 -16.79 -32.42 12.24
C GLN L 85 -15.89 -33.49 11.62
N ILE L 86 -14.57 -33.30 11.75
CA ILE L 86 -13.63 -34.29 11.22
C ILE L 86 -13.87 -35.64 11.87
N ASP L 87 -14.08 -35.64 13.16
CA ASP L 87 -14.33 -36.87 13.87
C ASP L 87 -15.61 -37.52 13.36
N ALA L 88 -16.62 -36.69 13.09
CA ALA L 88 -17.89 -37.20 12.57
C ALA L 88 -17.73 -37.80 11.16
N ASP L 89 -17.07 -37.06 10.29
CA ASP L 89 -16.89 -37.49 8.89
C ASP L 89 -15.88 -38.60 8.70
N LEU L 90 -14.79 -38.53 9.47
CA LEU L 90 -13.65 -39.45 9.26
C LEU L 90 -13.06 -40.04 10.54
N GLY L 91 -13.72 -39.88 11.67
CA GLY L 91 -13.21 -40.41 12.92
C GLY L 91 -13.11 -41.92 12.89
N PRO L 92 -12.33 -42.51 13.79
CA PRO L 92 -11.55 -41.76 14.80
C PRO L 92 -10.28 -41.13 14.23
N ILE L 93 -9.82 -40.07 14.89
CA ILE L 93 -8.60 -39.37 14.50
C ILE L 93 -7.45 -40.07 15.18
N SER L 94 -6.45 -40.46 14.40
CA SER L 94 -5.29 -41.19 14.93
C SER L 94 -4.07 -40.28 15.09
N GLY L 95 -4.04 -39.18 14.36
CA GLY L 95 -2.88 -38.32 14.42
C GLY L 95 -3.14 -36.94 13.90
N LEU L 96 -2.28 -36.00 14.29
CA LEU L 96 -2.41 -34.62 13.88
C LEU L 96 -1.04 -34.09 13.52
N ILE L 97 -0.96 -33.39 12.40
CA ILE L 97 0.24 -32.67 12.01
C ILE L 97 -0.16 -31.20 12.01
N ALA L 98 0.24 -30.48 13.06
CA ALA L 98 -0.05 -29.05 13.19
C ALA L 98 1.06 -28.32 12.46
N ASN L 99 0.80 -28.07 11.18
CA ASN L 99 1.79 -27.55 10.25
C ASN L 99 1.62 -26.08 9.82
N ALA L 100 0.39 -25.56 9.88
CA ALA L 100 0.13 -24.18 9.45
C ALA L 100 1.09 -23.19 10.11
N GLY L 101 1.66 -22.30 9.31
CA GLY L 101 2.57 -21.30 9.85
C GLY L 101 2.72 -20.14 8.90
N VAL L 102 3.14 -18.99 9.44
CA VAL L 102 3.31 -17.77 8.65
C VAL L 102 4.52 -17.00 9.12
N SER L 103 4.94 -16.02 8.34
CA SER L 103 6.03 -15.14 8.74
C SER L 103 5.75 -13.69 8.34
N VAL L 104 6.53 -12.78 8.92
CA VAL L 104 6.50 -11.38 8.54
C VAL L 104 7.97 -10.98 8.48
N VAL L 105 8.39 -10.49 7.32
CA VAL L 105 9.77 -10.11 7.08
C VAL L 105 9.89 -8.58 7.02
N LYS L 106 10.48 -8.00 8.07
CA LYS L 106 10.70 -6.56 8.20
C LYS L 106 11.86 -6.35 9.16
N PRO L 107 12.61 -5.26 9.01
CA PRO L 107 13.66 -4.97 9.99
C PRO L 107 12.97 -4.92 11.34
N ALA L 108 13.64 -5.43 12.37
CA ALA L 108 13.04 -5.54 13.69
C ALA L 108 12.43 -4.24 14.19
N THR L 109 13.12 -3.11 14.00
CA THR L 109 12.63 -1.84 14.50
C THR L 109 11.28 -1.43 13.93
N GLU L 110 10.94 -2.00 12.77
CA GLU L 110 9.72 -1.60 12.07
C GLU L 110 8.51 -2.52 12.30
N LEU L 111 8.72 -3.64 12.97
CA LEU L 111 7.63 -4.57 13.24
C LEU L 111 6.58 -3.95 14.16
N THR L 112 5.31 -4.25 13.90
CA THR L 112 4.22 -3.69 14.69
C THR L 112 3.57 -4.73 15.58
N HIS L 113 2.68 -4.27 16.45
CA HIS L 113 1.91 -5.17 17.30
C HIS L 113 1.04 -6.05 16.39
N GLU L 114 0.55 -5.50 15.29
CA GLU L 114 -0.26 -6.29 14.38
C GLU L 114 0.55 -7.43 13.75
N ASP L 115 1.81 -7.14 13.43
CA ASP L 115 2.68 -8.17 12.86
C ASP L 115 2.91 -9.25 13.90
N PHE L 116 3.08 -8.84 15.15
CA PHE L 116 3.27 -9.79 16.25
C PHE L 116 2.10 -10.76 16.36
N ALA L 117 0.89 -10.21 16.42
CA ALA L 117 -0.29 -11.05 16.50
C ALA L 117 -0.44 -11.94 15.26
N PHE L 118 -0.16 -11.38 14.09
CA PHE L 118 -0.27 -12.11 12.83
C PHE L 118 0.55 -13.41 12.90
N VAL L 119 1.80 -13.28 13.33
CA VAL L 119 2.68 -14.43 13.41
C VAL L 119 2.36 -15.35 14.59
N TYR L 120 2.24 -14.77 15.77
CA TYR L 120 2.03 -15.57 16.97
C TYR L 120 0.68 -16.26 17.09
N ASP L 121 -0.36 -15.66 16.55
CA ASP L 121 -1.68 -16.27 16.62
C ASP L 121 -1.75 -17.55 15.82
N VAL L 122 -0.93 -17.65 14.79
CA VAL L 122 -0.87 -18.86 13.97
C VAL L 122 0.22 -19.83 14.42
N ASN L 123 1.43 -19.32 14.55
CA ASN L 123 2.59 -20.16 14.85
C ASN L 123 2.64 -20.71 16.26
N VAL L 124 1.99 -20.03 17.18
CA VAL L 124 2.00 -20.50 18.56
C VAL L 124 0.59 -20.77 19.05
N PHE L 125 -0.27 -19.75 19.08
CA PHE L 125 -1.63 -20.01 19.55
C PHE L 125 -2.33 -21.03 18.66
N GLY L 126 -2.15 -20.90 17.35
CA GLY L 126 -2.81 -21.80 16.41
C GLY L 126 -2.38 -23.23 16.61
N VAL L 127 -1.09 -23.42 16.90
CA VAL L 127 -0.58 -24.74 17.18
C VAL L 127 -1.21 -25.25 18.46
N PHE L 128 -1.15 -24.44 19.51
CA PHE L 128 -1.76 -24.80 20.78
C PHE L 128 -3.23 -25.18 20.62
N ASN L 129 -3.97 -24.29 19.98
CA ASN L 129 -5.41 -24.43 19.74
C ASN L 129 -5.74 -25.75 19.02
N THR L 130 -5.02 -26.03 17.95
CA THR L 130 -5.26 -27.27 17.20
C THR L 130 -4.94 -28.49 18.06
N CYS L 131 -3.78 -28.48 18.72
CA CYS L 131 -3.40 -29.58 19.58
C CYS L 131 -4.41 -29.80 20.69
N ARG L 132 -4.83 -28.71 21.32
CA ARG L 132 -5.78 -28.77 22.44
C ARG L 132 -7.13 -29.35 22.04
N ALA L 133 -7.65 -28.93 20.89
CA ALA L 133 -8.94 -29.44 20.42
C ALA L 133 -8.88 -30.94 20.18
N VAL L 134 -7.82 -31.41 19.53
CA VAL L 134 -7.70 -32.84 19.27
C VAL L 134 -7.48 -33.62 20.57
N ALA L 135 -6.59 -33.12 21.43
CA ALA L 135 -6.32 -33.77 22.70
C ALA L 135 -7.59 -33.89 23.56
N LYS L 136 -8.39 -32.83 23.60
CA LYS L 136 -9.61 -32.89 24.41
C LYS L 136 -10.55 -33.98 23.89
N LEU L 137 -10.60 -34.13 22.58
CA LEU L 137 -11.45 -35.16 21.99
C LEU L 137 -10.90 -36.54 22.37
N TRP L 138 -9.59 -36.71 22.25
CA TRP L 138 -8.97 -37.99 22.62
C TRP L 138 -9.19 -38.30 24.09
N LEU L 139 -9.04 -37.30 24.93
CA LEU L 139 -9.24 -37.49 26.37
C LEU L 139 -10.68 -37.90 26.68
N GLN L 140 -11.62 -37.23 26.03
CA GLN L 140 -13.04 -37.51 26.22
C GLN L 140 -13.36 -38.95 25.85
N LYS L 141 -12.87 -39.37 24.69
CA LYS L 141 -13.15 -40.70 24.16
C LYS L 141 -12.17 -41.79 24.63
N GLN L 142 -11.22 -41.40 25.48
CA GLN L 142 -10.22 -42.34 25.98
C GLN L 142 -9.47 -42.97 24.80
N GLN L 143 -9.09 -42.13 23.85
CA GLN L 143 -8.35 -42.57 22.67
C GLN L 143 -6.90 -42.09 22.80
N LYS L 144 -5.97 -42.85 22.24
CA LYS L 144 -4.57 -42.47 22.24
C LYS L 144 -4.28 -41.78 20.92
N GLY L 145 -3.18 -41.03 20.87
CA GLY L 145 -2.84 -40.33 19.65
C GLY L 145 -1.44 -39.78 19.64
N SER L 146 -1.03 -39.30 18.49
CA SER L 146 0.28 -38.73 18.29
C SER L 146 0.14 -37.43 17.53
N ILE L 147 0.84 -36.40 17.99
CA ILE L 147 0.81 -35.10 17.36
C ILE L 147 2.20 -34.69 16.94
N VAL L 148 2.33 -34.24 15.70
CA VAL L 148 3.58 -33.72 15.16
C VAL L 148 3.36 -32.25 14.83
N VAL L 149 4.22 -31.39 15.34
CA VAL L 149 4.13 -29.97 15.09
C VAL L 149 5.27 -29.54 14.20
N THR L 150 4.97 -28.81 13.13
CA THR L 150 6.04 -28.31 12.27
C THR L 150 6.61 -27.05 12.89
N SER L 151 7.80 -27.15 13.44
CA SER L 151 8.48 -25.98 13.97
C SER L 151 9.42 -25.49 12.87
N SER L 152 10.72 -25.44 13.16
CA SER L 152 11.71 -25.00 12.19
C SER L 152 13.08 -24.99 12.84
N MET L 153 14.14 -25.11 12.06
CA MET L 153 15.48 -25.00 12.64
C MET L 153 15.65 -23.57 13.15
N SER L 154 14.76 -22.68 12.69
CA SER L 154 14.73 -21.28 13.14
C SER L 154 14.43 -21.16 14.63
N SER L 155 13.99 -22.27 15.24
CA SER L 155 13.78 -22.31 16.68
C SER L 155 15.11 -22.16 17.41
N GLN L 156 16.21 -22.47 16.72
CA GLN L 156 17.54 -22.44 17.32
C GLN L 156 18.46 -21.34 16.80
N ILE L 157 18.30 -20.99 15.53
CA ILE L 157 19.18 -20.04 14.88
C ILE L 157 18.41 -18.95 14.17
N ILE L 158 19.12 -17.88 13.83
CA ILE L 158 18.57 -16.79 13.03
C ILE L 158 19.04 -17.04 11.61
N ASN L 159 18.09 -16.98 10.67
CA ASN L 159 18.40 -17.22 9.26
C ASN L 159 19.12 -16.03 8.66
N GLN L 160 19.90 -16.28 7.60
CA GLN L 160 20.61 -15.21 6.92
C GLN L 160 20.02 -14.92 5.55
N SER L 161 20.15 -13.67 5.12
CA SER L 161 19.74 -13.25 3.78
C SER L 161 20.99 -12.94 2.93
N SER L 162 22.10 -12.71 3.62
CA SER L 162 23.39 -12.44 3.00
C SER L 162 24.46 -12.79 4.03
N LEU L 163 25.72 -12.71 3.62
CA LEU L 163 26.82 -13.04 4.52
C LEU L 163 26.79 -12.17 5.76
N ASN L 164 26.71 -12.82 6.93
CA ASN L 164 26.66 -12.14 8.21
C ASN L 164 25.47 -11.18 8.31
N GLY L 165 24.44 -11.45 7.52
CA GLY L 165 23.29 -10.58 7.46
C GLY L 165 21.99 -11.31 7.71
N SER L 166 21.22 -10.83 8.67
CA SER L 166 19.99 -11.50 9.04
C SER L 166 18.88 -11.44 8.01
N LEU L 167 18.14 -12.55 7.90
CA LEU L 167 16.88 -12.54 7.16
C LEU L 167 15.97 -12.03 8.26
N THR L 168 15.62 -10.75 8.19
CA THR L 168 14.90 -10.07 9.27
C THR L 168 13.45 -10.48 9.44
N GLN L 169 13.20 -11.34 10.42
CA GLN L 169 11.85 -11.82 10.71
C GLN L 169 11.87 -12.31 12.17
N VAL L 170 12.26 -11.42 13.08
CA VAL L 170 12.45 -11.87 14.47
C VAL L 170 11.24 -12.55 15.12
N PHE L 171 10.03 -12.18 14.70
CA PHE L 171 8.85 -12.80 15.28
C PHE L 171 8.72 -14.24 14.78
N TYR L 172 9.18 -14.50 13.55
CA TYR L 172 9.13 -15.86 13.02
C TYR L 172 10.02 -16.80 13.82
N ASN L 173 11.30 -16.47 13.91
CA ASN L 173 12.23 -17.32 14.63
C ASN L 173 11.81 -17.50 16.08
N SER L 174 11.41 -16.41 16.73
CA SER L 174 11.03 -16.54 18.13
C SER L 174 9.75 -17.35 18.30
N SER L 175 8.83 -17.24 17.35
CA SER L 175 7.59 -18.02 17.45
C SER L 175 7.90 -19.51 17.32
N LYS L 176 8.93 -19.84 16.54
CA LYS L 176 9.29 -21.24 16.36
C LYS L 176 9.99 -21.79 17.62
N ALA L 177 10.78 -20.95 18.29
CA ALA L 177 11.35 -21.36 19.55
C ALA L 177 10.21 -21.61 20.55
N ALA L 178 9.21 -20.72 20.54
CA ALA L 178 8.05 -20.91 21.42
C ALA L 178 7.35 -22.21 21.12
N CYS L 179 7.17 -22.49 19.83
CA CYS L 179 6.49 -23.69 19.40
C CYS L 179 7.18 -24.97 19.85
N SER L 180 8.51 -25.01 19.76
CA SER L 180 9.25 -26.20 20.16
C SER L 180 9.18 -26.41 21.67
N ASN L 181 9.13 -25.32 22.43
CA ASN L 181 8.99 -25.42 23.89
C ASN L 181 7.58 -25.83 24.26
N LEU L 182 6.59 -25.27 23.56
CA LEU L 182 5.19 -25.61 23.78
C LEU L 182 4.98 -27.12 23.64
N VAL L 183 5.67 -27.72 22.68
CA VAL L 183 5.58 -29.17 22.48
C VAL L 183 6.00 -29.92 23.75
N LYS L 184 7.05 -29.43 24.43
CA LYS L 184 7.49 -30.05 25.68
C LYS L 184 6.41 -29.91 26.74
N GLY L 185 5.83 -28.72 26.81
CA GLY L 185 4.79 -28.44 27.79
C GLY L 185 3.57 -29.31 27.62
N LEU L 186 3.09 -29.45 26.39
CA LEU L 186 1.91 -30.27 26.13
C LEU L 186 2.23 -31.74 26.35
N ALA L 187 3.40 -32.17 25.89
CA ALA L 187 3.81 -33.56 26.06
C ALA L 187 3.86 -33.95 27.53
N ALA L 188 4.31 -33.03 28.38
CA ALA L 188 4.38 -33.30 29.81
C ALA L 188 3.01 -33.57 30.42
N GLU L 189 2.03 -32.76 30.04
CA GLU L 189 0.70 -32.88 30.62
C GLU L 189 -0.10 -34.03 30.07
N TRP L 190 0.17 -34.43 28.84
CA TRP L 190 -0.64 -35.44 28.19
C TRP L 190 0.01 -36.82 28.10
N ALA L 191 1.24 -36.94 28.58
CA ALA L 191 1.95 -38.22 28.55
C ALA L 191 1.20 -39.37 29.22
N SER L 192 0.64 -39.10 30.40
CA SER L 192 -0.04 -40.15 31.15
C SER L 192 -1.32 -40.63 30.46
N ALA L 193 -1.82 -39.85 29.51
CA ALA L 193 -3.05 -40.19 28.78
C ALA L 193 -2.78 -40.91 27.46
N GLY L 194 -1.52 -41.25 27.21
CA GLY L 194 -1.17 -41.94 25.99
C GLY L 194 -1.15 -41.05 24.76
N ILE L 195 -0.92 -39.76 24.97
CA ILE L 195 -0.85 -38.81 23.86
C ILE L 195 0.57 -38.28 23.77
N ARG L 196 1.20 -38.42 22.61
CA ARG L 196 2.56 -37.97 22.42
C ARG L 196 2.56 -36.72 21.56
N VAL L 197 3.49 -35.82 21.83
CA VAL L 197 3.61 -34.57 21.09
C VAL L 197 5.08 -34.33 20.79
N ASN L 198 5.41 -34.12 19.51
CA ASN L 198 6.80 -33.90 19.09
C ASN L 198 6.88 -32.80 18.04
N ALA L 199 8.04 -32.17 17.96
CA ALA L 199 8.26 -31.15 16.95
C ALA L 199 9.15 -31.67 15.84
N LEU L 200 8.80 -31.31 14.61
CA LEU L 200 9.60 -31.65 13.44
C LEU L 200 10.08 -30.30 12.92
N SER L 201 11.39 -30.13 12.83
CA SER L 201 11.94 -28.82 12.48
C SER L 201 12.78 -28.82 11.21
N PRO L 202 12.16 -28.43 10.11
CA PRO L 202 12.87 -28.37 8.81
C PRO L 202 13.92 -27.28 8.69
N GLY L 203 14.88 -27.52 7.81
CA GLY L 203 15.86 -26.52 7.41
C GLY L 203 15.27 -25.82 6.18
N TYR L 204 16.12 -25.35 5.28
CA TYR L 204 15.63 -24.67 4.09
C TYR L 204 14.96 -25.66 3.13
N VAL L 205 13.73 -25.35 2.72
CA VAL L 205 12.99 -26.23 1.83
C VAL L 205 12.57 -25.52 0.54
N ASN L 206 12.67 -26.24 -0.58
CA ASN L 206 12.22 -25.72 -1.87
C ASN L 206 10.70 -25.82 -1.96
N THR L 207 10.03 -24.67 -2.01
CA THR L 207 8.58 -24.63 -2.21
C THR L 207 8.31 -23.70 -3.39
N ASP L 208 7.05 -23.60 -3.80
CA ASP L 208 6.71 -22.73 -4.92
C ASP L 208 7.24 -21.30 -4.75
N GLN L 209 7.22 -20.79 -3.52
CA GLN L 209 7.69 -19.44 -3.24
C GLN L 209 9.19 -19.28 -3.46
N THR L 210 9.93 -20.38 -3.29
CA THR L 210 11.38 -20.34 -3.47
C THR L 210 11.76 -19.83 -4.85
N ALA L 211 11.09 -20.35 -5.87
CA ALA L 211 11.33 -19.99 -7.26
C ALA L 211 11.11 -18.50 -7.53
N HIS L 212 10.36 -17.84 -6.65
CA HIS L 212 10.04 -16.43 -6.84
C HIS L 212 10.78 -15.48 -5.89
N MET L 213 11.64 -16.02 -5.04
CA MET L 213 12.38 -15.18 -4.10
C MET L 213 13.64 -14.62 -4.78
N ASP L 214 14.24 -13.62 -4.13
CA ASP L 214 15.46 -13.00 -4.63
C ASP L 214 16.53 -14.09 -4.79
N LYS L 215 17.02 -14.29 -6.01
CA LYS L 215 18.02 -15.32 -6.28
C LYS L 215 19.30 -15.16 -5.45
N LYS L 216 19.70 -13.92 -5.20
CA LYS L 216 20.90 -13.68 -4.40
C LYS L 216 20.74 -14.28 -3.02
N ILE L 217 19.57 -14.11 -2.42
CA ILE L 217 19.30 -14.64 -1.09
C ILE L 217 19.23 -16.16 -1.11
N ARG L 218 18.51 -16.71 -2.08
CA ARG L 218 18.36 -18.15 -2.21
C ARG L 218 19.73 -18.82 -2.35
N ASP L 219 20.56 -18.24 -3.21
CA ASP L 219 21.91 -18.77 -3.43
C ASP L 219 22.74 -18.64 -2.18
N HIS L 220 22.59 -17.54 -1.46
CA HIS L 220 23.36 -17.38 -0.23
C HIS L 220 22.97 -18.46 0.77
N GLN L 221 21.67 -18.64 0.96
CA GLN L 221 21.20 -19.63 1.92
C GLN L 221 21.69 -21.04 1.60
N ALA L 222 21.75 -21.38 0.32
CA ALA L 222 22.19 -22.71 -0.08
C ALA L 222 23.70 -22.87 0.05
N SER L 223 24.42 -21.74 0.02
CA SER L 223 25.89 -21.76 0.03
C SER L 223 26.55 -22.26 1.32
N ASN L 224 25.80 -22.29 2.43
CA ASN L 224 26.37 -22.73 3.69
C ASN L 224 25.63 -23.94 4.29
N ILE L 225 25.01 -24.75 3.43
CA ILE L 225 24.35 -25.97 3.88
C ILE L 225 25.28 -27.13 3.49
N PRO L 226 25.72 -27.94 4.43
CA PRO L 226 26.64 -29.04 4.10
C PRO L 226 26.18 -29.92 2.93
N LEU L 227 24.87 -30.17 2.83
CA LEU L 227 24.34 -30.99 1.75
C LEU L 227 24.26 -30.24 0.42
N ASN L 228 24.57 -28.95 0.46
CA ASN L 228 24.67 -28.12 -0.75
C ASN L 228 23.38 -27.87 -1.52
N ARG L 229 22.24 -27.96 -0.83
CA ARG L 229 20.96 -27.74 -1.49
C ARG L 229 19.86 -27.60 -0.46
N PHE L 230 18.77 -26.96 -0.88
CA PHE L 230 17.56 -26.88 -0.07
C PHE L 230 16.96 -28.29 -0.14
N ALA L 231 16.10 -28.60 0.81
CA ALA L 231 15.43 -29.89 0.79
C ALA L 231 14.21 -29.84 -0.13
N GLN L 232 13.77 -31.01 -0.58
CA GLN L 232 12.49 -31.12 -1.26
C GLN L 232 11.51 -31.39 -0.14
N PRO L 233 10.27 -30.91 -0.24
CA PRO L 233 9.32 -31.13 0.86
C PRO L 233 9.14 -32.59 1.26
N GLU L 234 9.25 -33.51 0.31
CA GLU L 234 9.09 -34.95 0.58
C GLU L 234 10.09 -35.45 1.61
N GLU L 235 11.23 -34.78 1.72
CA GLU L 235 12.29 -35.19 2.64
C GLU L 235 11.95 -34.91 4.10
N MET L 236 10.82 -34.24 4.35
CA MET L 236 10.37 -33.97 5.71
C MET L 236 9.42 -35.06 6.19
N THR L 237 8.96 -35.88 5.26
CA THR L 237 7.86 -36.79 5.58
C THR L 237 8.18 -38.08 6.34
N GLY L 238 9.35 -38.68 6.10
CA GLY L 238 9.71 -39.91 6.77
C GLY L 238 9.67 -39.78 8.29
N GLN L 239 10.27 -38.71 8.79
CA GLN L 239 10.31 -38.47 10.22
C GLN L 239 8.92 -38.27 10.79
N ALA L 240 8.05 -37.58 10.03
CA ALA L 240 6.69 -37.37 10.51
C ALA L 240 5.93 -38.69 10.61
N ILE L 241 6.08 -39.53 9.60
CA ILE L 241 5.41 -40.82 9.58
C ILE L 241 5.90 -41.66 10.76
N LEU L 242 7.21 -41.65 11.01
CA LEU L 242 7.73 -42.39 12.14
C LEU L 242 7.11 -41.89 13.44
N LEU L 243 7.14 -40.57 13.65
CA LEU L 243 6.60 -39.99 14.89
C LEU L 243 5.13 -40.29 15.13
N LEU L 244 4.36 -40.35 14.06
CA LEU L 244 2.93 -40.66 14.13
C LEU L 244 2.68 -42.14 14.38
N SER L 245 3.69 -42.97 14.14
CA SER L 245 3.54 -44.43 14.21
C SER L 245 3.69 -45.04 15.59
N ASP L 246 3.33 -46.31 15.69
CA ASP L 246 3.44 -47.05 16.95
C ASP L 246 4.89 -47.41 17.25
N HIS L 247 5.81 -47.16 16.31
CA HIS L 247 7.22 -47.41 16.57
C HIS L 247 7.82 -46.32 17.43
N ALA L 248 7.12 -45.20 17.54
CA ALA L 248 7.61 -44.04 18.28
C ALA L 248 7.04 -43.92 19.69
N THR L 249 6.65 -45.05 20.27
CA THR L 249 6.04 -45.04 21.61
C THR L 249 6.88 -44.41 22.72
N TYR L 250 8.20 -44.36 22.55
CA TYR L 250 9.03 -43.77 23.61
C TYR L 250 9.53 -42.39 23.21
N MET L 251 8.90 -41.82 22.19
CA MET L 251 9.31 -40.50 21.70
C MET L 251 8.24 -39.45 21.97
N THR L 252 8.52 -38.56 22.90
CA THR L 252 7.59 -37.48 23.20
C THR L 252 8.33 -36.28 23.77
N GLY L 253 7.85 -35.09 23.41
CA GLY L 253 8.45 -33.84 23.86
C GLY L 253 9.69 -33.46 23.07
N GLY L 254 10.09 -34.31 22.14
CA GLY L 254 11.31 -34.03 21.40
C GLY L 254 11.21 -33.09 20.20
N GLU L 255 12.37 -32.62 19.75
CA GLU L 255 12.45 -31.79 18.55
C GLU L 255 13.38 -32.49 17.59
N TYR L 256 12.88 -32.81 16.40
CA TYR L 256 13.60 -33.61 15.41
C TYR L 256 13.92 -32.74 14.20
N PHE L 257 15.21 -32.43 14.05
CA PHE L 257 15.65 -31.55 12.99
C PHE L 257 15.91 -32.28 11.68
N ILE L 258 15.50 -31.64 10.59
CA ILE L 258 15.73 -32.16 9.25
C ILE L 258 16.34 -30.95 8.53
N ASP L 259 17.57 -30.64 8.91
CA ASP L 259 18.20 -29.39 8.49
C ASP L 259 19.31 -29.50 7.45
N GLY L 260 19.60 -30.70 6.95
CA GLY L 260 20.61 -30.85 5.91
C GLY L 260 22.02 -30.49 6.36
N GLY L 261 22.19 -30.43 7.68
CA GLY L 261 23.48 -30.10 8.26
C GLY L 261 23.69 -28.64 8.61
N GLN L 262 22.68 -27.80 8.36
CA GLN L 262 22.85 -26.37 8.64
C GLN L 262 23.24 -26.07 10.09
N LEU L 263 22.71 -26.86 11.02
CA LEU L 263 22.95 -26.68 12.45
C LEU L 263 24.34 -27.15 12.89
N ILE L 264 25.10 -27.73 11.96
CA ILE L 264 26.47 -28.13 12.26
C ILE L 264 27.35 -26.90 12.46
N TRP L 265 27.12 -25.86 11.65
CA TRP L 265 27.92 -24.64 11.67
C TRP L 265 27.51 -23.64 12.73
#